data_2JG7
#
_entry.id   2JG7
#
_cell.length_a   88.160
_cell.length_b   111.020
_cell.length_c   113.640
_cell.angle_alpha   90.50
_cell.angle_beta   98.10
_cell.angle_gamma   111.59
#
_symmetry.space_group_name_H-M   'P 1'
#
loop_
_entity.id
_entity.type
_entity.pdbx_description
1 polymer ANTIQUITIN
2 non-polymer NICOTINAMIDE-ADENINE-DINUCLEOTIDE
3 water water
#
_entity_poly.entity_id   1
_entity_poly.type   'polypeptide(L)'
_entity_poly.pdbx_seq_one_letter_code
;SGLLINQPKYSWLKELGLSEDNPGVYNGSWGGSGEVITSYCPANNEPIARVTQATLAEYEETVQKTREAWKMWADIPAPK
RGEIVRQIGDALRKKIKVLGSLVSLEMGKIYVEGVGEVQEYVDVCDYAVGLSRMIGGPVLPSERPGHALIEQWNPVGLVG
IITAFNFPVAVYGWNNAIALTCGNVCLWKGAPTTPLTSVAVTKIVAEVLEQNNLPGAICSMTCGGADIGTAMAKDERVDL
LSFTGSTHVGKMVAMMVQERFGRKLLELGGNNAIIVFEDADLNLVVPSAVFASVGTAGQRCTTTRRLMLHESVHDAVVER
IAKAYKQVRIGDPWDPSTLYGPLHTKQAVDQYLAAIEQAKQQGGTLVCGGKVMDRPGNYVEPTIITGLAHDAPIVHTETF
VPILYVLKFKTEEEAFAWNNEVQQGLSSSIFTKDLGRVFRWLGPKGSDCGIVNVNIPTSGAEIGGAFGGEKHTGGGRESG
SDSWKQYMRRSTCTINYSKDLPLAQGIKFE
;
_entity_poly.pdbx_strand_id   A,B,C,D,E,F,G,H
#
# COMPACT_ATOMS: atom_id res chain seq x y z
N SER A 1 -67.26 39.31 28.51
CA SER A 1 -66.46 39.54 29.75
C SER A 1 -65.37 40.60 29.48
N GLY A 2 -65.54 41.31 28.36
CA GLY A 2 -64.70 42.43 27.93
C GLY A 2 -63.27 42.10 27.53
N LEU A 3 -62.51 43.15 27.23
CA LEU A 3 -61.11 43.01 26.87
C LEU A 3 -60.27 42.82 28.12
N LEU A 4 -59.24 41.98 28.01
CA LEU A 4 -58.32 41.72 29.11
C LEU A 4 -57.65 42.99 29.61
N ILE A 5 -57.25 43.86 28.68
CA ILE A 5 -56.51 45.09 29.03
C ILE A 5 -57.26 46.00 30.03
N ASN A 6 -58.59 46.03 29.96
CA ASN A 6 -59.41 46.84 30.86
C ASN A 6 -59.47 46.30 32.29
N GLN A 7 -59.12 45.03 32.48
CA GLN A 7 -59.08 44.43 33.80
C GLN A 7 -57.80 44.81 34.55
N PRO A 8 -57.91 45.08 35.86
CA PRO A 8 -56.76 45.50 36.68
C PRO A 8 -55.62 44.47 36.71
N LYS A 9 -55.98 43.19 36.69
CA LYS A 9 -54.99 42.10 36.66
C LYS A 9 -54.01 42.20 35.47
N TYR A 10 -54.37 43.04 34.49
CA TYR A 10 -53.60 43.19 33.25
C TYR A 10 -53.16 44.64 32.96
N SER A 11 -53.13 45.49 33.98
CA SER A 11 -52.81 46.90 33.77
C SER A 11 -51.33 47.14 33.49
N TRP A 12 -50.51 46.10 33.63
CA TRP A 12 -49.09 46.19 33.27
C TRP A 12 -48.90 46.39 31.76
N LEU A 13 -49.91 46.00 30.98
CA LEU A 13 -49.94 46.23 29.55
C LEU A 13 -49.87 47.73 29.20
N LYS A 14 -50.25 48.58 30.13
CA LYS A 14 -50.24 50.03 29.90
C LYS A 14 -48.82 50.58 29.96
N GLU A 15 -47.93 49.86 30.64
CA GLU A 15 -46.50 50.20 30.70
C GLU A 15 -45.82 50.06 29.34
N LEU A 16 -46.40 49.25 28.47
CA LEU A 16 -45.88 49.08 27.11
C LEU A 16 -46.48 50.10 26.14
N GLY A 17 -47.30 51.00 26.68
CA GLY A 17 -47.93 52.06 25.90
C GLY A 17 -49.17 51.57 25.16
N LEU A 18 -49.74 50.46 25.63
CA LEU A 18 -50.89 49.85 24.97
C LEU A 18 -52.21 50.29 25.60
N SER A 19 -53.24 50.32 24.77
CA SER A 19 -54.55 50.79 25.15
C SER A 19 -55.61 49.85 24.56
N GLU A 20 -56.89 50.16 24.75
CA GLU A 20 -57.99 49.36 24.20
C GLU A 20 -57.87 49.21 22.69
N ASP A 21 -57.83 50.33 21.99
CA ASP A 21 -57.50 50.35 20.56
C ASP A 21 -56.10 50.91 20.39
N ASN A 22 -55.39 50.36 19.41
CA ASN A 22 -54.01 50.74 19.14
C ASN A 22 -53.81 51.00 17.68
N PRO A 23 -53.11 52.10 17.36
CA PRO A 23 -52.70 52.38 15.97
C PRO A 23 -51.71 51.34 15.47
N GLY A 24 -51.94 50.82 14.26
CA GLY A 24 -51.10 49.78 13.69
C GLY A 24 -50.09 50.28 12.67
N VAL A 25 -50.08 51.59 12.45
CA VAL A 25 -49.12 52.24 11.57
C VAL A 25 -48.25 53.21 12.36
N TYR A 26 -46.94 53.11 12.14
CA TYR A 26 -46.00 54.13 12.59
C TYR A 26 -44.99 54.43 11.50
N ASN A 27 -44.78 55.72 11.24
CA ASN A 27 -43.84 56.17 10.22
C ASN A 27 -43.27 57.54 10.57
N GLY A 28 -43.09 57.77 11.87
CA GLY A 28 -42.76 59.10 12.38
C GLY A 28 -43.97 59.69 13.09
N SER A 29 -45.16 59.26 12.67
CA SER A 29 -46.42 59.53 13.38
C SER A 29 -47.28 58.28 13.39
N TRP A 30 -48.15 58.18 14.40
CA TRP A 30 -48.98 56.99 14.59
C TRP A 30 -50.37 57.13 13.96
N GLY A 31 -50.91 55.99 13.51
CA GLY A 31 -52.24 55.96 12.92
C GLY A 31 -52.58 54.59 12.36
N GLY A 32 -53.48 54.58 11.36
CA GLY A 32 -53.98 53.36 10.76
C GLY A 32 -55.50 53.40 10.74
N SER A 33 -56.09 53.11 9.60
CA SER A 33 -57.55 53.14 9.46
C SER A 33 -58.06 51.97 8.62
N GLY A 34 -57.27 50.91 8.53
CA GLY A 34 -57.69 49.70 7.86
C GLY A 34 -58.53 48.84 8.79
N GLU A 35 -58.55 47.54 8.52
CA GLU A 35 -59.34 46.60 9.33
C GLU A 35 -58.86 46.55 10.77
N VAL A 36 -59.83 46.51 11.68
CA VAL A 36 -59.55 46.43 13.11
C VAL A 36 -59.46 44.98 13.46
N ILE A 37 -58.30 44.54 13.94
CA ILE A 37 -58.14 43.15 14.36
C ILE A 37 -58.13 43.06 15.88
N THR A 38 -58.70 41.97 16.40
CA THR A 38 -58.74 41.73 17.83
C THR A 38 -57.81 40.58 18.18
N SER A 39 -56.82 40.86 19.04
CA SER A 39 -55.82 39.88 19.39
C SER A 39 -56.25 39.06 20.60
N TYR A 40 -56.32 37.74 20.42
CA TYR A 40 -56.78 36.83 21.46
C TYR A 40 -55.65 36.12 22.18
N CYS A 41 -55.84 35.91 23.48
CA CYS A 41 -54.89 35.14 24.29
C CYS A 41 -55.15 33.65 24.10
N PRO A 42 -54.20 32.91 23.47
CA PRO A 42 -54.42 31.51 23.14
C PRO A 42 -54.53 30.57 24.35
N ALA A 43 -54.30 31.10 25.55
CA ALA A 43 -54.41 30.32 26.80
C ALA A 43 -55.84 30.18 27.33
N ASN A 44 -56.70 31.12 26.94
CA ASN A 44 -58.09 31.13 27.38
C ASN A 44 -59.08 31.65 26.33
N ASN A 45 -58.58 31.96 25.13
CA ASN A 45 -59.41 32.49 24.03
C ASN A 45 -60.16 33.77 24.36
N GLU A 46 -59.63 34.52 25.32
CA GLU A 46 -60.16 35.83 25.70
C GLU A 46 -59.49 36.95 24.88
N PRO A 47 -60.28 37.96 24.47
CA PRO A 47 -59.72 39.07 23.71
C PRO A 47 -58.84 39.97 24.60
N ILE A 48 -57.67 40.35 24.09
CA ILE A 48 -56.73 41.17 24.85
C ILE A 48 -56.98 42.63 24.58
N ALA A 49 -56.86 43.02 23.31
CA ALA A 49 -57.09 44.40 22.86
C ALA A 49 -57.06 44.43 21.34
N ARG A 50 -57.35 45.59 20.76
CA ARG A 50 -57.49 45.70 19.31
C ARG A 50 -56.37 46.53 18.71
N VAL A 51 -56.09 46.27 17.44
CA VAL A 51 -55.11 47.05 16.67
C VAL A 51 -55.73 47.40 15.32
N THR A 52 -55.61 48.67 14.94
CA THR A 52 -56.11 49.12 13.63
C THR A 52 -55.00 49.00 12.60
N GLN A 53 -55.19 48.10 11.65
CA GLN A 53 -54.19 47.79 10.66
C GLN A 53 -54.12 48.87 9.58
N ALA A 54 -53.16 48.74 8.68
CA ALA A 54 -52.93 49.73 7.64
C ALA A 54 -53.81 49.47 6.43
N THR A 55 -54.17 50.55 5.73
CA THR A 55 -54.76 50.44 4.41
C THR A 55 -53.60 50.43 3.41
N LEU A 56 -53.86 50.02 2.18
CA LEU A 56 -52.82 50.08 1.16
C LEU A 56 -52.28 51.51 1.05
N ALA A 57 -53.18 52.48 1.06
CA ALA A 57 -52.81 53.90 0.98
C ALA A 57 -51.89 54.35 2.12
N GLU A 58 -52.10 53.78 3.30
CA GLU A 58 -51.25 54.07 4.46
C GLU A 58 -49.91 53.34 4.37
N TYR A 59 -49.91 52.13 3.81
CA TYR A 59 -48.65 51.46 3.47
C TYR A 59 -47.88 52.30 2.47
N GLU A 60 -48.55 52.67 1.37
CA GLU A 60 -48.01 53.53 0.33
C GLU A 60 -47.31 54.77 0.92
N GLU A 61 -48.02 55.47 1.81
CA GLU A 61 -47.49 56.68 2.42
C GLU A 61 -46.30 56.40 3.33
N THR A 62 -46.32 55.24 3.98
CA THR A 62 -45.24 54.83 4.86
C THR A 62 -43.95 54.56 4.09
N VAL A 63 -44.07 53.99 2.89
CA VAL A 63 -42.91 53.72 2.06
C VAL A 63 -42.22 55.02 1.64
N GLN A 64 -43.02 56.05 1.31
CA GLN A 64 -42.46 57.36 0.94
C GLN A 64 -41.71 58.04 2.08
N LYS A 65 -42.32 58.02 3.26
CA LYS A 65 -41.71 58.60 4.46
C LYS A 65 -40.43 57.84 4.84
N THR A 66 -40.44 56.52 4.63
CA THR A 66 -39.28 55.66 4.86
C THR A 66 -38.12 56.01 3.93
N ARG A 67 -38.40 56.07 2.63
CA ARG A 67 -37.42 56.45 1.61
C ARG A 67 -36.77 57.81 1.90
N GLU A 68 -37.58 58.75 2.40
CA GLU A 68 -37.12 60.09 2.72
C GLU A 68 -36.21 60.09 3.94
N ALA A 69 -36.57 59.29 4.93
CA ALA A 69 -35.77 59.12 6.13
C ALA A 69 -34.40 58.53 5.82
N TRP A 70 -34.35 57.61 4.85
CA TRP A 70 -33.11 56.94 4.48
C TRP A 70 -32.03 57.92 4.06
N LYS A 71 -32.42 58.95 3.33
CA LYS A 71 -31.50 59.98 2.87
C LYS A 71 -30.60 60.51 3.97
N MET A 72 -31.20 60.93 5.08
CA MET A 72 -30.41 61.45 6.20
C MET A 72 -29.69 60.34 6.98
N TRP A 73 -30.34 59.18 7.07
CA TRP A 73 -29.84 58.04 7.85
C TRP A 73 -28.58 57.43 7.25
N ALA A 74 -28.57 57.27 5.93
CA ALA A 74 -27.44 56.71 5.21
C ALA A 74 -26.21 57.58 5.31
N ASP A 75 -26.42 58.86 5.62
CA ASP A 75 -25.33 59.82 5.76
C ASP A 75 -24.65 59.76 7.13
N ILE A 76 -25.27 59.05 8.07
CA ILE A 76 -24.73 58.91 9.42
C ILE A 76 -23.74 57.74 9.44
N PRO A 77 -22.49 58.00 9.86
CA PRO A 77 -21.43 56.99 10.00
C PRO A 77 -21.91 55.74 10.74
N ALA A 78 -21.40 54.58 10.34
CA ALA A 78 -21.85 53.30 10.93
C ALA A 78 -21.67 53.19 12.44
N PRO A 79 -20.51 53.61 12.97
CA PRO A 79 -20.39 53.59 14.43
C PRO A 79 -21.42 54.46 15.14
N LYS A 80 -21.82 55.57 14.53
CA LYS A 80 -22.85 56.43 15.10
C LYS A 80 -24.25 55.81 14.98
N ARG A 81 -24.47 55.01 13.94
CA ARG A 81 -25.70 54.24 13.83
C ARG A 81 -25.73 53.15 14.90
N GLY A 82 -24.57 52.55 15.18
CA GLY A 82 -24.44 51.55 16.24
C GLY A 82 -24.79 52.09 17.61
N GLU A 83 -24.47 53.36 17.85
CA GLU A 83 -24.88 54.06 19.07
C GLU A 83 -26.39 54.08 19.24
N ILE A 84 -27.12 54.27 18.14
CA ILE A 84 -28.57 54.17 18.15
C ILE A 84 -28.98 52.72 18.50
N VAL A 85 -28.37 51.75 17.81
CA VAL A 85 -28.69 50.35 18.05
C VAL A 85 -28.41 49.95 19.51
N ARG A 86 -27.33 50.45 20.08
CA ARG A 86 -26.99 50.26 21.50
C ARG A 86 -28.11 50.72 22.44
N GLN A 87 -28.67 51.89 22.14
CA GLN A 87 -29.73 52.47 22.95
C GLN A 87 -31.04 51.70 22.84
N ILE A 88 -31.34 51.21 21.64
CA ILE A 88 -32.48 50.31 21.43
C ILE A 88 -32.31 49.09 22.33
N GLY A 89 -31.09 48.55 22.37
CA GLY A 89 -30.77 47.42 23.23
C GLY A 89 -31.09 47.72 24.67
N ASP A 90 -30.73 48.93 25.12
CA ASP A 90 -30.95 49.34 26.50
C ASP A 90 -32.40 49.62 26.81
N ALA A 91 -33.09 50.25 25.86
CA ALA A 91 -34.49 50.57 26.03
C ALA A 91 -35.28 49.28 26.21
N LEU A 92 -34.89 48.25 25.45
CA LEU A 92 -35.51 46.93 25.53
C LEU A 92 -35.23 46.29 26.88
N ARG A 93 -33.99 46.44 27.34
CA ARG A 93 -33.53 45.90 28.62
C ARG A 93 -34.40 46.39 29.78
N LYS A 94 -34.72 47.68 29.78
CA LYS A 94 -35.59 48.26 30.78
C LYS A 94 -36.98 47.65 30.79
N LYS A 95 -37.50 47.26 29.61
CA LYS A 95 -38.86 46.76 29.50
C LYS A 95 -38.95 45.24 29.33
N ILE A 96 -37.84 44.55 29.63
CA ILE A 96 -37.72 43.10 29.36
C ILE A 96 -38.83 42.22 29.94
N LYS A 97 -39.19 42.48 31.20
CA LYS A 97 -40.19 41.67 31.90
C LYS A 97 -41.60 41.82 31.31
N VAL A 98 -42.06 43.06 31.17
CA VAL A 98 -43.40 43.33 30.65
C VAL A 98 -43.54 42.93 29.18
N LEU A 99 -42.46 43.15 28.41
CA LEU A 99 -42.48 42.80 26.99
C LEU A 99 -42.49 41.29 26.83
N GLY A 100 -41.68 40.61 27.64
CA GLY A 100 -41.67 39.15 27.70
C GLY A 100 -43.05 38.61 28.06
N SER A 101 -43.68 39.26 29.05
CA SER A 101 -45.03 38.92 29.48
C SER A 101 -46.06 39.07 28.36
N LEU A 102 -45.96 40.15 27.57
CA LEU A 102 -46.82 40.33 26.40
C LEU A 102 -46.64 39.21 25.37
N VAL A 103 -45.39 38.85 25.08
CA VAL A 103 -45.13 37.78 24.12
C VAL A 103 -45.83 36.53 24.62
N SER A 104 -45.63 36.20 25.90
CA SER A 104 -46.26 35.05 26.55
C SER A 104 -47.79 35.06 26.49
N LEU A 105 -48.37 36.24 26.70
CA LEU A 105 -49.82 36.44 26.67
C LEU A 105 -50.41 36.36 25.24
N GLU A 106 -49.73 37.00 24.29
CA GLU A 106 -50.27 37.11 22.93
C GLU A 106 -49.90 35.94 22.01
N MET A 107 -48.70 35.38 22.19
CA MET A 107 -48.25 34.27 21.35
C MET A 107 -48.56 32.91 21.98
N GLY A 108 -48.33 32.79 23.29
CA GLY A 108 -48.67 31.59 24.04
C GLY A 108 -47.51 30.82 24.63
N LYS A 109 -46.29 31.28 24.38
CA LYS A 109 -45.10 30.60 24.90
C LYS A 109 -44.90 30.97 26.37
N ILE A 110 -44.20 30.12 27.12
CA ILE A 110 -44.03 30.37 28.56
C ILE A 110 -43.25 31.65 28.84
N TYR A 111 -43.56 32.27 29.98
CA TYR A 111 -42.95 33.54 30.39
C TYR A 111 -41.42 33.57 30.22
N VAL A 112 -40.73 32.57 30.74
CA VAL A 112 -39.27 32.59 30.70
C VAL A 112 -38.76 32.66 29.26
N GLU A 113 -39.48 32.01 28.34
CA GLU A 113 -39.13 32.03 26.91
C GLU A 113 -39.51 33.36 26.21
N GLY A 114 -40.54 34.01 26.74
CA GLY A 114 -40.89 35.35 26.28
C GLY A 114 -39.77 36.30 26.62
N VAL A 115 -39.25 36.19 27.85
CA VAL A 115 -38.13 36.99 28.32
C VAL A 115 -36.88 36.66 27.49
N GLY A 116 -36.67 35.36 27.25
CA GLY A 116 -35.53 34.90 26.44
C GLY A 116 -35.52 35.51 25.04
N GLU A 117 -36.69 35.60 24.44
CA GLU A 117 -36.83 36.18 23.12
C GLU A 117 -36.41 37.66 23.11
N VAL A 118 -36.85 38.41 24.12
CA VAL A 118 -36.45 39.81 24.26
C VAL A 118 -34.93 39.92 24.40
N GLN A 119 -34.34 39.01 25.18
CA GLN A 119 -32.90 38.95 25.37
C GLN A 119 -32.15 38.76 24.03
N GLU A 120 -32.71 37.96 23.14
CA GLU A 120 -32.15 37.76 21.80
C GLU A 120 -31.96 39.08 21.06
N TYR A 121 -32.99 39.93 21.12
CA TYR A 121 -32.94 41.25 20.50
C TYR A 121 -31.86 42.10 21.19
N VAL A 122 -31.89 42.12 22.53
CA VAL A 122 -30.89 42.85 23.33
C VAL A 122 -29.46 42.44 22.97
N ASP A 123 -29.22 41.12 22.94
CA ASP A 123 -27.89 40.59 22.67
C ASP A 123 -27.41 40.85 21.24
N VAL A 124 -28.33 40.78 20.27
CA VAL A 124 -27.98 41.07 18.88
C VAL A 124 -27.70 42.56 18.66
N CYS A 125 -28.28 43.41 19.51
CA CYS A 125 -27.99 44.84 19.46
C CYS A 125 -26.53 45.09 19.85
N ASP A 126 -26.10 44.49 20.95
CA ASP A 126 -24.72 44.64 21.42
C ASP A 126 -23.71 44.07 20.43
N TYR A 127 -24.09 42.97 19.77
CA TYR A 127 -23.32 42.38 18.68
C TYR A 127 -23.18 43.37 17.52
N ALA A 128 -24.30 44.00 17.14
CA ALA A 128 -24.33 44.97 16.05
C ALA A 128 -23.46 46.21 16.36
N VAL A 129 -23.37 46.57 17.64
CA VAL A 129 -22.51 47.68 18.05
C VAL A 129 -21.06 47.38 17.67
N GLY A 130 -20.64 46.13 17.90
CA GLY A 130 -19.34 45.66 17.46
C GLY A 130 -19.18 45.76 15.95
N LEU A 131 -20.21 45.32 15.21
CA LEU A 131 -20.18 45.31 13.75
C LEU A 131 -20.11 46.70 13.14
N SER A 132 -20.71 47.66 13.83
CA SER A 132 -20.76 49.04 13.34
C SER A 132 -19.37 49.65 13.11
N ARG A 133 -18.36 49.04 13.69
CA ARG A 133 -17.00 49.54 13.52
C ARG A 133 -16.18 48.59 12.65
N MET A 134 -16.85 47.58 12.09
CA MET A 134 -16.17 46.47 11.42
C MET A 134 -16.60 46.22 9.99
N ILE A 135 -17.90 46.35 9.72
CA ILE A 135 -18.46 46.06 8.38
C ILE A 135 -17.68 46.73 7.23
N GLY A 136 -17.44 45.95 6.18
CA GLY A 136 -16.69 46.42 5.03
C GLY A 136 -15.99 45.27 4.33
N GLY A 137 -15.32 45.59 3.22
CA GLY A 137 -14.61 44.59 2.43
C GLY A 137 -13.12 44.85 2.43
N PRO A 138 -12.36 43.96 1.80
CA PRO A 138 -10.90 44.10 1.77
C PRO A 138 -10.40 45.23 0.88
N VAL A 139 -9.26 45.81 1.25
CA VAL A 139 -8.41 46.56 0.32
C VAL A 139 -7.57 45.52 -0.39
N LEU A 140 -7.59 45.55 -1.72
CA LEU A 140 -6.97 44.51 -2.52
C LEU A 140 -5.81 45.07 -3.33
N PRO A 141 -4.77 44.26 -3.58
CA PRO A 141 -3.68 44.77 -4.39
C PRO A 141 -4.03 44.65 -5.86
N SER A 142 -4.07 45.79 -6.55
CA SER A 142 -4.33 45.82 -7.97
C SER A 142 -3.12 45.35 -8.74
N GLU A 143 -3.35 44.74 -9.90
CA GLU A 143 -2.30 44.31 -10.83
C GLU A 143 -1.78 45.49 -11.68
N ARG A 144 -2.47 46.63 -11.60
CA ARG A 144 -2.11 47.81 -12.39
C ARG A 144 -1.32 48.82 -11.53
N PRO A 145 -0.14 49.24 -12.01
CA PRO A 145 0.66 50.21 -11.27
C PRO A 145 -0.10 51.51 -11.09
N GLY A 146 0.01 52.10 -9.90
CA GLY A 146 -0.68 53.34 -9.57
C GLY A 146 -2.20 53.25 -9.63
N HIS A 147 -2.73 52.10 -9.23
CA HIS A 147 -4.17 51.86 -9.15
C HIS A 147 -4.49 51.31 -7.76
N ALA A 148 -5.48 51.90 -7.10
CA ALA A 148 -6.02 51.32 -5.85
C ALA A 148 -7.24 50.46 -6.16
N LEU A 149 -7.36 49.34 -5.46
CA LEU A 149 -8.52 48.44 -5.63
C LEU A 149 -9.12 48.13 -4.28
N ILE A 150 -10.39 48.53 -4.10
CA ILE A 150 -11.09 48.31 -2.82
C ILE A 150 -12.50 47.73 -3.00
N GLU A 151 -12.92 46.94 -2.02
CA GLU A 151 -14.28 46.43 -1.99
C GLU A 151 -15.12 47.27 -1.04
N GLN A 152 -16.16 47.89 -1.58
CA GLN A 152 -17.02 48.77 -0.79
C GLN A 152 -18.36 48.12 -0.51
N TRP A 153 -18.86 48.33 0.70
CA TRP A 153 -20.20 47.91 1.04
C TRP A 153 -21.07 49.12 1.40
N ASN A 154 -22.29 49.13 0.88
CA ASN A 154 -23.23 50.23 1.06
C ASN A 154 -24.63 49.73 1.32
N PRO A 155 -25.45 50.52 2.05
CA PRO A 155 -26.82 50.12 2.35
C PRO A 155 -27.58 49.79 1.07
N VAL A 156 -28.44 48.79 1.13
CA VAL A 156 -29.31 48.49 0.00
C VAL A 156 -30.43 49.52 -0.11
N GLY A 157 -30.80 50.12 1.02
CA GLY A 157 -31.83 51.15 1.08
C GLY A 157 -32.89 50.85 2.13
N LEU A 158 -34.08 50.46 1.67
CA LEU A 158 -35.18 50.07 2.55
C LEU A 158 -35.31 48.54 2.69
N VAL A 159 -35.30 48.06 3.93
CA VAL A 159 -35.48 46.64 4.20
C VAL A 159 -36.90 46.39 4.68
N GLY A 160 -37.68 45.69 3.87
CA GLY A 160 -38.98 45.20 4.28
C GLY A 160 -38.83 43.93 5.11
N ILE A 161 -39.53 43.86 6.25
CA ILE A 161 -39.43 42.70 7.13
C ILE A 161 -40.80 42.14 7.42
N ILE A 162 -41.03 40.91 6.97
CA ILE A 162 -42.25 40.17 7.25
C ILE A 162 -41.90 39.01 8.17
N THR A 163 -42.56 38.95 9.33
CA THR A 163 -42.22 37.99 10.38
C THR A 163 -43.35 37.01 10.67
N ALA A 164 -42.99 35.89 11.30
CA ALA A 164 -43.94 34.86 11.69
C ALA A 164 -44.50 35.15 13.07
N PHE A 165 -45.49 34.37 13.49
CA PHE A 165 -46.15 34.56 14.79
C PHE A 165 -45.33 34.05 15.96
N ASN A 166 -44.53 33.00 15.73
CA ASN A 166 -43.95 32.24 16.84
C ASN A 166 -42.80 32.93 17.57
N PHE A 167 -42.09 33.80 16.86
CA PHE A 167 -41.10 34.68 17.46
C PHE A 167 -41.37 36.13 17.08
N PRO A 168 -42.38 36.75 17.69
CA PRO A 168 -42.84 38.08 17.31
C PRO A 168 -41.90 39.26 17.67
N VAL A 169 -40.94 39.03 18.55
CA VAL A 169 -39.95 40.05 18.91
C VAL A 169 -38.60 39.78 18.24
N ALA A 170 -38.07 38.57 18.43
CA ALA A 170 -36.67 38.25 18.07
C ALA A 170 -36.35 38.32 16.58
N VAL A 171 -37.23 37.77 15.74
CA VAL A 171 -36.99 37.75 14.30
C VAL A 171 -36.84 39.18 13.77
N TYR A 172 -37.79 40.04 14.10
CA TYR A 172 -37.67 41.47 13.78
C TYR A 172 -36.35 42.02 14.30
N GLY A 173 -36.05 41.75 15.57
CA GLY A 173 -34.83 42.22 16.21
C GLY A 173 -33.55 41.84 15.48
N TRP A 174 -33.41 40.56 15.15
CA TRP A 174 -32.27 40.06 14.41
C TRP A 174 -32.08 40.85 13.12
N ASN A 175 -33.18 41.20 12.47
CA ASN A 175 -33.13 41.95 11.21
C ASN A 175 -32.89 43.43 11.44
N ASN A 176 -33.57 43.99 12.44
CA ASN A 176 -33.52 45.41 12.76
C ASN A 176 -32.13 45.88 13.12
N ALA A 177 -31.52 45.20 14.09
CA ALA A 177 -30.19 45.54 14.58
C ALA A 177 -29.17 45.56 13.46
N ILE A 178 -29.17 44.53 12.64
CA ILE A 178 -28.21 44.43 11.53
C ILE A 178 -28.50 45.46 10.44
N ALA A 179 -29.75 45.52 9.98
CA ALA A 179 -30.13 46.44 8.90
C ALA A 179 -29.83 47.89 9.23
N LEU A 180 -30.18 48.30 10.44
CA LEU A 180 -29.89 49.65 10.95
C LEU A 180 -28.40 49.95 11.00
N THR A 181 -27.62 49.03 11.58
CA THR A 181 -26.17 49.12 11.60
C THR A 181 -25.59 49.29 10.18
N CYS A 182 -26.24 48.68 9.20
CA CYS A 182 -25.79 48.72 7.83
C CYS A 182 -26.32 49.90 7.04
N GLY A 183 -26.97 50.85 7.71
CA GLY A 183 -27.41 52.08 7.06
C GLY A 183 -28.69 51.98 6.26
N ASN A 184 -29.49 50.97 6.58
CA ASN A 184 -30.79 50.78 5.96
C ASN A 184 -31.89 51.32 6.83
N VAL A 185 -33.05 51.54 6.22
CA VAL A 185 -34.27 51.85 6.97
C VAL A 185 -35.22 50.65 6.86
N CYS A 186 -36.00 50.43 7.90
CA CYS A 186 -36.83 49.24 8.01
C CYS A 186 -38.33 49.54 7.88
N LEU A 187 -39.07 48.59 7.31
CA LEU A 187 -40.53 48.60 7.35
C LEU A 187 -41.01 47.23 7.79
N TRP A 188 -41.80 47.22 8.86
CA TRP A 188 -42.15 45.96 9.53
C TRP A 188 -43.64 45.62 9.46
N LYS A 189 -43.92 44.46 8.87
CA LYS A 189 -45.25 43.89 8.92
C LYS A 189 -45.19 42.58 9.68
N GLY A 190 -45.58 42.62 10.95
CA GLY A 190 -45.60 41.44 11.81
C GLY A 190 -46.79 40.56 11.53
N ALA A 191 -46.77 39.36 12.09
CA ALA A 191 -47.85 38.40 11.92
C ALA A 191 -49.17 38.99 12.40
N PRO A 192 -50.27 38.75 11.65
CA PRO A 192 -51.59 39.33 11.94
C PRO A 192 -52.08 39.04 13.36
N THR A 193 -51.66 37.90 13.89
CA THR A 193 -52.12 37.41 15.19
C THR A 193 -51.31 37.91 16.38
N THR A 194 -50.22 38.64 16.11
CA THR A 194 -49.41 39.26 17.18
C THR A 194 -49.18 40.78 17.02
N PRO A 195 -50.22 41.55 16.65
CA PRO A 195 -49.99 42.97 16.38
C PRO A 195 -49.66 43.81 17.62
N LEU A 196 -50.16 43.39 18.78
CA LEU A 196 -49.86 44.09 20.04
C LEU A 196 -48.37 44.05 20.35
N THR A 197 -47.73 42.89 20.17
CA THR A 197 -46.28 42.76 20.29
C THR A 197 -45.53 43.63 19.28
N SER A 198 -46.03 43.67 18.05
CA SER A 198 -45.46 44.53 17.01
C SER A 198 -45.47 45.99 17.44
N VAL A 199 -46.64 46.46 17.85
CA VAL A 199 -46.83 47.83 18.33
C VAL A 199 -45.95 48.14 19.55
N ALA A 200 -45.93 47.22 20.53
CA ALA A 200 -45.15 47.41 21.76
C ALA A 200 -43.67 47.61 21.45
N VAL A 201 -43.13 46.76 20.57
CA VAL A 201 -41.74 46.84 20.12
C VAL A 201 -41.50 48.16 19.39
N THR A 202 -42.35 48.43 18.39
CA THR A 202 -42.27 49.67 17.63
C THR A 202 -42.29 50.90 18.54
N LYS A 203 -43.14 50.88 19.57
CA LYS A 203 -43.17 51.95 20.56
C LYS A 203 -41.82 52.17 21.25
N ILE A 204 -41.20 51.09 21.70
CA ILE A 204 -39.88 51.16 22.34
C ILE A 204 -38.82 51.73 21.39
N VAL A 205 -38.79 51.24 20.16
CA VAL A 205 -37.84 51.71 19.15
C VAL A 205 -38.12 53.17 18.75
N ALA A 206 -39.40 53.50 18.54
CA ALA A 206 -39.81 54.86 18.17
C ALA A 206 -39.31 55.90 19.15
N GLU A 207 -39.45 55.60 20.44
CA GLU A 207 -39.04 56.52 21.50
C GLU A 207 -37.56 56.84 21.45
N VAL A 208 -36.74 55.81 21.24
CA VAL A 208 -35.27 55.96 21.09
C VAL A 208 -34.90 56.85 19.89
N LEU A 209 -35.54 56.59 18.75
CA LEU A 209 -35.32 57.40 17.56
C LEU A 209 -35.67 58.85 17.83
N GLU A 210 -36.80 59.07 18.48
CA GLU A 210 -37.27 60.41 18.81
C GLU A 210 -36.41 61.13 19.86
N GLN A 211 -35.98 60.42 20.91
CA GLN A 211 -34.99 60.97 21.86
C GLN A 211 -33.77 61.53 21.13
N ASN A 212 -33.37 60.85 20.05
CA ASN A 212 -32.17 61.21 19.30
C ASN A 212 -32.43 62.11 18.10
N ASN A 213 -33.62 62.72 18.04
CA ASN A 213 -34.01 63.61 16.93
C ASN A 213 -33.82 63.01 15.55
N LEU A 214 -34.21 61.75 15.39
CA LEU A 214 -34.11 61.09 14.11
C LEU A 214 -35.52 60.85 13.60
N PRO A 215 -35.71 60.87 12.26
CA PRO A 215 -37.02 60.59 11.71
C PRO A 215 -37.48 59.19 12.11
N GLY A 216 -38.68 59.09 12.69
CA GLY A 216 -39.23 57.81 13.13
C GLY A 216 -39.39 56.78 12.05
N ALA A 217 -39.51 57.23 10.81
CA ALA A 217 -39.69 56.35 9.64
C ALA A 217 -38.50 55.42 9.36
N ILE A 218 -37.39 55.63 10.08
CA ILE A 218 -36.21 54.75 9.98
C ILE A 218 -36.58 53.32 10.42
N CYS A 219 -37.55 53.22 11.33
CA CYS A 219 -38.09 51.94 11.76
C CYS A 219 -39.61 51.99 11.71
N SER A 220 -40.14 51.95 10.50
CA SER A 220 -41.59 51.98 10.29
C SER A 220 -42.24 50.63 10.55
N MET A 221 -43.53 50.68 10.87
CA MET A 221 -44.37 49.50 11.03
C MET A 221 -45.73 49.71 10.37
N THR A 222 -46.18 48.71 9.61
CA THR A 222 -47.54 48.68 9.08
C THR A 222 -48.12 47.28 9.30
N CYS A 223 -49.01 47.14 10.27
CA CYS A 223 -49.63 45.83 10.53
C CYS A 223 -50.63 45.47 9.45
N GLY A 224 -50.76 44.18 9.17
CA GLY A 224 -51.73 43.70 8.19
C GLY A 224 -51.52 42.26 7.79
N GLY A 225 -52.35 41.78 6.87
CA GLY A 225 -52.29 40.40 6.40
C GLY A 225 -51.53 40.24 5.10
N ALA A 226 -51.91 39.22 4.33
CA ALA A 226 -51.31 38.93 3.02
C ALA A 226 -51.38 40.16 2.13
N ASP A 227 -52.55 40.79 2.18
CA ASP A 227 -52.81 42.15 1.73
C ASP A 227 -51.56 43.02 1.58
N ILE A 228 -51.05 43.51 2.72
CA ILE A 228 -49.86 44.37 2.79
C ILE A 228 -48.60 43.59 2.42
N GLY A 229 -48.48 42.36 2.94
CA GLY A 229 -47.34 41.50 2.65
C GLY A 229 -47.02 41.33 1.18
N THR A 230 -48.06 41.14 0.37
CA THR A 230 -47.93 41.01 -1.08
C THR A 230 -47.45 42.33 -1.69
N ALA A 231 -48.00 43.44 -1.21
CA ALA A 231 -47.62 44.76 -1.69
C ALA A 231 -46.12 44.97 -1.54
N MET A 232 -45.59 44.58 -0.37
CA MET A 232 -44.16 44.66 -0.10
C MET A 232 -43.36 43.81 -1.08
N ALA A 233 -43.80 42.56 -1.26
CA ALA A 233 -43.15 41.60 -2.15
C ALA A 233 -43.05 42.13 -3.57
N LYS A 234 -44.06 42.89 -4.00
CA LYS A 234 -44.14 43.44 -5.35
C LYS A 234 -43.52 44.83 -5.49
N ASP A 235 -43.27 45.49 -4.36
CA ASP A 235 -42.83 46.88 -4.35
C ASP A 235 -41.37 47.04 -4.73
N GLU A 236 -41.12 47.70 -5.85
CA GLU A 236 -39.75 47.98 -6.31
C GLU A 236 -38.96 48.86 -5.34
N ARG A 237 -39.68 49.59 -4.50
CA ARG A 237 -39.05 50.50 -3.53
C ARG A 237 -38.53 49.75 -2.30
N VAL A 238 -38.99 48.51 -2.11
CA VAL A 238 -38.42 47.61 -1.11
C VAL A 238 -37.16 46.97 -1.71
N ASP A 239 -36.00 47.42 -1.23
CA ASP A 239 -34.70 47.01 -1.77
C ASP A 239 -34.31 45.59 -1.36
N LEU A 240 -34.68 45.22 -0.13
CA LEU A 240 -34.52 43.85 0.36
C LEU A 240 -35.76 43.43 1.13
N LEU A 241 -36.32 42.28 0.78
CA LEU A 241 -37.41 41.71 1.55
C LEU A 241 -36.94 40.52 2.38
N SER A 242 -37.00 40.68 3.70
CA SER A 242 -36.67 39.60 4.60
C SER A 242 -37.97 38.93 4.98
N PHE A 243 -38.12 37.66 4.65
CA PHE A 243 -39.34 36.95 4.97
C PHE A 243 -39.06 35.77 5.89
N THR A 244 -39.72 35.79 7.04
CA THR A 244 -39.74 34.66 7.96
C THR A 244 -41.17 34.13 8.03
N GLY A 245 -41.36 32.86 7.68
CA GLY A 245 -42.69 32.28 7.66
C GLY A 245 -42.73 30.92 7.03
N SER A 246 -43.93 30.44 6.70
CA SER A 246 -44.12 29.13 6.09
C SER A 246 -43.42 29.05 4.72
N THR A 247 -42.96 27.85 4.37
CA THR A 247 -42.30 27.65 3.10
C THR A 247 -43.27 27.79 1.91
N HIS A 248 -44.56 27.52 2.14
CA HIS A 248 -45.61 27.75 1.13
C HIS A 248 -45.81 29.23 0.81
N VAL A 249 -45.91 30.07 1.83
CA VAL A 249 -46.07 31.51 1.63
C VAL A 249 -44.76 32.11 1.11
N GLY A 250 -43.64 31.66 1.69
CA GLY A 250 -42.33 32.11 1.28
C GLY A 250 -42.10 32.03 -0.20
N LYS A 251 -42.53 30.92 -0.80
CA LYS A 251 -42.41 30.69 -2.24
C LYS A 251 -43.13 31.74 -3.08
N MET A 252 -44.38 32.03 -2.73
CA MET A 252 -45.16 33.05 -3.41
C MET A 252 -44.43 34.38 -3.38
N VAL A 253 -43.95 34.75 -2.19
CA VAL A 253 -43.21 35.98 -1.97
C VAL A 253 -41.91 36.01 -2.77
N ALA A 254 -41.13 34.93 -2.67
CA ALA A 254 -39.89 34.77 -3.40
C ALA A 254 -40.10 35.01 -4.89
N MET A 255 -41.09 34.34 -5.45
CA MET A 255 -41.39 34.43 -6.89
C MET A 255 -41.72 35.85 -7.31
N MET A 256 -42.45 36.55 -6.45
CA MET A 256 -42.82 37.95 -6.67
C MET A 256 -41.61 38.88 -6.62
N VAL A 257 -40.71 38.64 -5.66
CA VAL A 257 -39.49 39.43 -5.53
C VAL A 257 -38.53 39.16 -6.69
N GLN A 258 -38.40 37.89 -7.08
CA GLN A 258 -37.54 37.50 -8.19
C GLN A 258 -38.01 38.17 -9.47
N GLU A 259 -39.32 38.19 -9.67
CA GLU A 259 -39.96 38.80 -10.83
C GLU A 259 -39.46 40.22 -11.10
N ARG A 260 -39.26 40.98 -10.03
CA ARG A 260 -38.84 42.38 -10.13
C ARG A 260 -37.36 42.61 -9.80
N PHE A 261 -36.57 41.54 -9.83
CA PHE A 261 -35.14 41.57 -9.52
C PHE A 261 -34.79 42.27 -8.19
N GLY A 262 -35.61 42.07 -7.17
CA GLY A 262 -35.29 42.59 -5.84
C GLY A 262 -34.42 41.61 -5.10
N ARG A 263 -33.87 42.03 -3.96
CA ARG A 263 -33.11 41.14 -3.09
C ARG A 263 -34.06 40.51 -2.09
N LYS A 264 -33.83 39.23 -1.78
CA LYS A 264 -34.65 38.54 -0.78
C LYS A 264 -33.82 37.77 0.23
N LEU A 265 -34.33 37.68 1.46
CA LEU A 265 -33.75 36.86 2.51
C LEU A 265 -34.85 35.95 3.03
N LEU A 266 -34.71 34.66 2.77
CA LEU A 266 -35.77 33.70 3.08
C LEU A 266 -35.45 32.79 4.27
N GLU A 267 -36.33 32.82 5.25
CA GLU A 267 -36.20 32.02 6.47
C GLU A 267 -37.48 31.22 6.66
N LEU A 268 -37.51 30.04 6.04
CA LEU A 268 -38.76 29.31 5.87
C LEU A 268 -38.88 28.07 6.77
N GLY A 269 -39.59 27.04 6.30
CA GLY A 269 -39.92 25.87 7.11
C GLY A 269 -38.76 24.96 7.47
N GLY A 270 -38.98 24.12 8.48
CA GLY A 270 -38.00 23.12 8.85
C GLY A 270 -38.67 21.79 9.09
N ASN A 271 -37.90 20.71 8.94
CA ASN A 271 -38.34 19.37 9.32
C ASN A 271 -37.19 18.69 10.04
N ASN A 272 -36.91 19.20 11.23
CA ASN A 272 -35.62 18.98 11.89
C ASN A 272 -35.46 17.61 12.54
N ALA A 273 -34.32 16.98 12.30
CA ALA A 273 -34.05 15.62 12.73
C ALA A 273 -32.97 15.49 13.81
N ILE A 274 -33.27 14.69 14.83
CA ILE A 274 -32.25 14.25 15.79
C ILE A 274 -31.94 12.80 15.51
N ILE A 275 -30.67 12.48 15.31
CA ILE A 275 -30.25 11.11 15.02
C ILE A 275 -29.43 10.59 16.19
N VAL A 276 -29.93 9.51 16.81
CA VAL A 276 -29.29 8.94 17.99
C VAL A 276 -28.62 7.64 17.62
N PHE A 277 -27.30 7.61 17.76
CA PHE A 277 -26.52 6.42 17.44
C PHE A 277 -26.35 5.50 18.67
N GLU A 278 -25.81 4.31 18.42
CA GLU A 278 -25.66 3.31 19.47
C GLU A 278 -24.81 3.79 20.64
N ASP A 279 -23.74 4.52 20.35
CA ASP A 279 -22.79 4.95 21.36
C ASP A 279 -23.13 6.28 22.04
N ALA A 280 -24.34 6.79 21.78
CA ALA A 280 -24.76 8.08 22.33
C ALA A 280 -24.92 7.99 23.83
N ASP A 281 -24.67 9.11 24.50
CA ASP A 281 -24.99 9.27 25.93
C ASP A 281 -26.49 9.44 26.06
N LEU A 282 -27.15 8.37 26.49
CA LEU A 282 -28.61 8.37 26.58
C LEU A 282 -29.15 9.30 27.67
N ASN A 283 -28.35 9.56 28.71
CA ASN A 283 -28.72 10.50 29.77
C ASN A 283 -28.73 11.93 29.25
N LEU A 284 -28.01 12.16 28.15
CA LEU A 284 -28.03 13.43 27.47
C LEU A 284 -29.15 13.48 26.41
N VAL A 285 -29.30 12.37 25.68
CA VAL A 285 -30.28 12.26 24.61
C VAL A 285 -31.70 12.54 25.10
N VAL A 286 -32.13 11.81 26.12
CA VAL A 286 -33.51 11.87 26.62
C VAL A 286 -33.98 13.30 26.99
N PRO A 287 -33.25 14.01 27.87
CA PRO A 287 -33.72 15.36 28.19
C PRO A 287 -33.63 16.29 26.98
N SER A 288 -32.59 16.15 26.17
CA SER A 288 -32.42 16.95 24.97
C SER A 288 -33.63 16.80 24.04
N ALA A 289 -33.97 15.54 23.73
CA ALA A 289 -35.08 15.21 22.85
C ALA A 289 -36.40 15.76 23.37
N VAL A 290 -36.67 15.59 24.67
CA VAL A 290 -37.91 16.07 25.28
C VAL A 290 -38.06 17.57 25.10
N PHE A 291 -37.09 18.35 25.59
CA PHE A 291 -37.19 19.81 25.56
C PHE A 291 -37.19 20.39 24.15
N ALA A 292 -36.47 19.76 23.22
CA ALA A 292 -36.42 20.22 21.84
C ALA A 292 -37.74 19.97 21.09
N SER A 293 -38.47 18.94 21.50
CA SER A 293 -39.74 18.59 20.87
C SER A 293 -40.91 19.32 21.49
N VAL A 294 -40.88 19.44 22.82
CA VAL A 294 -42.00 19.91 23.62
C VAL A 294 -41.97 21.43 23.82
N GLY A 295 -40.77 22.00 23.80
CA GLY A 295 -40.61 23.46 23.99
C GLY A 295 -41.46 24.27 23.04
N THR A 296 -42.00 25.39 23.55
CA THR A 296 -42.84 26.31 22.77
C THR A 296 -44.05 25.60 22.14
N ALA A 297 -44.42 24.46 22.75
CA ALA A 297 -45.50 23.61 22.26
C ALA A 297 -45.26 23.13 20.84
N GLY A 298 -43.99 22.89 20.50
CA GLY A 298 -43.61 22.39 19.18
C GLY A 298 -43.71 23.42 18.08
N GLN A 299 -43.63 24.70 18.46
CA GLN A 299 -43.84 25.78 17.52
C GLN A 299 -42.59 26.64 17.28
N ARG A 300 -41.39 26.08 17.41
CA ARG A 300 -40.17 26.75 16.92
C ARG A 300 -39.90 26.21 15.53
N CYS A 301 -39.37 27.04 14.65
CA CYS A 301 -38.97 26.54 13.35
C CYS A 301 -37.86 25.47 13.49
N THR A 302 -37.14 25.52 14.59
CA THR A 302 -36.05 24.57 14.86
C THR A 302 -36.50 23.31 15.62
N THR A 303 -37.78 23.23 16.00
CA THR A 303 -38.28 22.13 16.81
C THR A 303 -37.96 20.78 16.16
N THR A 304 -37.58 19.80 16.98
CA THR A 304 -37.35 18.44 16.49
C THR A 304 -38.67 17.86 16.04
N ARG A 305 -38.72 17.43 14.78
CA ARG A 305 -39.91 16.83 14.22
C ARG A 305 -39.69 15.35 13.99
N ARG A 306 -38.42 14.99 13.76
CA ARG A 306 -38.05 13.63 13.44
C ARG A 306 -36.97 13.15 14.40
N LEU A 307 -37.24 12.05 15.10
CA LEU A 307 -36.26 11.47 16.00
C LEU A 307 -35.89 10.09 15.53
N MET A 308 -34.66 9.96 15.05
CA MET A 308 -34.17 8.72 14.49
C MET A 308 -33.33 7.97 15.52
N LEU A 309 -33.76 6.76 15.86
CA LEU A 309 -33.10 5.99 16.91
C LEU A 309 -32.54 4.72 16.33
N HIS A 310 -31.31 4.41 16.70
CA HIS A 310 -30.68 3.18 16.23
C HIS A 310 -31.44 2.01 16.82
N GLU A 311 -31.60 0.95 16.02
CA GLU A 311 -32.42 -0.19 16.42
C GLU A 311 -32.05 -0.73 17.80
N SER A 312 -30.76 -0.72 18.11
CA SER A 312 -30.27 -1.24 19.39
C SER A 312 -30.80 -0.49 20.62
N VAL A 313 -31.08 0.80 20.47
CA VAL A 313 -31.54 1.62 21.61
C VAL A 313 -32.98 2.14 21.47
N HIS A 314 -33.56 1.93 20.28
CA HIS A 314 -34.90 2.42 19.93
C HIS A 314 -35.96 2.28 21.05
N ASP A 315 -36.30 1.04 21.41
CA ASP A 315 -37.39 0.77 22.36
C ASP A 315 -37.11 1.33 23.77
N ALA A 316 -35.86 1.26 24.19
CA ALA A 316 -35.46 1.80 25.50
C ALA A 316 -35.61 3.33 25.56
N VAL A 317 -35.16 4.01 24.50
CA VAL A 317 -35.19 5.47 24.44
C VAL A 317 -36.62 6.02 24.34
N VAL A 318 -37.42 5.46 23.42
CA VAL A 318 -38.84 5.83 23.26
C VAL A 318 -39.56 5.80 24.61
N GLU A 319 -39.39 4.70 25.33
CA GLU A 319 -40.05 4.50 26.62
C GLU A 319 -39.63 5.53 27.65
N ARG A 320 -38.33 5.85 27.68
CA ARG A 320 -37.80 6.87 28.59
C ARG A 320 -38.30 8.28 28.25
N ILE A 321 -38.38 8.59 26.96
CA ILE A 321 -38.96 9.85 26.50
C ILE A 321 -40.44 9.91 26.90
N ALA A 322 -41.14 8.79 26.73
CA ALA A 322 -42.54 8.70 27.12
C ALA A 322 -42.77 8.94 28.62
N LYS A 323 -41.89 8.39 29.45
CA LYS A 323 -41.96 8.61 30.90
C LYS A 323 -41.77 10.09 31.25
N ALA A 324 -40.91 10.76 30.48
CA ALA A 324 -40.67 12.19 30.65
C ALA A 324 -41.86 13.03 30.23
N TYR A 325 -42.46 12.68 29.09
CA TYR A 325 -43.66 13.36 28.57
C TYR A 325 -44.80 13.46 29.59
N LYS A 326 -44.97 12.41 30.40
CA LYS A 326 -45.97 12.38 31.45
C LYS A 326 -45.77 13.47 32.52
N GLN A 327 -44.52 13.86 32.73
CA GLN A 327 -44.17 14.87 33.74
C GLN A 327 -44.12 16.29 33.22
N VAL A 328 -44.37 16.46 31.93
CA VAL A 328 -44.38 17.79 31.30
C VAL A 328 -45.59 18.55 31.83
N ARG A 329 -45.35 19.49 32.73
CA ARG A 329 -46.50 20.10 33.40
C ARG A 329 -47.10 21.26 32.61
N ILE A 330 -48.34 21.02 32.18
CA ILE A 330 -49.19 22.03 31.57
C ILE A 330 -49.63 23.04 32.65
N GLY A 331 -49.28 24.31 32.43
CA GLY A 331 -49.73 25.40 33.29
C GLY A 331 -50.09 26.61 32.45
N ASP A 332 -50.23 27.76 33.12
CA ASP A 332 -50.57 28.98 32.43
C ASP A 332 -49.32 29.77 32.04
N PRO A 333 -49.28 30.30 30.80
CA PRO A 333 -48.20 31.10 30.26
C PRO A 333 -47.30 31.84 31.27
N TRP A 334 -47.85 32.76 32.06
CA TRP A 334 -47.11 33.42 33.14
C TRP A 334 -46.53 32.40 34.12
N ASP A 335 -47.18 32.23 35.27
CA ASP A 335 -46.91 31.13 36.23
C ASP A 335 -45.42 30.88 36.59
N PRO A 336 -45.15 29.93 37.52
CA PRO A 336 -43.75 29.72 37.89
C PRO A 336 -43.03 28.81 36.88
N SER A 337 -43.13 27.50 37.11
CA SER A 337 -42.49 26.50 36.24
C SER A 337 -43.51 25.76 35.36
N THR A 338 -44.26 26.54 34.60
CA THR A 338 -44.99 26.02 33.45
C THR A 338 -43.94 25.69 32.36
N LEU A 339 -43.98 24.46 31.85
CA LEU A 339 -43.01 24.03 30.82
C LEU A 339 -43.65 23.78 29.44
N TYR A 340 -44.86 24.31 29.25
CA TYR A 340 -45.70 23.95 28.09
C TYR A 340 -47.04 24.69 28.13
N GLY A 341 -47.36 25.37 27.04
CA GLY A 341 -48.60 26.13 26.93
C GLY A 341 -49.47 25.69 25.76
N PRO A 342 -50.33 26.59 25.26
CA PRO A 342 -51.27 26.27 24.19
C PRO A 342 -50.66 26.40 22.80
N LEU A 343 -51.30 25.79 21.81
CA LEU A 343 -51.00 26.09 20.43
C LEU A 343 -51.48 27.49 20.15
N HIS A 344 -50.92 28.13 19.14
CA HIS A 344 -51.17 29.56 18.91
C HIS A 344 -52.59 29.92 18.50
N THR A 345 -53.21 29.09 17.65
CA THR A 345 -54.56 29.32 17.13
C THR A 345 -55.40 28.04 17.16
N LYS A 346 -56.69 28.18 16.85
CA LYS A 346 -57.57 27.01 16.72
C LYS A 346 -57.24 26.19 15.46
N GLN A 347 -56.88 26.89 14.38
CA GLN A 347 -56.51 26.23 13.12
C GLN A 347 -55.35 25.29 13.38
N ALA A 348 -54.41 25.73 14.20
CA ALA A 348 -53.27 24.93 14.64
C ALA A 348 -53.74 23.62 15.28
N VAL A 349 -54.79 23.69 16.08
CA VAL A 349 -55.35 22.51 16.72
C VAL A 349 -55.87 21.53 15.66
N ASP A 350 -56.54 22.07 14.64
CA ASP A 350 -57.05 21.25 13.53
C ASP A 350 -55.94 20.56 12.73
N GLN A 351 -54.84 21.27 12.46
CA GLN A 351 -53.68 20.68 11.78
C GLN A 351 -53.17 19.50 12.58
N TYR A 352 -53.09 19.70 13.90
CA TYR A 352 -52.64 18.72 14.87
C TYR A 352 -53.49 17.45 14.79
N LEU A 353 -54.82 17.62 14.80
CA LEU A 353 -55.75 16.51 14.72
C LEU A 353 -55.69 15.79 13.39
N ALA A 354 -55.51 16.56 12.32
CA ALA A 354 -55.44 16.03 10.96
C ALA A 354 -54.16 15.23 10.74
N ALA A 355 -53.06 15.73 11.30
CA ALA A 355 -51.77 15.09 11.18
C ALA A 355 -51.76 13.77 11.95
N ILE A 356 -52.41 13.77 13.11
CA ILE A 356 -52.64 12.55 13.89
C ILE A 356 -53.34 11.48 13.04
N GLU A 357 -54.46 11.86 12.39
CA GLU A 357 -55.21 10.89 11.58
C GLU A 357 -54.39 10.36 10.41
N GLN A 358 -53.69 11.25 9.70
CA GLN A 358 -52.85 10.83 8.58
C GLN A 358 -51.75 9.90 9.05
N ALA A 359 -51.19 10.18 10.22
CA ALA A 359 -50.16 9.33 10.82
C ALA A 359 -50.67 7.91 11.02
N LYS A 360 -51.88 7.79 11.57
CA LYS A 360 -52.54 6.50 11.77
C LYS A 360 -52.75 5.79 10.43
N GLN A 361 -53.32 6.51 9.47
CA GLN A 361 -53.59 5.95 8.14
C GLN A 361 -52.31 5.48 7.44
N GLN A 362 -51.18 6.08 7.81
CA GLN A 362 -49.90 5.73 7.20
C GLN A 362 -49.11 4.71 8.04
N GLY A 363 -49.77 4.09 9.01
CA GLY A 363 -49.20 2.98 9.77
C GLY A 363 -48.55 3.35 11.09
N GLY A 364 -48.85 4.54 11.58
CA GLY A 364 -48.26 5.03 12.82
C GLY A 364 -49.00 4.55 14.05
N THR A 365 -48.25 4.35 15.13
CA THR A 365 -48.81 3.99 16.42
C THR A 365 -48.53 5.11 17.43
N LEU A 366 -49.58 5.58 18.10
CA LEU A 366 -49.43 6.62 19.10
C LEU A 366 -48.88 6.06 20.40
N VAL A 367 -47.69 6.52 20.78
CA VAL A 367 -47.09 6.15 22.06
C VAL A 367 -47.73 6.96 23.18
N CYS A 368 -48.08 8.21 22.91
CA CYS A 368 -48.77 9.08 23.87
C CYS A 368 -49.35 10.31 23.19
N GLY A 369 -50.21 11.01 23.90
CA GLY A 369 -50.87 12.21 23.39
C GLY A 369 -51.88 11.92 22.31
N GLY A 370 -52.16 12.92 21.48
CA GLY A 370 -53.07 12.74 20.36
C GLY A 370 -54.44 13.36 20.54
N LYS A 371 -54.75 13.76 21.77
CA LYS A 371 -56.08 14.30 22.08
C LYS A 371 -56.04 15.78 22.46
N VAL A 372 -57.05 16.51 22.00
CA VAL A 372 -57.29 17.89 22.44
C VAL A 372 -57.61 17.83 23.92
N MET A 373 -56.97 18.69 24.69
CA MET A 373 -57.18 18.72 26.14
C MET A 373 -58.47 19.44 26.46
N ASP A 374 -59.24 18.88 27.40
CA ASP A 374 -60.55 19.42 27.77
C ASP A 374 -60.41 20.56 28.78
N ARG A 375 -60.18 21.76 28.24
CA ARG A 375 -59.92 22.97 29.04
C ARG A 375 -59.91 24.25 28.16
N PRO A 376 -60.10 25.42 28.79
CA PRO A 376 -59.95 26.69 28.08
C PRO A 376 -58.62 26.79 27.35
N GLY A 377 -58.61 27.47 26.21
CA GLY A 377 -57.41 27.65 25.41
C GLY A 377 -57.21 26.60 24.36
N ASN A 378 -56.17 26.77 23.54
CA ASN A 378 -55.84 25.86 22.46
C ASN A 378 -54.84 24.78 22.88
N TYR A 379 -55.16 24.09 23.97
CA TYR A 379 -54.29 23.05 24.54
C TYR A 379 -54.42 21.69 23.89
N VAL A 380 -53.30 21.14 23.43
CA VAL A 380 -53.25 19.78 22.91
C VAL A 380 -52.15 18.97 23.58
N GLU A 381 -52.32 17.65 23.64
CA GLU A 381 -51.34 16.78 24.26
C GLU A 381 -50.11 16.61 23.39
N PRO A 382 -48.91 16.66 23.99
CA PRO A 382 -47.67 16.44 23.26
C PRO A 382 -47.61 14.98 22.83
N THR A 383 -47.41 14.75 21.53
CA THR A 383 -47.58 13.43 20.93
C THR A 383 -46.29 12.80 20.42
N ILE A 384 -46.15 11.50 20.65
CA ILE A 384 -45.07 10.68 20.10
C ILE A 384 -45.65 9.58 19.22
N ILE A 385 -45.11 9.42 18.01
CA ILE A 385 -45.59 8.40 17.07
C ILE A 385 -44.46 7.54 16.53
N THR A 386 -44.56 6.23 16.77
CA THR A 386 -43.60 5.26 16.27
C THR A 386 -44.18 4.49 15.09
N GLY A 387 -43.31 3.83 14.33
CA GLY A 387 -43.74 2.85 13.34
C GLY A 387 -43.81 3.33 11.91
N LEU A 388 -43.83 4.64 11.70
CA LEU A 388 -43.93 5.20 10.35
C LEU A 388 -42.66 4.95 9.53
N ALA A 389 -42.83 4.76 8.22
CA ALA A 389 -41.71 4.69 7.29
C ALA A 389 -41.02 6.05 7.19
N HIS A 390 -39.69 6.04 6.97
CA HIS A 390 -38.91 7.27 6.87
C HIS A 390 -39.47 8.26 5.83
N ASP A 391 -40.06 7.72 4.76
CA ASP A 391 -40.63 8.56 3.71
C ASP A 391 -42.16 8.61 3.71
N ALA A 392 -42.80 8.33 4.84
CA ALA A 392 -44.24 8.50 4.96
C ALA A 392 -44.57 9.99 4.74
N PRO A 393 -45.47 10.29 3.77
CA PRO A 393 -45.81 11.67 3.42
C PRO A 393 -45.93 12.64 4.62
N ILE A 394 -46.57 12.20 5.70
CA ILE A 394 -46.76 13.06 6.87
C ILE A 394 -45.44 13.43 7.55
N VAL A 395 -44.50 12.49 7.55
CA VAL A 395 -43.17 12.70 8.14
C VAL A 395 -42.40 13.74 7.33
N HIS A 396 -42.58 13.73 6.01
CA HIS A 396 -41.90 14.68 5.13
C HIS A 396 -42.54 16.08 5.15
N THR A 397 -43.71 16.21 5.77
CA THR A 397 -44.41 17.48 5.85
C THR A 397 -44.10 18.19 7.18
N GLU A 398 -43.89 19.50 7.13
CA GLU A 398 -43.82 20.27 8.37
C GLU A 398 -45.24 20.56 8.84
N THR A 399 -45.63 19.94 9.96
CA THR A 399 -46.84 20.34 10.65
C THR A 399 -46.42 21.06 11.93
N PHE A 400 -46.82 22.33 12.05
CA PHE A 400 -46.32 23.22 13.11
C PHE A 400 -47.00 22.96 14.46
N VAL A 401 -46.83 21.72 14.94
CA VAL A 401 -47.58 21.21 16.09
C VAL A 401 -46.71 20.19 16.87
N PRO A 402 -47.01 19.97 18.16
CA PRO A 402 -46.15 19.13 18.99
C PRO A 402 -46.36 17.62 18.76
N ILE A 403 -46.05 17.18 17.55
CA ILE A 403 -45.99 15.76 17.23
C ILE A 403 -44.55 15.37 16.88
N LEU A 404 -44.08 14.27 17.45
CA LEU A 404 -42.72 13.79 17.21
C LEU A 404 -42.79 12.43 16.52
N TYR A 405 -42.22 12.36 15.33
CA TYR A 405 -42.20 11.12 14.56
C TYR A 405 -40.90 10.36 14.83
N VAL A 406 -41.03 9.14 15.33
CA VAL A 406 -39.88 8.31 15.66
C VAL A 406 -39.54 7.28 14.59
N LEU A 407 -38.32 7.37 14.08
CA LEU A 407 -37.81 6.50 13.04
C LEU A 407 -36.75 5.55 13.59
N LYS A 408 -36.73 4.33 13.07
CA LYS A 408 -35.77 3.32 13.48
C LYS A 408 -34.78 3.09 12.34
N PHE A 409 -33.48 3.18 12.65
CA PHE A 409 -32.47 2.98 11.62
C PHE A 409 -31.38 2.00 12.05
N LYS A 410 -30.58 1.55 11.07
CA LYS A 410 -29.44 0.66 11.33
C LYS A 410 -28.10 1.32 10.96
N THR A 411 -27.91 1.63 9.68
CA THR A 411 -26.61 2.15 9.22
C THR A 411 -26.53 3.66 9.31
N GLU A 412 -25.30 4.16 9.45
CA GLU A 412 -25.03 5.60 9.42
C GLU A 412 -25.48 6.19 8.09
N GLU A 413 -25.16 5.50 7.00
CA GLU A 413 -25.51 5.95 5.66
C GLU A 413 -27.01 6.23 5.53
N GLU A 414 -27.82 5.33 6.08
CA GLU A 414 -29.29 5.46 6.13
C GLU A 414 -29.75 6.75 6.79
N ALA A 415 -29.32 6.93 8.05
CA ALA A 415 -29.75 8.06 8.85
C ALA A 415 -29.41 9.39 8.16
N PHE A 416 -28.17 9.52 7.73
CA PHE A 416 -27.72 10.71 7.02
C PHE A 416 -28.63 10.96 5.82
N ALA A 417 -28.84 9.93 4.99
CA ALA A 417 -29.71 10.05 3.81
C ALA A 417 -31.15 10.47 4.13
N TRP A 418 -31.72 9.90 5.20
CA TRP A 418 -33.08 10.23 5.61
C TRP A 418 -33.17 11.65 6.12
N ASN A 419 -32.14 12.09 6.84
CA ASN A 419 -32.04 13.49 7.23
C ASN A 419 -32.09 14.43 6.03
N ASN A 420 -31.39 14.07 4.96
CA ASN A 420 -31.28 14.90 3.76
C ASN A 420 -32.41 14.77 2.75
N GLU A 421 -33.13 13.65 2.81
CA GLU A 421 -34.13 13.32 1.79
C GLU A 421 -35.32 14.29 1.69
N VAL A 422 -35.60 15.01 2.78
CA VAL A 422 -36.74 15.93 2.81
C VAL A 422 -36.41 17.23 2.07
N GLN A 423 -37.45 18.04 1.80
CA GLN A 423 -37.28 19.30 1.09
C GLN A 423 -36.82 20.45 1.99
N GLN A 424 -37.11 20.36 3.28
CA GLN A 424 -36.62 21.34 4.25
C GLN A 424 -35.13 21.13 4.52
N GLY A 425 -34.48 22.12 5.08
CA GLY A 425 -33.06 22.00 5.37
C GLY A 425 -32.56 23.00 6.40
N LEU A 426 -33.37 23.22 7.44
CA LEU A 426 -32.99 24.16 8.51
C LEU A 426 -31.97 23.56 9.47
N SER A 427 -32.43 22.72 10.39
CA SER A 427 -31.60 22.23 11.50
C SER A 427 -31.45 20.70 11.57
N SER A 428 -30.36 20.25 12.18
CA SER A 428 -30.08 18.82 12.31
C SER A 428 -29.10 18.52 13.43
N SER A 429 -29.26 17.37 14.06
CA SER A 429 -28.38 16.94 15.15
C SER A 429 -28.11 15.45 15.10
N ILE A 430 -26.88 15.08 15.44
CA ILE A 430 -26.57 13.69 15.76
C ILE A 430 -26.03 13.59 17.19
N PHE A 431 -26.38 12.52 17.87
CA PHE A 431 -25.84 12.25 19.19
C PHE A 431 -24.97 11.03 19.10
N THR A 432 -23.68 11.21 19.41
CA THR A 432 -22.69 10.14 19.24
C THR A 432 -21.42 10.48 20.02
N LYS A 433 -20.58 9.47 20.24
CA LYS A 433 -19.27 9.69 20.86
C LYS A 433 -18.13 9.44 19.86
N ASP A 434 -18.49 9.07 18.64
CA ASP A 434 -17.53 8.66 17.61
C ASP A 434 -16.91 9.85 16.89
N LEU A 435 -15.60 10.04 17.11
CA LEU A 435 -14.84 11.14 16.52
C LEU A 435 -15.00 11.26 14.99
N GLY A 436 -14.84 10.14 14.31
CA GLY A 436 -14.94 10.09 12.84
C GLY A 436 -16.32 10.46 12.35
N ARG A 437 -17.34 9.97 13.05
CA ARG A 437 -18.72 10.23 12.67
C ARG A 437 -19.05 11.71 12.74
N VAL A 438 -18.58 12.37 13.80
CA VAL A 438 -18.78 13.81 14.00
C VAL A 438 -18.33 14.61 12.76
N PHE A 439 -17.11 14.35 12.30
CA PHE A 439 -16.56 15.12 11.19
C PHE A 439 -17.14 14.72 9.84
N ARG A 440 -17.61 13.48 9.73
CA ARG A 440 -18.29 13.03 8.51
C ARG A 440 -19.61 13.77 8.40
N TRP A 441 -20.30 13.88 9.54
CA TRP A 441 -21.55 14.60 9.67
C TRP A 441 -21.41 16.07 9.31
N LEU A 442 -20.25 16.66 9.64
CA LEU A 442 -19.96 18.05 9.33
C LEU A 442 -19.48 18.25 7.90
N GLY A 443 -18.90 17.21 7.30
CA GLY A 443 -18.33 17.31 5.96
C GLY A 443 -19.34 17.21 4.83
N PRO A 444 -18.83 17.03 3.58
CA PRO A 444 -19.60 17.03 2.33
C PRO A 444 -20.58 15.88 2.12
N LYS A 445 -20.38 14.77 2.83
CA LYS A 445 -21.31 13.64 2.79
C LYS A 445 -22.12 13.49 4.09
N GLY A 446 -22.21 14.58 4.84
CA GLY A 446 -22.99 14.62 6.06
C GLY A 446 -24.30 15.37 5.86
N SER A 447 -24.70 16.14 6.87
CA SER A 447 -25.94 16.90 6.85
C SER A 447 -25.95 17.97 5.77
N ASP A 448 -27.13 18.20 5.18
CA ASP A 448 -27.28 19.25 4.17
C ASP A 448 -27.99 20.49 4.70
N CYS A 449 -28.07 20.62 6.01
CA CYS A 449 -28.77 21.71 6.67
C CYS A 449 -27.90 22.94 6.94
N GLY A 450 -28.54 24.04 7.28
CA GLY A 450 -27.86 25.27 7.67
C GLY A 450 -27.31 25.20 9.09
N ILE A 451 -28.00 24.47 9.96
CA ILE A 451 -27.55 24.20 11.32
C ILE A 451 -27.23 22.70 11.45
N VAL A 452 -25.99 22.38 11.84
CA VAL A 452 -25.52 21.00 11.88
C VAL A 452 -24.86 20.73 13.24
N ASN A 453 -25.63 20.17 14.15
CA ASN A 453 -25.20 20.06 15.54
C ASN A 453 -24.79 18.66 15.98
N VAL A 454 -23.94 18.59 17.02
CA VAL A 454 -23.47 17.33 17.57
C VAL A 454 -23.68 17.36 19.08
N ASN A 455 -24.44 16.40 19.60
CA ASN A 455 -24.73 16.26 21.05
C ASN A 455 -25.45 17.45 21.69
N ILE A 456 -26.03 18.29 20.84
CA ILE A 456 -26.94 19.34 21.24
C ILE A 456 -28.13 19.26 20.28
N PRO A 457 -29.36 19.49 20.75
CA PRO A 457 -30.56 19.37 19.91
C PRO A 457 -30.63 20.35 18.73
N THR A 458 -31.77 20.33 18.05
CA THR A 458 -31.97 21.11 16.82
C THR A 458 -32.25 22.59 17.08
N SER A 459 -32.52 22.96 18.32
CA SER A 459 -32.79 24.35 18.64
C SER A 459 -31.58 25.06 19.28
N GLY A 460 -30.45 24.36 19.33
CA GLY A 460 -29.19 24.96 19.80
C GLY A 460 -28.57 25.89 18.78
N ALA A 461 -28.73 27.20 19.00
CA ALA A 461 -28.21 28.24 18.10
C ALA A 461 -28.02 29.58 18.82
N GLU A 462 -26.89 30.22 18.53
CA GLU A 462 -26.54 31.47 19.19
C GLU A 462 -26.25 32.61 18.20
N ILE A 463 -26.27 33.83 18.73
CA ILE A 463 -26.07 35.06 17.97
C ILE A 463 -24.81 35.08 17.08
N GLY A 464 -23.69 34.58 17.61
CA GLY A 464 -22.39 34.65 16.93
C GLY A 464 -22.33 34.05 15.53
N GLY A 465 -23.16 33.04 15.27
CA GLY A 465 -23.16 32.34 13.99
C GLY A 465 -24.32 32.73 13.09
N ALA A 466 -24.14 32.53 11.80
CA ALA A 466 -25.22 32.75 10.85
C ALA A 466 -26.36 31.78 11.11
N PHE A 467 -27.60 32.27 11.06
CA PHE A 467 -28.77 31.44 11.29
C PHE A 467 -29.65 31.33 10.04
N GLY A 468 -29.96 30.10 9.65
CA GLY A 468 -30.81 29.86 8.48
C GLY A 468 -30.60 28.49 7.88
N GLY A 469 -31.39 28.18 6.86
CA GLY A 469 -31.37 26.86 6.25
C GLY A 469 -31.07 26.80 4.75
N GLU A 470 -31.16 25.60 4.22
CA GLU A 470 -30.92 25.35 2.81
C GLU A 470 -32.18 24.76 2.17
N LYS A 471 -32.07 24.35 0.91
CA LYS A 471 -33.19 23.79 0.17
C LYS A 471 -34.46 24.64 0.37
N HIS A 472 -35.56 24.00 0.74
CA HIS A 472 -36.85 24.71 0.90
C HIS A 472 -36.91 25.67 2.10
N THR A 473 -35.88 25.69 2.94
CA THR A 473 -35.82 26.66 4.04
C THR A 473 -35.44 28.05 3.54
N GLY A 474 -34.84 28.13 2.35
CA GLY A 474 -34.81 29.38 1.61
C GLY A 474 -33.49 30.07 1.35
N GLY A 475 -32.43 29.63 2.03
CA GLY A 475 -31.07 30.17 1.80
C GLY A 475 -30.63 31.34 2.67
N GLY A 476 -31.58 32.11 3.17
CA GLY A 476 -31.26 33.31 3.96
C GLY A 476 -30.51 33.01 5.24
N ARG A 477 -29.80 34.02 5.75
CA ARG A 477 -29.09 33.91 7.02
C ARG A 477 -29.33 35.16 7.87
N GLU A 478 -29.40 34.95 9.18
CA GLU A 478 -29.66 36.05 10.10
C GLU A 478 -28.63 36.07 11.22
N SER A 479 -28.36 37.29 11.73
CA SER A 479 -27.50 37.54 12.88
C SER A 479 -25.99 37.42 12.62
N GLY A 480 -25.41 36.26 12.90
CA GLY A 480 -23.94 36.14 13.03
C GLY A 480 -23.13 36.00 11.77
N SER A 481 -21.82 35.75 11.94
CA SER A 481 -20.84 35.65 10.85
C SER A 481 -20.94 36.86 9.91
N ASP A 482 -20.89 36.64 8.60
CA ASP A 482 -21.05 37.74 7.65
C ASP A 482 -22.49 37.84 7.06
N SER A 483 -23.49 37.54 7.88
CA SER A 483 -24.90 37.67 7.49
C SER A 483 -25.19 39.08 6.99
N TRP A 484 -24.52 40.07 7.60
CA TRP A 484 -24.75 41.49 7.29
C TRP A 484 -24.67 41.80 5.79
N LYS A 485 -23.84 41.05 5.07
CA LYS A 485 -23.66 41.28 3.62
C LYS A 485 -24.96 41.24 2.83
N GLN A 486 -25.97 40.54 3.34
CA GLN A 486 -27.24 40.42 2.66
C GLN A 486 -27.99 41.74 2.72
N TYR A 487 -27.61 42.58 3.68
CA TYR A 487 -28.27 43.84 3.93
C TYR A 487 -27.55 45.01 3.26
N MET A 488 -26.55 44.68 2.43
CA MET A 488 -25.71 45.68 1.76
C MET A 488 -25.40 45.26 0.33
N ARG A 489 -24.95 46.21 -0.48
CA ARG A 489 -24.52 45.90 -1.84
C ARG A 489 -23.00 46.05 -1.94
N ARG A 490 -22.38 45.04 -2.55
CA ARG A 490 -20.95 45.03 -2.80
C ARG A 490 -20.64 45.82 -4.06
N SER A 491 -19.58 46.62 -4.01
CA SER A 491 -19.01 47.24 -5.20
C SER A 491 -17.49 47.06 -5.24
N THR A 492 -17.01 46.57 -6.38
CA THR A 492 -15.58 46.40 -6.63
C THR A 492 -15.03 47.65 -7.29
N CYS A 493 -14.22 48.40 -6.56
CA CYS A 493 -13.83 49.74 -6.98
C CYS A 493 -12.35 49.84 -7.36
N THR A 494 -12.08 50.30 -8.57
CA THR A 494 -10.72 50.54 -9.01
C THR A 494 -10.52 52.02 -9.17
N ILE A 495 -9.52 52.54 -8.47
CA ILE A 495 -9.19 53.96 -8.56
C ILE A 495 -7.82 54.14 -9.21
N ASN A 496 -7.81 54.74 -10.39
CA ASN A 496 -6.58 55.12 -11.06
C ASN A 496 -6.18 56.51 -10.58
N TYR A 497 -5.05 56.60 -9.91
CA TYR A 497 -4.57 57.86 -9.35
C TYR A 497 -3.25 58.33 -9.98
N SER A 498 -2.74 57.56 -10.94
CA SER A 498 -1.51 57.88 -11.66
C SER A 498 -1.73 58.89 -12.77
N LYS A 499 -0.63 59.39 -13.34
CA LYS A 499 -0.68 60.26 -14.51
C LYS A 499 -0.55 59.48 -15.81
N ASP A 500 -0.34 58.16 -15.68
CA ASP A 500 -0.21 57.23 -16.82
C ASP A 500 -1.37 57.34 -17.81
N LEU A 501 -1.05 57.35 -19.10
CA LEU A 501 -2.07 57.32 -20.15
C LEU A 501 -2.11 55.94 -20.79
N PRO A 502 -3.26 55.54 -21.37
CA PRO A 502 -3.29 54.22 -22.02
C PRO A 502 -2.54 54.26 -23.34
N LEU A 503 -2.04 53.11 -23.76
CA LEU A 503 -1.31 53.00 -25.03
C LEU A 503 -2.19 53.50 -26.16
N ALA A 504 -1.60 54.31 -27.05
CA ALA A 504 -2.34 54.87 -28.17
C ALA A 504 -2.63 53.82 -29.25
N GLN A 505 -1.84 52.75 -29.24
CA GLN A 505 -1.88 51.66 -30.24
C GLN A 505 -2.24 52.08 -31.67
N GLY A 506 -1.43 53.00 -32.20
CA GLY A 506 -1.54 53.40 -33.61
C GLY A 506 -2.34 54.65 -33.88
N ILE A 507 -3.21 55.04 -32.95
CA ILE A 507 -4.05 56.22 -33.12
C ILE A 507 -3.35 57.47 -32.57
N LYS A 508 -3.37 58.55 -33.35
CA LYS A 508 -2.86 59.84 -32.91
C LYS A 508 -3.95 60.64 -32.17
N PHE A 509 -3.60 61.15 -31.00
CA PHE A 509 -4.49 62.03 -30.24
C PHE A 509 -3.84 63.42 -30.11
N SER B 1 -16.05 28.42 -50.24
CA SER B 1 -16.10 27.02 -50.76
C SER B 1 -15.80 26.04 -49.62
N GLY B 2 -16.76 25.15 -49.36
CA GLY B 2 -16.65 24.15 -48.28
C GLY B 2 -16.40 24.73 -46.90
N LEU B 3 -16.05 23.84 -45.96
CA LEU B 3 -15.76 24.24 -44.59
C LEU B 3 -14.35 24.78 -44.51
N LEU B 4 -14.17 25.80 -43.69
CA LEU B 4 -12.86 26.41 -43.47
C LEU B 4 -11.84 25.38 -42.98
N ILE B 5 -12.26 24.52 -42.05
CA ILE B 5 -11.36 23.55 -41.42
C ILE B 5 -10.64 22.62 -42.42
N ASN B 6 -11.29 22.30 -43.53
CA ASN B 6 -10.70 21.47 -44.58
C ASN B 6 -9.62 22.16 -45.40
N GLN B 7 -9.58 23.49 -45.35
CA GLN B 7 -8.56 24.26 -46.05
C GLN B 7 -7.25 24.27 -45.26
N PRO B 8 -6.09 24.16 -45.95
CA PRO B 8 -4.78 24.14 -45.30
C PRO B 8 -4.47 25.38 -44.47
N LYS B 9 -4.91 26.55 -44.92
CA LYS B 9 -4.73 27.81 -44.18
C LYS B 9 -5.30 27.75 -42.75
N TYR B 10 -6.12 26.74 -42.49
CA TYR B 10 -6.82 26.60 -41.21
C TYR B 10 -6.55 25.27 -40.50
N SER B 11 -5.46 24.59 -40.85
CA SER B 11 -5.19 23.27 -40.29
C SER B 11 -4.70 23.33 -38.85
N TRP B 12 -4.41 24.54 -38.36
CA TRP B 12 -4.08 24.72 -36.94
C TRP B 12 -5.26 24.37 -36.02
N LEU B 13 -6.46 24.40 -36.58
CA LEU B 13 -7.67 23.99 -35.85
C LEU B 13 -7.60 22.53 -35.41
N LYS B 14 -6.76 21.74 -36.08
CA LYS B 14 -6.64 20.32 -35.77
C LYS B 14 -5.83 20.09 -34.50
N GLU B 15 -4.99 21.08 -34.15
CA GLU B 15 -4.22 21.06 -32.92
C GLU B 15 -5.11 21.18 -31.69
N LEU B 16 -6.31 21.72 -31.88
CA LEU B 16 -7.28 21.84 -30.80
C LEU B 16 -8.14 20.58 -30.69
N GLY B 17 -7.85 19.59 -31.54
CA GLY B 17 -8.59 18.34 -31.57
C GLY B 17 -9.91 18.42 -32.31
N LEU B 18 -10.03 19.42 -33.18
CA LEU B 18 -11.25 19.67 -33.93
C LEU B 18 -11.19 19.03 -35.31
N SER B 19 -12.38 18.66 -35.81
CA SER B 19 -12.53 17.96 -37.06
C SER B 19 -13.72 18.57 -37.82
N GLU B 20 -14.06 18.01 -38.98
CA GLU B 20 -15.22 18.46 -39.76
C GLU B 20 -16.51 18.43 -38.94
N ASP B 21 -16.82 17.25 -38.41
CA ASP B 21 -17.91 17.12 -37.44
C ASP B 21 -17.32 16.88 -36.06
N ASN B 22 -17.97 17.45 -35.05
CA ASN B 22 -17.50 17.37 -33.68
C ASN B 22 -18.60 16.95 -32.73
N PRO B 23 -18.31 16.00 -31.82
CA PRO B 23 -19.25 15.65 -30.77
C PRO B 23 -19.46 16.81 -29.80
N GLY B 24 -20.72 17.12 -29.49
CA GLY B 24 -21.06 18.24 -28.62
C GLY B 24 -21.38 17.84 -27.20
N VAL B 25 -21.28 16.54 -26.90
CA VAL B 25 -21.45 16.03 -25.54
C VAL B 25 -20.15 15.40 -25.04
N TYR B 26 -19.77 15.76 -23.82
CA TYR B 26 -18.73 15.04 -23.10
C TYR B 26 -19.15 14.82 -21.67
N ASN B 27 -19.01 13.58 -21.21
CA ASN B 27 -19.35 13.22 -19.83
C ASN B 27 -18.47 12.08 -19.34
N GLY B 28 -17.22 12.07 -19.78
CA GLY B 28 -16.33 10.93 -19.57
C GLY B 28 -16.12 10.20 -20.89
N SER B 29 -17.10 10.30 -21.77
CA SER B 29 -17.00 9.83 -23.14
C SER B 29 -17.68 10.82 -24.07
N TRP B 30 -17.24 10.85 -25.33
CA TRP B 30 -17.72 11.83 -26.30
C TRP B 30 -18.87 11.31 -27.14
N GLY B 31 -19.78 12.21 -27.51
CA GLY B 31 -20.91 11.86 -28.37
C GLY B 31 -21.84 13.02 -28.59
N GLY B 32 -23.09 12.71 -28.92
CA GLY B 32 -24.10 13.71 -29.23
C GLY B 32 -24.78 13.33 -30.52
N SER B 33 -26.11 13.34 -30.51
CA SER B 33 -26.89 12.96 -31.67
C SER B 33 -28.10 13.87 -31.85
N GLY B 34 -28.06 15.06 -31.25
CA GLY B 34 -29.10 16.06 -31.46
C GLY B 34 -28.87 16.81 -32.76
N GLU B 35 -29.39 18.03 -32.81
CA GLU B 35 -29.27 18.91 -33.96
C GLU B 35 -27.83 19.17 -34.31
N VAL B 36 -27.51 19.11 -35.59
CA VAL B 36 -26.17 19.45 -36.06
C VAL B 36 -26.15 20.94 -36.36
N ILE B 37 -25.31 21.69 -35.65
CA ILE B 37 -25.18 23.12 -35.91
C ILE B 37 -23.88 23.41 -36.67
N THR B 38 -23.94 24.41 -37.56
CA THR B 38 -22.76 24.82 -38.32
C THR B 38 -22.32 26.19 -37.82
N SER B 39 -21.07 26.25 -37.36
CA SER B 39 -20.51 27.46 -36.79
C SER B 39 -19.85 28.32 -37.86
N TYR B 40 -20.33 29.56 -37.99
CA TYR B 40 -19.85 30.46 -39.04
C TYR B 40 -18.88 31.50 -38.51
N CYS B 41 -17.88 31.84 -39.33
CA CYS B 41 -16.93 32.90 -39.00
C CYS B 41 -17.55 34.26 -39.34
N PRO B 42 -17.82 35.10 -38.32
CA PRO B 42 -18.53 36.36 -38.54
C PRO B 42 -17.75 37.38 -39.40
N ALA B 43 -16.49 37.07 -39.71
CA ALA B 43 -15.65 38.00 -40.48
C ALA B 43 -15.87 37.87 -41.98
N ASN B 44 -16.39 36.73 -42.41
CA ASN B 44 -16.63 36.45 -43.82
C ASN B 44 -17.86 35.59 -44.10
N ASN B 45 -18.61 35.25 -43.05
CA ASN B 45 -19.82 34.41 -43.15
C ASN B 45 -19.59 33.05 -43.77
N GLU B 46 -18.34 32.57 -43.69
CA GLU B 46 -17.96 31.24 -44.17
C GLU B 46 -18.10 30.19 -43.05
N PRO B 47 -18.56 28.98 -43.41
CA PRO B 47 -18.71 27.94 -42.38
C PRO B 47 -17.36 27.40 -41.94
N ILE B 48 -17.18 27.25 -40.63
CA ILE B 48 -15.93 26.75 -40.09
C ILE B 48 -15.94 25.23 -39.98
N ALA B 49 -16.90 24.72 -39.21
CA ALA B 49 -17.08 23.27 -39.00
C ALA B 49 -18.39 23.04 -38.24
N ARG B 50 -18.74 21.79 -38.02
CA ARG B 50 -20.02 21.45 -37.42
C ARG B 50 -19.85 20.82 -36.03
N VAL B 51 -20.87 20.98 -35.20
CA VAL B 51 -20.94 20.33 -33.88
C VAL B 51 -22.31 19.69 -33.71
N THR B 52 -22.31 18.43 -33.25
CA THR B 52 -23.56 17.72 -33.01
C THR B 52 -23.98 17.93 -31.57
N GLN B 53 -25.06 18.67 -31.39
CA GLN B 53 -25.53 19.05 -30.07
C GLN B 53 -26.20 17.89 -29.34
N ALA B 54 -26.55 18.10 -28.08
CA ALA B 54 -27.14 17.06 -27.26
C ALA B 54 -28.64 16.95 -27.49
N THR B 55 -29.16 15.73 -27.32
CA THR B 55 -30.60 15.52 -27.17
C THR B 55 -30.92 15.66 -25.68
N LEU B 56 -32.18 15.85 -25.35
CA LEU B 56 -32.57 15.89 -23.95
C LEU B 56 -32.13 14.62 -23.24
N ALA B 57 -32.29 13.49 -23.92
CA ALA B 57 -31.90 12.19 -23.36
C ALA B 57 -30.39 12.12 -23.05
N GLU B 58 -29.59 12.76 -23.89
CA GLU B 58 -28.15 12.84 -23.68
C GLU B 58 -27.79 13.81 -22.57
N TYR B 59 -28.52 14.92 -22.46
CA TYR B 59 -28.40 15.80 -21.29
C TYR B 59 -28.70 15.00 -20.01
N GLU B 60 -29.86 14.34 -20.03
CA GLU B 60 -30.32 13.52 -18.91
C GLU B 60 -29.24 12.56 -18.43
N GLU B 61 -28.63 11.85 -19.37
CA GLU B 61 -27.61 10.85 -19.05
C GLU B 61 -26.36 11.53 -18.52
N THR B 62 -26.08 12.73 -19.01
CA THR B 62 -24.91 13.49 -18.58
C THR B 62 -25.03 13.95 -17.13
N VAL B 63 -26.24 14.31 -16.72
CA VAL B 63 -26.51 14.70 -15.34
C VAL B 63 -26.27 13.55 -14.35
N GLN B 64 -26.71 12.34 -14.73
CA GLN B 64 -26.47 11.15 -13.90
C GLN B 64 -24.99 10.80 -13.75
N LYS B 65 -24.24 10.85 -14.85
CA LYS B 65 -22.80 10.58 -14.83
C LYS B 65 -22.05 11.65 -14.02
N THR B 66 -22.52 12.89 -14.12
CA THR B 66 -21.98 14.01 -13.34
C THR B 66 -22.19 13.82 -11.83
N ARG B 67 -23.42 13.52 -11.44
CA ARG B 67 -23.78 13.27 -10.05
C ARG B 67 -22.94 12.14 -9.44
N GLU B 68 -22.64 11.13 -10.25
CA GLU B 68 -21.88 9.97 -9.83
C GLU B 68 -20.41 10.33 -9.63
N ALA B 69 -19.89 11.13 -10.55
CA ALA B 69 -18.51 11.62 -10.47
C ALA B 69 -18.29 12.47 -9.22
N TRP B 70 -19.32 13.24 -8.83
CA TRP B 70 -19.22 14.12 -7.66
C TRP B 70 -18.88 13.36 -6.39
N LYS B 71 -19.47 12.18 -6.22
CA LYS B 71 -19.22 11.31 -5.08
C LYS B 71 -17.73 11.16 -4.76
N MET B 72 -16.94 10.75 -5.76
CA MET B 72 -15.51 10.58 -5.56
C MET B 72 -14.76 11.92 -5.46
N TRP B 73 -15.21 12.91 -6.24
CA TRP B 73 -14.57 14.22 -6.34
C TRP B 73 -14.67 15.04 -5.04
N ALA B 74 -15.86 15.05 -4.44
CA ALA B 74 -16.09 15.73 -3.16
C ALA B 74 -15.25 15.16 -2.02
N ASP B 75 -14.78 13.92 -2.18
CA ASP B 75 -13.93 13.25 -1.18
C ASP B 75 -12.47 13.63 -1.30
N ILE B 76 -12.09 14.30 -2.39
CA ILE B 76 -10.72 14.73 -2.59
C ILE B 76 -10.50 16.09 -1.92
N PRO B 77 -9.53 16.18 -1.00
CA PRO B 77 -9.16 17.42 -0.30
C PRO B 77 -9.01 18.62 -1.23
N ALA B 78 -9.38 19.81 -0.74
CA ALA B 78 -9.38 21.01 -1.58
C ALA B 78 -8.01 21.33 -2.20
N PRO B 79 -6.93 21.29 -1.41
CA PRO B 79 -5.63 21.55 -2.03
C PRO B 79 -5.29 20.58 -3.15
N LYS B 80 -5.76 19.34 -3.04
CA LYS B 80 -5.54 18.34 -4.09
C LYS B 80 -6.41 18.57 -5.33
N ARG B 81 -7.58 19.15 -5.11
CA ARG B 81 -8.42 19.63 -6.21
C ARG B 81 -7.75 20.81 -6.92
N GLY B 82 -7.11 21.68 -6.13
CA GLY B 82 -6.35 22.81 -6.66
C GLY B 82 -5.21 22.39 -7.58
N GLU B 83 -4.58 21.27 -7.25
CA GLU B 83 -3.55 20.68 -8.08
C GLU B 83 -4.08 20.33 -9.48
N ILE B 84 -5.31 19.83 -9.54
CA ILE B 84 -6.00 19.61 -10.82
C ILE B 84 -6.20 20.97 -11.51
N VAL B 85 -6.75 21.95 -10.79
CA VAL B 85 -6.99 23.28 -11.36
C VAL B 85 -5.69 23.89 -11.91
N ARG B 86 -4.59 23.72 -11.17
CA ARG B 86 -3.28 24.20 -11.59
C ARG B 86 -2.89 23.63 -12.96
N GLN B 87 -3.13 22.33 -13.15
CA GLN B 87 -2.78 21.65 -14.39
C GLN B 87 -3.66 22.06 -15.56
N ILE B 88 -4.94 22.31 -15.28
CA ILE B 88 -5.84 22.90 -16.26
C ILE B 88 -5.24 24.22 -16.74
N GLY B 89 -4.80 25.05 -15.79
CA GLY B 89 -4.14 26.32 -16.09
C GLY B 89 -2.95 26.15 -17.02
N ASP B 90 -2.13 25.14 -16.76
CA ASP B 90 -0.95 24.84 -17.57
C ASP B 90 -1.28 24.26 -18.93
N ALA B 91 -2.28 23.38 -18.98
CA ALA B 91 -2.70 22.80 -20.24
C ALA B 91 -3.21 23.89 -21.18
N LEU B 92 -3.91 24.88 -20.60
CA LEU B 92 -4.41 26.02 -21.35
C LEU B 92 -3.25 26.87 -21.87
N ARG B 93 -2.27 27.08 -21.00
CA ARG B 93 -1.09 27.90 -21.30
C ARG B 93 -0.38 27.39 -22.56
N LYS B 94 -0.25 26.07 -22.67
CA LYS B 94 0.36 25.43 -23.84
C LYS B 94 -0.41 25.70 -25.13
N LYS B 95 -1.73 25.79 -25.04
CA LYS B 95 -2.57 25.97 -26.23
C LYS B 95 -3.08 27.41 -26.41
N ILE B 96 -2.47 28.35 -25.69
CA ILE B 96 -2.98 29.73 -25.65
C ILE B 96 -3.17 30.41 -27.02
N LYS B 97 -2.19 30.26 -27.91
CA LYS B 97 -2.22 30.92 -29.21
C LYS B 97 -3.34 30.38 -30.09
N VAL B 98 -3.40 29.06 -30.26
CA VAL B 98 -4.39 28.43 -31.14
C VAL B 98 -5.81 28.56 -30.59
N LEU B 99 -5.96 28.47 -29.27
CA LEU B 99 -7.26 28.64 -28.65
C LEU B 99 -7.73 30.08 -28.78
N GLY B 100 -6.82 31.02 -28.54
CA GLY B 100 -7.09 32.44 -28.79
C GLY B 100 -7.51 32.71 -30.22
N SER B 101 -6.82 32.04 -31.16
CA SER B 101 -7.13 32.15 -32.58
C SER B 101 -8.53 31.64 -32.88
N LEU B 102 -8.92 30.53 -32.25
CA LEU B 102 -10.28 30.00 -32.41
C LEU B 102 -11.35 30.97 -31.90
N VAL B 103 -11.12 31.55 -30.72
CA VAL B 103 -12.05 32.54 -30.19
C VAL B 103 -12.21 33.64 -31.22
N SER B 104 -11.09 34.19 -31.68
CA SER B 104 -11.08 35.23 -32.70
C SER B 104 -11.83 34.84 -33.98
N LEU B 105 -11.64 33.62 -34.44
CA LEU B 105 -12.29 33.12 -35.66
C LEU B 105 -13.81 32.87 -35.50
N GLU B 106 -14.18 32.24 -34.37
CA GLU B 106 -15.58 31.86 -34.13
C GLU B 106 -16.45 32.95 -33.50
N MET B 107 -15.88 33.77 -32.63
CA MET B 107 -16.64 34.84 -32.00
C MET B 107 -16.54 36.16 -32.76
N GLY B 108 -15.34 36.50 -33.20
CA GLY B 108 -15.12 37.68 -34.02
C GLY B 108 -14.25 38.76 -33.42
N LYS B 109 -13.84 38.58 -32.16
CA LYS B 109 -12.97 39.56 -31.50
C LYS B 109 -11.53 39.44 -32.01
N ILE B 110 -10.75 40.51 -31.88
CA ILE B 110 -9.38 40.51 -32.40
C ILE B 110 -8.49 39.50 -31.68
N TYR B 111 -7.49 39.00 -32.40
CA TYR B 111 -6.61 37.95 -31.92
C TYR B 111 -6.06 38.21 -30.53
N VAL B 112 -5.49 39.39 -30.32
CA VAL B 112 -4.87 39.70 -29.03
C VAL B 112 -5.87 39.59 -27.86
N GLU B 113 -7.13 39.94 -28.11
CA GLU B 113 -8.21 39.80 -27.13
C GLU B 113 -8.68 38.36 -26.95
N GLY B 114 -8.53 37.55 -28.00
CA GLY B 114 -8.79 36.10 -27.92
C GLY B 114 -7.78 35.45 -27.00
N VAL B 115 -6.53 35.82 -27.18
CA VAL B 115 -5.43 35.39 -26.30
C VAL B 115 -5.65 35.87 -24.86
N GLY B 116 -6.04 37.13 -24.72
CA GLY B 116 -6.32 37.74 -23.42
C GLY B 116 -7.39 37.00 -22.65
N GLU B 117 -8.42 36.56 -23.37
CA GLU B 117 -9.51 35.79 -22.75
C GLU B 117 -8.99 34.46 -22.19
N VAL B 118 -8.14 33.78 -22.94
CA VAL B 118 -7.54 32.52 -22.50
C VAL B 118 -6.70 32.78 -21.23
N GLN B 119 -5.96 33.89 -21.23
CA GLN B 119 -5.16 34.31 -20.08
C GLN B 119 -6.00 34.48 -18.80
N GLU B 120 -7.21 35.00 -18.94
CA GLU B 120 -8.13 35.15 -17.82
C GLU B 120 -8.40 33.81 -17.15
N TYR B 121 -8.60 32.78 -17.96
CA TYR B 121 -8.82 31.43 -17.45
C TYR B 121 -7.55 30.94 -16.74
N VAL B 122 -6.41 31.07 -17.41
CA VAL B 122 -5.12 30.70 -16.83
C VAL B 122 -4.87 31.39 -15.50
N ASP B 123 -5.08 32.70 -15.45
CA ASP B 123 -4.84 33.48 -14.24
C ASP B 123 -5.80 33.14 -13.11
N VAL B 124 -7.07 32.86 -13.44
CA VAL B 124 -8.03 32.51 -12.40
C VAL B 124 -7.75 31.10 -11.84
N CYS B 125 -7.10 30.26 -12.64
CA CYS B 125 -6.70 28.94 -12.18
C CYS B 125 -5.66 29.08 -11.08
N ASP B 126 -4.64 29.90 -11.32
CA ASP B 126 -3.58 30.12 -10.34
C ASP B 126 -4.14 30.75 -9.06
N TYR B 127 -5.09 31.65 -9.23
CA TYR B 127 -5.79 32.24 -8.10
C TYR B 127 -6.52 31.16 -7.28
N ALA B 128 -7.19 30.26 -7.99
CA ALA B 128 -7.94 29.17 -7.36
C ALA B 128 -7.02 28.22 -6.58
N VAL B 129 -5.79 28.05 -7.07
CA VAL B 129 -4.82 27.22 -6.37
C VAL B 129 -4.55 27.80 -4.97
N GLY B 130 -4.42 29.12 -4.90
CA GLY B 130 -4.30 29.81 -3.63
C GLY B 130 -5.51 29.53 -2.75
N LEU B 131 -6.71 29.67 -3.33
CA LEU B 131 -7.97 29.50 -2.60
C LEU B 131 -8.16 28.08 -2.07
N SER B 132 -7.59 27.10 -2.78
CA SER B 132 -7.75 25.70 -2.40
C SER B 132 -7.16 25.38 -1.03
N ARG B 133 -6.32 26.28 -0.53
CA ARG B 133 -5.76 26.10 0.80
C ARG B 133 -6.33 27.10 1.81
N MET B 134 -7.38 27.81 1.39
CA MET B 134 -7.89 28.95 2.17
C MET B 134 -9.39 28.90 2.46
N ILE B 135 -10.18 28.43 1.50
CA ILE B 135 -11.64 28.43 1.63
C ILE B 135 -12.14 27.82 2.95
N GLY B 136 -13.15 28.46 3.53
CA GLY B 136 -13.71 28.03 4.80
C GLY B 136 -14.25 29.20 5.62
N GLY B 137 -14.82 28.89 6.77
CA GLY B 137 -15.40 29.90 7.65
C GLY B 137 -14.65 30.01 8.95
N PRO B 138 -15.05 30.96 9.81
CA PRO B 138 -14.35 31.14 11.10
C PRO B 138 -14.64 30.05 12.13
N VAL B 139 -13.67 29.79 13.00
CA VAL B 139 -13.93 29.12 14.28
C VAL B 139 -14.42 30.23 15.19
N LEU B 140 -15.58 30.03 15.81
CA LEU B 140 -16.20 31.06 16.61
C LEU B 140 -16.24 30.68 18.09
N PRO B 141 -16.16 31.66 18.98
CA PRO B 141 -16.25 31.31 20.40
C PRO B 141 -17.69 31.14 20.84
N SER B 142 -18.05 29.93 21.28
CA SER B 142 -19.40 29.66 21.74
C SER B 142 -19.63 30.27 23.10
N GLU B 143 -20.89 30.61 23.37
CA GLU B 143 -21.29 31.16 24.68
C GLU B 143 -21.51 30.05 25.72
N ARG B 144 -21.48 28.81 25.26
CA ARG B 144 -21.74 27.65 26.09
C ARG B 144 -20.42 26.98 26.48
N PRO B 145 -20.22 26.76 27.80
CA PRO B 145 -18.99 26.12 28.25
C PRO B 145 -18.88 24.72 27.66
N GLY B 146 -17.68 24.33 27.28
CA GLY B 146 -17.43 23.00 26.69
C GLY B 146 -18.17 22.75 25.39
N HIS B 147 -18.34 23.80 24.58
CA HIS B 147 -18.98 23.71 23.28
C HIS B 147 -18.08 24.37 22.25
N ALA B 148 -17.83 23.66 21.15
CA ALA B 148 -17.13 24.25 20.01
C ALA B 148 -18.15 24.78 18.99
N LEU B 149 -17.84 25.93 18.39
CA LEU B 149 -18.70 26.51 17.35
C LEU B 149 -17.86 26.83 16.12
N ILE B 150 -18.21 26.22 14.99
CA ILE B 150 -17.48 26.44 13.73
C ILE B 150 -18.40 26.65 12.51
N GLU B 151 -17.94 27.45 11.58
CA GLU B 151 -18.64 27.63 10.33
C GLU B 151 -18.00 26.75 9.27
N GLN B 152 -18.80 25.85 8.71
CA GLN B 152 -18.32 24.91 7.71
C GLN B 152 -18.83 25.27 6.33
N TRP B 153 -17.96 25.13 5.32
CA TRP B 153 -18.37 25.29 3.93
C TRP B 153 -18.17 23.99 3.16
N ASN B 154 -19.19 23.61 2.39
CA ASN B 154 -19.21 22.37 1.64
C ASN B 154 -19.71 22.58 0.23
N PRO B 155 -19.28 21.73 -0.72
CA PRO B 155 -19.73 21.84 -2.09
C PRO B 155 -21.27 21.81 -2.19
N VAL B 156 -21.83 22.59 -3.10
CA VAL B 156 -23.28 22.54 -3.34
C VAL B 156 -23.66 21.26 -4.09
N GLY B 157 -22.71 20.73 -4.86
CA GLY B 157 -22.92 19.53 -5.69
C GLY B 157 -22.54 19.74 -7.13
N LEU B 158 -23.54 19.80 -7.99
CA LEU B 158 -23.33 20.04 -9.42
C LEU B 158 -23.64 21.49 -9.78
N VAL B 159 -22.67 22.14 -10.44
CA VAL B 159 -22.83 23.50 -10.93
C VAL B 159 -23.12 23.48 -12.43
N GLY B 160 -24.32 23.89 -12.81
CA GLY B 160 -24.67 24.10 -14.20
C GLY B 160 -24.19 25.47 -14.64
N ILE B 161 -23.55 25.53 -15.78
CA ILE B 161 -23.02 26.79 -16.30
C ILE B 161 -23.52 27.05 -17.71
N ILE B 162 -24.27 28.14 -17.85
CA ILE B 162 -24.76 28.61 -19.14
C ILE B 162 -24.07 29.93 -19.44
N THR B 163 -23.36 29.98 -20.57
CA THR B 163 -22.52 31.13 -20.91
C THR B 163 -23.02 31.87 -22.15
N ALA B 164 -22.55 33.10 -22.31
CA ALA B 164 -22.86 33.94 -23.46
C ALA B 164 -21.87 33.72 -24.61
N PHE B 165 -22.17 34.31 -25.76
CA PHE B 165 -21.29 34.17 -26.93
C PHE B 165 -20.01 35.00 -26.85
N ASN B 166 -20.08 36.16 -26.22
CA ASN B 166 -19.03 37.17 -26.35
C ASN B 166 -17.71 36.85 -25.63
N PHE B 167 -17.81 36.10 -24.54
CA PHE B 167 -16.63 35.54 -23.87
C PHE B 167 -16.77 34.02 -23.71
N PRO B 168 -16.56 33.27 -24.81
CA PRO B 168 -16.83 31.84 -24.84
C PRO B 168 -15.83 30.99 -24.04
N VAL B 169 -14.69 31.53 -23.68
CA VAL B 169 -13.69 30.82 -22.87
C VAL B 169 -13.70 31.28 -21.39
N ALA B 170 -13.57 32.58 -21.18
CA ALA B 170 -13.32 33.14 -19.85
C ALA B 170 -14.44 32.97 -18.83
N VAL B 171 -15.68 33.19 -19.26
CA VAL B 171 -16.82 33.08 -18.36
C VAL B 171 -16.91 31.67 -17.78
N TYR B 172 -16.84 30.66 -18.65
CA TYR B 172 -16.74 29.27 -18.20
C TYR B 172 -15.57 29.09 -17.23
N GLY B 173 -14.40 29.60 -17.63
CA GLY B 173 -13.18 29.51 -16.84
C GLY B 173 -13.32 30.04 -15.43
N TRP B 174 -13.82 31.27 -15.33
CA TRP B 174 -14.07 31.92 -14.04
C TRP B 174 -14.92 31.04 -13.13
N ASN B 175 -15.90 30.35 -13.72
CA ASN B 175 -16.80 29.47 -12.97
C ASN B 175 -16.19 28.11 -12.69
N ASN B 176 -15.52 27.56 -13.70
CA ASN B 176 -14.89 26.26 -13.61
C ASN B 176 -13.84 26.19 -12.50
N ALA B 177 -12.88 27.10 -12.56
CA ALA B 177 -11.77 27.12 -11.61
C ALA B 177 -12.25 27.17 -10.18
N ILE B 178 -13.19 28.07 -9.90
CA ILE B 178 -13.74 28.23 -8.55
C ILE B 178 -14.58 27.03 -8.11
N ALA B 179 -15.52 26.62 -8.96
CA ALA B 179 -16.43 25.51 -8.66
C ALA B 179 -15.66 24.23 -8.37
N LEU B 180 -14.68 23.92 -9.22
CA LEU B 180 -13.83 22.75 -9.02
C LEU B 180 -13.05 22.80 -7.71
N THR B 181 -12.42 23.94 -7.44
CA THR B 181 -11.70 24.18 -6.20
C THR B 181 -12.62 23.95 -5.00
N CYS B 182 -13.89 24.28 -5.17
CA CYS B 182 -14.85 24.15 -4.10
C CYS B 182 -15.51 22.77 -4.01
N GLY B 183 -14.99 21.80 -4.76
CA GLY B 183 -15.50 20.42 -4.68
C GLY B 183 -16.82 20.15 -5.37
N ASN B 184 -17.13 20.99 -6.34
CA ASN B 184 -18.30 20.79 -7.19
C ASN B 184 -17.93 20.12 -8.52
N VAL B 185 -18.92 19.57 -9.18
CA VAL B 185 -18.78 19.11 -10.56
C VAL B 185 -19.56 20.05 -11.47
N CYS B 186 -19.07 20.24 -12.69
CA CYS B 186 -19.63 21.21 -13.62
C CYS B 186 -20.34 20.56 -14.78
N LEU B 187 -21.38 21.23 -15.27
CA LEU B 187 -22.00 20.89 -16.55
C LEU B 187 -22.12 22.17 -17.36
N TRP B 188 -21.57 22.16 -18.57
CA TRP B 188 -21.44 23.36 -19.36
C TRP B 188 -22.28 23.35 -20.63
N LYS B 189 -23.16 24.34 -20.75
CA LYS B 189 -23.84 24.60 -22.01
C LYS B 189 -23.45 25.99 -22.51
N GLY B 190 -22.53 26.02 -23.46
CA GLY B 190 -22.08 27.26 -24.06
C GLY B 190 -23.08 27.81 -25.05
N ALA B 191 -22.84 29.03 -25.50
CA ALA B 191 -23.68 29.69 -26.48
C ALA B 191 -23.72 28.88 -27.77
N PRO B 192 -24.91 28.78 -28.38
CA PRO B 192 -25.12 27.95 -29.58
C PRO B 192 -24.18 28.31 -30.72
N THR B 193 -23.80 29.59 -30.79
CA THR B 193 -23.01 30.12 -31.90
C THR B 193 -21.49 29.98 -31.70
N THR B 194 -21.08 29.48 -30.54
CA THR B 194 -19.65 29.21 -30.26
C THR B 194 -19.36 27.76 -29.79
N PRO B 195 -19.99 26.74 -30.41
CA PRO B 195 -19.79 25.38 -29.91
C PRO B 195 -18.37 24.82 -30.12
N LEU B 196 -17.67 25.25 -31.17
CA LEU B 196 -16.31 24.81 -31.41
C LEU B 196 -15.36 25.22 -30.28
N THR B 197 -15.50 26.46 -29.80
CA THR B 197 -14.75 26.94 -28.63
C THR B 197 -15.11 26.11 -27.39
N SER B 198 -16.39 25.81 -27.22
CA SER B 198 -16.82 25.00 -26.10
C SER B 198 -16.11 23.66 -26.13
N VAL B 199 -16.19 22.99 -27.28
CA VAL B 199 -15.55 21.68 -27.50
C VAL B 199 -14.03 21.73 -27.29
N ALA B 200 -13.39 22.74 -27.86
CA ALA B 200 -11.93 22.90 -27.75
C ALA B 200 -11.50 22.99 -26.30
N VAL B 201 -12.18 23.84 -25.53
CA VAL B 201 -11.91 23.99 -24.09
C VAL B 201 -12.17 22.66 -23.37
N THR B 202 -13.34 22.08 -23.58
CA THR B 202 -13.70 20.82 -22.98
C THR B 202 -12.63 19.76 -23.27
N LYS B 203 -12.13 19.73 -24.49
CA LYS B 203 -11.05 18.80 -24.86
C LYS B 203 -9.79 18.97 -24.00
N ILE B 204 -9.35 20.21 -23.84
CA ILE B 204 -8.20 20.55 -23.00
C ILE B 204 -8.42 20.08 -21.55
N VAL B 205 -9.58 20.42 -20.99
CA VAL B 205 -9.92 20.06 -19.62
C VAL B 205 -10.02 18.53 -19.47
N ALA B 206 -10.74 17.89 -20.40
CA ALA B 206 -10.94 16.44 -20.39
C ALA B 206 -9.62 15.69 -20.33
N GLU B 207 -8.65 16.13 -21.12
CA GLU B 207 -7.35 15.48 -21.15
C GLU B 207 -6.68 15.48 -19.79
N VAL B 208 -6.72 16.63 -19.12
CA VAL B 208 -6.12 16.79 -17.79
C VAL B 208 -6.77 15.86 -16.77
N LEU B 209 -8.10 15.80 -16.79
CA LEU B 209 -8.85 14.91 -15.91
C LEU B 209 -8.47 13.44 -16.12
N GLU B 210 -8.36 13.07 -17.39
CA GLU B 210 -8.00 11.71 -17.78
C GLU B 210 -6.55 11.37 -17.45
N GLN B 211 -5.62 12.31 -17.67
CA GLN B 211 -4.21 12.13 -17.24
C GLN B 211 -4.15 11.77 -15.77
N ASN B 212 -5.06 12.36 -14.97
CA ASN B 212 -5.09 12.18 -13.52
C ASN B 212 -6.04 11.10 -13.03
N ASN B 213 -6.51 10.24 -13.94
CA ASN B 213 -7.41 9.12 -13.62
C ASN B 213 -8.64 9.57 -12.85
N LEU B 214 -9.24 10.66 -13.29
CA LEU B 214 -10.46 11.16 -12.68
C LEU B 214 -11.60 11.03 -13.67
N PRO B 215 -12.81 10.76 -13.17
CA PRO B 215 -13.94 10.65 -14.09
C PRO B 215 -14.13 11.95 -14.85
N GLY B 216 -14.22 11.86 -16.17
CA GLY B 216 -14.34 13.03 -17.04
C GLY B 216 -15.58 13.86 -16.77
N ALA B 217 -16.60 13.23 -16.18
CA ALA B 217 -17.88 13.88 -15.92
C ALA B 217 -17.79 15.02 -14.89
N ILE B 218 -16.63 15.17 -14.25
CA ILE B 218 -16.39 16.25 -13.32
C ILE B 218 -16.53 17.61 -14.04
N CYS B 219 -16.16 17.63 -15.33
CA CYS B 219 -16.33 18.78 -16.19
C CYS B 219 -17.06 18.40 -17.46
N SER B 220 -18.36 18.17 -17.34
CA SER B 220 -19.18 17.77 -18.47
C SER B 220 -19.58 18.95 -19.34
N MET B 221 -19.90 18.65 -20.59
CA MET B 221 -20.39 19.64 -21.54
C MET B 221 -21.52 19.05 -22.38
N THR B 222 -22.61 19.80 -22.51
CA THR B 222 -23.68 19.47 -23.44
C THR B 222 -24.06 20.71 -24.23
N CYS B 223 -23.69 20.77 -25.51
CA CYS B 223 -24.01 21.92 -26.36
C CYS B 223 -25.47 21.92 -26.74
N GLY B 224 -26.06 23.11 -26.88
CA GLY B 224 -27.46 23.22 -27.28
C GLY B 224 -28.04 24.60 -27.10
N GLY B 225 -29.31 24.75 -27.43
CA GLY B 225 -30.02 26.02 -27.35
C GLY B 225 -30.80 26.21 -26.07
N ALA B 226 -31.89 26.99 -26.17
CA ALA B 226 -32.80 27.24 -25.04
C ALA B 226 -33.32 25.92 -24.50
N ASP B 227 -33.72 25.06 -25.44
CA ASP B 227 -33.87 23.62 -25.28
C ASP B 227 -33.22 23.04 -24.00
N ILE B 228 -31.90 22.84 -24.07
CA ILE B 228 -31.12 22.29 -22.96
C ILE B 228 -31.05 23.28 -21.80
N GLY B 229 -30.81 24.54 -22.11
CA GLY B 229 -30.72 25.59 -21.09
C GLY B 229 -31.89 25.63 -20.11
N THR B 230 -33.10 25.47 -20.64
CA THR B 230 -34.34 25.43 -19.85
C THR B 230 -34.35 24.19 -18.95
N ALA B 231 -33.97 23.05 -19.51
CA ALA B 231 -33.88 21.80 -18.75
C ALA B 231 -33.00 21.95 -17.52
N MET B 232 -31.85 22.59 -17.70
CA MET B 232 -30.95 22.88 -16.59
C MET B 232 -31.62 23.77 -15.55
N ALA B 233 -32.25 24.85 -16.00
CA ALA B 233 -32.95 25.80 -15.14
C ALA B 233 -34.01 25.13 -14.27
N LYS B 234 -34.68 24.12 -14.85
CA LYS B 234 -35.75 23.38 -14.18
C LYS B 234 -35.26 22.16 -13.40
N ASP B 235 -34.02 21.73 -13.65
CA ASP B 235 -33.50 20.51 -13.07
C ASP B 235 -33.13 20.63 -11.59
N GLU B 236 -33.84 19.89 -10.75
CA GLU B 236 -33.57 19.88 -9.31
C GLU B 236 -32.19 19.32 -8.98
N ARG B 237 -31.62 18.56 -9.92
CA ARG B 237 -30.29 17.96 -9.72
C ARG B 237 -29.17 18.97 -9.95
N VAL B 238 -29.50 20.09 -10.61
CA VAL B 238 -28.57 21.21 -10.74
C VAL B 238 -28.66 22.03 -9.45
N ASP B 239 -27.61 21.91 -8.63
CA ASP B 239 -27.57 22.53 -7.31
C ASP B 239 -27.34 24.03 -7.37
N LEU B 240 -26.54 24.46 -8.34
CA LEU B 240 -26.34 25.89 -8.62
C LEU B 240 -26.32 26.13 -10.13
N LEU B 241 -27.16 27.07 -10.58
CA LEU B 241 -27.10 27.48 -11.96
C LEU B 241 -26.44 28.85 -12.11
N SER B 242 -25.29 28.85 -12.77
CA SER B 242 -24.61 30.08 -13.10
C SER B 242 -25.02 30.47 -14.51
N PHE B 243 -25.64 31.62 -14.63
CA PHE B 243 -26.10 32.09 -15.93
C PHE B 243 -25.43 33.43 -16.31
N THR B 244 -24.74 33.41 -17.45
CA THR B 244 -24.22 34.62 -18.05
C THR B 244 -24.94 34.80 -19.38
N GLY B 245 -25.63 35.93 -19.53
CA GLY B 245 -26.36 36.22 -20.76
C GLY B 245 -27.23 37.46 -20.67
N SER B 246 -28.13 37.62 -21.62
CA SER B 246 -29.07 38.74 -21.64
C SER B 246 -29.95 38.78 -20.39
N THR B 247 -30.33 39.98 -20.00
CA THR B 247 -31.16 40.16 -18.82
C THR B 247 -32.58 39.64 -19.06
N HIS B 248 -33.01 39.61 -20.33
CA HIS B 248 -34.29 39.04 -20.74
C HIS B 248 -34.35 37.53 -20.51
N VAL B 249 -33.33 36.83 -20.99
CA VAL B 249 -33.26 35.37 -20.83
C VAL B 249 -33.00 35.04 -19.37
N GLY B 250 -32.09 35.78 -18.75
CA GLY B 250 -31.74 35.58 -17.34
C GLY B 250 -32.94 35.52 -16.42
N LYS B 251 -33.89 36.44 -16.64
CA LYS B 251 -35.13 36.50 -15.88
C LYS B 251 -35.94 35.19 -15.95
N MET B 252 -36.15 34.69 -17.18
CA MET B 252 -36.86 33.42 -17.38
C MET B 252 -36.20 32.31 -16.57
N VAL B 253 -34.89 32.21 -16.72
CA VAL B 253 -34.07 31.22 -16.02
C VAL B 253 -34.14 31.39 -14.50
N ALA B 254 -33.98 32.64 -14.04
CA ALA B 254 -34.08 32.97 -12.61
C ALA B 254 -35.40 32.49 -12.01
N MET B 255 -36.50 32.84 -12.70
CA MET B 255 -37.84 32.49 -12.25
C MET B 255 -38.05 30.99 -12.15
N MET B 256 -37.46 30.26 -13.09
CA MET B 256 -37.51 28.80 -13.11
C MET B 256 -36.72 28.20 -11.97
N VAL B 257 -35.54 28.75 -11.70
CA VAL B 257 -34.68 28.28 -10.61
C VAL B 257 -35.30 28.62 -9.24
N GLN B 258 -35.84 29.82 -9.11
CA GLN B 258 -36.52 30.24 -7.90
C GLN B 258 -37.70 29.33 -7.57
N GLU B 259 -38.48 29.00 -8.59
CA GLU B 259 -39.63 28.08 -8.50
C GLU B 259 -39.31 26.76 -7.75
N ARG B 260 -38.14 26.20 -8.01
CA ARG B 260 -37.72 24.95 -7.40
C ARG B 260 -36.71 25.12 -6.25
N PHE B 261 -36.61 26.33 -5.72
CA PHE B 261 -35.67 26.66 -4.63
C PHE B 261 -34.20 26.29 -4.87
N GLY B 262 -33.76 26.40 -6.12
CA GLY B 262 -32.36 26.13 -6.45
C GLY B 262 -31.53 27.36 -6.18
N ARG B 263 -30.19 27.23 -6.18
CA ARG B 263 -29.31 28.38 -6.07
C ARG B 263 -29.02 28.92 -7.47
N LYS B 264 -28.95 30.24 -7.60
CA LYS B 264 -28.59 30.85 -8.88
C LYS B 264 -27.49 31.90 -8.78
N LEU B 265 -26.70 32.03 -9.83
CA LEU B 265 -25.72 33.09 -9.94
C LEU B 265 -25.99 33.79 -11.27
N LEU B 266 -26.41 35.06 -11.18
CA LEU B 266 -26.85 35.80 -12.36
C LEU B 266 -25.88 36.90 -12.78
N GLU B 267 -25.43 36.80 -14.02
CA GLU B 267 -24.51 37.76 -14.61
C GLU B 267 -25.12 38.27 -15.92
N LEU B 268 -25.94 39.30 -15.81
CA LEU B 268 -26.80 39.71 -16.92
C LEU B 268 -26.36 40.99 -17.63
N GLY B 269 -27.31 41.77 -18.14
CA GLY B 269 -26.99 42.93 -18.97
C GLY B 269 -26.35 44.12 -18.28
N GLY B 270 -25.79 45.01 -19.06
CA GLY B 270 -25.23 46.25 -18.54
C GLY B 270 -25.64 47.43 -19.39
N ASN B 271 -25.61 48.61 -18.81
CA ASN B 271 -25.82 49.86 -19.55
C ASN B 271 -24.85 50.89 -18.99
N ASN B 272 -23.58 50.62 -19.24
CA ASN B 272 -22.48 51.21 -18.50
C ASN B 272 -22.15 52.64 -18.88
N ALA B 273 -22.01 53.48 -17.86
CA ALA B 273 -21.80 54.91 -18.04
C ALA B 273 -20.40 55.39 -17.64
N ILE B 274 -19.82 56.25 -18.48
CA ILE B 274 -18.64 57.01 -18.12
C ILE B 274 -19.07 58.47 -17.91
N ILE B 275 -18.71 59.03 -16.78
CA ILE B 275 -19.08 60.41 -16.45
C ILE B 275 -17.82 61.27 -16.39
N VAL B 276 -17.73 62.25 -17.28
CA VAL B 276 -16.55 63.09 -17.38
C VAL B 276 -16.86 64.46 -16.80
N PHE B 277 -16.16 64.81 -15.73
CA PHE B 277 -16.36 66.09 -15.05
C PHE B 277 -15.44 67.17 -15.61
N GLU B 278 -15.70 68.40 -15.23
CA GLU B 278 -14.94 69.55 -15.73
C GLU B 278 -13.43 69.43 -15.51
N ASP B 279 -13.04 68.92 -14.34
CA ASP B 279 -11.62 68.85 -13.94
C ASP B 279 -10.91 67.58 -14.39
N ALA B 280 -11.57 66.79 -15.24
CA ALA B 280 -10.99 65.54 -15.72
C ALA B 280 -9.78 65.77 -16.61
N ASP B 281 -8.83 64.83 -16.56
CA ASP B 281 -7.71 64.81 -17.49
C ASP B 281 -8.25 64.33 -18.84
N LEU B 282 -8.41 65.26 -19.76
CA LEU B 282 -8.99 64.97 -21.08
C LEU B 282 -8.09 64.10 -21.96
N ASN B 283 -6.78 64.16 -21.73
CA ASN B 283 -5.83 63.29 -22.44
C ASN B 283 -5.97 61.83 -22.02
N LEU B 284 -6.53 61.61 -20.82
CA LEU B 284 -6.83 60.29 -20.34
C LEU B 284 -8.23 59.89 -20.81
N VAL B 285 -9.18 60.82 -20.69
CA VAL B 285 -10.59 60.55 -21.03
C VAL B 285 -10.75 60.05 -22.45
N VAL B 286 -10.22 60.79 -23.43
CA VAL B 286 -10.43 60.48 -24.84
C VAL B 286 -9.99 59.06 -25.25
N PRO B 287 -8.74 58.66 -24.96
CA PRO B 287 -8.39 57.27 -25.33
C PRO B 287 -9.15 56.22 -24.53
N SER B 288 -9.40 56.49 -23.26
CA SER B 288 -10.21 55.60 -22.42
C SER B 288 -11.58 55.37 -23.04
N ALA B 289 -12.28 56.46 -23.33
CA ALA B 289 -13.62 56.40 -23.92
C ALA B 289 -13.66 55.63 -25.22
N VAL B 290 -12.71 55.90 -26.12
CA VAL B 290 -12.64 55.26 -27.43
C VAL B 290 -12.52 53.75 -27.28
N PHE B 291 -11.50 53.29 -26.57
CA PHE B 291 -11.25 51.86 -26.45
C PHE B 291 -12.32 51.11 -25.70
N ALA B 292 -12.93 51.76 -24.70
CA ALA B 292 -13.99 51.14 -23.90
C ALA B 292 -15.29 50.98 -24.68
N SER B 293 -15.50 51.85 -25.66
CA SER B 293 -16.70 51.82 -26.50
C SER B 293 -16.52 50.92 -27.71
N VAL B 294 -15.35 51.03 -28.34
CA VAL B 294 -15.05 50.42 -29.62
C VAL B 294 -14.52 48.98 -29.49
N GLY B 295 -13.87 48.69 -28.37
CA GLY B 295 -13.32 47.36 -28.11
C GLY B 295 -14.35 46.25 -28.29
N THR B 296 -13.90 45.12 -28.83
CA THR B 296 -14.75 43.94 -29.05
C THR B 296 -15.99 44.28 -29.89
N ALA B 297 -15.90 45.38 -30.65
CA ALA B 297 -17.00 45.89 -31.47
C ALA B 297 -18.23 46.21 -30.64
N GLY B 298 -18.00 46.71 -29.43
CA GLY B 298 -19.07 47.09 -28.52
C GLY B 298 -19.82 45.92 -27.90
N GLN B 299 -19.16 44.76 -27.85
CA GLN B 299 -19.82 43.53 -27.42
C GLN B 299 -19.28 42.92 -26.12
N ARG B 300 -18.75 43.75 -25.22
CA ARG B 300 -18.47 43.30 -23.85
C ARG B 300 -19.65 43.73 -23.01
N CYS B 301 -19.98 42.94 -21.99
CA CYS B 301 -21.04 43.33 -21.08
C CYS B 301 -20.67 44.61 -20.34
N THR B 302 -19.37 44.88 -20.26
CA THR B 302 -18.86 46.08 -19.59
C THR B 302 -18.66 47.29 -20.53
N THR B 303 -18.95 47.12 -21.82
CA THR B 303 -18.75 48.19 -22.80
C THR B 303 -19.46 49.49 -22.40
N THR B 304 -18.80 50.62 -22.60
CA THR B 304 -19.41 51.92 -22.35
C THR B 304 -20.54 52.15 -23.33
N ARG B 305 -21.74 52.39 -22.80
CA ARG B 305 -22.92 52.62 -23.61
C ARG B 305 -23.35 54.06 -23.50
N ARG B 306 -23.06 54.65 -22.35
CA ARG B 306 -23.46 56.01 -22.06
C ARG B 306 -22.25 56.83 -21.66
N LEU B 307 -21.99 57.91 -22.38
CA LEU B 307 -20.91 58.84 -22.05
C LEU B 307 -21.47 60.19 -21.68
N MET B 308 -21.32 60.55 -20.42
CA MET B 308 -21.87 61.78 -19.91
C MET B 308 -20.76 62.81 -19.80
N LEU B 309 -20.94 63.93 -20.49
CA LEU B 309 -19.92 64.97 -20.54
C LEU B 309 -20.46 66.23 -19.92
N HIS B 310 -19.65 66.86 -19.07
CA HIS B 310 -20.03 68.12 -18.48
C HIS B 310 -20.13 69.15 -19.58
N GLU B 311 -21.13 70.02 -19.48
CA GLU B 311 -21.42 71.01 -20.51
C GLU B 311 -20.18 71.80 -20.94
N SER B 312 -19.31 72.10 -19.99
CA SER B 312 -18.11 72.89 -20.25
C SER B 312 -17.12 72.22 -21.21
N VAL B 313 -17.08 70.90 -21.21
CA VAL B 313 -16.14 70.16 -22.05
C VAL B 313 -16.80 69.33 -23.16
N HIS B 314 -18.13 69.24 -23.12
CA HIS B 314 -18.92 68.40 -24.03
C HIS B 314 -18.49 68.45 -25.50
N ASP B 315 -18.58 69.63 -26.13
CA ASP B 315 -18.32 69.77 -27.56
C ASP B 315 -16.86 69.48 -27.96
N ALA B 316 -15.93 69.87 -27.10
CA ALA B 316 -14.51 69.61 -27.33
C ALA B 316 -14.21 68.11 -27.29
N VAL B 317 -14.75 67.42 -26.29
CA VAL B 317 -14.49 65.98 -26.09
C VAL B 317 -15.11 65.12 -27.19
N VAL B 318 -16.38 65.36 -27.51
CA VAL B 318 -17.07 64.65 -28.58
C VAL B 318 -16.26 64.72 -29.88
N GLU B 319 -15.80 65.92 -30.23
CA GLU B 319 -15.05 66.15 -31.45
C GLU B 319 -13.73 65.36 -31.46
N ARG B 320 -13.05 65.33 -30.31
CA ARG B 320 -11.79 64.60 -30.16
C ARG B 320 -12.01 63.09 -30.25
N ILE B 321 -13.10 62.61 -29.67
CA ILE B 321 -13.44 61.19 -29.75
C ILE B 321 -13.77 60.85 -31.20
N ALA B 322 -14.45 61.75 -31.89
CA ALA B 322 -14.80 61.57 -33.30
C ALA B 322 -13.57 61.48 -34.20
N LYS B 323 -12.56 62.31 -33.92
CA LYS B 323 -11.29 62.29 -34.66
C LYS B 323 -10.58 60.96 -34.46
N ALA B 324 -10.68 60.41 -33.26
CA ALA B 324 -10.10 59.11 -32.95
C ALA B 324 -10.84 57.96 -33.65
N TYR B 325 -12.17 58.04 -33.68
CA TYR B 325 -13.02 57.05 -34.36
C TYR B 325 -12.62 56.83 -35.82
N LYS B 326 -12.22 57.90 -36.49
CA LYS B 326 -11.79 57.84 -37.88
C LYS B 326 -10.54 56.97 -38.09
N GLN B 327 -9.69 56.89 -37.08
CA GLN B 327 -8.44 56.12 -37.15
C GLN B 327 -8.57 54.67 -36.66
N VAL B 328 -9.78 54.29 -36.22
CA VAL B 328 -10.03 52.94 -35.74
C VAL B 328 -9.96 51.98 -36.93
N ARG B 329 -8.96 51.10 -36.91
CA ARG B 329 -8.71 50.20 -38.04
C ARG B 329 -9.62 48.98 -38.04
N ILE B 330 -10.55 48.98 -39.00
CA ILE B 330 -11.56 47.93 -39.17
C ILE B 330 -11.06 46.93 -40.21
N GLY B 331 -11.13 45.64 -39.89
CA GLY B 331 -10.65 44.59 -40.78
C GLY B 331 -10.76 43.16 -40.25
N ASP B 332 -9.98 42.26 -40.85
CA ASP B 332 -9.96 40.84 -40.47
C ASP B 332 -9.46 40.70 -39.02
N PRO B 333 -10.22 40.01 -38.16
CA PRO B 333 -9.86 39.73 -36.77
C PRO B 333 -8.49 39.07 -36.58
N TRP B 334 -8.03 38.32 -37.58
CA TRP B 334 -6.76 37.62 -37.52
C TRP B 334 -5.57 38.54 -37.84
N ASP B 335 -5.84 39.65 -38.50
CA ASP B 335 -4.83 40.65 -38.86
C ASP B 335 -4.41 41.49 -37.67
N PRO B 336 -3.11 41.49 -37.32
CA PRO B 336 -2.61 42.24 -36.17
C PRO B 336 -2.84 43.75 -36.21
N SER B 337 -3.11 44.31 -37.38
CA SER B 337 -3.44 45.74 -37.52
C SER B 337 -4.84 46.10 -37.03
N THR B 338 -5.76 45.13 -37.13
CA THR B 338 -7.16 45.34 -36.84
C THR B 338 -7.40 45.63 -35.36
N LEU B 339 -8.16 46.70 -35.09
CA LEU B 339 -8.58 47.02 -33.73
C LEU B 339 -10.06 46.71 -33.52
N TYR B 340 -10.78 46.49 -34.62
CA TYR B 340 -12.23 46.42 -34.57
C TYR B 340 -12.73 45.44 -35.62
N GLY B 341 -13.36 44.38 -35.17
CA GLY B 341 -13.84 43.34 -36.06
C GLY B 341 -15.32 43.43 -36.34
N PRO B 342 -15.94 42.31 -36.75
CA PRO B 342 -17.36 42.27 -37.09
C PRO B 342 -18.25 42.08 -35.86
N LEU B 343 -19.53 42.39 -36.00
CA LEU B 343 -20.51 41.99 -35.00
C LEU B 343 -20.66 40.48 -35.10
N HIS B 344 -21.15 39.86 -34.03
CA HIS B 344 -21.13 38.41 -33.94
C HIS B 344 -22.08 37.68 -34.89
N THR B 345 -23.26 38.26 -35.14
CA THR B 345 -24.25 37.65 -36.02
C THR B 345 -24.90 38.69 -36.91
N LYS B 346 -25.72 38.24 -37.86
CA LYS B 346 -26.49 39.15 -38.72
C LYS B 346 -27.61 39.84 -37.95
N GLN B 347 -28.24 39.12 -37.01
CA GLN B 347 -29.28 39.66 -36.14
C GLN B 347 -28.75 40.86 -35.37
N ALA B 348 -27.51 40.75 -34.91
CA ALA B 348 -26.80 41.84 -34.27
C ALA B 348 -26.76 43.08 -35.15
N VAL B 349 -26.51 42.89 -36.45
CA VAL B 349 -26.49 44.00 -37.41
C VAL B 349 -27.87 44.68 -37.47
N ASP B 350 -28.94 43.87 -37.44
CA ASP B 350 -30.32 44.38 -37.44
C ASP B 350 -30.65 45.20 -36.21
N GLN B 351 -30.20 44.75 -35.03
CA GLN B 351 -30.39 45.48 -33.77
C GLN B 351 -29.74 46.84 -33.88
N TYR B 352 -28.52 46.83 -34.41
CA TYR B 352 -27.73 48.03 -34.65
C TYR B 352 -28.49 49.05 -35.51
N LEU B 353 -29.01 48.59 -36.65
CA LEU B 353 -29.75 49.44 -37.56
C LEU B 353 -31.04 49.96 -36.95
N ALA B 354 -31.70 49.10 -36.17
CA ALA B 354 -32.96 49.44 -35.50
C ALA B 354 -32.76 50.47 -34.40
N ALA B 355 -31.66 50.31 -33.65
CA ALA B 355 -31.31 51.24 -32.58
C ALA B 355 -30.93 52.61 -33.12
N ILE B 356 -30.24 52.62 -34.27
CA ILE B 356 -29.93 53.85 -35.01
C ILE B 356 -31.24 54.57 -35.34
N GLU B 357 -32.20 53.83 -35.88
CA GLU B 357 -33.52 54.38 -36.26
C GLU B 357 -34.23 55.03 -35.09
N GLN B 358 -34.32 54.27 -34.00
CA GLN B 358 -34.98 54.73 -32.78
C GLN B 358 -34.29 55.95 -32.18
N ALA B 359 -32.97 55.97 -32.23
CA ALA B 359 -32.19 57.10 -31.75
C ALA B 359 -32.55 58.38 -32.51
N LYS B 360 -32.67 58.30 -33.84
CA LYS B 360 -33.05 59.43 -34.69
C LYS B 360 -34.46 59.90 -34.32
N GLN B 361 -35.39 58.94 -34.25
CA GLN B 361 -36.79 59.19 -33.85
C GLN B 361 -36.90 59.89 -32.50
N GLN B 362 -35.94 59.61 -31.62
CA GLN B 362 -35.97 60.15 -30.27
C GLN B 362 -35.12 61.42 -30.12
N GLY B 363 -34.73 62.01 -31.26
CA GLY B 363 -34.07 63.31 -31.29
C GLY B 363 -32.56 63.27 -31.31
N GLY B 364 -31.99 62.11 -31.67
CA GLY B 364 -30.55 61.95 -31.70
C GLY B 364 -29.92 62.38 -33.01
N THR B 365 -28.70 62.89 -32.92
CA THR B 365 -27.93 63.28 -34.09
C THR B 365 -26.72 62.37 -34.18
N LEU B 366 -26.50 61.80 -35.35
CA LEU B 366 -25.32 60.97 -35.60
C LEU B 366 -24.07 61.80 -35.83
N VAL B 367 -23.10 61.64 -34.94
CA VAL B 367 -21.81 62.30 -35.08
C VAL B 367 -20.96 61.54 -36.10
N CYS B 368 -21.09 60.23 -36.12
CA CYS B 368 -20.36 59.38 -37.04
C CYS B 368 -20.93 57.97 -37.02
N GLY B 369 -20.55 57.19 -38.04
CA GLY B 369 -21.01 55.81 -38.16
C GLY B 369 -22.47 55.75 -38.57
N GLY B 370 -23.10 54.62 -38.26
CA GLY B 370 -24.53 54.43 -38.53
C GLY B 370 -24.84 53.54 -39.73
N LYS B 371 -23.83 53.24 -40.53
CA LYS B 371 -24.06 52.47 -41.75
C LYS B 371 -23.40 51.08 -41.70
N VAL B 372 -24.07 50.09 -42.26
CA VAL B 372 -23.50 48.77 -42.49
C VAL B 372 -22.38 48.95 -43.51
N MET B 373 -21.22 48.35 -43.24
CA MET B 373 -20.07 48.47 -44.12
C MET B 373 -20.22 47.52 -45.30
N ASP B 374 -19.89 48.02 -46.48
CA ASP B 374 -20.06 47.25 -47.71
C ASP B 374 -18.90 46.31 -47.95
N ARG B 375 -18.98 45.14 -47.32
CA ARG B 375 -17.89 44.14 -47.32
C ARG B 375 -18.34 42.80 -46.73
N PRO B 376 -17.62 41.70 -47.05
CA PRO B 376 -17.88 40.41 -46.39
C PRO B 376 -17.90 40.54 -44.86
N GLY B 377 -18.70 39.71 -44.21
CA GLY B 377 -18.81 39.71 -42.75
C GLY B 377 -19.86 40.64 -42.20
N ASN B 378 -20.05 40.58 -40.89
CA ASN B 378 -21.05 41.40 -40.20
C ASN B 378 -20.50 42.75 -39.71
N TYR B 379 -19.85 43.49 -40.62
CA TYR B 379 -19.18 44.72 -40.23
C TYR B 379 -20.10 45.93 -40.24
N VAL B 380 -20.10 46.67 -39.13
CA VAL B 380 -20.84 47.93 -39.02
C VAL B 380 -19.93 49.02 -38.49
N GLU B 381 -20.25 50.26 -38.84
CA GLU B 381 -19.46 51.42 -38.42
C GLU B 381 -19.68 51.73 -36.94
N PRO B 382 -18.60 52.04 -36.21
CA PRO B 382 -18.74 52.44 -34.81
C PRO B 382 -19.43 53.81 -34.75
N THR B 383 -20.49 53.90 -33.97
CA THR B 383 -21.38 55.06 -33.99
C THR B 383 -21.37 55.88 -32.70
N ILE B 384 -21.41 57.20 -32.86
CA ILE B 384 -21.57 58.16 -31.76
C ILE B 384 -22.84 58.99 -31.99
N ILE B 385 -23.68 59.08 -30.96
CA ILE B 385 -24.93 59.86 -31.05
C ILE B 385 -25.08 60.87 -29.91
N THR B 386 -25.21 62.14 -30.30
CA THR B 386 -25.42 63.22 -29.34
C THR B 386 -26.87 63.69 -29.37
N GLY B 387 -27.27 64.42 -28.34
CA GLY B 387 -28.54 65.13 -28.37
C GLY B 387 -29.70 64.47 -27.66
N LEU B 388 -29.60 63.17 -27.40
CA LEU B 388 -30.69 62.43 -26.75
C LEU B 388 -30.86 62.83 -25.30
N ALA B 389 -32.09 62.79 -24.81
CA ALA B 389 -32.39 63.02 -23.40
C ALA B 389 -31.84 61.86 -22.58
N HIS B 390 -31.45 62.13 -21.34
CA HIS B 390 -30.92 61.09 -20.46
C HIS B 390 -31.85 59.89 -20.31
N ASP B 391 -33.15 60.13 -20.38
CA ASP B 391 -34.14 59.05 -20.25
C ASP B 391 -34.84 58.66 -21.54
N ALA B 392 -34.22 58.95 -22.69
CA ALA B 392 -34.73 58.44 -23.95
C ALA B 392 -34.74 56.91 -23.92
N PRO B 393 -35.90 56.29 -24.17
CA PRO B 393 -36.05 54.84 -24.11
C PRO B 393 -34.87 54.04 -24.66
N ILE B 394 -34.33 54.44 -25.82
CA ILE B 394 -33.20 53.74 -26.44
C ILE B 394 -31.94 53.77 -25.58
N VAL B 395 -31.70 54.88 -24.90
CA VAL B 395 -30.54 55.05 -24.02
C VAL B 395 -30.64 54.11 -22.82
N HIS B 396 -31.86 53.91 -22.33
CA HIS B 396 -32.10 53.03 -21.18
C HIS B 396 -32.08 51.53 -21.55
N THR B 397 -32.05 51.23 -22.84
CA THR B 397 -32.01 49.85 -23.33
C THR B 397 -30.58 49.43 -23.62
N GLU B 398 -30.21 48.21 -23.23
CA GLU B 398 -28.93 47.65 -23.67
C GLU B 398 -29.10 47.09 -25.08
N THR B 399 -28.47 47.75 -26.05
CA THR B 399 -28.35 47.18 -27.38
C THR B 399 -26.90 46.76 -27.54
N PHE B 400 -26.69 45.47 -27.74
CA PHE B 400 -25.36 44.86 -27.73
C PHE B 400 -24.56 45.14 -29.01
N VAL B 401 -24.37 46.43 -29.29
CA VAL B 401 -23.83 46.92 -30.55
C VAL B 401 -22.96 48.18 -30.32
N PRO B 402 -22.03 48.48 -31.26
CA PRO B 402 -21.12 49.62 -31.06
C PRO B 402 -21.76 51.00 -31.31
N ILE B 403 -22.74 51.34 -30.47
CA ILE B 403 -23.31 52.68 -30.47
C ILE B 403 -23.02 53.31 -29.11
N LEU B 404 -22.55 54.56 -29.14
CA LEU B 404 -22.28 55.31 -27.93
C LEU B 404 -23.21 56.52 -27.83
N TYR B 405 -24.02 56.56 -26.77
CA TYR B 405 -24.94 57.66 -26.55
C TYR B 405 -24.28 58.72 -25.66
N VAL B 406 -24.21 59.96 -26.16
CA VAL B 406 -23.54 61.04 -25.44
C VAL B 406 -24.56 61.95 -24.76
N LEU B 407 -24.40 62.10 -23.45
CA LEU B 407 -25.27 62.90 -22.61
C LEU B 407 -24.52 64.13 -22.10
N LYS B 408 -25.23 65.25 -22.01
CA LYS B 408 -24.67 66.50 -21.51
C LYS B 408 -25.27 66.79 -20.13
N PHE B 409 -24.40 67.03 -19.14
CA PHE B 409 -24.85 67.30 -17.78
C PHE B 409 -24.21 68.54 -17.18
N LYS B 410 -24.77 69.01 -16.06
CA LYS B 410 -24.25 70.16 -15.36
C LYS B 410 -23.81 69.80 -13.93
N THR B 411 -24.76 69.38 -13.09
CA THR B 411 -24.46 69.10 -11.68
C THR B 411 -23.99 67.66 -11.45
N GLU B 412 -23.20 67.47 -10.39
CA GLU B 412 -22.80 66.14 -9.96
C GLU B 412 -24.01 65.29 -9.59
N GLU B 413 -24.96 65.89 -8.88
CA GLU B 413 -26.18 65.20 -8.49
C GLU B 413 -26.88 64.57 -9.68
N GLU B 414 -27.01 65.34 -10.76
CA GLU B 414 -27.60 64.90 -12.03
C GLU B 414 -26.94 63.64 -12.60
N ALA B 415 -25.63 63.73 -12.81
CA ALA B 415 -24.88 62.65 -13.43
C ALA B 415 -25.03 61.37 -12.63
N PHE B 416 -24.83 61.46 -11.31
CA PHE B 416 -24.97 60.31 -10.42
C PHE B 416 -26.35 59.68 -10.55
N ALA B 417 -27.40 60.52 -10.49
CA ALA B 417 -28.78 60.04 -10.64
C ALA B 417 -29.03 59.38 -11.99
N TRP B 418 -28.51 59.96 -13.07
CA TRP B 418 -28.70 59.39 -14.40
C TRP B 418 -27.99 58.05 -14.53
N ASN B 419 -26.80 57.95 -13.94
CA ASN B 419 -26.09 56.68 -13.89
C ASN B 419 -26.95 55.61 -13.23
N ASN B 420 -27.65 55.97 -12.16
CA ASN B 420 -28.43 55.03 -11.35
C ASN B 420 -29.85 54.76 -11.83
N GLU B 421 -30.39 55.68 -12.65
CA GLU B 421 -31.79 55.64 -13.05
C GLU B 421 -32.20 54.42 -13.90
N VAL B 422 -31.24 53.81 -14.59
CA VAL B 422 -31.51 52.67 -15.45
C VAL B 422 -31.71 51.39 -14.64
N GLN B 423 -32.23 50.35 -15.28
CA GLN B 423 -32.49 49.09 -14.60
C GLN B 423 -31.25 48.20 -14.47
N GLN B 424 -30.28 48.39 -15.37
CA GLN B 424 -29.00 47.69 -15.31
C GLN B 424 -28.12 48.27 -14.20
N GLY B 425 -27.13 47.51 -13.75
CA GLY B 425 -26.24 47.99 -12.71
C GLY B 425 -24.92 47.28 -12.65
N LEU B 426 -24.32 47.03 -13.82
CA LEU B 426 -23.04 46.35 -13.87
C LEU B 426 -21.87 47.30 -13.56
N SER B 427 -21.46 48.09 -14.55
CA SER B 427 -20.25 48.90 -14.43
C SER B 427 -20.48 50.41 -14.54
N SER B 428 -19.56 51.18 -13.95
CA SER B 428 -19.66 52.64 -13.96
C SER B 428 -18.31 53.29 -13.70
N SER B 429 -18.09 54.46 -14.30
CA SER B 429 -16.85 55.21 -14.13
C SER B 429 -17.09 56.72 -14.07
N ILE B 430 -16.31 57.39 -13.22
CA ILE B 430 -16.21 58.84 -13.31
C ILE B 430 -14.75 59.24 -13.55
N PHE B 431 -14.57 60.31 -14.32
CA PHE B 431 -13.26 60.86 -14.55
C PHE B 431 -13.22 62.24 -13.92
N THR B 432 -12.35 62.40 -12.93
CA THR B 432 -12.28 63.61 -12.13
C THR B 432 -10.95 63.66 -11.38
N LYS B 433 -10.59 64.84 -10.90
CA LYS B 433 -9.41 65.02 -10.04
C LYS B 433 -9.80 65.38 -8.61
N ASP B 434 -11.12 65.46 -8.38
CA ASP B 434 -11.65 65.94 -7.10
C ASP B 434 -11.73 64.84 -6.04
N LEU B 435 -10.90 64.97 -5.01
CA LEU B 435 -10.80 64.00 -3.91
C LEU B 435 -12.15 63.67 -3.27
N GLY B 436 -12.92 64.70 -2.94
CA GLY B 436 -14.23 64.55 -2.33
C GLY B 436 -15.22 63.83 -3.23
N ARG B 437 -15.21 64.16 -4.52
CA ARG B 437 -16.09 63.53 -5.50
C ARG B 437 -15.84 62.03 -5.62
N VAL B 438 -14.57 61.65 -5.64
CA VAL B 438 -14.15 60.25 -5.71
C VAL B 438 -14.81 59.39 -4.63
N PHE B 439 -14.72 59.84 -3.38
CA PHE B 439 -15.28 59.09 -2.25
C PHE B 439 -16.78 59.20 -2.12
N ARG B 440 -17.37 60.30 -2.61
CA ARG B 440 -18.84 60.39 -2.69
C ARG B 440 -19.38 59.37 -3.69
N TRP B 441 -18.71 59.26 -4.84
CA TRP B 441 -19.00 58.28 -5.89
C TRP B 441 -18.92 56.82 -5.37
N LEU B 442 -17.98 56.57 -4.46
CA LEU B 442 -17.78 55.26 -3.87
C LEU B 442 -18.75 54.97 -2.71
N GLY B 443 -19.23 56.03 -2.06
CA GLY B 443 -20.12 55.89 -0.92
C GLY B 443 -21.58 55.63 -1.26
N PRO B 444 -22.46 55.74 -0.24
CA PRO B 444 -23.89 55.40 -0.29
C PRO B 444 -24.77 56.25 -1.21
N LYS B 445 -24.34 57.47 -1.53
CA LYS B 445 -25.08 58.33 -2.46
C LYS B 445 -24.34 58.46 -3.80
N GLY B 446 -23.48 57.49 -4.09
CA GLY B 446 -22.78 57.45 -5.36
C GLY B 446 -23.37 56.42 -6.30
N SER B 447 -22.50 55.75 -7.04
CA SER B 447 -22.90 54.70 -7.98
C SER B 447 -23.59 53.51 -7.32
N ASP B 448 -24.58 52.94 -8.01
CA ASP B 448 -25.29 51.77 -7.51
C ASP B 448 -24.88 50.48 -8.22
N CYS B 449 -23.73 50.52 -8.89
CA CYS B 449 -23.25 49.39 -9.69
C CYS B 449 -22.36 48.46 -8.91
N GLY B 450 -22.08 47.29 -9.49
CA GLY B 450 -21.17 46.32 -8.91
C GLY B 450 -19.72 46.69 -9.13
N ILE B 451 -19.45 47.37 -10.24
CA ILE B 451 -18.13 47.89 -10.54
C ILE B 451 -18.19 49.42 -10.53
N VAL B 452 -17.38 50.05 -9.69
CA VAL B 452 -17.43 51.49 -9.49
C VAL B 452 -16.02 52.07 -9.63
N ASN B 453 -15.70 52.57 -10.82
CA ASN B 453 -14.33 52.95 -11.16
C ASN B 453 -14.10 54.45 -11.19
N VAL B 454 -12.85 54.84 -10.99
CA VAL B 454 -12.44 56.24 -11.03
C VAL B 454 -11.21 56.38 -11.94
N ASN B 455 -11.33 57.20 -12.98
CA ASN B 455 -10.24 57.46 -13.96
C ASN B 455 -9.75 56.24 -14.73
N ILE B 456 -10.56 55.19 -14.71
CA ILE B 456 -10.38 54.01 -15.55
C ILE B 456 -11.79 53.70 -16.08
N PRO B 457 -11.89 53.26 -17.36
CA PRO B 457 -13.18 53.02 -18.00
C PRO B 457 -14.02 51.93 -17.36
N THR B 458 -15.12 51.58 -18.00
CA THR B 458 -16.09 50.62 -17.49
C THR B 458 -15.67 49.16 -17.63
N SER B 459 -14.66 48.89 -18.45
CA SER B 459 -14.17 47.53 -18.66
C SER B 459 -12.91 47.20 -17.85
N GLY B 460 -12.50 48.13 -17.00
CA GLY B 460 -11.39 47.89 -16.05
C GLY B 460 -11.78 47.01 -14.87
N ALA B 461 -11.39 45.73 -14.97
CA ALA B 461 -11.68 44.73 -13.93
C ALA B 461 -10.66 43.59 -13.94
N GLU B 462 -10.25 43.17 -12.74
CA GLU B 462 -9.24 42.13 -12.59
C GLU B 462 -9.70 40.98 -11.69
N ILE B 463 -8.99 39.86 -11.81
CA ILE B 463 -9.27 38.63 -11.10
C ILE B 463 -9.45 38.76 -9.58
N GLY B 464 -8.61 39.56 -8.94
CA GLY B 464 -8.62 39.72 -7.49
C GLY B 464 -9.93 40.14 -6.85
N GLY B 465 -10.75 40.88 -7.59
CA GLY B 465 -12.01 41.38 -7.06
C GLY B 465 -13.22 40.62 -7.55
N ALA B 466 -14.31 40.69 -6.79
CA ALA B 466 -15.58 40.08 -7.20
C ALA B 466 -16.09 40.81 -8.43
N PHE B 467 -16.60 40.05 -9.39
CA PHE B 467 -17.12 40.64 -10.63
C PHE B 467 -18.61 40.39 -10.78
N GLY B 468 -19.36 41.45 -10.99
CA GLY B 468 -20.80 41.31 -11.20
C GLY B 468 -21.51 42.61 -10.92
N GLY B 469 -22.82 42.60 -11.13
CA GLY B 469 -23.60 43.83 -11.03
C GLY B 469 -24.78 43.74 -10.09
N GLU B 470 -25.57 44.81 -10.06
CA GLU B 470 -26.73 44.91 -9.19
C GLU B 470 -27.98 45.10 -10.02
N LYS B 471 -29.11 45.33 -9.35
CA LYS B 471 -30.39 45.52 -10.04
C LYS B 471 -30.61 44.46 -11.12
N HIS B 472 -30.92 44.88 -12.35
CA HIS B 472 -31.23 43.95 -13.43
C HIS B 472 -30.03 43.14 -13.95
N THR B 473 -28.83 43.47 -13.47
CA THR B 473 -27.63 42.69 -13.84
C THR B 473 -27.60 41.36 -13.09
N GLY B 474 -28.32 41.27 -11.99
CA GLY B 474 -28.66 39.97 -11.39
C GLY B 474 -28.10 39.56 -10.04
N GLY B 475 -27.15 40.32 -9.52
CA GLY B 475 -26.62 40.07 -8.16
C GLY B 475 -25.42 39.15 -8.04
N GLY B 476 -25.25 38.23 -8.98
CA GLY B 476 -24.15 37.27 -8.93
C GLY B 476 -22.78 37.90 -8.98
N ARG B 477 -21.78 37.17 -8.47
CA ARG B 477 -20.39 37.58 -8.50
C ARG B 477 -19.49 36.44 -8.96
N GLU B 478 -18.43 36.77 -9.71
CA GLU B 478 -17.49 35.79 -10.21
C GLU B 478 -16.06 36.15 -9.85
N SER B 479 -15.23 35.11 -9.74
CA SER B 479 -13.78 35.22 -9.52
C SER B 479 -13.38 35.63 -8.08
N GLY B 480 -13.14 36.93 -7.87
CA GLY B 480 -12.39 37.40 -6.69
C GLY B 480 -13.14 37.57 -5.39
N SER B 481 -12.44 38.13 -4.40
CA SER B 481 -12.95 38.28 -3.03
C SER B 481 -13.53 36.96 -2.51
N ASP B 482 -14.69 37.00 -1.89
CA ASP B 482 -15.31 35.77 -1.41
C ASP B 482 -16.43 35.25 -2.33
N SER B 483 -16.24 35.44 -3.63
CA SER B 483 -17.19 34.95 -4.62
C SER B 483 -17.45 33.46 -4.46
N TRP B 484 -16.40 32.73 -4.05
CA TRP B 484 -16.47 31.27 -3.90
C TRP B 484 -17.66 30.80 -3.06
N LYS B 485 -18.06 31.60 -2.08
CA LYS B 485 -19.16 31.22 -1.20
C LYS B 485 -20.44 30.86 -1.94
N GLN B 486 -20.62 31.41 -3.14
CA GLN B 486 -21.82 31.17 -3.92
C GLN B 486 -21.84 29.74 -4.44
N TYR B 487 -20.65 29.13 -4.43
CA TYR B 487 -20.45 27.78 -4.97
C TYR B 487 -20.45 26.74 -3.85
N MET B 488 -20.79 27.15 -2.64
CA MET B 488 -20.76 26.27 -1.47
C MET B 488 -21.93 26.57 -0.56
N ARG B 489 -22.22 25.64 0.35
CA ARG B 489 -23.25 25.87 1.36
C ARG B 489 -22.62 26.06 2.74
N ARG B 490 -23.10 27.08 3.44
CA ARG B 490 -22.68 27.39 4.80
C ARG B 490 -23.44 26.54 5.79
N SER B 491 -22.73 26.01 6.79
CA SER B 491 -23.38 25.39 7.93
C SER B 491 -22.77 25.91 9.22
N THR B 492 -23.64 26.33 10.13
CA THR B 492 -23.23 26.77 11.46
C THR B 492 -23.27 25.56 12.41
N CYS B 493 -22.11 25.15 12.88
CA CYS B 493 -21.99 23.88 13.61
C CYS B 493 -21.61 24.05 15.08
N THR B 494 -22.45 23.52 15.96
CA THR B 494 -22.16 23.55 17.39
C THR B 494 -21.87 22.13 17.85
N ILE B 495 -20.69 21.94 18.44
CA ILE B 495 -20.29 20.64 18.94
C ILE B 495 -20.16 20.68 20.47
N ASN B 496 -21.05 19.96 21.13
CA ASN B 496 -20.99 19.77 22.57
C ASN B 496 -20.09 18.58 22.86
N TYR B 497 -18.96 18.84 23.52
CA TYR B 497 -18.00 17.80 23.83
C TYR B 497 -17.85 17.56 25.33
N SER B 498 -18.64 18.27 26.13
CA SER B 498 -18.58 18.16 27.58
C SER B 498 -19.43 17.00 28.06
N LYS B 499 -19.29 16.67 29.35
CA LYS B 499 -20.12 15.67 30.01
C LYS B 499 -21.37 16.30 30.64
N ASP B 500 -21.47 17.64 30.60
CA ASP B 500 -22.61 18.39 31.16
C ASP B 500 -23.96 17.90 30.64
N LEU B 501 -24.92 17.80 31.56
CA LEU B 501 -26.29 17.46 31.20
C LEU B 501 -27.17 18.72 31.30
N PRO B 502 -28.27 18.78 30.51
CA PRO B 502 -29.13 19.95 30.63
C PRO B 502 -29.93 19.89 31.92
N LEU B 503 -30.33 21.07 32.42
CA LEU B 503 -31.12 21.17 33.64
C LEU B 503 -32.39 20.33 33.51
N ALA B 504 -32.68 19.55 34.53
CA ALA B 504 -33.87 18.70 34.55
C ALA B 504 -35.16 19.52 34.66
N GLN B 505 -35.03 20.72 35.23
CA GLN B 505 -36.15 21.64 35.52
C GLN B 505 -37.47 20.97 35.98
N GLY B 506 -37.37 20.18 37.05
CA GLY B 506 -38.54 19.58 37.71
C GLY B 506 -38.87 18.14 37.31
N ILE B 507 -38.37 17.71 36.16
CA ILE B 507 -38.62 16.35 35.68
C ILE B 507 -37.53 15.39 36.15
N LYS B 508 -37.95 14.24 36.69
CA LYS B 508 -37.03 13.18 37.05
C LYS B 508 -36.78 12.22 35.89
N PHE B 509 -35.50 11.94 35.64
CA PHE B 509 -35.10 10.98 34.62
C PHE B 509 -34.35 9.83 35.30
N SER C 1 -2.17 74.72 52.63
CA SER C 1 -3.14 74.31 53.68
C SER C 1 -3.78 72.96 53.33
N GLY C 2 -3.09 71.90 53.75
CA GLY C 2 -3.62 70.54 53.74
C GLY C 2 -3.86 69.91 52.39
N LEU C 3 -4.44 68.71 52.42
CA LEU C 3 -4.80 67.98 51.21
C LEU C 3 -6.08 68.54 50.62
N LEU C 4 -6.13 68.59 49.30
CA LEU C 4 -7.31 69.05 48.59
C LEU C 4 -8.56 68.25 48.95
N ILE C 5 -8.41 66.93 49.07
CA ILE C 5 -9.55 66.04 49.32
C ILE C 5 -10.34 66.39 50.59
N ASN C 6 -9.64 66.92 51.60
CA ASN C 6 -10.28 67.33 52.86
C ASN C 6 -11.12 68.61 52.79
N GLN C 7 -10.91 69.39 51.73
CA GLN C 7 -11.71 70.59 51.51
C GLN C 7 -13.06 70.23 50.86
N PRO C 8 -14.15 70.93 51.28
CA PRO C 8 -15.50 70.68 50.75
C PRO C 8 -15.61 70.87 49.23
N LYS C 9 -14.88 71.86 48.70
CA LYS C 9 -14.78 72.15 47.27
C LYS C 9 -14.45 70.90 46.43
N TYR C 10 -13.90 69.88 47.10
CA TYR C 10 -13.39 68.69 46.46
C TYR C 10 -13.99 67.37 46.99
N SER C 11 -15.15 67.46 47.63
CA SER C 11 -15.73 66.27 48.23
C SER C 11 -16.35 65.31 47.21
N TRP C 12 -16.42 65.74 45.95
CA TRP C 12 -16.86 64.85 44.86
C TRP C 12 -15.89 63.69 44.66
N LEU C 13 -14.63 63.88 45.07
CA LEU C 13 -13.62 62.83 45.02
C LEU C 13 -14.03 61.60 45.85
N LYS C 14 -14.94 61.79 46.81
CA LYS C 14 -15.37 60.70 47.68
C LYS C 14 -16.34 59.78 46.98
N GLU C 15 -16.98 60.31 45.92
CA GLU C 15 -17.85 59.51 45.06
C GLU C 15 -17.06 58.47 44.27
N LEU C 16 -15.77 58.70 44.10
CA LEU C 16 -14.89 57.75 43.42
C LEU C 16 -14.30 56.72 44.37
N GLY C 17 -14.72 56.79 45.63
CA GLY C 17 -14.26 55.88 46.67
C GLY C 17 -12.88 56.25 47.20
N LEU C 18 -12.50 57.51 47.04
CA LEU C 18 -11.18 57.98 47.45
C LEU C 18 -11.22 58.64 48.81
N SER C 19 -10.09 58.56 49.50
CA SER C 19 -9.94 59.03 50.86
C SER C 19 -8.59 59.75 51.00
N GLU C 20 -8.28 60.24 52.19
CA GLU C 20 -6.98 60.86 52.48
C GLU C 20 -5.81 59.95 52.08
N ASP C 21 -5.77 58.75 52.67
CA ASP C 21 -4.84 57.72 52.24
C ASP C 21 -5.60 56.64 51.50
N ASN C 22 -4.96 56.11 50.47
CA ASN C 22 -5.58 55.10 49.62
C ASN C 22 -4.67 53.89 49.44
N PRO C 23 -5.23 52.67 49.54
CA PRO C 23 -4.48 51.44 49.22
C PRO C 23 -4.15 51.40 47.73
N GLY C 24 -2.89 51.09 47.42
CA GLY C 24 -2.43 51.06 46.03
C GLY C 24 -2.35 49.67 45.45
N VAL C 25 -2.70 48.67 46.26
CA VAL C 25 -2.77 47.28 45.80
C VAL C 25 -4.20 46.77 45.83
N TYR C 26 -4.63 46.16 44.73
CA TYR C 26 -5.86 45.38 44.70
C TYR C 26 -5.65 44.05 43.98
N ASN C 27 -6.07 42.96 44.61
CA ASN C 27 -5.95 41.62 44.04
C ASN C 27 -7.07 40.71 44.50
N GLY C 28 -8.26 41.30 44.68
CA GLY C 28 -9.37 40.63 45.34
C GLY C 28 -9.59 41.24 46.71
N SER C 29 -8.51 41.71 47.33
CA SER C 29 -8.58 42.51 48.54
C SER C 29 -7.62 43.70 48.44
N TRP C 30 -7.93 44.77 49.15
CA TRP C 30 -7.17 46.01 49.06
C TRP C 30 -6.09 46.10 50.13
N GLY C 31 -4.98 46.74 49.80
CA GLY C 31 -3.87 46.93 50.71
C GLY C 31 -2.71 47.66 50.05
N GLY C 32 -1.50 47.45 50.58
CA GLY C 32 -0.29 48.12 50.13
C GLY C 32 0.43 48.75 51.30
N SER C 33 1.72 48.48 51.41
CA SER C 33 2.51 48.95 52.54
C SER C 33 3.90 49.37 52.10
N GLY C 34 4.03 49.69 50.81
CA GLY C 34 5.27 50.25 50.27
C GLY C 34 5.32 51.74 50.52
N GLU C 35 6.11 52.43 49.67
CA GLU C 35 6.28 53.89 49.72
C GLU C 35 4.94 54.62 49.58
N VAL C 36 4.72 55.61 50.43
CA VAL C 36 3.53 56.44 50.36
C VAL C 36 3.82 57.58 49.41
N ILE C 37 3.07 57.67 48.33
CA ILE C 37 3.27 58.77 47.37
C ILE C 37 2.14 59.80 47.50
N THR C 38 2.48 61.07 47.31
CA THR C 38 1.52 62.14 47.40
C THR C 38 1.29 62.69 46.00
N SER C 39 0.04 62.64 45.56
CA SER C 39 -0.31 63.07 44.21
C SER C 39 -0.68 64.57 44.18
N TYR C 40 0.03 65.32 43.35
CA TYR C 40 -0.13 66.76 43.30
C TYR C 40 -0.93 67.20 42.09
N CYS C 41 -1.75 68.22 42.26
CA CYS C 41 -2.50 68.84 41.16
C CYS C 41 -1.60 69.82 40.40
N PRO C 42 -1.26 69.50 39.14
CA PRO C 42 -0.31 70.31 38.36
C PRO C 42 -0.77 71.74 38.06
N ALA C 43 -2.03 72.04 38.37
CA ALA C 43 -2.61 73.36 38.12
C ALA C 43 -2.28 74.38 39.22
N ASN C 44 -1.95 73.90 40.41
CA ASN C 44 -1.62 74.76 41.54
C ASN C 44 -0.57 74.18 42.49
N ASN C 45 -0.01 73.02 42.12
CA ASN C 45 1.01 72.34 42.93
C ASN C 45 0.58 72.01 44.36
N GLU C 46 -0.74 71.92 44.56
CA GLU C 46 -1.31 71.53 45.83
C GLU C 46 -1.46 70.01 45.93
N PRO C 47 -1.20 69.42 47.10
CA PRO C 47 -1.39 67.97 47.25
C PRO C 47 -2.87 67.60 47.27
N ILE C 48 -3.21 66.53 46.55
CA ILE C 48 -4.59 66.08 46.45
C ILE C 48 -4.89 65.07 47.55
N ALA C 49 -4.14 63.97 47.54
CA ALA C 49 -4.28 62.88 48.51
C ALA C 49 -3.12 61.89 48.32
N ARG C 50 -3.03 60.89 49.18
CA ARG C 50 -1.91 59.95 49.14
C ARG C 50 -2.35 58.56 48.69
N VAL C 51 -1.39 57.81 48.15
CA VAL C 51 -1.59 56.40 47.78
C VAL C 51 -0.40 55.57 48.28
N THR C 52 -0.69 54.46 48.95
CA THR C 52 0.35 53.58 49.47
C THR C 52 0.64 52.53 48.41
N GLN C 53 1.84 52.62 47.85
CA GLN C 53 2.25 51.74 46.76
C GLN C 53 2.60 50.33 47.24
N ALA C 54 2.87 49.44 46.30
CA ALA C 54 3.13 48.05 46.61
C ALA C 54 4.58 47.82 46.96
N THR C 55 4.82 46.87 47.87
CA THR C 55 6.17 46.33 48.07
C THR C 55 6.36 45.21 47.06
N LEU C 56 7.61 44.82 46.83
CA LEU C 56 7.90 43.70 45.94
C LEU C 56 7.14 42.46 46.39
N ALA C 57 7.15 42.21 47.70
CA ALA C 57 6.43 41.09 48.29
C ALA C 57 4.92 41.14 48.01
N GLU C 58 4.36 42.35 47.98
CA GLU C 58 2.95 42.52 47.68
C GLU C 58 2.67 42.33 46.18
N TYR C 59 3.60 42.78 45.33
CA TYR C 59 3.55 42.47 43.90
C TYR C 59 3.57 40.96 43.69
N GLU C 60 4.58 40.33 44.29
CA GLU C 60 4.76 38.88 44.28
C GLU C 60 3.45 38.14 44.62
N GLU C 61 2.80 38.55 45.70
CA GLU C 61 1.57 37.93 46.14
C GLU C 61 0.43 38.18 45.17
N THR C 62 0.45 39.35 44.51
CA THR C 62 -0.58 39.73 43.57
C THR C 62 -0.52 38.87 42.30
N VAL C 63 0.69 38.53 41.88
CA VAL C 63 0.88 37.68 40.71
C VAL C 63 0.34 36.26 40.94
N GLN C 64 0.55 35.72 42.13
CA GLN C 64 0.02 34.40 42.50
C GLN C 64 -1.51 34.37 42.52
N LYS C 65 -2.13 35.39 43.12
CA LYS C 65 -3.59 35.50 43.17
C LYS C 65 -4.18 35.70 41.77
N THR C 66 -3.47 36.44 40.93
CA THR C 66 -3.86 36.65 39.53
C THR C 66 -3.84 35.35 38.74
N ARG C 67 -2.70 34.64 38.79
CA ARG C 67 -2.55 33.32 38.16
C ARG C 67 -3.66 32.33 38.55
N GLU C 68 -4.04 32.34 39.82
CA GLU C 68 -5.08 31.48 40.36
C GLU C 68 -6.46 31.86 39.82
N ALA C 69 -6.72 33.18 39.74
CA ALA C 69 -7.96 33.69 39.19
C ALA C 69 -8.13 33.32 37.71
N TRP C 70 -7.03 33.26 36.97
CA TRP C 70 -7.06 32.96 35.55
C TRP C 70 -7.69 31.61 35.29
N LYS C 71 -7.36 30.64 36.14
CA LYS C 71 -7.87 29.27 36.02
C LYS C 71 -9.38 29.23 35.81
N MET C 72 -10.13 29.92 36.66
CA MET C 72 -11.58 29.94 36.53
C MET C 72 -12.06 30.87 35.39
N TRP C 73 -11.33 31.96 35.19
CA TRP C 73 -11.67 32.96 34.20
C TRP C 73 -11.54 32.44 32.76
N ALA C 74 -10.45 31.72 32.48
CA ALA C 74 -10.21 31.14 31.17
C ALA C 74 -11.27 30.11 30.75
N ASP C 75 -11.97 29.55 31.75
CA ASP C 75 -13.01 28.54 31.53
C ASP C 75 -14.36 29.16 31.18
N ILE C 76 -14.46 30.48 31.31
CA ILE C 76 -15.69 31.20 30.99
C ILE C 76 -15.68 31.57 29.51
N PRO C 77 -16.71 31.11 28.76
CA PRO C 77 -16.89 31.41 27.34
C PRO C 77 -16.71 32.90 27.03
N ALA C 78 -16.15 33.19 25.84
CA ALA C 78 -15.83 34.56 25.45
C ALA C 78 -17.04 35.52 25.47
N PRO C 79 -18.18 35.11 24.89
CA PRO C 79 -19.34 36.00 24.97
C PRO C 79 -19.76 36.33 26.41
N LYS C 80 -19.56 35.39 27.34
CA LYS C 80 -19.88 35.64 28.76
C LYS C 80 -18.86 36.54 29.44
N ARG C 81 -17.62 36.49 28.97
CA ARG C 81 -16.60 37.45 29.41
C ARG C 81 -16.94 38.85 28.89
N GLY C 82 -17.51 38.91 27.69
CA GLY C 82 -17.93 40.17 27.07
C GLY C 82 -19.03 40.83 27.86
N GLU C 83 -19.90 40.01 28.44
CA GLU C 83 -20.94 40.48 29.34
C GLU C 83 -20.35 41.21 30.56
N ILE C 84 -19.24 40.71 31.07
CA ILE C 84 -18.50 41.42 32.12
C ILE C 84 -17.95 42.75 31.59
N VAL C 85 -17.30 42.71 30.43
CA VAL C 85 -16.74 43.91 29.81
C VAL C 85 -17.83 44.96 29.57
N ARG C 86 -19.01 44.51 29.11
CA ARG C 86 -20.17 45.38 28.91
C ARG C 86 -20.53 46.16 30.17
N GLN C 87 -20.55 45.44 31.30
CA GLN C 87 -20.91 46.03 32.58
C GLN C 87 -19.85 46.99 33.10
N ILE C 88 -18.58 46.67 32.86
CA ILE C 88 -17.51 47.62 33.12
C ILE C 88 -17.79 48.91 32.36
N GLY C 89 -18.14 48.79 31.08
CA GLY C 89 -18.49 49.94 30.25
C GLY C 89 -19.58 50.80 30.88
N ASP C 90 -20.60 50.13 31.41
CA ASP C 90 -21.74 50.81 32.04
C ASP C 90 -21.41 51.43 33.37
N ALA C 91 -20.62 50.71 34.17
CA ALA C 91 -20.18 51.21 35.47
C ALA C 91 -19.39 52.51 35.29
N LEU C 92 -18.55 52.53 34.26
CA LEU C 92 -17.77 53.72 33.90
C LEU C 92 -18.68 54.86 33.46
N ARG C 93 -19.68 54.51 32.65
CA ARG C 93 -20.64 55.48 32.12
C ARG C 93 -21.32 56.27 33.24
N LYS C 94 -21.68 55.56 34.31
CA LYS C 94 -22.28 56.18 35.47
C LYS C 94 -21.37 57.18 36.16
N LYS C 95 -20.06 56.91 36.16
CA LYS C 95 -19.11 57.77 36.87
C LYS C 95 -18.32 58.69 35.94
N ILE C 96 -18.78 58.86 34.71
CA ILE C 96 -18.00 59.56 33.68
C ILE C 96 -17.54 60.97 34.08
N LYS C 97 -18.45 61.74 34.69
CA LYS C 97 -18.18 63.14 35.03
C LYS C 97 -17.11 63.27 36.10
N VAL C 98 -17.30 62.57 37.22
CA VAL C 98 -16.36 62.63 38.34
C VAL C 98 -14.99 61.99 38.05
N LEU C 99 -15.00 60.93 37.25
CA LEU C 99 -13.76 60.29 36.84
C LEU C 99 -13.02 61.20 35.87
N GLY C 100 -13.77 61.83 34.96
CA GLY C 100 -13.21 62.80 34.04
C GLY C 100 -12.59 63.96 34.79
N SER C 101 -13.29 64.41 35.82
CA SER C 101 -12.82 65.47 36.71
C SER C 101 -11.52 65.12 37.43
N LEU C 102 -11.43 63.88 37.92
CA LEU C 102 -10.19 63.39 38.54
C LEU C 102 -9.02 63.39 37.55
N VAL C 103 -9.25 62.92 36.33
CA VAL C 103 -8.19 62.92 35.31
C VAL C 103 -7.70 64.34 35.13
N SER C 104 -8.65 65.26 34.96
CA SER C 104 -8.35 66.67 34.81
C SER C 104 -7.56 67.27 35.99
N LEU C 105 -7.92 66.88 37.20
CA LEU C 105 -7.30 67.37 38.41
C LEU C 105 -5.90 66.79 38.63
N GLU C 106 -5.75 65.48 38.39
CA GLU C 106 -4.50 64.77 38.69
C GLU C 106 -3.49 64.79 37.55
N MET C 107 -3.96 64.75 36.30
CA MET C 107 -3.05 64.77 35.15
C MET C 107 -2.82 66.19 34.61
N GLY C 108 -3.89 66.98 34.53
CA GLY C 108 -3.77 68.38 34.16
C GLY C 108 -4.49 68.77 32.89
N LYS C 109 -5.04 67.79 32.18
CA LYS C 109 -5.74 68.03 30.91
C LYS C 109 -7.12 68.63 31.18
N ILE C 110 -7.67 69.36 30.21
CA ILE C 110 -8.95 70.05 30.41
C ILE C 110 -10.09 69.08 30.65
N TYR C 111 -11.10 69.53 31.40
CA TYR C 111 -12.22 68.69 31.81
C TYR C 111 -12.85 67.90 30.67
N VAL C 112 -13.19 68.57 29.57
CA VAL C 112 -13.83 67.91 28.46
C VAL C 112 -12.99 66.75 27.89
N GLU C 113 -11.67 66.91 27.91
CA GLU C 113 -10.74 65.85 27.49
C GLU C 113 -10.60 64.73 28.51
N GLY C 114 -10.78 65.07 29.79
CA GLY C 114 -10.84 64.06 30.86
C GLY C 114 -12.04 63.16 30.67
N VAL C 115 -13.17 63.77 30.35
CA VAL C 115 -14.40 63.06 30.03
C VAL C 115 -14.22 62.22 28.76
N GLY C 116 -13.60 62.82 27.74
CA GLY C 116 -13.34 62.14 26.48
C GLY C 116 -12.53 60.86 26.67
N GLU C 117 -11.55 60.92 27.56
CA GLU C 117 -10.70 59.77 27.85
C GLU C 117 -11.52 58.64 28.45
N VAL C 118 -12.43 58.96 29.36
CA VAL C 118 -13.31 57.96 29.97
C VAL C 118 -14.20 57.33 28.89
N GLN C 119 -14.68 58.17 27.97
CA GLN C 119 -15.50 57.70 26.84
C GLN C 119 -14.76 56.67 25.97
N GLU C 120 -13.46 56.86 25.78
CA GLU C 120 -12.62 55.91 25.04
C GLU C 120 -12.68 54.51 25.64
N TYR C 121 -12.65 54.45 26.97
CA TYR C 121 -12.75 53.17 27.68
C TYR C 121 -14.14 52.59 27.46
N VAL C 122 -15.16 53.42 27.67
CA VAL C 122 -16.56 53.03 27.49
C VAL C 122 -16.79 52.45 26.09
N ASP C 123 -16.37 53.19 25.07
CA ASP C 123 -16.53 52.82 23.68
C ASP C 123 -15.76 51.55 23.31
N VAL C 124 -14.56 51.37 23.86
CA VAL C 124 -13.78 50.16 23.57
C VAL C 124 -14.37 48.93 24.25
N CYS C 125 -15.09 49.15 25.35
CA CYS C 125 -15.81 48.06 26.00
C CYS C 125 -16.91 47.52 25.10
N ASP C 126 -17.73 48.42 24.55
CA ASP C 126 -18.81 48.05 23.63
C ASP C 126 -18.28 47.36 22.38
N TYR C 127 -17.14 47.84 21.87
CA TYR C 127 -16.43 47.20 20.77
C TYR C 127 -16.02 45.77 21.13
N ALA C 128 -15.47 45.61 22.34
CA ALA C 128 -15.02 44.30 22.82
C ALA C 128 -16.17 43.32 22.96
N VAL C 129 -17.37 43.82 23.28
CA VAL C 129 -18.56 42.99 23.40
C VAL C 129 -18.84 42.34 22.04
N GLY C 130 -18.70 43.12 20.97
CA GLY C 130 -18.79 42.60 19.61
C GLY C 130 -17.75 41.53 19.35
N LEU C 131 -16.51 41.79 19.76
CA LEU C 131 -15.40 40.87 19.53
C LEU C 131 -15.55 39.56 20.28
N SER C 132 -16.21 39.60 21.43
CA SER C 132 -16.37 38.43 22.27
C SER C 132 -17.12 37.30 21.57
N ARG C 133 -17.80 37.64 20.48
CA ARG C 133 -18.55 36.64 19.71
C ARG C 133 -17.90 36.39 18.38
N MET C 134 -16.69 36.93 18.20
CA MET C 134 -16.01 36.95 16.90
C MET C 134 -14.59 36.40 16.88
N ILE C 135 -13.83 36.67 17.92
CA ILE C 135 -12.42 36.26 17.98
C ILE C 135 -12.19 34.78 17.64
N GLY C 136 -11.14 34.53 16.86
CA GLY C 136 -10.82 33.18 16.43
C GLY C 136 -10.13 33.18 15.07
N GLY C 137 -9.74 32.00 14.62
CA GLY C 137 -9.07 31.85 13.33
C GLY C 137 -9.89 31.05 12.36
N PRO C 138 -9.40 30.90 11.12
CA PRO C 138 -10.14 30.18 10.09
C PRO C 138 -10.18 28.66 10.28
N VAL C 139 -11.27 28.04 9.82
CA VAL C 139 -11.27 26.61 9.52
C VAL C 139 -10.67 26.50 8.13
N LEU C 140 -9.65 25.65 8.00
CA LEU C 140 -8.90 25.56 6.76
C LEU C 140 -9.09 24.18 6.14
N PRO C 141 -9.03 24.11 4.79
CA PRO C 141 -9.15 22.81 4.15
C PRO C 141 -7.81 22.09 4.14
N SER C 142 -7.74 20.96 4.82
CA SER C 142 -6.52 20.15 4.86
C SER C 142 -6.31 19.45 3.52
N GLU C 143 -5.04 19.20 3.19
CA GLU C 143 -4.68 18.45 1.98
C GLU C 143 -4.78 16.95 2.20
N ARG C 144 -5.01 16.55 3.44
CA ARG C 144 -5.07 15.14 3.82
C ARG C 144 -6.53 14.69 3.96
N PRO C 145 -6.89 13.59 3.27
CA PRO C 145 -8.27 13.10 3.35
C PRO C 145 -8.59 12.70 4.78
N GLY C 146 -9.81 12.97 5.22
CA GLY C 146 -10.25 12.64 6.57
C GLY C 146 -9.45 13.32 7.67
N HIS C 147 -9.02 14.56 7.40
CA HIS C 147 -8.31 15.39 8.36
C HIS C 147 -8.96 16.78 8.44
N ALA C 148 -9.24 17.23 9.65
CA ALA C 148 -9.70 18.60 9.86
C ALA C 148 -8.50 19.48 10.23
N LEU C 149 -8.50 20.71 9.71
CA LEU C 149 -7.46 21.69 10.00
C LEU C 149 -8.07 22.99 10.46
N ILE C 150 -7.78 23.37 11.70
CA ILE C 150 -8.32 24.61 12.27
C ILE C 150 -7.25 25.48 12.96
N GLU C 151 -7.45 26.80 12.91
CA GLU C 151 -6.61 27.73 13.65
C GLU C 151 -7.31 28.13 14.95
N GLN C 152 -6.65 27.81 16.06
CA GLN C 152 -7.21 28.12 17.38
C GLN C 152 -6.50 29.28 18.04
N TRP C 153 -7.28 30.12 18.72
CA TRP C 153 -6.73 31.21 19.53
C TRP C 153 -7.12 31.04 20.98
N ASN C 154 -6.14 31.21 21.86
CA ASN C 154 -6.30 30.99 23.29
C ASN C 154 -5.62 32.09 24.09
N PRO C 155 -6.12 32.35 25.33
CA PRO C 155 -5.52 33.39 26.17
C PRO C 155 -4.05 33.13 26.40
N VAL C 156 -3.25 34.19 26.43
CA VAL C 156 -1.83 34.05 26.75
C VAL C 156 -1.65 33.77 28.24
N GLY C 157 -2.61 34.24 29.04
CA GLY C 157 -2.61 34.04 30.49
C GLY C 157 -2.76 35.36 31.23
N LEU C 158 -1.67 35.82 31.84
CA LEU C 158 -1.65 37.11 32.54
C LEU C 158 -1.03 38.22 31.69
N VAL C 159 -1.77 39.32 31.55
CA VAL C 159 -1.30 40.51 30.83
C VAL C 159 -0.87 41.60 31.82
N GLY C 160 0.42 41.87 31.88
CA GLY C 160 0.91 42.98 32.68
C GLY C 160 0.75 44.24 31.86
N ILE C 161 0.24 45.29 32.49
CA ILE C 161 0.02 46.56 31.79
C ILE C 161 0.69 47.70 32.52
N ILE C 162 1.67 48.31 31.87
CA ILE C 162 2.36 49.50 32.40
C ILE C 162 1.97 50.68 31.52
N THR C 163 1.42 51.71 32.15
CA THR C 163 0.86 52.86 31.43
C THR C 163 1.61 54.17 31.72
N ALA C 164 1.40 55.15 30.83
CA ALA C 164 2.00 56.47 30.94
C ALA C 164 1.10 57.41 31.74
N PHE C 165 1.64 58.59 32.06
CA PHE C 165 0.87 59.57 32.85
C PHE C 165 -0.23 60.28 32.04
N ASN C 166 0.02 60.49 30.75
CA ASN C 166 -0.79 61.42 29.98
C ASN C 166 -2.21 60.94 29.64
N PHE C 167 -2.38 59.63 29.55
CA PHE C 167 -3.70 59.03 29.41
C PHE C 167 -3.90 57.95 30.46
N PRO C 168 -4.16 58.36 31.73
CA PRO C 168 -4.18 57.44 32.88
C PRO C 168 -5.38 56.49 32.94
N VAL C 169 -6.44 56.80 32.20
CA VAL C 169 -7.60 55.92 32.11
C VAL C 169 -7.64 55.09 30.81
N ALA C 170 -7.53 55.77 29.67
CA ALA C 170 -7.79 55.16 28.36
C ALA C 170 -6.83 54.05 27.97
N VAL C 171 -5.53 54.25 28.21
CA VAL C 171 -4.54 53.28 27.78
C VAL C 171 -4.81 51.94 28.48
N TYR C 172 -5.00 52.01 29.80
CA TYR C 172 -5.41 50.83 30.57
C TYR C 172 -6.66 50.23 29.97
N GLY C 173 -7.66 51.07 29.72
CA GLY C 173 -8.94 50.66 29.16
C GLY C 173 -8.82 49.88 27.85
N TRP C 174 -8.10 50.45 26.90
CA TRP C 174 -7.87 49.82 25.60
C TRP C 174 -7.30 48.41 25.77
N ASN C 175 -6.44 48.24 26.77
CA ASN C 175 -5.81 46.96 27.03
C ASN C 175 -6.73 46.04 27.80
N ASN C 176 -7.39 46.60 28.81
CA ASN C 176 -8.26 45.85 29.71
C ASN C 176 -9.43 45.17 28.97
N ALA C 177 -10.17 45.97 28.19
CA ALA C 177 -11.34 45.49 27.48
C ALA C 177 -10.99 44.34 26.54
N ILE C 178 -9.89 44.50 25.80
CA ILE C 178 -9.46 43.47 24.87
C ILE C 178 -8.91 42.23 25.58
N ALA C 179 -8.00 42.44 26.52
CA ALA C 179 -7.37 41.32 27.24
C ALA C 179 -8.40 40.45 27.96
N LEU C 180 -9.33 41.11 28.66
CA LEU C 180 -10.44 40.43 29.34
C LEU C 180 -11.31 39.63 28.38
N THR C 181 -11.70 40.25 27.28
CA THR C 181 -12.48 39.58 26.24
C THR C 181 -11.75 38.34 25.73
N CYS C 182 -10.42 38.39 25.73
CA CYS C 182 -9.60 37.31 25.21
C CYS C 182 -9.25 36.25 26.26
N GLY C 183 -9.88 36.33 27.42
CA GLY C 183 -9.69 35.32 28.47
C GLY C 183 -8.40 35.44 29.28
N ASN C 184 -7.83 36.63 29.29
CA ASN C 184 -6.65 36.92 30.08
C ASN C 184 -7.03 37.60 31.38
N VAL C 185 -6.10 37.58 32.32
CA VAL C 185 -6.22 38.34 33.56
C VAL C 185 -5.17 39.44 33.50
N CYS C 186 -5.50 40.60 34.08
CA CYS C 186 -4.65 41.78 34.00
C CYS C 186 -3.98 42.12 35.33
N LEU C 187 -2.78 42.66 35.24
CA LEU C 187 -2.11 43.32 36.37
C LEU C 187 -1.67 44.70 35.93
N TRP C 188 -2.11 45.73 36.67
CA TRP C 188 -1.91 47.11 36.25
C TRP C 188 -0.98 47.93 37.15
N LYS C 189 0.11 48.43 36.57
CA LYS C 189 0.95 49.41 37.23
C LYS C 189 0.88 50.73 36.45
N GLY C 190 0.07 51.65 36.94
CA GLY C 190 -0.05 52.97 36.34
C GLY C 190 1.13 53.86 36.66
N ALA C 191 1.18 55.00 36.00
CA ALA C 191 2.24 55.99 36.20
C ALA C 191 2.24 56.49 37.63
N PRO C 192 3.45 56.64 38.23
CA PRO C 192 3.61 56.97 39.64
C PRO C 192 2.91 58.26 40.01
N THR C 193 2.78 59.16 39.05
CA THR C 193 2.21 60.49 39.27
C THR C 193 0.68 60.56 39.11
N THR C 194 0.06 59.45 38.71
CA THR C 194 -1.41 59.38 38.61
C THR C 194 -2.03 58.19 39.38
N PRO C 195 -1.56 57.90 40.62
CA PRO C 195 -2.08 56.71 41.29
C PRO C 195 -3.55 56.81 41.72
N LEU C 196 -4.03 58.03 41.99
CA LEU C 196 -5.44 58.24 42.36
C LEU C 196 -6.40 57.81 41.24
N THR C 197 -6.03 58.14 40.00
CA THR C 197 -6.79 57.71 38.83
C THR C 197 -6.73 56.20 38.68
N SER C 198 -5.56 55.62 38.95
CA SER C 198 -5.42 54.18 38.88
C SER C 198 -6.37 53.52 39.86
N VAL C 199 -6.34 53.98 41.11
CA VAL C 199 -7.20 53.46 42.19
C VAL C 199 -8.67 53.64 41.86
N ALA C 200 -9.04 54.84 41.42
CA ALA C 200 -10.43 55.13 41.08
C ALA C 200 -10.99 54.17 40.04
N VAL C 201 -10.23 53.96 38.97
CA VAL C 201 -10.59 53.02 37.89
C VAL C 201 -10.68 51.59 38.43
N THR C 202 -9.63 51.15 39.11
CA THR C 202 -9.62 49.84 39.75
C THR C 202 -10.83 49.63 40.67
N LYS C 203 -11.22 50.66 41.41
CA LYS C 203 -12.41 50.58 42.25
C LYS C 203 -13.67 50.29 41.45
N ILE C 204 -13.86 51.03 40.36
CA ILE C 204 -15.01 50.82 39.47
C ILE C 204 -15.05 49.40 38.87
N VAL C 205 -13.91 48.93 38.39
CA VAL C 205 -13.78 47.59 37.82
C VAL C 205 -13.98 46.51 38.88
N ALA C 206 -13.32 46.66 40.03
CA ALA C 206 -13.43 45.73 41.15
C ALA C 206 -14.88 45.48 41.57
N GLU C 207 -15.67 46.55 41.67
CA GLU C 207 -17.06 46.45 42.07
C GLU C 207 -17.86 45.57 41.10
N VAL C 208 -17.64 45.76 39.80
CA VAL C 208 -18.32 44.96 38.77
C VAL C 208 -17.96 43.48 38.89
N LEU C 209 -16.67 43.18 39.06
CA LEU C 209 -16.20 41.81 39.25
C LEU C 209 -16.85 41.16 40.46
N GLU C 210 -16.89 41.92 41.56
CA GLU C 210 -17.50 41.46 42.80
C GLU C 210 -19.02 41.29 42.71
N GLN C 211 -19.73 42.22 42.07
CA GLN C 211 -21.17 42.05 41.79
C GLN C 211 -21.44 40.70 41.10
N ASN C 212 -20.51 40.30 40.23
CA ASN C 212 -20.66 39.08 39.45
C ASN C 212 -20.00 37.85 40.06
N ASN C 213 -19.65 37.93 41.34
CA ASN C 213 -19.00 36.82 42.05
C ASN C 213 -17.77 36.27 41.35
N LEU C 214 -16.92 37.17 40.85
CA LEU C 214 -15.69 36.75 40.18
C LEU C 214 -14.51 37.17 41.04
N PRO C 215 -13.42 36.39 41.02
CA PRO C 215 -12.25 36.78 41.80
C PRO C 215 -11.71 38.13 41.32
N GLY C 216 -11.54 39.05 42.26
CA GLY C 216 -11.10 40.40 41.94
C GLY C 216 -9.76 40.46 41.24
N ALA C 217 -8.95 39.42 41.43
CA ALA C 217 -7.59 39.36 40.89
C ALA C 217 -7.55 39.30 39.36
N ILE C 218 -8.72 39.15 38.73
CA ILE C 218 -8.83 39.16 37.27
C ILE C 218 -8.39 40.51 36.73
N CYS C 219 -8.61 41.56 37.51
CA CYS C 219 -8.10 42.90 37.20
C CYS C 219 -7.36 43.48 38.40
N SER C 220 -6.15 42.98 38.61
CA SER C 220 -5.29 43.43 39.70
C SER C 220 -4.58 44.74 39.40
N MET C 221 -4.23 45.45 40.48
CA MET C 221 -3.45 46.67 40.38
C MET C 221 -2.39 46.72 41.47
N THR C 222 -1.18 47.08 41.07
CA THR C 222 -0.11 47.35 42.03
C THR C 222 0.58 48.65 41.62
N CYS C 223 0.33 49.73 42.36
CA CYS C 223 0.99 50.99 42.06
C CYS C 223 2.48 50.98 42.45
N GLY C 224 3.30 51.67 41.67
CA GLY C 224 4.71 51.80 41.99
C GLY C 224 5.52 52.40 40.88
N GLY C 225 6.83 52.50 41.10
CA GLY C 225 7.75 53.08 40.11
C GLY C 225 8.45 52.05 39.25
N ALA C 226 9.67 52.38 38.83
CA ALA C 226 10.52 51.49 38.03
C ALA C 226 10.69 50.17 38.77
N ASP C 227 11.00 50.29 40.04
CA ASP C 227 10.77 49.30 41.09
C ASP C 227 9.95 48.08 40.59
N ILE C 228 8.63 48.25 40.62
CA ILE C 228 7.65 47.21 40.27
C ILE C 228 7.64 46.95 38.77
N GLY C 229 7.71 48.02 37.98
CA GLY C 229 7.76 47.92 36.53
C GLY C 229 8.82 46.97 35.99
N THR C 230 10.02 47.01 36.57
CA THR C 230 11.12 46.14 36.18
C THR C 230 10.80 44.70 36.54
N ALA C 231 10.22 44.49 37.73
CA ALA C 231 9.84 43.17 38.21
C ALA C 231 8.90 42.49 37.23
N MET C 232 7.92 43.24 36.74
CA MET C 232 7.00 42.78 35.71
C MET C 232 7.74 42.38 34.42
N ALA C 233 8.63 43.26 33.96
CA ALA C 233 9.39 43.05 32.74
C ALA C 233 10.22 41.78 32.81
N LYS C 234 10.72 41.46 34.00
CA LYS C 234 11.56 40.27 34.23
C LYS C 234 10.77 39.03 34.61
N ASP C 235 9.49 39.21 34.97
CA ASP C 235 8.67 38.11 35.49
C ASP C 235 8.20 37.13 34.42
N GLU C 236 8.66 35.89 34.50
CA GLU C 236 8.24 34.83 33.58
C GLU C 236 6.74 34.52 33.64
N ARG C 237 6.12 34.84 34.77
CA ARG C 237 4.69 34.62 34.98
C ARG C 237 3.83 35.69 34.29
N VAL C 238 4.44 36.80 33.89
CA VAL C 238 3.77 37.77 33.04
C VAL C 238 3.89 37.28 31.59
N ASP C 239 2.77 36.81 31.05
CA ASP C 239 2.75 36.19 29.72
C ASP C 239 2.85 37.20 28.58
N LEU C 240 2.26 38.37 28.78
CA LEU C 240 2.38 39.51 27.87
C LEU C 240 2.55 40.80 28.65
N LEU C 241 3.60 41.55 28.32
CA LEU C 241 3.75 42.86 28.90
C LEU C 241 3.39 43.94 27.88
N SER C 242 2.34 44.69 28.19
CA SER C 242 1.96 45.84 27.39
C SER C 242 2.58 47.06 28.05
N PHE C 243 3.46 47.74 27.33
CA PHE C 243 4.08 48.94 27.85
C PHE C 243 3.71 50.17 27.01
N THR C 244 3.17 51.18 27.69
CA THR C 244 2.95 52.48 27.11
C THR C 244 3.82 53.48 27.89
N GLY C 245 4.73 54.15 27.19
CA GLY C 245 5.61 55.11 27.84
C GLY C 245 6.70 55.61 26.90
N SER C 246 7.74 56.21 27.49
CA SER C 246 8.85 56.77 26.73
C SER C 246 9.59 55.66 25.98
N THR C 247 10.16 56.03 24.84
CA THR C 247 10.91 55.09 24.03
C THR C 247 12.23 54.67 24.69
N HIS C 248 12.78 55.54 25.54
CA HIS C 248 13.95 55.22 26.38
C HIS C 248 13.67 54.11 27.41
N VAL C 249 12.59 54.25 28.16
CA VAL C 249 12.21 53.25 29.14
C VAL C 249 11.73 51.97 28.44
N GLY C 250 10.94 52.15 27.38
CA GLY C 250 10.42 51.03 26.62
C GLY C 250 11.49 50.05 26.19
N LYS C 251 12.62 50.59 25.74
CA LYS C 251 13.77 49.80 25.32
C LYS C 251 14.30 48.90 26.44
N MET C 252 14.52 49.48 27.63
CA MET C 252 14.95 48.71 28.80
C MET C 252 14.03 47.53 29.09
N VAL C 253 12.73 47.84 29.09
CA VAL C 253 11.67 46.85 29.31
C VAL C 253 11.62 45.78 28.20
N ALA C 254 11.66 46.22 26.94
CA ALA C 254 11.69 45.33 25.79
C ALA C 254 12.84 44.33 25.88
N MET C 255 14.05 44.83 26.14
CA MET C 255 15.25 44.01 26.26
C MET C 255 15.14 42.96 27.36
N MET C 256 14.54 43.34 28.49
CA MET C 256 14.27 42.45 29.60
C MET C 256 13.26 41.36 29.25
N VAL C 257 12.19 41.74 28.55
CA VAL C 257 11.17 40.80 28.12
C VAL C 257 11.70 39.84 27.06
N GLN C 258 12.46 40.38 26.11
CA GLN C 258 13.10 39.56 25.07
C GLN C 258 14.02 38.51 25.67
N GLU C 259 14.81 38.93 26.66
CA GLU C 259 15.74 38.08 27.38
C GLU C 259 15.08 36.77 27.84
N ARG C 260 13.84 36.85 28.33
CA ARG C 260 13.14 35.69 28.87
C ARG C 260 12.08 35.13 27.91
N PHE C 261 12.18 35.49 26.64
CA PHE C 261 11.23 35.05 25.59
C PHE C 261 9.74 35.29 25.92
N GLY C 262 9.45 36.41 26.58
CA GLY C 262 8.07 36.79 26.86
C GLY C 262 7.49 37.51 25.66
N ARG C 263 6.16 37.69 25.65
CA ARG C 263 5.50 38.49 24.62
C ARG C 263 5.44 39.95 25.07
N LYS C 264 5.65 40.88 24.15
CA LYS C 264 5.58 42.30 24.48
C LYS C 264 4.72 43.10 23.49
N LEU C 265 4.08 44.14 23.99
CA LEU C 265 3.35 45.08 23.17
C LEU C 265 3.89 46.46 23.52
N LEU C 266 4.54 47.09 22.54
CA LEU C 266 5.24 48.35 22.77
C LEU C 266 4.58 49.57 22.12
N GLU C 267 4.22 50.54 22.96
CA GLU C 267 3.55 51.75 22.54
C GLU C 267 4.37 52.93 23.06
N LEU C 268 5.36 53.33 22.27
CA LEU C 268 6.39 54.24 22.75
C LEU C 268 6.29 55.66 22.14
N GLY C 269 7.43 56.34 21.99
CA GLY C 269 7.44 57.76 21.63
C GLY C 269 7.02 58.09 20.21
N GLY C 270 6.66 59.35 19.99
CA GLY C 270 6.31 59.85 18.67
C GLY C 270 7.04 61.14 18.36
N ASN C 271 7.22 61.43 17.07
CA ASN C 271 7.75 62.72 16.61
C ASN C 271 6.95 63.12 15.39
N ASN C 272 5.69 63.45 15.63
CA ASN C 272 4.66 63.42 14.61
C ASN C 272 4.65 64.65 13.73
N ALA C 273 4.58 64.42 12.41
CA ALA C 273 4.72 65.49 11.43
C ALA C 273 3.44 65.76 10.66
N ILE C 274 3.10 67.05 10.51
CA ILE C 274 2.06 67.49 9.58
C ILE C 274 2.76 68.12 8.39
N ILE C 275 2.42 67.67 7.18
CA ILE C 275 3.02 68.20 5.97
C ILE C 275 1.96 68.96 5.17
N VAL C 276 2.17 70.25 4.98
CA VAL C 276 1.20 71.11 4.29
C VAL C 276 1.71 71.46 2.90
N PHE C 277 0.99 71.00 1.88
CA PHE C 277 1.38 71.23 0.48
C PHE C 277 0.76 72.51 -0.06
N GLU C 278 1.19 72.91 -1.24
CA GLU C 278 0.75 74.17 -1.87
C GLU C 278 -0.76 74.23 -2.08
N ASP C 279 -1.35 73.11 -2.48
CA ASP C 279 -2.77 73.05 -2.79
C ASP C 279 -3.69 72.74 -1.59
N ALA C 280 -3.13 72.77 -0.38
CA ALA C 280 -3.91 72.47 0.83
C ALA C 280 -4.95 73.53 1.11
N ASP C 281 -6.07 73.12 1.70
CA ASP C 281 -7.06 74.06 2.20
C ASP C 281 -6.51 74.66 3.49
N LEU C 282 -6.08 75.91 3.40
CA LEU C 282 -5.44 76.59 4.54
C LEU C 282 -6.42 76.90 5.67
N ASN C 283 -7.70 77.03 5.35
CA ASN C 283 -8.74 77.23 6.36
C ASN C 283 -8.95 75.98 7.21
N LEU C 284 -8.58 74.83 6.65
CA LEU C 284 -8.56 73.57 7.38
C LEU C 284 -7.24 73.39 8.11
N VAL C 285 -6.14 73.69 7.43
CA VAL C 285 -4.80 73.51 7.99
C VAL C 285 -4.61 74.25 9.32
N VAL C 286 -4.86 75.56 9.32
CA VAL C 286 -4.60 76.41 10.48
C VAL C 286 -5.27 75.91 11.78
N PRO C 287 -6.60 75.69 11.79
CA PRO C 287 -7.18 75.21 13.04
C PRO C 287 -6.73 73.79 13.39
N SER C 288 -6.53 72.94 12.39
CA SER C 288 -6.03 71.60 12.60
C SER C 288 -4.68 71.63 13.31
N ALA C 289 -3.74 72.39 12.74
CA ALA C 289 -2.40 72.54 13.27
C ALA C 289 -2.39 73.06 14.71
N VAL C 290 -3.18 74.10 14.97
CA VAL C 290 -3.27 74.69 16.31
C VAL C 290 -3.70 73.64 17.35
N PHE C 291 -4.87 73.06 17.15
CA PHE C 291 -5.42 72.13 18.14
C PHE C 291 -4.58 70.86 18.33
N ALA C 292 -3.99 70.38 17.24
CA ALA C 292 -3.13 69.20 17.29
C ALA C 292 -1.82 69.44 18.06
N SER C 293 -1.33 70.68 18.05
CA SER C 293 -0.09 71.05 18.73
C SER C 293 -0.33 71.46 20.17
N VAL C 294 -1.40 72.21 20.37
CA VAL C 294 -1.69 72.88 21.64
C VAL C 294 -2.51 72.02 22.61
N GLY C 295 -3.33 71.13 22.05
CA GLY C 295 -4.15 70.22 22.85
C GLY C 295 -3.36 69.43 23.88
N THR C 296 -3.96 69.25 25.06
CA THR C 296 -3.36 68.52 26.19
C THR C 296 -1.99 69.12 26.59
N ALA C 297 -1.79 70.39 26.25
CA ALA C 297 -0.53 71.12 26.46
C ALA C 297 0.65 70.40 25.80
N GLY C 298 0.40 69.82 24.63
CA GLY C 298 1.43 69.16 23.85
C GLY C 298 1.88 67.84 24.42
N GLN C 299 1.01 67.22 25.20
CA GLN C 299 1.35 66.01 25.92
C GLN C 299 0.57 64.76 25.48
N ARG C 300 0.15 64.70 24.22
CA ARG C 300 -0.34 63.44 23.66
C ARG C 300 0.82 62.81 22.92
N CYS C 301 0.87 61.49 22.88
CA CYS C 301 1.91 60.83 22.10
C CYS C 301 1.75 61.14 20.63
N THR C 302 0.52 61.50 20.24
CA THR C 302 0.22 61.81 18.85
C THR C 302 0.34 63.31 18.52
N THR C 303 0.70 64.14 19.50
CA THR C 303 0.81 65.59 19.30
C THR C 303 1.72 65.94 18.13
N THR C 304 1.34 66.95 17.35
CA THR C 304 2.17 67.41 16.24
C THR C 304 3.43 68.05 16.83
N ARG C 305 4.59 67.56 16.41
CA ARG C 305 5.86 68.09 16.87
C ARG C 305 6.57 68.79 15.72
N ARG C 306 6.30 68.33 14.50
CA ARG C 306 6.93 68.89 13.32
C ARG C 306 5.86 69.35 12.33
N LEU C 307 5.91 70.62 11.95
CA LEU C 307 5.01 71.15 10.95
C LEU C 307 5.81 71.60 9.73
N MET C 308 5.64 70.87 8.64
CA MET C 308 6.35 71.11 7.41
C MET C 308 5.46 71.90 6.45
N LEU C 309 5.92 73.09 6.06
CA LEU C 309 5.15 73.97 5.21
C LEU C 309 5.85 74.17 3.90
N HIS C 310 5.12 74.06 2.81
CA HIS C 310 5.68 74.34 1.50
C HIS C 310 6.11 75.80 1.42
N GLU C 311 7.26 76.04 0.80
CA GLU C 311 7.84 77.37 0.75
C GLU C 311 6.82 78.44 0.31
N SER C 312 5.94 78.08 -0.63
CA SER C 312 4.95 79.01 -1.18
C SER C 312 3.94 79.52 -0.15
N VAL C 313 3.65 78.72 0.87
CA VAL C 313 2.66 79.10 1.88
C VAL C 313 3.25 79.28 3.29
N HIS C 314 4.53 78.96 3.44
CA HIS C 314 5.22 78.96 4.73
C HIS C 314 4.95 80.18 5.61
N ASP C 315 5.34 81.36 5.14
CA ASP C 315 5.25 82.59 5.94
C ASP C 315 3.81 82.99 6.27
N ALA C 316 2.89 82.78 5.32
CA ALA C 316 1.48 83.07 5.51
C ALA C 316 0.86 82.17 6.57
N VAL C 317 1.18 80.89 6.52
CA VAL C 317 0.62 79.91 7.46
C VAL C 317 1.16 80.09 8.89
N VAL C 318 2.47 80.22 9.03
CA VAL C 318 3.10 80.48 10.33
C VAL C 318 2.42 81.67 11.05
N GLU C 319 2.26 82.77 10.32
CA GLU C 319 1.67 83.98 10.86
C GLU C 319 0.24 83.77 11.33
N ARG C 320 -0.54 83.04 10.53
CA ARG C 320 -1.92 82.72 10.88
C ARG C 320 -2.00 81.82 12.12
N ILE C 321 -1.09 80.85 12.21
CA ILE C 321 -1.03 79.97 13.38
C ILE C 321 -0.64 80.79 14.60
N ALA C 322 0.28 81.72 14.41
CA ALA C 322 0.69 82.61 15.49
C ALA C 322 -0.46 83.48 16.01
N LYS C 323 -1.28 83.99 15.10
CA LYS C 323 -2.44 84.79 15.48
C LYS C 323 -3.43 83.98 16.31
N ALA C 324 -3.57 82.70 15.97
CA ALA C 324 -4.43 81.78 16.70
C ALA C 324 -3.88 81.49 18.10
N TYR C 325 -2.56 81.28 18.19
CA TYR C 325 -1.88 81.00 19.44
C TYR C 325 -2.15 82.05 20.51
N LYS C 326 -2.25 83.31 20.08
CA LYS C 326 -2.56 84.41 20.97
C LYS C 326 -3.93 84.29 21.65
N GLN C 327 -4.86 83.61 20.99
CA GLN C 327 -6.23 83.46 21.49
C GLN C 327 -6.46 82.17 22.28
N VAL C 328 -5.40 81.37 22.42
CA VAL C 328 -5.48 80.11 23.16
C VAL C 328 -5.66 80.45 24.64
N ARG C 329 -6.84 80.14 25.17
CA ARG C 329 -7.16 80.50 26.54
C ARG C 329 -6.53 79.58 27.57
N ILE C 330 -5.55 80.11 28.30
CA ILE C 330 -4.78 79.40 29.31
C ILE C 330 -5.40 79.69 30.68
N GLY C 331 -5.66 78.64 31.47
CA GLY C 331 -6.28 78.77 32.79
C GLY C 331 -6.50 77.48 33.56
N ASP C 332 -7.39 77.51 34.55
CA ASP C 332 -7.71 76.32 35.36
C ASP C 332 -8.39 75.26 34.49
N PRO C 333 -7.92 74.00 34.57
CA PRO C 333 -8.47 72.91 33.76
C PRO C 333 -9.95 72.62 34.02
N TRP C 334 -10.45 72.99 35.20
CA TRP C 334 -11.86 72.80 35.57
C TRP C 334 -12.77 73.84 34.91
N ASP C 335 -12.19 74.98 34.52
CA ASP C 335 -12.90 76.08 33.88
C ASP C 335 -13.27 75.76 32.42
N PRO C 336 -14.57 75.82 32.07
CA PRO C 336 -15.01 75.51 30.70
C PRO C 336 -14.46 76.42 29.61
N SER C 337 -13.94 77.59 29.98
CA SER C 337 -13.30 78.50 29.02
C SER C 337 -11.91 78.04 28.59
N THR C 338 -11.22 77.34 29.49
CA THR C 338 -9.82 76.95 29.30
C THR C 338 -9.65 75.94 28.17
N LEU C 339 -8.73 76.24 27.25
CA LEU C 339 -8.38 75.31 26.19
C LEU C 339 -7.02 74.66 26.45
N TYR C 340 -6.27 75.21 27.40
CA TYR C 340 -4.87 74.84 27.59
C TYR C 340 -4.49 74.94 29.06
N GLY C 341 -4.04 73.82 29.62
CA GLY C 341 -3.68 73.73 31.03
C GLY C 341 -2.19 73.65 31.29
N PRO C 342 -1.80 73.12 32.47
CA PRO C 342 -0.38 73.06 32.83
C PRO C 342 0.34 71.84 32.26
N LEU C 343 1.66 71.90 32.23
CA LEU C 343 2.46 70.69 32.01
C LEU C 343 2.28 69.79 33.23
N HIS C 344 2.54 68.50 33.07
CA HIS C 344 2.21 67.55 34.12
C HIS C 344 3.06 67.66 35.38
N THR C 345 4.35 67.94 35.23
CA THR C 345 5.30 68.01 36.34
C THR C 345 6.23 69.22 36.20
N LYS C 346 7.04 69.47 37.22
CA LYS C 346 8.04 70.54 37.15
C LYS C 346 9.20 70.15 36.25
N GLN C 347 9.54 68.86 36.23
CA GLN C 347 10.62 68.33 35.36
C GLN C 347 10.27 68.61 33.92
N ALA C 348 8.99 68.45 33.60
CA ALA C 348 8.45 68.78 32.28
C ALA C 348 8.74 70.23 31.90
N VAL C 349 8.58 71.14 32.85
CA VAL C 349 8.90 72.54 32.63
C VAL C 349 10.38 72.71 32.29
N ASP C 350 11.25 71.97 32.98
CA ASP C 350 12.69 72.01 32.72
C ASP C 350 13.07 71.53 31.33
N GLN C 351 12.42 70.45 30.87
CA GLN C 351 12.65 69.91 29.52
C GLN C 351 12.29 70.95 28.50
N TYR C 352 11.16 71.59 28.72
CA TYR C 352 10.65 72.68 27.91
C TYR C 352 11.68 73.81 27.76
N LEU C 353 12.22 74.28 28.88
CA LEU C 353 13.21 75.34 28.91
C LEU C 353 14.51 74.94 28.26
N ALA C 354 14.90 73.69 28.45
CA ALA C 354 16.13 73.14 27.88
C ALA C 354 16.02 72.99 26.38
N ALA C 355 14.85 72.58 25.91
CA ALA C 355 14.60 72.38 24.49
C ALA C 355 14.57 73.73 23.77
N ILE C 356 13.99 74.73 24.44
CA ILE C 356 14.04 76.11 23.96
C ILE C 356 15.48 76.55 23.71
N GLU C 357 16.33 76.36 24.71
CA GLU C 357 17.75 76.70 24.64
C GLU C 357 18.45 76.04 23.46
N GLN C 358 18.28 74.73 23.34
CA GLN C 358 18.92 73.94 22.29
C GLN C 358 18.43 74.37 20.92
N ALA C 359 17.15 74.71 20.85
CA ALA C 359 16.56 75.22 19.61
C ALA C 359 17.26 76.49 19.13
N LYS C 360 17.47 77.43 20.06
CA LYS C 360 18.18 78.66 19.77
C LYS C 360 19.59 78.40 19.30
N GLN C 361 20.30 77.56 20.07
CA GLN C 361 21.66 77.17 19.80
C GLN C 361 21.81 76.51 18.43
N GLN C 362 20.75 75.86 17.97
CA GLN C 362 20.75 75.17 16.67
C GLN C 362 20.16 76.01 15.53
N GLY C 363 19.99 77.31 15.78
CA GLY C 363 19.62 78.27 14.75
C GLY C 363 18.13 78.55 14.65
N GLY C 364 17.39 78.22 15.69
CA GLY C 364 15.94 78.43 15.71
C GLY C 364 15.55 79.84 16.15
N THR C 365 14.45 80.33 15.58
CA THR C 365 13.89 81.62 15.94
C THR C 365 12.53 81.38 16.57
N LEU C 366 12.32 81.97 17.74
CA LEU C 366 11.03 81.88 18.42
C LEU C 366 10.01 82.82 17.82
N VAL C 367 8.96 82.24 17.25
CA VAL C 367 7.83 83.00 16.74
C VAL C 367 6.95 83.48 17.89
N CYS C 368 6.78 82.64 18.90
CA CYS C 368 6.00 82.98 20.09
C CYS C 368 6.27 81.99 21.21
N GLY C 369 5.85 82.35 22.41
CA GLY C 369 6.05 81.51 23.57
C GLY C 369 7.49 81.48 24.04
N GLY C 370 7.86 80.42 24.74
CA GLY C 370 9.22 80.23 25.19
C GLY C 370 9.46 80.52 26.66
N LYS C 371 8.49 81.15 27.31
CA LYS C 371 8.65 81.56 28.70
C LYS C 371 7.73 80.82 29.67
N VAL C 372 8.26 80.47 30.84
CA VAL C 372 7.45 79.97 31.95
C VAL C 372 6.49 81.07 32.36
N MET C 373 5.22 80.73 32.51
CA MET C 373 4.20 81.72 32.89
C MET C 373 4.27 82.00 34.38
N ASP C 374 4.15 83.27 34.73
CA ASP C 374 4.28 83.69 36.12
C ASP C 374 2.96 83.51 36.87
N ARG C 375 2.73 82.28 37.34
CA ARG C 375 1.48 81.90 38.03
C ARG C 375 1.60 80.53 38.70
N PRO C 376 0.71 80.24 39.67
CA PRO C 376 0.66 78.90 40.26
C PRO C 376 0.53 77.81 39.19
N GLY C 377 1.10 76.64 39.47
CA GLY C 377 1.02 75.52 38.54
C GLY C 377 2.19 75.46 37.59
N ASN C 378 2.22 74.40 36.80
CA ASN C 378 3.32 74.17 35.85
C ASN C 378 3.01 74.73 34.46
N TYR C 379 2.67 76.01 34.40
CA TYR C 379 2.21 76.63 33.17
C TYR C 379 3.35 77.20 32.34
N VAL C 380 3.38 76.82 31.06
CA VAL C 380 4.36 77.33 30.12
C VAL C 380 3.64 77.80 28.87
N GLU C 381 4.24 78.76 28.16
CA GLU C 381 3.67 79.31 26.94
C GLU C 381 3.82 78.33 25.78
N PRO C 382 2.75 78.17 24.96
CA PRO C 382 2.81 77.32 23.76
C PRO C 382 3.73 77.97 22.74
N THR C 383 4.73 77.21 22.27
CA THR C 383 5.84 77.78 21.52
C THR C 383 5.89 77.32 20.06
N ILE C 384 6.19 78.26 19.16
CA ILE C 384 6.44 77.98 17.74
C ILE C 384 7.86 78.39 17.39
N ILE C 385 8.60 77.51 16.72
CA ILE C 385 9.98 77.80 16.32
C ILE C 385 10.23 77.53 14.84
N THR C 386 10.66 78.58 14.13
CA THR C 386 10.97 78.48 12.70
C THR C 386 12.49 78.51 12.51
N GLY C 387 12.95 78.10 11.33
CA GLY C 387 14.34 78.29 10.94
C GLY C 387 15.28 77.11 11.11
N LEU C 388 14.89 76.13 11.92
CA LEU C 388 15.72 74.96 12.16
C LEU C 388 15.83 74.07 10.92
N ALA C 389 16.98 73.41 10.78
CA ALA C 389 17.18 72.42 9.73
C ALA C 389 16.32 71.20 10.02
N HIS C 390 15.89 70.52 8.97
CA HIS C 390 15.08 69.31 9.12
C HIS C 390 15.72 68.27 10.05
N ASP C 391 17.05 68.22 10.06
CA ASP C 391 17.78 67.24 10.87
C ASP C 391 18.52 67.85 12.06
N ALA C 392 18.08 69.01 12.53
CA ALA C 392 18.59 69.56 13.77
C ALA C 392 18.29 68.57 14.90
N PRO C 393 19.32 68.15 15.66
CA PRO C 393 19.16 67.18 16.74
C PRO C 393 17.89 67.36 17.60
N ILE C 394 17.55 68.60 17.97
CA ILE C 394 16.36 68.85 18.80
C ILE C 394 15.05 68.47 18.10
N VAL C 395 14.98 68.71 16.80
CA VAL C 395 13.82 68.36 15.99
C VAL C 395 13.62 66.85 15.94
N HIS C 396 14.73 66.12 15.90
CA HIS C 396 14.67 64.65 15.87
C HIS C 396 14.38 64.00 17.22
N THR C 397 14.42 64.80 18.29
CA THR C 397 14.14 64.32 19.64
C THR C 397 12.69 64.58 20.01
N GLU C 398 12.04 63.60 20.66
CA GLU C 398 10.73 63.86 21.25
C GLU C 398 10.91 64.56 22.58
N THR C 399 10.51 65.82 22.64
CA THR C 399 10.40 66.50 23.92
C THR C 399 8.93 66.68 24.22
N PHE C 400 8.48 66.12 25.35
CA PHE C 400 7.06 65.97 25.65
C PHE C 400 6.45 67.27 26.17
N VAL C 401 6.54 68.31 25.34
CA VAL C 401 6.23 69.68 25.74
C VAL C 401 5.63 70.45 24.57
N PRO C 402 4.88 71.53 24.84
CA PRO C 402 4.23 72.27 23.76
C PRO C 402 5.16 73.17 22.95
N ILE C 403 6.09 72.57 22.23
CA ILE C 403 6.93 73.26 21.25
C ILE C 403 6.66 72.68 19.86
N LEU C 404 6.44 73.55 18.88
CA LEU C 404 6.19 73.15 17.51
C LEU C 404 7.33 73.63 16.60
N TYR C 405 8.04 72.69 15.99
CA TYR C 405 9.14 73.03 15.11
C TYR C 405 8.64 73.13 13.68
N VAL C 406 8.84 74.29 13.06
CA VAL C 406 8.36 74.55 11.70
C VAL C 406 9.47 74.40 10.66
N LEU C 407 9.21 73.51 9.70
CA LEU C 407 10.15 73.20 8.64
C LEU C 407 9.64 73.71 7.30
N LYS C 408 10.55 74.16 6.45
CA LYS C 408 10.21 74.67 5.13
C LYS C 408 10.70 73.70 4.06
N PHE C 409 9.81 73.26 3.17
CA PHE C 409 10.18 72.32 2.12
C PHE C 409 9.76 72.78 0.74
N LYS C 410 10.31 72.11 -0.28
CA LYS C 410 9.98 72.37 -1.68
C LYS C 410 9.31 71.16 -2.35
N THR C 411 10.06 70.06 -2.48
CA THR C 411 9.57 68.86 -3.18
C THR C 411 8.80 67.90 -2.29
N GLU C 412 7.88 67.16 -2.89
CA GLU C 412 7.16 66.08 -2.22
C GLU C 412 8.15 65.03 -1.68
N GLU C 413 9.12 64.65 -2.50
CA GLU C 413 10.15 63.68 -2.12
C GLU C 413 10.83 64.06 -0.80
N GLU C 414 11.22 65.34 -0.69
CA GLU C 414 11.82 65.91 0.52
C GLU C 414 10.97 65.69 1.78
N ALA C 415 9.74 66.18 1.73
CA ALA C 415 8.83 66.13 2.88
C ALA C 415 8.65 64.69 3.35
N PHE C 416 8.35 63.80 2.41
CA PHE C 416 8.16 62.39 2.71
C PHE C 416 9.39 61.83 3.39
N ALA C 417 10.57 62.10 2.83
CA ALA C 417 11.84 61.65 3.42
C ALA C 417 12.08 62.18 4.83
N TRP C 418 11.82 63.48 5.06
CA TRP C 418 12.02 64.09 6.36
C TRP C 418 11.05 63.49 7.39
N ASN C 419 9.82 63.22 6.96
CA ASN C 419 8.86 62.54 7.81
C ASN C 419 9.42 61.20 8.30
N ASN C 420 10.07 60.48 7.39
CA ASN C 420 10.57 59.12 7.65
C ASN C 420 11.94 59.05 8.30
N GLU C 421 12.71 60.14 8.22
CA GLU C 421 14.12 60.14 8.62
C GLU C 421 14.36 59.97 10.13
N VAL C 422 13.36 60.30 10.94
CA VAL C 422 13.47 60.18 12.39
C VAL C 422 13.33 58.73 12.87
N GLN C 423 13.69 58.48 14.12
CA GLN C 423 13.63 57.14 14.68
C GLN C 423 12.24 56.75 15.17
N GLN C 424 11.41 57.73 15.49
CA GLN C 424 10.01 57.48 15.86
C GLN C 424 9.17 57.15 14.63
N GLY C 425 7.99 56.59 14.84
CA GLY C 425 7.13 56.27 13.71
C GLY C 425 5.68 56.06 14.07
N LEU C 426 5.16 56.90 14.95
CA LEU C 426 3.77 56.79 15.39
C LEU C 426 2.79 57.36 14.36
N SER C 427 2.67 58.68 14.31
CA SER C 427 1.63 59.34 13.51
C SER C 427 2.17 60.30 12.45
N SER C 428 1.37 60.53 11.42
CA SER C 428 1.76 61.41 10.33
C SER C 428 0.56 61.90 9.53
N SER C 429 0.65 63.12 9.02
CA SER C 429 -0.42 63.72 8.22
C SER C 429 0.11 64.54 7.05
N ILE C 430 -0.57 64.45 5.91
CA ILE C 430 -0.40 65.44 4.86
C ILE C 430 -1.72 66.17 4.61
N PHE C 431 -1.60 67.45 4.26
CA PHE C 431 -2.75 68.23 3.85
C PHE C 431 -2.57 68.58 2.39
N THR C 432 -3.47 68.09 1.55
CA THR C 432 -3.37 68.27 0.10
C THR C 432 -4.72 68.00 -0.56
N LYS C 433 -4.88 68.46 -1.80
CA LYS C 433 -6.08 68.16 -2.58
C LYS C 433 -5.77 67.21 -3.72
N ASP C 434 -4.51 66.82 -3.83
CA ASP C 434 -4.01 66.04 -4.96
C ASP C 434 -4.25 64.54 -4.81
N LEU C 435 -5.12 64.01 -5.67
CA LEU C 435 -5.50 62.60 -5.65
C LEU C 435 -4.30 61.63 -5.66
N GLY C 436 -3.37 61.86 -6.58
CA GLY C 436 -2.20 61.02 -6.70
C GLY C 436 -1.30 61.05 -5.49
N ARG C 437 -1.12 62.24 -4.92
CA ARG C 437 -0.30 62.42 -3.74
C ARG C 437 -0.84 61.63 -2.55
N VAL C 438 -2.17 61.66 -2.37
CA VAL C 438 -2.85 60.94 -1.28
C VAL C 438 -2.46 59.46 -1.28
N PHE C 439 -2.58 58.82 -2.43
CA PHE C 439 -2.30 57.39 -2.53
C PHE C 439 -0.82 57.05 -2.52
N ARG C 440 0.01 57.98 -2.98
CA ARG C 440 1.46 57.79 -2.87
C ARG C 440 1.87 57.80 -1.42
N TRP C 441 1.30 58.75 -0.66
CA TRP C 441 1.49 58.89 0.78
C TRP C 441 1.09 57.64 1.53
N LEU C 442 0.01 57.00 1.07
CA LEU C 442 -0.51 55.76 1.65
C LEU C 442 0.28 54.51 1.23
N GLY C 443 0.92 54.57 0.07
CA GLY C 443 1.64 53.43 -0.47
C GLY C 443 3.03 53.22 0.09
N PRO C 444 3.82 52.34 -0.56
CA PRO C 444 5.15 51.86 -0.13
C PRO C 444 6.28 52.92 -0.10
N LYS C 445 6.11 54.00 -0.85
CA LYS C 445 7.10 55.09 -0.86
C LYS C 445 6.55 56.35 -0.19
N GLY C 446 5.53 56.15 0.65
CA GLY C 446 4.95 57.22 1.45
C GLY C 446 5.42 57.17 2.88
N SER C 447 4.50 57.48 3.80
CA SER C 447 4.79 57.49 5.23
C SER C 447 5.15 56.11 5.77
N ASP C 448 6.06 56.09 6.74
CA ASP C 448 6.47 54.83 7.37
C ASP C 448 5.87 54.66 8.77
N CYS C 449 4.82 55.43 9.05
CA CYS C 449 4.18 55.46 10.37
C CYS C 449 3.06 54.44 10.52
N GLY C 450 2.65 54.21 11.76
CA GLY C 450 1.51 53.37 12.07
C GLY C 450 0.18 54.06 11.79
N ILE C 451 0.16 55.38 11.97
CA ILE C 451 -0.99 56.21 11.62
C ILE C 451 -0.61 57.12 10.44
N VAL C 452 -1.37 57.05 9.36
CA VAL C 452 -1.05 57.79 8.12
C VAL C 452 -2.28 58.53 7.64
N ASN C 453 -2.36 59.81 7.98
CA ASN C 453 -3.60 60.57 7.78
C ASN C 453 -3.53 61.58 6.63
N VAL C 454 -4.70 61.93 6.10
CA VAL C 454 -4.82 62.90 5.02
C VAL C 454 -5.90 63.92 5.38
N ASN C 455 -5.49 65.18 5.43
CA ASN C 455 -6.41 66.30 5.76
C ASN C 455 -7.07 66.22 7.15
N ILE C 456 -6.49 65.38 8.01
CA ILE C 456 -6.83 65.35 9.41
C ILE C 456 -5.49 65.28 10.14
N PRO C 457 -5.35 65.98 11.29
CA PRO C 457 -4.06 66.05 12.01
C PRO C 457 -3.53 64.71 12.50
N THR C 458 -2.46 64.78 13.30
CA THR C 458 -1.78 63.59 13.79
C THR C 458 -2.48 62.88 14.95
N SER C 459 -3.45 63.52 15.57
CA SER C 459 -4.15 62.94 16.71
C SER C 459 -5.53 62.37 16.32
N GLY C 460 -5.81 62.38 15.02
CA GLY C 460 -7.02 61.77 14.47
C GLY C 460 -6.93 60.24 14.44
N ALA C 461 -7.59 59.60 15.43
CA ALA C 461 -7.60 58.13 15.57
C ALA C 461 -8.83 57.64 16.33
N GLU C 462 -9.43 56.56 15.84
CA GLU C 462 -10.64 56.00 16.44
C GLU C 462 -10.52 54.51 16.78
N ILE C 463 -11.41 54.06 17.65
CA ILE C 463 -11.44 52.69 18.17
C ILE C 463 -11.39 51.58 17.11
N GLY C 464 -12.11 51.76 16.01
CA GLY C 464 -12.24 50.75 14.95
C GLY C 464 -10.95 50.25 14.34
N GLY C 465 -9.93 51.10 14.31
CA GLY C 465 -8.64 50.75 13.72
C GLY C 465 -7.57 50.40 14.74
N ALA C 466 -6.55 49.65 14.30
CA ALA C 466 -5.40 49.37 15.14
C ALA C 466 -4.63 50.65 15.44
N PHE C 467 -4.21 50.82 16.69
CA PHE C 467 -3.47 52.01 17.08
C PHE C 467 -2.05 51.68 17.52
N GLY C 468 -1.08 52.37 16.94
CA GLY C 468 0.32 52.15 17.30
C GLY C 468 1.25 52.59 16.21
N GLY C 469 2.55 52.45 16.44
CA GLY C 469 3.56 52.93 15.52
C GLY C 469 4.59 51.92 15.08
N GLU C 470 5.60 52.41 14.37
CA GLU C 470 6.65 51.58 13.82
C GLU C 470 8.01 52.07 14.33
N LYS C 471 9.08 51.47 13.84
CA LYS C 471 10.43 51.85 14.22
C LYS C 471 10.53 51.96 15.76
N HIS C 472 11.04 53.09 16.27
CA HIS C 472 11.24 53.28 17.71
C HIS C 472 9.94 53.43 18.52
N THR C 473 8.80 53.51 17.86
CA THR C 473 7.53 53.57 18.57
C THR C 473 7.14 52.18 19.09
N GLY C 474 7.76 51.13 18.55
CA GLY C 474 7.76 49.81 19.19
C GLY C 474 6.97 48.66 18.57
N GLY C 475 6.15 48.94 17.56
CA GLY C 475 5.45 47.88 16.83
C GLY C 475 4.08 47.46 17.32
N GLY C 476 3.83 47.62 18.62
CA GLY C 476 2.55 47.23 19.23
C GLY C 476 1.34 47.91 18.63
N ARG C 477 0.18 47.27 18.76
CA ARG C 477 -1.09 47.84 18.33
C ARG C 477 -2.17 47.65 19.40
N GLU C 478 -3.04 48.65 19.54
CA GLU C 478 -4.11 48.62 20.51
C GLU C 478 -5.48 48.86 19.88
N SER C 479 -6.50 48.31 20.52
CA SER C 479 -7.92 48.50 20.15
C SER C 479 -8.37 47.77 18.88
N GLY C 480 -8.38 48.46 17.76
CA GLY C 480 -9.10 48.00 16.55
C GLY C 480 -8.46 46.94 15.67
N SER C 481 -9.12 46.66 14.54
CA SER C 481 -8.72 45.61 13.60
C SER C 481 -8.47 44.30 14.33
N ASP C 482 -7.40 43.59 13.98
CA ASP C 482 -7.07 42.35 14.68
C ASP C 482 -5.98 42.52 15.76
N SER C 483 -6.02 43.66 16.45
CA SER C 483 -5.09 43.90 17.55
C SER C 483 -5.16 42.81 18.62
N TRP C 484 -6.36 42.25 18.80
CA TRP C 484 -6.61 41.23 19.82
C TRP C 484 -5.62 40.07 19.75
N LYS C 485 -5.15 39.75 18.56
CA LYS C 485 -4.26 38.62 18.35
C LYS C 485 -3.00 38.68 19.22
N GLN C 486 -2.60 39.88 19.61
CA GLN C 486 -1.41 40.09 20.43
C GLN C 486 -1.65 39.61 21.86
N TYR C 487 -2.93 39.48 22.22
CA TYR C 487 -3.35 39.08 23.56
C TYR C 487 -3.68 37.60 23.64
N MET C 488 -3.40 36.87 22.55
CA MET C 488 -3.72 35.45 22.46
C MET C 488 -2.58 34.70 21.78
N ARG C 489 -2.57 33.37 21.92
CA ARG C 489 -1.62 32.53 21.21
C ARG C 489 -2.31 31.73 20.12
N ARG C 490 -1.70 31.73 18.93
CA ARG C 490 -2.19 30.97 17.79
C ARG C 490 -1.72 29.53 17.88
N SER C 491 -2.63 28.60 17.58
CA SER C 491 -2.24 27.22 17.36
C SER C 491 -2.85 26.68 16.07
N THR C 492 -1.99 26.07 15.25
CA THR C 492 -2.42 25.40 14.02
C THR C 492 -2.69 23.92 14.32
N CYS C 493 -3.97 23.54 14.22
CA CYS C 493 -4.41 22.24 14.72
C CYS C 493 -4.89 21.31 13.61
N THR C 494 -4.26 20.14 13.53
CA THR C 494 -4.67 19.12 12.57
C THR C 494 -5.29 17.95 13.33
N ILE C 495 -6.54 17.66 12.97
CA ILE C 495 -7.25 16.54 13.58
C ILE C 495 -7.49 15.42 12.55
N ASN C 496 -6.85 14.28 12.78
CA ASN C 496 -7.07 13.08 12.01
C ASN C 496 -8.22 12.31 12.64
N TYR C 497 -9.31 12.17 11.91
CA TYR C 497 -10.52 11.51 12.42
C TYR C 497 -10.87 10.27 11.61
N SER C 498 -10.03 9.95 10.63
CA SER C 498 -10.22 8.78 9.78
C SER C 498 -9.68 7.53 10.44
N LYS C 499 -9.99 6.37 9.87
CA LYS C 499 -9.40 5.09 10.32
C LYS C 499 -8.16 4.71 9.50
N ASP C 500 -7.80 5.56 8.54
CA ASP C 500 -6.61 5.37 7.70
C ASP C 500 -5.32 5.21 8.52
N LEU C 501 -4.49 4.26 8.11
CA LEU C 501 -3.19 4.05 8.74
C LEU C 501 -2.09 4.54 7.81
N PRO C 502 -0.92 4.95 8.38
CA PRO C 502 0.15 5.40 7.49
C PRO C 502 0.82 4.24 6.78
N LEU C 503 1.36 4.51 5.59
CA LEU C 503 2.03 3.49 4.80
C LEU C 503 3.11 2.82 5.64
N ALA C 504 3.14 1.49 5.62
CA ALA C 504 4.14 0.72 6.37
C ALA C 504 5.55 0.85 5.78
N GLN C 505 5.60 1.17 4.48
CA GLN C 505 6.85 1.31 3.71
C GLN C 505 7.95 0.29 4.04
N GLY C 506 7.59 -0.98 3.93
CA GLY C 506 8.55 -2.08 4.09
C GLY C 506 8.62 -2.72 5.47
N ILE C 507 8.14 -2.03 6.50
CA ILE C 507 8.19 -2.56 7.85
C ILE C 507 6.89 -3.29 8.19
N LYS C 508 7.05 -4.47 8.78
CA LYS C 508 5.92 -5.26 9.24
C LYS C 508 5.54 -4.87 10.67
N PHE C 509 4.26 -4.62 10.92
CA PHE C 509 3.77 -4.37 12.28
C PHE C 509 2.74 -5.44 12.66
N SER D 1 41.72 10.62 -3.37
CA SER D 1 40.26 10.43 -3.53
C SER D 1 39.55 11.74 -3.91
N GLY D 2 40.21 12.87 -3.65
CA GLY D 2 39.76 14.19 -4.13
C GLY D 2 38.33 14.57 -3.82
N LEU D 3 37.83 15.59 -4.51
CA LEU D 3 36.45 16.05 -4.34
C LEU D 3 35.51 15.13 -5.09
N LEU D 4 34.36 14.88 -4.47
CA LEU D 4 33.31 14.08 -5.09
C LEU D 4 32.88 14.63 -6.45
N ILE D 5 32.74 15.96 -6.56
CA ILE D 5 32.23 16.58 -7.77
C ILE D 5 33.06 16.24 -9.03
N ASN D 6 34.36 16.02 -8.85
CA ASN D 6 35.25 15.67 -9.96
C ASN D 6 35.09 14.25 -10.49
N GLN D 7 34.48 13.38 -9.68
CA GLN D 7 34.19 12.01 -10.09
C GLN D 7 32.94 11.96 -10.98
N PRO D 8 32.98 11.09 -12.02
CA PRO D 8 31.85 10.93 -12.97
C PRO D 8 30.53 10.50 -12.31
N LYS D 9 30.61 9.65 -11.29
CA LYS D 9 29.45 9.21 -10.51
C LYS D 9 28.62 10.39 -9.95
N TYR D 10 29.22 11.58 -9.93
CA TYR D 10 28.63 12.78 -9.34
C TYR D 10 28.54 13.98 -10.29
N SER D 11 28.59 13.73 -11.60
CA SER D 11 28.58 14.83 -12.58
C SER D 11 27.18 15.48 -12.76
N TRP D 12 26.15 14.88 -12.16
CA TRP D 12 24.83 15.50 -12.12
C TRP D 12 24.85 16.82 -11.33
N LEU D 13 25.81 16.98 -10.43
CA LEU D 13 26.00 18.19 -9.66
C LEU D 13 26.27 19.38 -10.58
N LYS D 14 26.70 19.12 -11.81
CA LYS D 14 27.03 20.19 -12.75
C LYS D 14 25.77 20.77 -13.38
N GLU D 15 24.69 19.99 -13.34
CA GLU D 15 23.36 20.45 -13.78
C GLU D 15 22.81 21.53 -12.87
N LEU D 16 23.29 21.57 -11.64
CA LEU D 16 22.88 22.60 -10.67
C LEU D 16 23.75 23.85 -10.78
N GLY D 17 24.69 23.83 -11.73
CA GLY D 17 25.59 24.96 -11.97
C GLY D 17 26.73 25.00 -10.99
N LEU D 18 27.04 23.84 -10.40
CA LEU D 18 28.09 23.75 -9.39
C LEU D 18 29.40 23.26 -9.98
N SER D 19 30.49 23.71 -9.37
CA SER D 19 31.83 23.45 -9.84
C SER D 19 32.72 23.09 -8.62
N GLU D 20 34.01 22.83 -8.86
CA GLU D 20 34.98 22.58 -7.79
C GLU D 20 34.95 23.68 -6.71
N ASP D 21 35.21 24.92 -7.14
CA ASP D 21 35.03 26.08 -6.28
C ASP D 21 33.81 26.85 -6.72
N ASN D 22 33.08 27.37 -5.74
CA ASN D 22 31.84 28.09 -5.99
C ASN D 22 31.82 29.45 -5.29
N PRO D 23 31.37 30.50 -6.00
CA PRO D 23 31.18 31.80 -5.37
C PRO D 23 30.02 31.74 -4.36
N GLY D 24 30.26 32.27 -3.17
CA GLY D 24 29.29 32.24 -2.08
C GLY D 24 28.51 33.53 -1.93
N VAL D 25 28.81 34.52 -2.78
CA VAL D 25 28.06 35.77 -2.82
C VAL D 25 27.33 35.93 -4.15
N TYR D 26 26.06 36.31 -4.07
CA TYR D 26 25.32 36.77 -5.23
C TYR D 26 24.50 37.99 -4.86
N ASN D 27 24.59 39.02 -5.70
CA ASN D 27 23.86 40.27 -5.49
C ASN D 27 23.55 40.95 -6.81
N GLY D 28 23.29 40.16 -7.84
CA GLY D 28 23.20 40.66 -9.20
C GLY D 28 24.44 40.24 -9.98
N SER D 29 25.55 40.07 -9.26
CA SER D 29 26.76 39.43 -9.81
C SER D 29 27.35 38.47 -8.80
N TRP D 30 28.07 37.48 -9.27
CA TRP D 30 28.62 36.43 -8.39
C TRP D 30 30.04 36.74 -7.93
N GLY D 31 30.38 36.29 -6.73
CA GLY D 31 31.73 36.47 -6.19
C GLY D 31 31.85 35.97 -4.76
N GLY D 32 32.80 36.52 -4.03
CA GLY D 32 33.11 36.12 -2.67
C GLY D 32 34.60 35.86 -2.54
N SER D 33 35.21 36.41 -1.50
CA SER D 33 36.64 36.27 -1.28
C SER D 33 36.99 36.11 0.19
N GLY D 34 36.01 35.67 0.98
CA GLY D 34 36.24 35.34 2.36
C GLY D 34 36.78 33.94 2.50
N GLU D 35 36.55 33.34 3.66
CA GLU D 35 37.04 32.00 3.93
C GLU D 35 36.44 30.96 2.99
N VAL D 36 37.29 30.06 2.53
CA VAL D 36 36.88 28.96 1.67
C VAL D 36 36.47 27.81 2.56
N ILE D 37 35.20 27.41 2.48
CA ILE D 37 34.73 26.27 3.25
C ILE D 37 34.56 25.05 2.34
N THR D 38 34.84 23.88 2.90
CA THR D 38 34.70 22.63 2.16
C THR D 38 33.52 21.87 2.73
N SER D 39 32.55 21.56 1.88
CA SER D 39 31.34 20.91 2.30
C SER D 39 31.48 19.39 2.21
N TYR D 40 31.29 18.71 3.34
CA TYR D 40 31.46 17.26 3.40
C TYR D 40 30.13 16.50 3.34
N CYS D 41 30.16 15.33 2.69
CA CYS D 41 29.01 14.44 2.68
C CYS D 41 28.98 13.60 3.97
N PRO D 42 27.98 13.83 4.84
CA PRO D 42 27.93 13.15 6.14
C PRO D 42 27.75 11.63 6.07
N ALA D 43 27.53 11.08 4.87
CA ALA D 43 27.34 9.64 4.69
C ALA D 43 28.67 8.86 4.60
N ASN D 44 29.74 9.56 4.24
CA ASN D 44 31.05 8.96 4.07
C ASN D 44 32.22 9.87 4.44
N ASN D 45 31.91 11.07 4.93
CA ASN D 45 32.89 12.09 5.32
C ASN D 45 33.85 12.49 4.20
N GLU D 46 33.40 12.32 2.96
CA GLU D 46 34.17 12.72 1.78
C GLU D 46 33.83 14.15 1.38
N PRO D 47 34.84 14.93 0.94
CA PRO D 47 34.57 16.31 0.53
C PRO D 47 33.84 16.35 -0.80
N ILE D 48 32.82 17.19 -0.89
CA ILE D 48 32.01 17.30 -2.10
C ILE D 48 32.58 18.37 -3.03
N ALA D 49 32.68 19.59 -2.52
CA ALA D 49 33.22 20.74 -3.27
C ALA D 49 33.35 21.92 -2.30
N ARG D 50 33.91 23.03 -2.78
CA ARG D 50 34.17 24.16 -1.93
C ARG D 50 33.30 25.37 -2.27
N VAL D 51 33.09 26.23 -1.27
CA VAL D 51 32.38 27.49 -1.47
C VAL D 51 33.19 28.63 -0.82
N THR D 52 33.35 29.72 -1.56
CA THR D 52 34.06 30.88 -1.04
C THR D 52 33.04 31.82 -0.41
N GLN D 53 33.10 31.93 0.91
CA GLN D 53 32.15 32.72 1.67
C GLN D 53 32.43 34.23 1.53
N ALA D 54 31.54 35.04 2.10
CA ALA D 54 31.62 36.49 1.98
C ALA D 54 32.55 37.06 3.04
N THR D 55 33.17 38.18 2.71
CA THR D 55 33.85 39.02 3.70
C THR D 55 32.82 40.01 4.21
N LEU D 56 33.06 40.61 5.36
CA LEU D 56 32.15 41.64 5.85
C LEU D 56 31.93 42.70 4.80
N ALA D 57 33.00 43.12 4.13
CA ALA D 57 32.95 44.15 3.07
C ALA D 57 32.05 43.73 1.91
N GLU D 58 32.05 42.43 1.60
CA GLU D 58 31.16 41.89 0.56
C GLU D 58 29.71 41.80 1.03
N TYR D 59 29.50 41.49 2.31
CA TYR D 59 28.17 41.60 2.93
C TYR D 59 27.68 43.04 2.84
N GLU D 60 28.52 43.96 3.29
CA GLU D 60 28.26 45.39 3.26
C GLU D 60 27.79 45.85 1.89
N GLU D 61 28.53 45.47 0.85
CA GLU D 61 28.20 45.84 -0.52
C GLU D 61 26.91 45.19 -1.02
N THR D 62 26.63 43.98 -0.54
CA THR D 62 25.41 43.26 -0.91
C THR D 62 24.18 43.96 -0.34
N VAL D 63 24.29 44.52 0.87
CA VAL D 63 23.19 45.22 1.50
C VAL D 63 22.81 46.47 0.72
N GLN D 64 23.81 47.20 0.23
CA GLN D 64 23.58 48.40 -0.58
C GLN D 64 22.91 48.07 -1.92
N LYS D 65 23.37 47.01 -2.59
CA LYS D 65 22.79 46.59 -3.85
C LYS D 65 21.37 46.08 -3.67
N THR D 66 21.12 45.45 -2.53
CA THR D 66 19.79 44.98 -2.14
C THR D 66 18.81 46.15 -1.93
N ARG D 67 19.21 47.11 -1.11
CA ARG D 67 18.42 48.30 -0.83
C ARG D 67 18.03 49.03 -2.12
N GLU D 68 18.97 49.08 -3.07
CA GLU D 68 18.78 49.76 -4.34
C GLU D 68 17.78 49.01 -5.23
N ALA D 69 17.86 47.69 -5.20
CA ALA D 69 16.95 46.83 -5.93
C ALA D 69 15.52 46.97 -5.43
N TRP D 70 15.37 47.16 -4.12
CA TRP D 70 14.05 47.30 -3.48
C TRP D 70 13.23 48.42 -4.08
N LYS D 71 13.89 49.55 -4.35
CA LYS D 71 13.26 50.72 -4.96
C LYS D 71 12.39 50.37 -6.16
N MET D 72 12.95 49.68 -7.13
CA MET D 72 12.19 49.30 -8.32
C MET D 72 11.20 48.15 -8.05
N TRP D 73 11.59 47.22 -7.16
CA TRP D 73 10.81 46.04 -6.82
C TRP D 73 9.51 46.37 -6.08
N ALA D 74 9.60 47.25 -5.09
CA ALA D 74 8.44 47.71 -4.34
C ALA D 74 7.40 48.43 -5.22
N ASP D 75 7.83 48.96 -6.36
CA ASP D 75 6.93 49.64 -7.31
C ASP D 75 6.15 48.67 -8.22
N ILE D 76 6.53 47.39 -8.20
CA ILE D 76 5.85 46.39 -9.00
C ILE D 76 4.66 45.84 -8.23
N PRO D 77 3.45 45.95 -8.81
CA PRO D 77 2.19 45.44 -8.23
C PRO D 77 2.31 44.01 -7.73
N ALA D 78 1.61 43.70 -6.64
CA ALA D 78 1.77 42.38 -5.99
C ALA D 78 1.42 41.18 -6.88
N PRO D 79 0.33 41.25 -7.66
CA PRO D 79 0.08 40.14 -8.58
C PRO D 79 1.20 39.92 -9.60
N LYS D 80 1.86 41.00 -10.02
CA LYS D 80 3.00 40.89 -10.92
C LYS D 80 4.26 40.33 -10.25
N ARG D 81 4.41 40.60 -8.96
CA ARG D 81 5.46 39.97 -8.18
C ARG D 81 5.16 38.47 -8.04
N GLY D 82 3.89 38.13 -7.91
CA GLY D 82 3.43 36.76 -7.81
C GLY D 82 3.79 35.96 -9.04
N GLU D 83 3.72 36.63 -10.19
CA GLU D 83 4.13 36.04 -11.46
C GLU D 83 5.60 35.61 -11.45
N ILE D 84 6.45 36.41 -10.81
CA ILE D 84 7.84 36.06 -10.57
C ILE D 84 7.91 34.83 -9.65
N VAL D 85 7.21 34.88 -8.52
CA VAL D 85 7.20 33.76 -7.59
C VAL D 85 6.73 32.45 -8.27
N ARG D 86 5.71 32.56 -9.14
CA ARG D 86 5.20 31.43 -9.93
C ARG D 86 6.30 30.77 -10.76
N GLN D 87 7.10 31.60 -11.42
CA GLN D 87 8.20 31.12 -12.24
C GLN D 87 9.32 30.48 -11.44
N ILE D 88 9.64 31.04 -10.28
CA ILE D 88 10.56 30.41 -9.34
C ILE D 88 10.05 29.00 -9.01
N GLY D 89 8.75 28.89 -8.73
CA GLY D 89 8.12 27.60 -8.48
C GLY D 89 8.37 26.59 -9.60
N ASP D 90 8.24 27.06 -10.83
CA ASP D 90 8.41 26.23 -12.01
C ASP D 90 9.86 25.87 -12.29
N ALA D 91 10.74 26.85 -12.12
CA ALA D 91 12.17 26.63 -12.30
C ALA D 91 12.67 25.56 -11.34
N LEU D 92 12.17 25.60 -10.10
CA LEU D 92 12.48 24.59 -9.09
C LEU D 92 11.94 23.21 -9.50
N ARG D 93 10.72 23.21 -10.03
CA ARG D 93 10.04 21.99 -10.47
C ARG D 93 10.88 21.22 -11.48
N LYS D 94 11.47 21.96 -12.43
CA LYS D 94 12.36 21.38 -13.44
C LYS D 94 13.58 20.71 -12.85
N LYS D 95 14.11 21.25 -11.75
CA LYS D 95 15.35 20.75 -11.15
C LYS D 95 15.10 19.95 -9.88
N ILE D 96 13.87 19.49 -9.67
CA ILE D 96 13.48 18.87 -8.39
C ILE D 96 14.34 17.66 -7.98
N LYS D 97 14.63 16.80 -8.95
CA LYS D 97 15.35 15.56 -8.67
C LYS D 97 16.81 15.82 -8.27
N VAL D 98 17.51 16.63 -9.07
CA VAL D 98 18.93 16.91 -8.81
C VAL D 98 19.14 17.77 -7.56
N LEU D 99 18.22 18.71 -7.33
CA LEU D 99 18.27 19.55 -6.14
C LEU D 99 17.98 18.73 -4.90
N GLY D 100 16.97 17.86 -5.01
CA GLY D 100 16.65 16.90 -3.94
C GLY D 100 17.84 16.02 -3.62
N SER D 101 18.53 15.59 -4.68
CA SER D 101 19.73 14.77 -4.56
C SER D 101 20.87 15.49 -3.83
N LEU D 102 21.06 16.77 -4.17
CA LEU D 102 22.04 17.61 -3.47
C LEU D 102 21.72 17.73 -1.98
N VAL D 103 20.45 17.96 -1.65
CA VAL D 103 20.06 18.07 -0.25
C VAL D 103 20.45 16.79 0.48
N SER D 104 20.08 15.66 -0.12
CA SER D 104 20.40 14.35 0.41
C SER D 104 21.90 14.15 0.62
N LEU D 105 22.69 14.55 -0.38
CA LEU D 105 24.14 14.40 -0.36
C LEU D 105 24.84 15.31 0.66
N GLU D 106 24.41 16.57 0.73
CA GLU D 106 25.07 17.58 1.57
C GLU D 106 24.54 17.66 3.01
N MET D 107 23.24 17.43 3.18
CA MET D 107 22.64 17.45 4.53
C MET D 107 22.61 16.07 5.18
N GLY D 108 22.25 15.04 4.41
CA GLY D 108 22.29 13.66 4.90
C GLY D 108 20.94 12.96 5.00
N LYS D 109 19.85 13.69 4.73
CA LYS D 109 18.49 13.11 4.75
C LYS D 109 18.26 12.26 3.49
N ILE D 110 17.34 11.29 3.58
CA ILE D 110 17.08 10.37 2.46
C ILE D 110 16.54 11.10 1.23
N TYR D 111 16.86 10.55 0.06
CA TYR D 111 16.51 11.16 -1.23
C TYR D 111 15.05 11.61 -1.32
N VAL D 112 14.11 10.74 -0.96
CA VAL D 112 12.70 11.09 -1.09
C VAL D 112 12.33 12.34 -0.25
N GLU D 113 12.99 12.50 0.90
CA GLU D 113 12.78 13.66 1.75
C GLU D 113 13.48 14.91 1.21
N GLY D 114 14.57 14.71 0.48
CA GLY D 114 15.25 15.80 -0.20
C GLY D 114 14.34 16.37 -1.26
N VAL D 115 13.70 15.47 -1.99
CA VAL D 115 12.72 15.84 -3.02
C VAL D 115 11.52 16.52 -2.37
N GLY D 116 11.03 15.95 -1.27
CA GLY D 116 9.90 16.53 -0.53
C GLY D 116 10.15 17.96 -0.10
N GLU D 117 11.38 18.23 0.33
CA GLU D 117 11.76 19.56 0.77
C GLU D 117 11.64 20.56 -0.37
N VAL D 118 12.12 20.17 -1.56
CA VAL D 118 12.03 21.02 -2.74
C VAL D 118 10.55 21.28 -3.09
N GLN D 119 9.72 20.25 -2.92
CA GLN D 119 8.28 20.34 -3.17
C GLN D 119 7.62 21.39 -2.25
N GLU D 120 8.08 21.47 -1.00
CA GLU D 120 7.61 22.48 -0.05
C GLU D 120 7.77 23.89 -0.59
N TYR D 121 8.93 24.15 -1.20
CA TYR D 121 9.23 25.44 -1.81
C TYR D 121 8.30 25.65 -3.02
N VAL D 122 8.19 24.64 -3.87
CA VAL D 122 7.32 24.70 -5.04
C VAL D 122 5.87 25.01 -4.63
N ASP D 123 5.36 24.27 -3.66
CA ASP D 123 3.99 24.41 -3.19
C ASP D 123 3.69 25.76 -2.51
N VAL D 124 4.67 26.27 -1.76
CA VAL D 124 4.51 27.57 -1.13
C VAL D 124 4.57 28.70 -2.16
N CYS D 125 5.23 28.47 -3.28
CA CYS D 125 5.24 29.44 -4.37
C CYS D 125 3.84 29.60 -4.94
N ASP D 126 3.21 28.47 -5.23
CA ASP D 126 1.85 28.48 -5.79
C ASP D 126 0.86 29.11 -4.83
N TYR D 127 1.04 28.84 -3.54
CA TYR D 127 0.26 29.46 -2.48
C TYR D 127 0.43 30.98 -2.52
N ALA D 128 1.68 31.42 -2.63
CA ALA D 128 2.01 32.84 -2.68
C ALA D 128 1.39 33.56 -3.88
N VAL D 129 1.24 32.84 -4.98
CA VAL D 129 0.60 33.39 -6.19
C VAL D 129 -0.84 33.78 -5.87
N GLY D 130 -1.52 32.93 -5.11
CA GLY D 130 -2.85 33.22 -4.59
C GLY D 130 -2.86 34.44 -3.72
N LEU D 131 -1.91 34.52 -2.79
CA LEU D 131 -1.80 35.64 -1.86
C LEU D 131 -1.51 36.96 -2.53
N SER D 132 -0.80 36.91 -3.65
CA SER D 132 -0.40 38.12 -4.38
C SER D 132 -1.60 38.94 -4.87
N ARG D 133 -2.77 38.34 -4.88
CA ARG D 133 -3.98 39.04 -5.27
C ARG D 133 -4.90 39.27 -4.07
N MET D 134 -4.39 38.98 -2.87
CA MET D 134 -5.23 38.94 -1.66
C MET D 134 -4.72 39.80 -0.50
N ILE D 135 -3.40 39.85 -0.31
CA ILE D 135 -2.80 40.56 0.83
C ILE D 135 -3.32 42.00 0.97
N GLY D 136 -3.64 42.35 2.22
CA GLY D 136 -4.18 43.67 2.52
C GLY D 136 -4.99 43.66 3.79
N GLY D 137 -5.46 44.85 4.20
CA GLY D 137 -6.31 44.99 5.38
C GLY D 137 -7.71 45.42 5.00
N PRO D 138 -8.60 45.50 6.01
CA PRO D 138 -9.99 45.89 5.76
C PRO D 138 -10.17 47.38 5.43
N VAL D 139 -11.21 47.68 4.66
CA VAL D 139 -11.77 49.03 4.58
C VAL D 139 -12.71 49.10 5.77
N LEU D 140 -12.56 50.13 6.59
CA LEU D 140 -13.32 50.23 7.82
C LEU D 140 -14.25 51.42 7.80
N PRO D 141 -15.41 51.32 8.47
CA PRO D 141 -16.31 52.47 8.48
C PRO D 141 -15.89 53.46 9.55
N SER D 142 -15.53 54.67 9.12
CA SER D 142 -15.14 55.72 10.04
C SER D 142 -16.35 56.28 10.78
N GLU D 143 -16.11 56.78 11.99
CA GLU D 143 -17.15 57.40 12.80
C GLU D 143 -17.33 58.87 12.42
N ARG D 144 -16.47 59.36 11.54
CA ARG D 144 -16.49 60.75 11.11
C ARG D 144 -17.13 60.88 9.72
N PRO D 145 -18.14 61.75 9.61
CA PRO D 145 -18.79 61.95 8.31
C PRO D 145 -17.78 62.44 7.26
N GLY D 146 -17.90 61.96 6.03
CA GLY D 146 -16.99 62.35 4.96
C GLY D 146 -15.53 62.00 5.21
N HIS D 147 -15.29 60.88 5.89
CA HIS D 147 -13.94 60.37 6.15
C HIS D 147 -13.85 58.90 5.76
N ALA D 148 -12.82 58.57 4.98
CA ALA D 148 -12.54 57.16 4.68
C ALA D 148 -11.50 56.62 5.65
N LEU D 149 -11.67 55.37 6.07
CA LEU D 149 -10.74 54.72 6.97
C LEU D 149 -10.33 53.39 6.38
N ILE D 150 -9.03 53.22 6.12
CA ILE D 150 -8.51 51.98 5.53
C ILE D 150 -7.24 51.46 6.23
N GLU D 151 -7.08 50.15 6.26
CA GLU D 151 -5.85 49.54 6.76
C GLU D 151 -4.96 49.17 5.59
N GLN D 152 -3.78 49.77 5.55
CA GLN D 152 -2.83 49.53 4.46
C GLN D 152 -1.67 48.66 4.92
N TRP D 153 -1.25 47.75 4.04
CA TRP D 153 -0.06 46.96 4.29
C TRP D 153 1.00 47.22 3.23
N ASN D 154 2.24 47.41 3.69
CA ASN D 154 3.36 47.76 2.82
C ASN D 154 4.61 46.97 3.17
N PRO D 155 5.50 46.75 2.18
CA PRO D 155 6.73 45.98 2.42
C PRO D 155 7.52 46.60 3.57
N VAL D 156 8.15 45.76 4.38
CA VAL D 156 9.04 46.26 5.43
C VAL D 156 10.36 46.74 4.84
N GLY D 157 10.72 46.22 3.65
CA GLY D 157 11.94 46.58 2.95
C GLY D 157 12.81 45.37 2.64
N LEU D 158 13.93 45.25 3.35
CA LEU D 158 14.83 44.11 3.18
C LEU D 158 14.61 43.07 4.27
N VAL D 159 14.41 41.82 3.86
CA VAL D 159 14.27 40.70 4.77
C VAL D 159 15.56 39.88 4.79
N GLY D 160 16.25 39.92 5.93
CA GLY D 160 17.40 39.04 6.15
C GLY D 160 16.90 37.68 6.57
N ILE D 161 17.43 36.63 5.95
CA ILE D 161 17.06 35.26 6.27
C ILE D 161 18.27 34.42 6.67
N ILE D 162 18.29 33.99 7.93
CA ILE D 162 19.29 33.06 8.44
C ILE D 162 18.61 31.70 8.70
N THR D 163 19.14 30.66 8.06
CA THR D 163 18.52 29.33 8.10
C THR D 163 19.40 28.29 8.76
N ALA D 164 18.75 27.19 9.18
CA ALA D 164 19.42 26.05 9.80
C ALA D 164 19.93 25.05 8.75
N PHE D 165 20.72 24.07 9.19
CA PHE D 165 21.26 23.05 8.29
C PHE D 165 20.23 21.99 7.86
N ASN D 166 19.27 21.68 8.74
CA ASN D 166 18.44 20.49 8.53
C ASN D 166 17.41 20.61 7.40
N PHE D 167 16.95 21.82 7.13
CA PHE D 167 16.10 22.09 5.96
C PHE D 167 16.68 23.24 5.13
N PRO D 168 17.75 22.94 4.36
CA PRO D 168 18.52 23.97 3.65
C PRO D 168 17.80 24.62 2.45
N VAL D 169 16.74 23.98 1.95
CA VAL D 169 15.94 24.52 0.84
C VAL D 169 14.61 25.14 1.30
N ALA D 170 13.82 24.35 2.03
CA ALA D 170 12.45 24.72 2.40
C ALA D 170 12.31 25.98 3.25
N VAL D 171 13.12 26.09 4.31
CA VAL D 171 13.01 27.22 5.24
C VAL D 171 13.19 28.53 4.48
N TYR D 172 14.27 28.63 3.70
CA TYR D 172 14.48 29.78 2.81
C TYR D 172 13.26 29.99 1.90
N GLY D 173 12.80 28.92 1.28
CA GLY D 173 11.64 28.96 0.39
C GLY D 173 10.40 29.57 1.02
N TRP D 174 10.00 29.02 2.15
CA TRP D 174 8.86 29.52 2.92
C TRP D 174 8.96 31.02 3.14
N ASN D 175 10.17 31.51 3.39
CA ASN D 175 10.40 32.93 3.62
C ASN D 175 10.45 33.71 2.32
N ASN D 176 11.15 33.15 1.34
CA ASN D 176 11.35 33.80 0.05
C ASN D 176 10.04 34.10 -0.66
N ALA D 177 9.23 33.04 -0.85
CA ALA D 177 7.97 33.15 -1.58
C ALA D 177 7.07 34.22 -0.99
N ILE D 178 6.93 34.22 0.34
CA ILE D 178 6.08 35.19 1.04
C ILE D 178 6.65 36.62 1.00
N ALA D 179 7.93 36.76 1.33
CA ALA D 179 8.59 38.07 1.39
C ALA D 179 8.54 38.75 0.04
N LEU D 180 8.89 38.01 -1.02
CA LEU D 180 8.83 38.52 -2.40
C LEU D 180 7.41 38.95 -2.82
N THR D 181 6.44 38.08 -2.57
CA THR D 181 5.04 38.42 -2.79
C THR D 181 4.65 39.74 -2.09
N CYS D 182 5.23 39.97 -0.93
CA CYS D 182 4.92 41.14 -0.12
C CYS D 182 5.75 42.38 -0.46
N GLY D 183 6.51 42.32 -1.57
CA GLY D 183 7.28 43.47 -2.03
C GLY D 183 8.56 43.75 -1.29
N ASN D 184 9.12 42.72 -0.66
CA ASN D 184 10.39 42.84 0.03
C ASN D 184 11.50 42.26 -0.83
N VAL D 185 12.73 42.64 -0.51
CA VAL D 185 13.93 42.02 -1.08
C VAL D 185 14.61 41.18 0.00
N CYS D 186 15.22 40.08 -0.40
CA CYS D 186 15.79 39.11 0.53
C CYS D 186 17.31 39.11 0.50
N LEU D 187 17.90 38.83 1.66
CA LEU D 187 19.32 38.50 1.78
C LEU D 187 19.43 37.20 2.58
N TRP D 188 20.08 36.21 1.99
CA TRP D 188 20.12 34.87 2.57
C TRP D 188 21.49 34.43 3.04
N LYS D 189 21.59 34.10 4.33
CA LYS D 189 22.78 33.44 4.87
C LYS D 189 22.38 32.07 5.36
N GLY D 190 22.67 31.06 4.54
CA GLY D 190 22.38 29.67 4.89
C GLY D 190 23.38 29.09 5.87
N ALA D 191 23.07 27.93 6.41
CA ALA D 191 23.93 27.24 7.36
C ALA D 191 25.31 26.99 6.74
N PRO D 192 26.39 27.20 7.51
CA PRO D 192 27.77 27.08 7.01
C PRO D 192 28.04 25.72 6.39
N THR D 193 27.39 24.68 6.90
CA THR D 193 27.62 23.30 6.47
C THR D 193 26.83 22.87 5.22
N THR D 194 25.93 23.75 4.75
CA THR D 194 25.16 23.48 3.52
C THR D 194 25.27 24.59 2.46
N PRO D 195 26.47 25.14 2.23
CA PRO D 195 26.57 26.24 1.28
C PRO D 195 26.29 25.85 -0.19
N LEU D 196 26.59 24.61 -0.56
CA LEU D 196 26.33 24.15 -1.93
C LEU D 196 24.84 24.19 -2.27
N THR D 197 23.99 23.76 -1.34
CA THR D 197 22.55 23.87 -1.47
C THR D 197 22.10 25.33 -1.55
N SER D 198 22.71 26.20 -0.74
CA SER D 198 22.41 27.62 -0.78
C SER D 198 22.69 28.16 -2.17
N VAL D 199 23.89 27.90 -2.68
CA VAL D 199 24.32 28.34 -4.02
C VAL D 199 23.42 27.78 -5.13
N ALA D 200 23.12 26.49 -5.06
CA ALA D 200 22.28 25.83 -6.06
C ALA D 200 20.91 26.49 -6.17
N VAL D 201 20.29 26.76 -5.02
CA VAL D 201 18.98 27.42 -4.93
C VAL D 201 19.09 28.83 -5.48
N THR D 202 20.05 29.59 -4.97
CA THR D 202 20.30 30.96 -5.42
C THR D 202 20.48 31.00 -6.94
N LYS D 203 21.21 30.02 -7.50
CA LYS D 203 21.39 29.95 -8.96
C LYS D 203 20.06 29.84 -9.69
N ILE D 204 19.19 28.96 -9.20
CA ILE D 204 17.88 28.75 -9.80
C ILE D 204 17.04 30.04 -9.77
N VAL D 205 17.01 30.69 -8.60
CA VAL D 205 16.27 31.94 -8.41
C VAL D 205 16.85 33.06 -9.24
N ALA D 206 18.18 33.19 -9.21
CA ALA D 206 18.90 34.22 -9.97
C ALA D 206 18.56 34.18 -11.45
N GLU D 207 18.51 32.98 -12.03
CA GLU D 207 18.22 32.83 -13.45
C GLU D 207 16.85 33.39 -13.78
N VAL D 208 15.86 33.07 -12.94
CA VAL D 208 14.48 33.55 -13.13
C VAL D 208 14.42 35.08 -13.10
N LEU D 209 15.09 35.67 -12.11
CA LEU D 209 15.14 37.12 -11.98
C LEU D 209 15.75 37.75 -13.22
N GLU D 210 16.83 37.14 -13.70
CA GLU D 210 17.54 37.64 -14.87
C GLU D 210 16.74 37.46 -16.16
N GLN D 211 16.08 36.32 -16.33
CA GLN D 211 15.16 36.12 -17.48
C GLN D 211 14.15 37.28 -17.56
N ASN D 212 13.73 37.77 -16.40
CA ASN D 212 12.70 38.79 -16.31
C ASN D 212 13.24 40.21 -16.20
N ASN D 213 14.53 40.38 -16.52
CA ASN D 213 15.21 41.68 -16.45
C ASN D 213 15.00 42.41 -15.12
N LEU D 214 15.13 41.67 -14.02
CA LEU D 214 15.00 42.24 -12.70
C LEU D 214 16.37 42.22 -12.03
N PRO D 215 16.69 43.23 -11.20
CA PRO D 215 17.98 43.21 -10.51
C PRO D 215 18.09 41.96 -9.65
N GLY D 216 19.17 41.21 -9.84
CA GLY D 216 19.41 39.99 -9.09
C GLY D 216 19.40 40.14 -7.58
N ALA D 217 19.74 41.35 -7.12
CA ALA D 217 19.87 41.65 -5.69
C ALA D 217 18.55 41.56 -4.90
N ILE D 218 17.43 41.39 -5.62
CA ILE D 218 16.13 41.12 -5.01
C ILE D 218 16.17 39.84 -4.17
N CYS D 219 16.99 38.89 -4.61
CA CYS D 219 17.23 37.66 -3.85
C CYS D 219 18.73 37.41 -3.67
N SER D 220 19.35 38.22 -2.80
CA SER D 220 20.77 38.12 -2.54
C SER D 220 21.12 36.97 -1.61
N MET D 221 22.37 36.52 -1.71
CA MET D 221 22.91 35.48 -0.84
C MET D 221 24.34 35.82 -0.46
N THR D 222 24.65 35.70 0.84
CA THR D 222 26.03 35.82 1.33
C THR D 222 26.28 34.67 2.31
N CYS D 223 27.04 33.66 1.90
CA CYS D 223 27.35 32.53 2.78
C CYS D 223 28.37 32.93 3.85
N GLY D 224 28.24 32.32 5.03
CA GLY D 224 29.16 32.61 6.12
C GLY D 224 28.68 32.08 7.46
N GLY D 225 29.49 32.30 8.49
CA GLY D 225 29.19 31.83 9.84
C GLY D 225 28.55 32.89 10.71
N ALA D 226 28.74 32.75 12.03
CA ALA D 226 28.22 33.68 13.01
C ALA D 226 28.63 35.10 12.63
N ASP D 227 29.90 35.22 12.26
CA ASP D 227 30.48 36.32 11.51
C ASP D 227 29.45 37.25 10.83
N ILE D 228 28.95 36.79 9.69
CA ILE D 228 27.97 37.52 8.87
C ILE D 228 26.59 37.56 9.57
N GLY D 229 26.18 36.42 10.12
CA GLY D 229 24.92 36.34 10.87
C GLY D 229 24.72 37.43 11.91
N THR D 230 25.77 37.72 12.69
CA THR D 230 25.74 38.77 13.70
C THR D 230 25.60 40.15 13.05
N ALA D 231 26.33 40.35 11.95
CA ALA D 231 26.26 41.60 11.22
C ALA D 231 24.83 41.92 10.80
N MET D 232 24.14 40.89 10.29
CA MET D 232 22.74 41.02 9.91
C MET D 232 21.87 41.42 11.11
N ALA D 233 22.05 40.70 12.22
CA ALA D 233 21.29 40.92 13.46
C ALA D 233 21.43 42.35 13.97
N LYS D 234 22.61 42.92 13.76
CA LYS D 234 22.93 44.28 14.22
C LYS D 234 22.62 45.36 13.19
N ASP D 235 22.42 44.95 11.93
CA ASP D 235 22.26 45.90 10.82
C ASP D 235 20.88 46.57 10.81
N GLU D 236 20.88 47.90 10.95
CA GLU D 236 19.65 48.69 10.91
C GLU D 236 18.99 48.66 9.54
N ARG D 237 19.76 48.30 8.53
CA ARG D 237 19.26 48.24 7.15
C ARG D 237 18.47 46.95 6.90
N VAL D 238 18.65 45.95 7.75
CA VAL D 238 17.82 44.76 7.73
C VAL D 238 16.51 45.07 8.46
N ASP D 239 15.43 45.20 7.68
CA ASP D 239 14.14 45.62 8.22
C ASP D 239 13.44 44.53 8.99
N LEU D 240 13.61 43.29 8.54
CA LEU D 240 13.13 42.11 9.26
C LEU D 240 14.18 41.01 9.21
N LEU D 241 14.52 40.47 10.37
CA LEU D 241 15.38 39.31 10.40
C LEU D 241 14.59 38.05 10.73
N SER D 242 14.57 37.12 9.78
CA SER D 242 13.97 35.82 9.98
C SER D 242 15.08 34.86 10.37
N PHE D 243 14.97 34.29 11.57
CA PHE D 243 15.97 33.36 12.05
C PHE D 243 15.37 31.99 12.33
N THR D 244 15.92 30.99 11.65
CA THR D 244 15.63 29.60 11.93
C THR D 244 16.91 28.94 12.44
N GLY D 245 16.87 28.42 13.66
CA GLY D 245 18.04 27.77 14.24
C GLY D 245 17.83 27.40 15.70
N SER D 246 18.94 27.14 16.39
CA SER D 246 18.93 26.78 17.80
C SER D 246 18.38 27.93 18.65
N THR D 247 17.72 27.56 19.73
CA THR D 247 17.13 28.52 20.64
C THR D 247 18.21 29.32 21.39
N HIS D 248 19.40 28.72 21.55
CA HIS D 248 20.56 29.38 22.15
C HIS D 248 21.08 30.53 21.26
N VAL D 249 21.24 30.24 19.97
CA VAL D 249 21.71 31.26 19.04
C VAL D 249 20.61 32.28 18.78
N GLY D 250 19.38 31.80 18.63
CA GLY D 250 18.22 32.68 18.40
C GLY D 250 18.14 33.81 19.41
N LYS D 251 18.34 33.46 20.68
CA LYS D 251 18.34 34.44 21.77
C LYS D 251 19.33 35.57 21.54
N MET D 252 20.57 35.23 21.23
CA MET D 252 21.61 36.21 20.97
C MET D 252 21.18 37.16 19.88
N VAL D 253 20.68 36.57 18.79
CA VAL D 253 20.18 37.30 17.62
C VAL D 253 18.96 38.17 17.96
N ALA D 254 18.00 37.59 18.67
CA ALA D 254 16.81 38.31 19.14
C ALA D 254 17.18 39.56 19.93
N MET D 255 18.06 39.40 20.92
CA MET D 255 18.51 40.48 21.78
C MET D 255 19.16 41.60 20.99
N MET D 256 19.96 41.23 19.99
CA MET D 256 20.62 42.19 19.12
C MET D 256 19.63 42.98 18.26
N VAL D 257 18.62 42.29 17.72
CA VAL D 257 17.58 42.91 16.90
C VAL D 257 16.68 43.80 17.75
N GLN D 258 16.34 43.34 18.95
CA GLN D 258 15.53 44.11 19.88
C GLN D 258 16.22 45.42 20.25
N GLU D 259 17.52 45.32 20.49
CA GLU D 259 18.38 46.45 20.84
C GLU D 259 18.21 47.62 19.87
N ARG D 260 18.08 47.32 18.58
CA ARG D 260 17.98 48.34 17.55
C ARG D 260 16.56 48.53 17.02
N PHE D 261 15.57 48.05 17.77
CA PHE D 261 14.15 48.12 17.39
C PHE D 261 13.82 47.58 15.99
N GLY D 262 14.50 46.53 15.56
CA GLY D 262 14.19 45.90 14.29
C GLY D 262 13.06 44.89 14.46
N ARG D 263 12.51 44.42 13.36
CA ARG D 263 11.51 43.36 13.39
C ARG D 263 12.21 42.01 13.32
N LYS D 264 11.73 41.03 14.08
CA LYS D 264 12.28 39.67 14.04
C LYS D 264 11.20 38.61 13.87
N LEU D 265 11.57 37.51 13.22
CA LEU D 265 10.74 36.31 13.13
C LEU D 265 11.58 35.15 13.60
N LEU D 266 11.19 34.55 14.73
CA LEU D 266 12.01 33.54 15.39
C LEU D 266 11.41 32.15 15.30
N GLU D 267 12.19 31.24 14.70
CA GLU D 267 11.79 29.86 14.52
C GLU D 267 12.85 28.97 15.15
N LEU D 268 12.69 28.69 16.44
CA LEU D 268 13.77 28.11 17.25
C LEU D 268 13.55 26.63 17.63
N GLY D 269 14.08 26.22 18.78
CA GLY D 269 14.09 24.82 19.18
C GLY D 269 12.75 24.22 19.54
N GLY D 270 12.70 22.89 19.53
CA GLY D 270 11.51 22.16 19.94
C GLY D 270 11.86 21.04 20.91
N ASN D 271 10.88 20.64 21.73
CA ASN D 271 11.00 19.46 22.57
C ASN D 271 9.66 18.75 22.53
N ASN D 272 9.36 18.21 21.35
CA ASN D 272 8.01 17.83 20.98
C ASN D 272 7.53 16.52 21.57
N ALA D 273 6.31 16.54 22.12
CA ALA D 273 5.76 15.40 22.83
C ALA D 273 4.58 14.75 22.14
N ILE D 274 4.58 13.41 22.10
CA ILE D 274 3.42 12.62 21.72
C ILE D 274 2.83 12.00 22.98
N ILE D 275 1.54 12.20 23.21
CA ILE D 275 0.88 11.66 24.39
C ILE D 275 -0.12 10.61 23.95
N VAL D 276 0.10 9.39 24.40
CA VAL D 276 -0.75 8.27 24.03
C VAL D 276 -1.64 7.88 25.19
N PHE D 277 -2.95 8.00 24.99
CA PHE D 277 -3.93 7.68 26.02
C PHE D 277 -4.40 6.23 25.92
N GLU D 278 -5.10 5.77 26.95
CA GLU D 278 -5.55 4.38 27.04
C GLU D 278 -6.39 3.95 25.85
N ASP D 279 -7.26 4.85 25.37
CA ASP D 279 -8.21 4.54 24.29
C ASP D 279 -7.65 4.78 22.88
N ALA D 280 -6.35 5.03 22.79
CA ALA D 280 -5.71 5.31 21.50
C ALA D 280 -5.70 4.07 20.60
N ASP D 281 -5.78 4.30 19.29
CA ASP D 281 -5.61 3.24 18.31
C ASP D 281 -4.12 2.93 18.22
N LEU D 282 -3.73 1.82 18.83
CA LEU D 282 -2.32 1.47 18.93
C LEU D 282 -1.68 1.12 17.57
N ASN D 283 -2.50 0.63 16.64
CA ASN D 283 -2.03 0.34 15.29
C ASN D 283 -1.68 1.60 14.54
N LEU D 284 -2.23 2.73 14.99
CA LEU D 284 -1.89 4.04 14.44
C LEU D 284 -0.70 4.64 15.20
N VAL D 285 -0.72 4.48 16.52
CA VAL D 285 0.31 5.05 17.39
C VAL D 285 1.69 4.55 17.01
N VAL D 286 1.85 3.22 16.93
CA VAL D 286 3.17 2.61 16.73
C VAL D 286 3.92 3.11 15.47
N PRO D 287 3.29 3.01 14.28
CA PRO D 287 4.01 3.52 13.10
C PRO D 287 4.21 5.03 13.15
N SER D 288 3.22 5.76 13.68
CA SER D 288 3.33 7.21 13.82
C SER D 288 4.56 7.59 14.64
N ALA D 289 4.65 7.01 15.84
CA ALA D 289 5.77 7.24 16.76
C ALA D 289 7.12 6.93 16.14
N VAL D 290 7.22 5.77 15.48
CA VAL D 290 8.47 5.35 14.84
C VAL D 290 8.94 6.38 13.83
N PHE D 291 8.12 6.66 12.83
CA PHE D 291 8.52 7.55 11.75
C PHE D 291 8.78 8.98 12.21
N ALA D 292 8.01 9.45 13.20
CA ALA D 292 8.17 10.81 13.74
C ALA D 292 9.46 10.96 14.53
N SER D 293 9.95 9.86 15.10
CA SER D 293 11.16 9.87 15.92
C SER D 293 12.40 9.63 15.08
N VAL D 294 12.27 8.69 14.15
CA VAL D 294 13.39 8.15 13.40
C VAL D 294 13.65 8.95 12.11
N GLY D 295 12.61 9.55 11.54
CA GLY D 295 12.73 10.32 10.32
C GLY D 295 13.81 11.38 10.38
N THR D 296 14.51 11.58 9.26
CA THR D 296 15.59 12.57 9.13
C THR D 296 16.69 12.35 10.20
N ALA D 297 16.75 11.13 10.73
CA ALA D 297 17.68 10.76 11.80
C ALA D 297 17.48 11.62 13.06
N GLY D 298 16.23 11.95 13.34
CA GLY D 298 15.90 12.73 14.53
C GLY D 298 16.29 14.20 14.44
N GLN D 299 16.43 14.70 13.20
CA GLN D 299 16.93 16.04 12.99
C GLN D 299 15.91 17.00 12.35
N ARG D 300 14.62 16.81 12.60
CA ARG D 300 13.64 17.85 12.27
C ARG D 300 13.37 18.62 13.55
N CYS D 301 13.08 19.90 13.43
CA CYS D 301 12.71 20.69 14.60
C CYS D 301 11.43 20.15 15.21
N THR D 302 10.62 19.49 14.39
CA THR D 302 9.36 18.92 14.83
C THR D 302 9.45 17.45 15.34
N THR D 303 10.64 16.86 15.28
CA THR D 303 10.84 15.46 15.67
C THR D 303 10.33 15.18 17.08
N THR D 304 9.68 14.02 17.26
CA THR D 304 9.22 13.61 18.58
C THR D 304 10.44 13.35 19.46
N ARG D 305 10.48 14.03 20.60
CA ARG D 305 11.56 13.87 21.55
C ARG D 305 11.06 13.18 22.80
N ARG D 306 9.78 13.38 23.09
CA ARG D 306 9.17 12.86 24.30
C ARG D 306 7.94 12.06 23.93
N LEU D 307 7.90 10.81 24.34
CA LEU D 307 6.74 9.96 24.11
C LEU D 307 6.14 9.56 25.44
N MET D 308 4.94 10.08 25.71
CA MET D 308 4.27 9.82 26.96
C MET D 308 3.23 8.74 26.76
N LEU D 309 3.36 7.66 27.51
CA LEU D 309 2.47 6.51 27.39
C LEU D 309 1.71 6.32 28.68
N HIS D 310 0.40 6.09 28.57
CA HIS D 310 -0.41 5.79 29.72
C HIS D 310 0.03 4.47 30.31
N GLU D 311 0.06 4.41 31.64
CA GLU D 311 0.58 3.25 32.34
C GLU D 311 -0.02 1.94 31.83
N SER D 312 -1.30 1.96 31.46
CA SER D 312 -2.01 0.76 31.02
C SER D 312 -1.44 0.17 29.72
N VAL D 313 -0.86 1.02 28.88
CA VAL D 313 -0.37 0.56 27.57
C VAL D 313 1.15 0.70 27.42
N HIS D 314 1.77 1.32 28.42
CA HIS D 314 3.21 1.64 28.39
C HIS D 314 4.11 0.51 27.89
N ASP D 315 4.13 -0.61 28.62
CA ASP D 315 5.06 -1.71 28.33
C ASP D 315 4.79 -2.39 26.99
N ALA D 316 3.51 -2.52 26.64
CA ALA D 316 3.12 -3.09 25.35
C ALA D 316 3.58 -2.23 24.16
N VAL D 317 3.39 -0.91 24.28
CA VAL D 317 3.72 0.02 23.19
C VAL D 317 5.23 0.14 22.99
N VAL D 318 5.97 0.32 24.09
CA VAL D 318 7.43 0.41 24.04
C VAL D 318 8.02 -0.78 23.29
N GLU D 319 7.55 -1.97 23.64
CA GLU D 319 8.04 -3.20 23.04
C GLU D 319 7.76 -3.26 21.54
N ARG D 320 6.56 -2.81 21.16
CA ARG D 320 6.16 -2.79 19.75
C ARG D 320 7.00 -1.79 18.95
N ILE D 321 7.24 -0.61 19.56
CA ILE D 321 8.09 0.40 18.94
C ILE D 321 9.52 -0.17 18.78
N ALA D 322 9.99 -0.88 19.81
CA ALA D 322 11.31 -1.52 19.77
C ALA D 322 11.45 -2.56 18.66
N LYS D 323 10.39 -3.37 18.45
CA LYS D 323 10.36 -4.33 17.35
C LYS D 323 10.47 -3.66 15.98
N ALA D 324 9.84 -2.49 15.86
CA ALA D 324 9.86 -1.72 14.63
C ALA D 324 11.25 -1.10 14.38
N TYR D 325 11.86 -0.58 15.45
CA TYR D 325 13.20 0.01 15.40
C TYR D 325 14.24 -0.94 14.79
N LYS D 326 14.12 -2.23 15.08
CA LYS D 326 15.01 -3.27 14.54
C LYS D 326 14.94 -3.35 13.02
N GLN D 327 13.78 -3.03 12.44
CA GLN D 327 13.58 -3.12 10.98
C GLN D 327 13.87 -1.83 10.23
N VAL D 328 14.29 -0.79 10.96
CA VAL D 328 14.61 0.50 10.35
C VAL D 328 15.89 0.37 9.51
N ARG D 329 15.75 0.45 8.19
CA ARG D 329 16.87 0.23 7.28
C ARG D 329 17.84 1.41 7.26
N ILE D 330 19.01 1.17 7.84
CA ILE D 330 20.07 2.15 7.95
C ILE D 330 21.06 1.97 6.81
N GLY D 331 21.40 3.05 6.11
CA GLY D 331 22.30 2.98 4.95
C GLY D 331 22.61 4.31 4.27
N ASP D 332 23.08 4.23 3.03
CA ASP D 332 23.40 5.38 2.20
C ASP D 332 22.13 6.19 1.92
N PRO D 333 22.18 7.53 2.13
CA PRO D 333 21.02 8.42 1.93
C PRO D 333 20.49 8.42 0.49
N TRP D 334 21.39 8.14 -0.45
CA TRP D 334 21.14 8.08 -1.89
C TRP D 334 20.32 6.82 -2.26
N ASP D 335 20.47 5.79 -1.44
CA ASP D 335 19.85 4.50 -1.64
C ASP D 335 18.35 4.51 -1.32
N PRO D 336 17.48 4.18 -2.31
CA PRO D 336 16.02 4.18 -2.08
C PRO D 336 15.52 3.24 -0.98
N SER D 337 16.30 2.23 -0.62
CA SER D 337 15.95 1.34 0.50
C SER D 337 16.06 2.00 1.87
N THR D 338 17.01 2.92 2.01
CA THR D 338 17.37 3.53 3.29
C THR D 338 16.22 4.37 3.84
N LEU D 339 15.88 4.12 5.09
CA LEU D 339 14.92 4.96 5.80
C LEU D 339 15.60 5.91 6.78
N TYR D 340 16.88 5.65 7.05
CA TYR D 340 17.57 6.30 8.16
C TYR D 340 19.04 6.50 7.81
N GLY D 341 19.45 7.78 7.65
CA GLY D 341 20.80 8.13 7.24
C GLY D 341 21.68 8.55 8.40
N PRO D 342 22.76 9.30 8.11
CA PRO D 342 23.70 9.75 9.14
C PRO D 342 23.25 11.01 9.85
N LEU D 343 23.82 11.26 11.02
CA LEU D 343 23.74 12.58 11.64
C LEU D 343 24.52 13.56 10.78
N HIS D 344 24.21 14.84 10.91
CA HIS D 344 24.75 15.84 10.00
C HIS D 344 26.25 16.11 10.14
N THR D 345 26.74 16.09 11.39
CA THR D 345 28.16 16.37 11.66
C THR D 345 28.72 15.40 12.68
N LYS D 346 30.02 15.46 12.91
CA LYS D 346 30.65 14.67 13.97
C LYS D 346 30.27 15.19 15.37
N GLN D 347 30.16 16.52 15.50
CA GLN D 347 29.76 17.15 16.77
C GLN D 347 28.41 16.61 17.20
N ALA D 348 27.51 16.45 16.23
CA ALA D 348 26.20 15.85 16.46
C ALA D 348 26.34 14.47 17.10
N VAL D 349 27.29 13.67 16.62
CA VAL D 349 27.56 12.35 17.18
C VAL D 349 27.96 12.46 18.65
N ASP D 350 28.79 13.47 18.97
CA ASP D 350 29.23 13.69 20.35
C ASP D 350 28.09 14.08 21.28
N GLN D 351 27.17 14.93 20.81
CA GLN D 351 25.98 15.33 21.59
C GLN D 351 25.16 14.10 21.92
N TYR D 352 25.02 13.25 20.90
CA TYR D 352 24.30 11.99 21.00
C TYR D 352 24.88 11.11 22.11
N LEU D 353 26.20 10.94 22.10
CA LEU D 353 26.89 10.11 23.09
C LEU D 353 26.81 10.71 24.48
N ALA D 354 26.90 12.03 24.55
CA ALA D 354 26.84 12.77 25.82
C ALA D 354 25.44 12.70 26.43
N ALA D 355 24.41 12.80 25.59
CA ALA D 355 23.03 12.74 26.03
C ALA D 355 22.68 11.34 26.54
N ILE D 356 23.23 10.33 25.86
CA ILE D 356 23.14 8.93 26.30
C ILE D 356 23.67 8.82 27.73
N GLU D 357 24.88 9.34 27.94
CA GLU D 357 25.56 9.33 29.23
C GLU D 357 24.70 9.97 30.32
N GLN D 358 24.24 11.18 30.06
CA GLN D 358 23.42 11.92 31.03
C GLN D 358 22.11 11.21 31.32
N ALA D 359 21.55 10.58 30.30
CA ALA D 359 20.31 9.80 30.47
C ALA D 359 20.50 8.67 31.48
N LYS D 360 21.62 7.95 31.34
CA LYS D 360 21.97 6.88 32.26
C LYS D 360 22.14 7.41 33.68
N GLN D 361 22.97 8.47 33.83
CA GLN D 361 23.21 9.12 35.12
C GLN D 361 21.91 9.56 35.79
N GLN D 362 20.91 9.90 34.99
CA GLN D 362 19.65 10.40 35.52
C GLN D 362 18.58 9.31 35.68
N GLY D 363 19.02 8.06 35.61
CA GLY D 363 18.16 6.91 35.89
C GLY D 363 17.50 6.26 34.69
N GLY D 364 18.00 6.55 33.49
CA GLY D 364 17.40 6.01 32.27
C GLY D 364 17.91 4.64 31.91
N THR D 365 17.04 3.83 31.31
CA THR D 365 17.41 2.52 30.81
C THR D 365 17.29 2.53 29.30
N LEU D 366 18.34 2.08 28.63
CA LEU D 366 18.32 1.97 27.18
C LEU D 366 17.54 0.74 26.74
N VAL D 367 16.45 0.98 26.00
CA VAL D 367 15.68 -0.08 25.39
C VAL D 367 16.38 -0.60 24.12
N CYS D 368 17.02 0.30 23.39
CA CYS D 368 17.75 -0.04 22.18
C CYS D 368 18.61 1.13 21.75
N GLY D 369 19.55 0.84 20.84
CA GLY D 369 20.47 1.84 20.31
C GLY D 369 21.51 2.27 21.33
N GLY D 370 22.05 3.47 21.15
CA GLY D 370 23.00 4.03 22.09
C GLY D 370 24.43 3.99 21.62
N LYS D 371 24.71 3.23 20.57
CA LYS D 371 26.09 3.06 20.09
C LYS D 371 26.33 3.69 18.72
N VAL D 372 27.51 4.29 18.55
CA VAL D 372 27.99 4.75 17.26
C VAL D 372 28.18 3.51 16.38
N MET D 373 27.67 3.58 15.15
CA MET D 373 27.73 2.45 14.24
C MET D 373 29.11 2.39 13.61
N ASP D 374 29.65 1.18 13.53
CA ASP D 374 31.00 0.97 13.02
C ASP D 374 31.03 0.96 11.49
N ARG D 375 31.07 2.15 10.90
CA ARG D 375 31.01 2.32 9.44
C ARG D 375 31.34 3.75 9.03
N PRO D 376 31.72 3.97 7.74
CA PRO D 376 31.90 5.32 7.23
C PRO D 376 30.68 6.21 7.49
N GLY D 377 30.92 7.50 7.68
CA GLY D 377 29.84 8.45 7.92
C GLY D 377 29.51 8.64 9.39
N ASN D 378 28.62 9.58 9.67
CA ASN D 378 28.24 9.93 11.05
C ASN D 378 27.03 9.12 11.54
N TYR D 379 27.10 7.80 11.39
CA TYR D 379 25.95 6.94 11.69
C TYR D 379 25.87 6.56 13.16
N VAL D 380 24.71 6.79 13.75
CA VAL D 380 24.42 6.37 15.13
C VAL D 380 23.12 5.57 15.18
N GLU D 381 22.99 4.72 16.19
CA GLU D 381 21.82 3.88 16.36
C GLU D 381 20.64 4.69 16.90
N PRO D 382 19.43 4.49 16.34
CA PRO D 382 18.24 5.16 16.86
C PRO D 382 17.91 4.60 18.24
N THR D 383 17.78 5.50 19.21
CA THR D 383 17.75 5.11 20.63
C THR D 383 16.41 5.39 21.32
N ILE D 384 15.99 4.46 22.16
CA ILE D 384 14.80 4.60 23.00
C ILE D 384 15.22 4.47 24.45
N ILE D 385 14.77 5.40 25.29
CA ILE D 385 15.12 5.36 26.71
C ILE D 385 13.88 5.46 27.61
N THR D 386 13.71 4.47 28.48
CA THR D 386 12.60 4.46 29.43
C THR D 386 13.11 4.79 30.83
N GLY D 387 12.18 5.12 31.72
CA GLY D 387 12.48 5.20 33.14
C GLY D 387 12.81 6.56 33.72
N LEU D 388 13.13 7.53 32.86
CA LEU D 388 13.46 8.88 33.31
C LEU D 388 12.25 9.60 33.89
N ALA D 389 12.48 10.46 34.87
CA ALA D 389 11.44 11.33 35.40
C ALA D 389 11.04 12.35 34.35
N HIS D 390 9.77 12.77 34.37
CA HIS D 390 9.27 13.78 33.43
C HIS D 390 10.12 15.07 33.38
N ASP D 391 10.70 15.43 34.53
CA ASP D 391 11.52 16.64 34.64
C ASP D 391 13.03 16.38 34.75
N ALA D 392 13.48 15.21 34.33
CA ALA D 392 14.92 14.95 34.25
C ALA D 392 15.54 15.98 33.30
N PRO D 393 16.56 16.72 33.78
CA PRO D 393 17.22 17.77 32.97
C PRO D 393 17.43 17.43 31.48
N ILE D 394 17.88 16.21 31.19
CA ILE D 394 18.13 15.79 29.80
C ILE D 394 16.85 15.74 28.95
N VAL D 395 15.73 15.36 29.57
CA VAL D 395 14.44 15.31 28.91
C VAL D 395 13.98 16.72 28.53
N HIS D 396 14.27 17.69 29.39
CA HIS D 396 13.87 19.07 29.17
C HIS D 396 14.78 19.78 28.17
N THR D 397 15.89 19.16 27.80
CA THR D 397 16.83 19.75 26.84
C THR D 397 16.55 19.22 25.44
N GLU D 398 16.60 20.09 24.44
CA GLU D 398 16.58 19.64 23.06
C GLU D 398 17.97 19.17 22.68
N THR D 399 18.13 17.87 22.46
CA THR D 399 19.34 17.35 21.85
C THR D 399 18.98 16.90 20.44
N PHE D 400 19.61 17.53 19.45
CA PHE D 400 19.23 17.36 18.05
C PHE D 400 19.70 16.02 17.44
N VAL D 401 19.27 14.93 18.08
CA VAL D 401 19.77 13.60 17.79
C VAL D 401 18.65 12.56 17.97
N PRO D 402 18.78 11.37 17.33
CA PRO D 402 17.71 10.37 17.38
C PRO D 402 17.62 9.59 18.71
N ILE D 403 17.30 10.31 19.78
CA ILE D 403 16.98 9.69 21.07
C ILE D 403 15.53 10.02 21.42
N LEU D 404 14.79 9.01 21.84
CA LEU D 404 13.39 9.18 22.22
C LEU D 404 13.23 8.86 23.70
N TYR D 405 12.78 9.83 24.46
CA TYR D 405 12.59 9.64 25.90
C TYR D 405 11.16 9.23 26.17
N VAL D 406 11.00 8.08 26.82
CA VAL D 406 9.67 7.52 27.11
C VAL D 406 9.22 7.81 28.55
N LEU D 407 8.08 8.48 28.66
CA LEU D 407 7.48 8.84 29.95
C LEU D 407 6.19 8.05 30.22
N LYS D 408 5.98 7.70 31.48
CA LYS D 408 4.81 6.96 31.90
C LYS D 408 3.91 7.88 32.72
N PHE D 409 2.65 7.97 32.32
CA PHE D 409 1.70 8.84 33.01
C PHE D 409 0.39 8.13 33.37
N LYS D 410 -0.40 8.75 34.25
CA LYS D 410 -1.71 8.21 34.61
C LYS D 410 -2.85 9.16 34.24
N THR D 411 -2.86 10.37 34.82
CA THR D 411 -3.95 11.32 34.58
C THR D 411 -3.73 12.21 33.35
N GLU D 412 -4.83 12.64 32.74
CA GLU D 412 -4.80 13.62 31.65
C GLU D 412 -4.12 14.92 32.08
N GLU D 413 -4.50 15.40 33.28
CA GLU D 413 -3.92 16.62 33.84
C GLU D 413 -2.39 16.55 33.83
N GLU D 414 -1.84 15.42 34.27
CA GLU D 414 -0.39 15.18 34.31
C GLU D 414 0.27 15.35 32.96
N ALA D 415 -0.24 14.61 31.97
CA ALA D 415 0.34 14.60 30.63
C ALA D 415 0.33 16.00 30.04
N PHE D 416 -0.81 16.67 30.12
CA PHE D 416 -0.94 18.03 29.62
C PHE D 416 0.10 18.95 30.24
N ALA D 417 0.19 18.91 31.58
CA ALA D 417 1.17 19.70 32.34
C ALA D 417 2.62 19.42 31.94
N TRP D 418 2.97 18.14 31.77
CA TRP D 418 4.34 17.77 31.38
C TRP D 418 4.67 18.23 29.97
N ASN D 419 3.68 18.16 29.08
CA ASN D 419 3.84 18.72 27.75
C ASN D 419 4.18 20.20 27.80
N ASN D 420 3.52 20.93 28.70
CA ASN D 420 3.68 22.38 28.84
C ASN D 420 4.85 22.87 29.72
N GLU D 421 5.35 21.98 30.59
CA GLU D 421 6.34 22.37 31.59
C GLU D 421 7.72 22.76 31.03
N VAL D 422 8.03 22.32 29.81
CA VAL D 422 9.32 22.66 29.19
C VAL D 422 9.34 24.09 28.63
N GLN D 423 10.55 24.59 28.32
CA GLN D 423 10.70 25.94 27.80
C GLN D 423 10.42 26.06 26.30
N GLN D 424 10.59 24.97 25.56
CA GLN D 424 10.21 24.91 24.15
C GLN D 424 8.69 24.88 24.00
N GLY D 425 8.21 25.19 22.80
CA GLY D 425 6.78 25.18 22.54
C GLY D 425 6.40 25.10 21.08
N LEU D 426 7.12 24.27 20.32
CA LEU D 426 6.84 24.12 18.89
C LEU D 426 5.64 23.20 18.62
N SER D 427 5.84 21.89 18.71
CA SER D 427 4.84 20.91 18.31
C SER D 427 4.36 19.98 19.43
N SER D 428 3.15 19.44 19.26
CA SER D 428 2.57 18.53 20.26
C SER D 428 1.43 17.70 19.68
N SER D 429 1.30 16.46 20.18
CA SER D 429 0.28 15.52 19.70
C SER D 429 -0.29 14.69 20.82
N ILE D 430 -1.59 14.47 20.76
CA ILE D 430 -2.21 13.43 21.57
C ILE D 430 -2.87 12.39 20.66
N PHE D 431 -2.85 11.14 21.12
CA PHE D 431 -3.53 10.06 20.42
C PHE D 431 -4.62 9.55 21.35
N THR D 432 -5.88 9.71 20.89
CA THR D 432 -7.04 9.37 21.70
C THR D 432 -8.27 9.25 20.81
N LYS D 433 -9.32 8.65 21.34
CA LYS D 433 -10.61 8.55 20.65
C LYS D 433 -11.67 9.37 21.34
N ASP D 434 -11.27 10.04 22.42
CA ASP D 434 -12.20 10.74 23.30
C ASP D 434 -12.51 12.15 22.80
N LEU D 435 -13.76 12.34 22.37
CA LEU D 435 -14.22 13.63 21.83
C LEU D 435 -13.92 14.83 22.74
N GLY D 436 -14.25 14.70 24.03
CA GLY D 436 -14.03 15.76 25.01
C GLY D 436 -12.56 16.09 25.24
N ARG D 437 -11.74 15.05 25.27
CA ARG D 437 -10.30 15.21 25.43
C ARG D 437 -9.70 16.01 24.27
N VAL D 438 -10.14 15.71 23.03
CA VAL D 438 -9.66 16.41 21.84
C VAL D 438 -9.81 17.92 21.97
N PHE D 439 -11.01 18.37 22.33
CA PHE D 439 -11.28 19.80 22.41
C PHE D 439 -10.64 20.48 23.62
N ARG D 440 -10.48 19.73 24.71
CA ARG D 440 -9.79 20.24 25.88
C ARG D 440 -8.33 20.50 25.52
N TRP D 441 -7.74 19.54 24.79
CA TRP D 441 -6.38 19.63 24.28
C TRP D 441 -6.17 20.84 23.36
N LEU D 442 -7.20 21.17 22.59
CA LEU D 442 -7.20 22.33 21.70
C LEU D 442 -7.51 23.64 22.41
N GLY D 443 -8.25 23.58 23.52
CA GLY D 443 -8.65 24.75 24.29
C GLY D 443 -7.56 25.37 25.17
N PRO D 444 -7.96 26.31 26.06
CA PRO D 444 -7.10 27.12 26.93
C PRO D 444 -6.33 26.35 28.01
N LYS D 445 -6.83 25.19 28.42
CA LYS D 445 -6.13 24.35 29.42
C LYS D 445 -5.52 23.12 28.79
N GLY D 446 -5.28 23.19 27.47
CA GLY D 446 -4.63 22.12 26.75
C GLY D 446 -3.18 22.47 26.43
N SER D 447 -2.74 22.10 25.24
CA SER D 447 -1.36 22.31 24.79
C SER D 447 -1.03 23.80 24.68
N ASP D 448 0.21 24.15 24.99
CA ASP D 448 0.66 25.54 24.85
C ASP D 448 1.57 25.75 23.62
N CYS D 449 1.52 24.80 22.69
CA CYS D 449 2.38 24.83 21.50
C CYS D 449 1.78 25.57 20.31
N GLY D 450 2.61 25.84 19.31
CA GLY D 450 2.16 26.45 18.06
C GLY D 450 1.48 25.46 17.15
N ILE D 451 1.89 24.19 17.24
CA ILE D 451 1.28 23.09 16.51
C ILE D 451 0.64 22.13 17.54
N VAL D 452 -0.67 21.91 17.41
CA VAL D 452 -1.42 21.10 18.37
C VAL D 452 -2.23 20.04 17.64
N ASN D 453 -1.68 18.84 17.56
CA ASN D 453 -2.23 17.79 16.71
C ASN D 453 -2.96 16.68 17.46
N VAL D 454 -3.89 16.01 16.78
CA VAL D 454 -4.63 14.89 17.34
C VAL D 454 -4.59 13.71 16.38
N ASN D 455 -4.06 12.58 16.87
CA ASN D 455 -3.94 11.34 16.07
C ASN D 455 -3.07 11.45 14.82
N ILE D 456 -2.24 12.48 14.79
CA ILE D 456 -1.19 12.64 13.81
C ILE D 456 0.04 13.10 14.61
N PRO D 457 1.25 12.63 14.24
CA PRO D 457 2.46 12.95 15.02
C PRO D 457 2.83 14.43 15.06
N THR D 458 3.99 14.72 15.63
CA THR D 458 4.47 16.08 15.83
C THR D 458 5.01 16.75 14.56
N SER D 459 5.26 15.97 13.51
CA SER D 459 5.78 16.53 12.27
C SER D 459 4.70 16.71 11.19
N GLY D 460 3.45 16.48 11.58
CA GLY D 460 2.30 16.74 10.70
C GLY D 460 1.98 18.24 10.58
N ALA D 461 2.38 18.83 9.46
CA ALA D 461 2.16 20.25 9.18
C ALA D 461 2.17 20.54 7.68
N GLU D 462 1.22 21.38 7.25
CA GLU D 462 1.08 21.72 5.84
C GLU D 462 1.10 23.23 5.58
N ILE D 463 1.34 23.58 4.32
CA ILE D 463 1.47 24.95 3.84
C ILE D 463 0.33 25.89 4.28
N GLY D 464 -0.91 25.41 4.19
CA GLY D 464 -2.10 26.23 4.44
C GLY D 464 -2.15 26.93 5.79
N GLY D 465 -1.52 26.32 6.80
CA GLY D 465 -1.53 26.88 8.15
C GLY D 465 -0.25 27.59 8.54
N ALA D 466 -0.35 28.50 9.52
CA ALA D 466 0.83 29.15 10.08
C ALA D 466 1.73 28.13 10.77
N PHE D 467 3.03 28.22 10.55
CA PHE D 467 3.97 27.29 11.17
C PHE D 467 4.92 27.99 12.13
N GLY D 468 5.00 27.50 13.35
CA GLY D 468 5.90 28.08 14.35
C GLY D 468 5.47 27.71 15.74
N GLY D 469 6.24 28.16 16.73
CA GLY D 469 6.00 27.80 18.12
C GLY D 469 5.87 28.95 19.10
N GLU D 470 5.76 28.60 20.36
CA GLU D 470 5.58 29.57 21.42
C GLU D 470 6.74 29.48 22.39
N LYS D 471 6.66 30.23 23.50
CA LYS D 471 7.70 30.21 24.52
C LYS D 471 9.10 30.32 23.88
N HIS D 472 10.00 29.41 24.23
CA HIS D 472 11.40 29.46 23.73
C HIS D 472 11.55 29.14 22.25
N THR D 473 10.48 28.73 21.58
CA THR D 473 10.54 28.48 20.14
C THR D 473 10.51 29.80 19.36
N GLY D 474 10.08 30.88 20.02
CA GLY D 474 10.33 32.22 19.51
C GLY D 474 9.18 33.08 19.00
N GLY D 475 8.01 32.48 18.79
CA GLY D 475 6.82 33.26 18.41
C GLY D 475 6.55 33.47 16.91
N GLY D 476 7.58 33.37 16.09
CA GLY D 476 7.46 33.58 14.66
C GLY D 476 6.56 32.55 13.99
N ARG D 477 6.02 32.92 12.84
CA ARG D 477 5.20 32.01 12.03
C ARG D 477 5.59 32.07 10.56
N GLU D 478 5.52 30.93 9.88
CA GLU D 478 5.88 30.86 8.48
C GLU D 478 4.75 30.26 7.65
N SER D 479 4.73 30.64 6.38
CA SER D 479 3.84 30.08 5.35
C SER D 479 2.37 30.52 5.44
N GLY D 480 1.53 29.70 6.08
CA GLY D 480 0.08 29.82 5.95
C GLY D 480 -0.63 30.86 6.80
N SER D 481 -1.95 30.83 6.75
CA SER D 481 -2.83 31.79 7.43
C SER D 481 -2.41 33.23 7.11
N ASP D 482 -2.36 34.11 8.11
CA ASP D 482 -1.91 35.47 7.87
C ASP D 482 -0.45 35.71 8.28
N SER D 483 0.41 34.70 8.07
CA SER D 483 1.82 34.81 8.40
C SER D 483 2.46 35.98 7.67
N TRP D 484 1.95 36.26 6.48
CA TRP D 484 2.50 37.32 5.63
C TRP D 484 2.61 38.67 6.33
N LYS D 485 1.74 38.91 7.31
CA LYS D 485 1.72 40.19 8.03
C LYS D 485 3.05 40.53 8.70
N GLN D 486 3.84 39.51 9.02
CA GLN D 486 5.11 39.70 9.69
C GLN D 486 6.12 40.31 8.73
N TYR D 487 5.83 40.16 7.43
CA TYR D 487 6.71 40.62 6.37
C TYR D 487 6.30 42.00 5.83
N MET D 488 5.33 42.63 6.50
CA MET D 488 4.80 43.93 6.08
C MET D 488 4.55 44.82 7.28
N ARG D 489 4.40 46.12 7.04
CA ARG D 489 4.02 47.05 8.10
C ARG D 489 2.59 47.52 7.90
N ARG D 490 1.82 47.52 9.00
CA ARG D 490 0.42 47.96 9.02
C ARG D 490 0.38 49.47 9.19
N SER D 491 -0.49 50.13 8.45
CA SER D 491 -0.78 51.53 8.69
C SER D 491 -2.28 51.77 8.70
N THR D 492 -2.76 52.43 9.75
CA THR D 492 -4.17 52.81 9.87
C THR D 492 -4.38 54.21 9.29
N CYS D 493 -5.11 54.28 8.17
CA CYS D 493 -5.17 55.49 7.38
C CYS D 493 -6.55 56.13 7.36
N THR D 494 -6.61 57.38 7.78
CA THR D 494 -7.85 58.15 7.76
C THR D 494 -7.74 59.23 6.71
N ILE D 495 -8.67 59.19 5.75
CA ILE D 495 -8.71 60.19 4.70
C ILE D 495 -9.96 61.08 4.85
N ASN D 496 -9.73 62.35 5.12
CA ASN D 496 -10.76 63.35 5.14
C ASN D 496 -10.90 63.92 3.74
N TYR D 497 -12.06 63.68 3.13
CA TYR D 497 -12.30 64.12 1.77
C TYR D 497 -13.43 65.15 1.68
N SER D 498 -13.99 65.51 2.83
CA SER D 498 -15.07 66.49 2.91
C SER D 498 -14.55 67.92 2.89
N LYS D 499 -15.46 68.88 2.73
CA LYS D 499 -15.12 70.30 2.84
C LYS D 499 -15.31 70.85 4.25
N ASP D 500 -15.77 69.99 5.16
CA ASP D 500 -16.02 70.36 6.57
C ASP D 500 -14.77 70.91 7.25
N LEU D 501 -14.95 71.96 8.03
CA LEU D 501 -13.86 72.53 8.82
C LEU D 501 -14.07 72.18 10.28
N PRO D 502 -12.97 72.13 11.08
CA PRO D 502 -13.15 71.83 12.51
C PRO D 502 -13.74 73.02 13.26
N LEU D 503 -14.45 72.73 14.34
CA LEU D 503 -15.07 73.77 15.15
C LEU D 503 -14.01 74.76 15.58
N ALA D 504 -14.32 76.05 15.45
CA ALA D 504 -13.39 77.11 15.84
C ALA D 504 -13.23 77.22 17.37
N GLN D 505 -14.25 76.75 18.09
CA GLN D 505 -14.32 76.80 19.55
C GLN D 505 -13.78 78.09 20.19
N GLY D 506 -14.31 79.22 19.75
CA GLY D 506 -14.00 80.52 20.35
C GLY D 506 -12.93 81.34 19.68
N ILE D 507 -12.08 80.70 18.87
CA ILE D 507 -11.00 81.38 18.15
C ILE D 507 -11.46 81.84 16.77
N LYS D 508 -11.10 83.08 16.44
CA LYS D 508 -11.39 83.72 15.17
C LYS D 508 -10.26 83.42 14.18
N PHE D 509 -10.60 82.92 13.00
CA PHE D 509 -9.61 82.70 11.93
C PHE D 509 -9.95 83.55 10.71
N SER E 1 55.57 1.23 -20.97
CA SER E 1 54.35 1.13 -21.85
C SER E 1 53.06 0.93 -21.04
N GLY E 2 53.20 0.79 -19.72
CA GLY E 2 52.07 0.95 -18.79
C GLY E 2 51.04 -0.15 -18.74
N LEU E 3 49.88 0.16 -18.15
CA LEU E 3 48.78 -0.78 -18.03
C LEU E 3 48.00 -0.86 -19.34
N LEU E 4 47.58 -2.07 -19.68
CA LEU E 4 46.77 -2.29 -20.89
C LEU E 4 45.50 -1.46 -20.89
N ILE E 5 44.82 -1.36 -19.74
CA ILE E 5 43.54 -0.67 -19.63
C ILE E 5 43.60 0.79 -20.10
N ASN E 6 44.73 1.45 -19.89
CA ASN E 6 44.92 2.85 -20.31
C ASN E 6 45.05 3.04 -21.83
N GLN E 7 45.37 1.97 -22.54
CA GLN E 7 45.47 2.01 -24.00
C GLN E 7 44.08 1.93 -24.64
N PRO E 8 43.85 2.72 -25.73
CA PRO E 8 42.55 2.76 -26.42
C PRO E 8 42.09 1.40 -26.97
N LYS E 9 43.04 0.61 -27.46
CA LYS E 9 42.83 -0.77 -27.94
C LYS E 9 42.05 -1.63 -26.92
N TYR E 10 42.05 -1.18 -25.65
CA TYR E 10 41.47 -1.94 -24.52
C TYR E 10 40.42 -1.16 -23.72
N SER E 11 39.83 -0.13 -24.32
CA SER E 11 38.87 0.70 -23.58
C SER E 11 37.49 0.02 -23.39
N TRP E 12 37.29 -1.13 -24.03
CA TRP E 12 36.09 -1.94 -23.81
C TRP E 12 36.00 -2.48 -22.37
N LEU E 13 37.17 -2.57 -21.72
CA LEU E 13 37.25 -2.95 -20.31
C LEU E 13 36.51 -1.97 -19.40
N LYS E 14 36.26 -0.76 -19.90
CA LYS E 14 35.57 0.26 -19.11
C LYS E 14 34.07 -0.01 -19.08
N GLU E 15 33.58 -0.74 -20.10
CA GLU E 15 32.19 -1.19 -20.14
C GLU E 15 31.85 -2.18 -19.03
N LEU E 16 32.87 -2.85 -18.50
CA LEU E 16 32.70 -3.77 -17.38
C LEU E 16 32.80 -3.05 -16.03
N GLY E 17 32.98 -1.74 -16.08
CA GLY E 17 33.09 -0.91 -14.88
C GLY E 17 34.47 -0.97 -14.27
N LEU E 18 35.46 -1.34 -15.09
CA LEU E 18 36.82 -1.49 -14.60
C LEU E 18 37.64 -0.24 -14.85
N SER E 19 38.62 -0.01 -13.98
CA SER E 19 39.46 1.17 -14.00
C SER E 19 40.92 0.74 -13.77
N GLU E 20 41.84 1.71 -13.70
CA GLU E 20 43.25 1.44 -13.39
C GLU E 20 43.42 0.68 -12.09
N ASP E 21 42.91 1.25 -10.99
CA ASP E 21 42.81 0.54 -9.72
C ASP E 21 41.35 0.17 -9.48
N ASN E 22 41.15 -1.02 -8.91
CA ASN E 22 39.81 -1.52 -8.64
C ASN E 22 39.67 -1.99 -7.19
N PRO E 23 38.55 -1.64 -6.53
CA PRO E 23 38.24 -2.18 -5.21
C PRO E 23 37.96 -3.68 -5.27
N GLY E 24 38.59 -4.44 -4.37
CA GLY E 24 38.47 -5.90 -4.35
C GLY E 24 37.51 -6.41 -3.31
N VAL E 25 36.87 -5.50 -2.57
CA VAL E 25 35.83 -5.84 -1.62
C VAL E 25 34.49 -5.25 -2.06
N TYR E 26 33.46 -6.08 -2.04
CA TYR E 26 32.08 -5.60 -2.12
C TYR E 26 31.20 -6.31 -1.10
N ASN E 27 30.41 -5.52 -0.38
CA ASN E 27 29.50 -6.06 0.65
C ASN E 27 28.29 -5.15 0.80
N GLY E 28 27.84 -4.56 -0.31
CA GLY E 28 26.82 -3.52 -0.28
C GLY E 28 27.46 -2.18 -0.58
N SER E 29 28.75 -2.06 -0.25
CA SER E 29 29.58 -0.92 -0.66
C SER E 29 30.97 -1.42 -1.06
N TRP E 30 31.63 -0.68 -1.94
CA TRP E 30 32.93 -1.09 -2.49
C TRP E 30 34.11 -0.55 -1.69
N GLY E 31 35.21 -1.32 -1.67
CA GLY E 31 36.42 -0.90 -1.00
C GLY E 31 37.50 -1.96 -1.03
N GLY E 32 38.39 -1.90 -0.04
CA GLY E 32 39.52 -2.81 0.05
C GLY E 32 40.81 -2.03 0.22
N SER E 33 41.61 -2.42 1.20
CA SER E 33 42.84 -1.70 1.51
C SER E 33 43.96 -2.67 1.87
N GLY E 34 43.82 -3.92 1.44
CA GLY E 34 44.88 -4.91 1.59
C GLY E 34 45.90 -4.77 0.48
N GLU E 35 46.63 -5.84 0.21
CA GLU E 35 47.69 -5.82 -0.81
C GLU E 35 47.11 -5.52 -2.17
N VAL E 36 47.83 -4.71 -2.92
CA VAL E 36 47.45 -4.37 -4.29
C VAL E 36 48.07 -5.40 -5.20
N ILE E 37 47.24 -6.13 -5.94
CA ILE E 37 47.75 -7.12 -6.89
C ILE E 37 47.60 -6.59 -8.31
N THR E 38 48.57 -6.93 -9.16
CA THR E 38 48.52 -6.53 -10.55
C THR E 38 48.27 -7.75 -11.43
N SER E 39 47.19 -7.69 -12.20
CA SER E 39 46.77 -8.80 -13.01
C SER E 39 47.42 -8.74 -14.40
N TYR E 40 48.15 -9.79 -14.75
CA TYR E 40 48.88 -9.84 -16.02
C TYR E 40 48.17 -10.69 -17.07
N CYS E 41 48.24 -10.24 -18.32
CA CYS E 41 47.72 -11.00 -19.45
C CYS E 41 48.73 -12.07 -19.88
N PRO E 42 48.39 -13.37 -19.68
CA PRO E 42 49.34 -14.46 -19.92
C PRO E 42 49.76 -14.62 -21.38
N ALA E 43 49.15 -13.85 -22.28
CA ALA E 43 49.45 -13.93 -23.72
C ALA E 43 50.67 -13.12 -24.11
N ASN E 44 50.99 -12.12 -23.29
CA ASN E 44 52.13 -11.23 -23.55
C ASN E 44 52.84 -10.73 -22.30
N ASN E 45 52.41 -11.22 -21.14
CA ASN E 45 52.97 -10.84 -19.84
C ASN E 45 52.93 -9.34 -19.53
N GLU E 46 51.98 -8.65 -20.15
CA GLU E 46 51.75 -7.24 -19.92
C GLU E 46 50.72 -7.03 -18.81
N PRO E 47 50.93 -6.02 -17.95
CA PRO E 47 49.97 -5.76 -16.88
C PRO E 47 48.66 -5.18 -17.43
N ILE E 48 47.54 -5.67 -16.93
CA ILE E 48 46.24 -5.21 -17.41
C ILE E 48 45.74 -4.07 -16.53
N ALA E 49 45.63 -4.33 -15.23
CA ALA E 49 45.17 -3.33 -14.25
C ALA E 49 45.33 -3.93 -12.86
N ARG E 50 45.05 -3.13 -11.83
CA ARG E 50 45.27 -3.55 -10.45
C ARG E 50 43.98 -3.73 -9.68
N VAL E 51 44.03 -4.58 -8.66
CA VAL E 51 42.92 -4.77 -7.73
C VAL E 51 43.44 -4.71 -6.30
N THR E 52 42.74 -3.96 -5.45
CA THR E 52 43.09 -3.87 -4.04
C THR E 52 42.35 -4.92 -3.26
N GLN E 53 43.09 -5.90 -2.75
CA GLN E 53 42.51 -7.05 -2.07
C GLN E 53 42.03 -6.68 -0.65
N ALA E 54 41.38 -7.63 0.02
CA ALA E 54 40.83 -7.39 1.35
C ALA E 54 41.88 -7.59 2.43
N THR E 55 41.73 -6.85 3.53
CA THR E 55 42.46 -7.15 4.75
C THR E 55 41.58 -8.15 5.51
N LEU E 56 42.16 -8.84 6.50
CA LEU E 56 41.36 -9.71 7.37
C LEU E 56 40.21 -8.95 8.00
N ALA E 57 40.49 -7.73 8.46
CA ALA E 57 39.48 -6.86 9.06
C ALA E 57 38.32 -6.55 8.10
N GLU E 58 38.66 -6.38 6.82
CA GLU E 58 37.64 -6.15 5.80
C GLU E 58 36.85 -7.42 5.47
N TYR E 59 37.53 -8.57 5.47
CA TYR E 59 36.82 -9.86 5.39
C TYR E 59 35.85 -10.01 6.57
N GLU E 60 36.39 -9.79 7.78
CA GLU E 60 35.63 -9.85 9.02
C GLU E 60 34.34 -9.02 8.92
N GLU E 61 34.48 -7.79 8.47
CA GLU E 61 33.34 -6.87 8.34
C GLU E 61 32.35 -7.32 7.27
N THR E 62 32.87 -7.95 6.21
CA THR E 62 32.04 -8.47 5.12
C THR E 62 31.17 -9.65 5.58
N VAL E 63 31.70 -10.49 6.47
CA VAL E 63 30.94 -11.62 7.01
C VAL E 63 29.75 -11.15 7.86
N GLN E 64 29.96 -10.10 8.65
CA GLN E 64 28.88 -9.51 9.46
C GLN E 64 27.77 -8.90 8.62
N LYS E 65 28.16 -8.15 7.58
CA LYS E 65 27.20 -7.55 6.63
C LYS E 65 26.43 -8.62 5.85
N THR E 66 27.11 -9.72 5.55
CA THR E 66 26.53 -10.86 4.87
C THR E 66 25.48 -11.56 5.74
N ARG E 67 25.88 -11.88 6.97
CA ARG E 67 24.98 -12.50 7.95
C ARG E 67 23.69 -11.68 8.18
N GLU E 68 23.84 -10.35 8.17
CA GLU E 68 22.73 -9.43 8.37
C GLU E 68 21.79 -9.42 7.18
N ALA E 69 22.38 -9.46 5.99
CA ALA E 69 21.62 -9.49 4.73
C ALA E 69 20.79 -10.76 4.63
N TRP E 70 21.34 -11.88 5.11
CA TRP E 70 20.66 -13.17 5.08
C TRP E 70 19.28 -13.12 5.72
N LYS E 71 19.20 -12.44 6.87
CA LYS E 71 17.96 -12.29 7.62
C LYS E 71 16.78 -11.90 6.73
N MET E 72 16.93 -10.84 5.95
CA MET E 72 15.85 -10.40 5.07
C MET E 72 15.71 -11.30 3.84
N TRP E 73 16.85 -11.82 3.36
CA TRP E 73 16.90 -12.65 2.15
C TRP E 73 16.22 -14.01 2.30
N ALA E 74 16.47 -14.65 3.44
CA ALA E 74 15.86 -15.93 3.77
C ALA E 74 14.33 -15.85 3.88
N ASP E 75 13.83 -14.63 4.16
CA ASP E 75 12.37 -14.39 4.29
C ASP E 75 11.67 -14.24 2.94
N ILE E 76 12.45 -14.12 1.87
CA ILE E 76 11.88 -13.98 0.53
C ILE E 76 11.62 -15.37 -0.06
N PRO E 77 10.36 -15.64 -0.45
CA PRO E 77 9.96 -16.90 -1.09
C PRO E 77 10.88 -17.33 -2.23
N ALA E 78 11.09 -18.63 -2.38
CA ALA E 78 12.05 -19.14 -3.36
C ALA E 78 11.77 -18.71 -4.81
N PRO E 79 10.49 -18.78 -5.26
CA PRO E 79 10.23 -18.29 -6.62
C PRO E 79 10.58 -16.81 -6.80
N LYS E 80 10.42 -16.01 -5.76
CA LYS E 80 10.81 -14.60 -5.83
C LYS E 80 12.33 -14.40 -5.83
N ARG E 81 13.07 -15.30 -5.18
CA ARG E 81 14.52 -15.31 -5.27
C ARG E 81 14.94 -15.69 -6.69
N GLY E 82 14.21 -16.62 -7.29
CA GLY E 82 14.47 -17.07 -8.66
C GLY E 82 14.35 -15.93 -9.65
N GLU E 83 13.42 -15.02 -9.37
CA GLU E 83 13.23 -13.82 -10.18
C GLU E 83 14.49 -12.97 -10.19
N ILE E 84 15.15 -12.87 -9.03
CA ILE E 84 16.45 -12.22 -8.93
C ILE E 84 17.48 -12.97 -9.77
N VAL E 85 17.54 -14.30 -9.62
CA VAL E 85 18.50 -15.12 -10.36
C VAL E 85 18.28 -14.98 -11.87
N ARG E 86 17.01 -14.90 -12.28
CA ARG E 86 16.62 -14.69 -13.68
C ARG E 86 17.25 -13.41 -14.23
N GLN E 87 17.19 -12.35 -13.45
CA GLN E 87 17.69 -11.05 -13.87
C GLN E 87 19.20 -11.02 -13.94
N ILE E 88 19.86 -11.71 -13.01
CA ILE E 88 21.32 -11.90 -13.05
C ILE E 88 21.67 -12.56 -14.38
N GLY E 89 20.89 -13.57 -14.76
CA GLY E 89 21.08 -14.26 -16.02
C GLY E 89 21.00 -13.32 -17.20
N ASP E 90 20.03 -12.42 -17.15
CA ASP E 90 19.83 -11.41 -18.21
C ASP E 90 20.90 -10.33 -18.24
N ALA E 91 21.30 -9.87 -17.06
CA ALA E 91 22.34 -8.86 -16.96
C ALA E 91 23.64 -9.40 -17.54
N LEU E 92 23.92 -10.67 -17.29
CA LEU E 92 25.09 -11.33 -17.83
C LEU E 92 25.00 -11.41 -19.34
N ARG E 93 23.81 -11.77 -19.83
CA ARG E 93 23.53 -11.93 -21.26
C ARG E 93 23.90 -10.65 -22.04
N LYS E 94 23.54 -9.50 -21.48
CA LYS E 94 23.85 -8.19 -22.07
C LYS E 94 25.35 -7.95 -22.19
N LYS E 95 26.12 -8.44 -21.22
CA LYS E 95 27.58 -8.18 -21.19
C LYS E 95 28.41 -9.38 -21.65
N ILE E 96 27.77 -10.35 -22.31
CA ILE E 96 28.42 -11.63 -22.64
C ILE E 96 29.74 -11.50 -23.41
N LYS E 97 29.77 -10.61 -24.41
CA LYS E 97 30.94 -10.45 -25.28
C LYS E 97 32.15 -9.87 -24.57
N VAL E 98 31.95 -8.75 -23.88
CA VAL E 98 33.03 -8.07 -23.16
C VAL E 98 33.52 -8.87 -21.95
N LEU E 99 32.61 -9.55 -21.27
CA LEU E 99 32.97 -10.37 -20.11
C LEU E 99 33.76 -11.58 -20.58
N GLY E 100 33.30 -12.19 -21.69
CA GLY E 100 34.01 -13.30 -22.33
C GLY E 100 35.40 -12.85 -22.73
N SER E 101 35.49 -11.63 -23.26
CA SER E 101 36.76 -11.04 -23.67
C SER E 101 37.71 -10.86 -22.49
N LEU E 102 37.19 -10.37 -21.36
CA LEU E 102 37.97 -10.27 -20.12
C LEU E 102 38.51 -11.63 -19.66
N VAL E 103 37.66 -12.66 -19.66
CA VAL E 103 38.11 -13.99 -19.27
C VAL E 103 39.29 -14.38 -20.15
N SER E 104 39.10 -14.24 -21.46
CA SER E 104 40.12 -14.57 -22.44
C SER E 104 41.43 -13.82 -22.17
N LEU E 105 41.31 -12.51 -21.89
CA LEU E 105 42.46 -11.64 -21.65
C LEU E 105 43.18 -11.94 -20.33
N GLU E 106 42.42 -12.16 -19.26
CA GLU E 106 43.01 -12.35 -17.93
C GLU E 106 43.39 -13.80 -17.59
N MET E 107 42.63 -14.76 -18.10
CA MET E 107 42.90 -16.18 -17.82
C MET E 107 43.78 -16.81 -18.91
N GLY E 108 43.45 -16.49 -20.17
CA GLY E 108 44.25 -16.95 -21.30
C GLY E 108 43.57 -17.89 -22.27
N LYS E 109 42.34 -18.30 -21.96
CA LYS E 109 41.58 -19.20 -22.85
C LYS E 109 41.03 -18.43 -24.06
N ILE E 110 40.77 -19.14 -25.15
CA ILE E 110 40.34 -18.49 -26.38
C ILE E 110 38.99 -17.81 -26.20
N TYR E 111 38.78 -16.73 -26.95
CA TYR E 111 37.57 -15.90 -26.87
C TYR E 111 36.27 -16.71 -26.86
N VAL E 112 36.11 -17.61 -27.83
CA VAL E 112 34.85 -18.35 -27.92
C VAL E 112 34.56 -19.15 -26.64
N GLU E 113 35.62 -19.64 -25.99
CA GLU E 113 35.50 -20.35 -24.71
C GLU E 113 35.24 -19.41 -23.53
N GLY E 114 35.73 -18.18 -23.64
CA GLY E 114 35.44 -17.14 -22.65
C GLY E 114 33.95 -16.84 -22.66
N VAL E 115 33.42 -16.71 -23.87
CA VAL E 115 31.98 -16.50 -24.08
C VAL E 115 31.19 -17.71 -23.57
N GLY E 116 31.66 -18.91 -23.91
CA GLY E 116 31.02 -20.17 -23.49
C GLY E 116 30.89 -20.28 -21.99
N GLU E 117 31.93 -19.82 -21.28
CA GLU E 117 31.94 -19.83 -19.82
C GLU E 117 30.85 -18.93 -19.25
N VAL E 118 30.68 -17.74 -19.85
CA VAL E 118 29.64 -16.81 -19.43
C VAL E 118 28.26 -17.43 -19.67
N GLN E 119 28.12 -18.11 -20.81
CA GLN E 119 26.90 -18.83 -21.16
C GLN E 119 26.50 -19.89 -20.10
N GLU E 120 27.49 -20.58 -19.54
CA GLU E 120 27.27 -21.54 -18.45
C GLU E 120 26.56 -20.90 -17.28
N TYR E 121 26.98 -19.70 -16.90
CA TYR E 121 26.37 -18.96 -15.82
C TYR E 121 24.93 -18.59 -16.22
N VAL E 122 24.78 -18.04 -17.43
CA VAL E 122 23.47 -17.65 -17.94
C VAL E 122 22.49 -18.83 -17.92
N ASP E 123 22.92 -19.96 -18.48
CA ASP E 123 22.10 -21.17 -18.56
C ASP E 123 21.77 -21.76 -17.19
N VAL E 124 22.72 -21.73 -16.26
CA VAL E 124 22.46 -22.25 -14.90
C VAL E 124 21.49 -21.35 -14.13
N CYS E 125 21.44 -20.07 -14.51
CA CYS E 125 20.47 -19.15 -13.91
C CYS E 125 19.05 -19.54 -14.30
N ASP E 126 18.84 -19.78 -15.59
CA ASP E 126 17.53 -20.17 -16.10
C ASP E 126 17.09 -21.50 -15.51
N TYR E 127 18.05 -22.42 -15.33
CA TYR E 127 17.81 -23.70 -14.65
C TYR E 127 17.33 -23.46 -13.20
N ALA E 128 18.03 -22.57 -12.50
CA ALA E 128 17.71 -22.24 -11.12
C ALA E 128 16.32 -21.62 -10.98
N VAL E 129 15.88 -20.91 -12.01
CA VAL E 129 14.54 -20.30 -12.01
C VAL E 129 13.49 -21.43 -11.94
N GLY E 130 13.72 -22.49 -12.71
CA GLY E 130 12.90 -23.69 -12.63
C GLY E 130 12.91 -24.28 -11.23
N LEU E 131 14.11 -24.43 -10.67
CA LEU E 131 14.28 -25.02 -9.34
C LEU E 131 13.61 -24.22 -8.23
N SER E 132 13.53 -22.91 -8.41
CA SER E 132 12.97 -22.02 -7.39
C SER E 132 11.50 -22.30 -7.09
N ARG E 133 10.84 -23.07 -7.96
CA ARG E 133 9.45 -23.46 -7.72
C ARG E 133 9.37 -24.96 -7.43
N MET E 134 10.51 -25.60 -7.25
CA MET E 134 10.55 -27.07 -7.15
C MET E 134 11.23 -27.61 -5.89
N ILE E 135 12.30 -26.95 -5.45
CA ILE E 135 13.09 -27.41 -4.30
C ILE E 135 12.25 -27.75 -3.06
N GLY E 136 12.60 -28.88 -2.44
CA GLY E 136 11.89 -29.35 -1.25
C GLY E 136 11.95 -30.87 -1.15
N GLY E 137 11.34 -31.39 -0.08
CA GLY E 137 11.32 -32.83 0.17
C GLY E 137 9.91 -33.39 0.08
N PRO E 138 9.79 -34.73 0.21
CA PRO E 138 8.47 -35.37 0.15
C PRO E 138 7.58 -35.11 1.37
N VAL E 139 6.26 -35.10 1.14
CA VAL E 139 5.30 -35.30 2.23
C VAL E 139 5.23 -36.81 2.36
N LEU E 140 5.38 -37.30 3.59
CA LEU E 140 5.46 -38.73 3.84
C LEU E 140 4.28 -39.20 4.68
N PRO E 141 3.83 -40.44 4.48
CA PRO E 141 2.75 -40.95 5.30
C PRO E 141 3.28 -41.44 6.64
N SER E 142 2.84 -40.80 7.72
CA SER E 142 3.23 -41.22 9.06
C SER E 142 2.52 -42.50 9.48
N GLU E 143 3.17 -43.29 10.32
CA GLU E 143 2.60 -44.52 10.85
C GLU E 143 1.68 -44.23 12.04
N ARG E 144 1.68 -42.98 12.48
CA ARG E 144 0.88 -42.55 13.63
C ARG E 144 -0.41 -41.85 13.18
N PRO E 145 -1.57 -42.32 13.68
CA PRO E 145 -2.84 -41.68 13.32
C PRO E 145 -2.85 -40.21 13.74
N GLY E 146 -3.43 -39.36 12.90
CA GLY E 146 -3.51 -37.93 13.18
C GLY E 146 -2.15 -37.26 13.35
N HIS E 147 -1.16 -37.72 12.57
CA HIS E 147 0.19 -37.13 12.53
C HIS E 147 0.57 -36.86 11.08
N ALA E 148 1.05 -35.65 10.81
CA ALA E 148 1.63 -35.34 9.51
C ALA E 148 3.15 -35.51 9.58
N LEU E 149 3.74 -35.99 8.49
CA LEU E 149 5.19 -36.16 8.41
C LEU E 149 5.71 -35.55 7.12
N ILE E 150 6.55 -34.53 7.25
CA ILE E 150 7.09 -33.84 6.06
C ILE E 150 8.62 -33.62 6.15
N GLU E 151 9.27 -33.67 5.00
CA GLU E 151 10.69 -33.34 4.90
C GLU E 151 10.83 -31.89 4.44
N GLN E 152 11.46 -31.09 5.28
CA GLN E 152 11.66 -29.68 5.00
C GLN E 152 13.12 -29.39 4.61
N TRP E 153 13.28 -28.49 3.65
CA TRP E 153 14.62 -28.00 3.31
C TRP E 153 14.70 -26.50 3.55
N ASN E 154 15.82 -26.06 4.13
CA ASN E 154 16.02 -24.68 4.51
C ASN E 154 17.43 -24.22 4.23
N PRO E 155 17.62 -22.92 3.99
CA PRO E 155 18.97 -22.43 3.68
C PRO E 155 19.96 -22.80 4.78
N VAL E 156 21.19 -23.10 4.39
CA VAL E 156 22.25 -23.33 5.38
C VAL E 156 22.70 -22.03 6.02
N GLY E 157 22.54 -20.93 5.28
CA GLY E 157 22.92 -19.58 5.75
C GLY E 157 23.84 -18.88 4.77
N LEU E 158 25.11 -18.76 5.14
CA LEU E 158 26.13 -18.15 4.29
C LEU E 158 26.99 -19.19 3.58
N VAL E 159 27.06 -19.09 2.25
CA VAL E 159 27.89 -19.98 1.45
C VAL E 159 29.19 -19.28 1.01
N GLY E 160 30.30 -19.73 1.57
CA GLY E 160 31.60 -19.25 1.16
C GLY E 160 31.98 -19.97 -0.11
N ILE E 161 32.48 -19.21 -1.10
CA ILE E 161 32.88 -19.81 -2.37
C ILE E 161 34.31 -19.43 -2.73
N ILE E 162 35.17 -20.43 -2.79
CA ILE E 162 36.55 -20.26 -3.20
C ILE E 162 36.73 -20.94 -4.56
N THR E 163 37.16 -20.18 -5.56
CA THR E 163 37.22 -20.69 -6.94
C THR E 163 38.65 -20.75 -7.50
N ALA E 164 38.82 -21.54 -8.55
CA ALA E 164 40.11 -21.71 -9.22
C ALA E 164 40.29 -20.63 -10.30
N PHE E 165 41.48 -20.59 -10.90
CA PHE E 165 41.77 -19.60 -11.93
C PHE E 165 41.17 -19.98 -13.29
N ASN E 166 41.07 -21.27 -13.58
CA ASN E 166 40.81 -21.73 -14.95
C ASN E 166 39.38 -21.49 -15.45
N PHE E 167 38.42 -21.45 -14.53
CA PHE E 167 37.05 -21.05 -14.84
C PHE E 167 36.60 -19.96 -13.87
N PRO E 168 37.09 -18.72 -14.09
CA PRO E 168 36.86 -17.61 -13.13
C PRO E 168 35.42 -17.08 -13.07
N VAL E 169 34.61 -17.36 -14.09
CA VAL E 169 33.19 -16.96 -14.11
C VAL E 169 32.24 -18.10 -13.74
N ALA E 170 32.35 -19.22 -14.49
CA ALA E 170 31.39 -20.32 -14.43
C ALA E 170 31.27 -21.01 -13.06
N VAL E 171 32.41 -21.30 -12.43
CA VAL E 171 32.39 -22.01 -11.16
C VAL E 171 31.61 -21.21 -10.13
N TYR E 172 31.92 -19.92 -10.01
CA TYR E 172 31.17 -19.04 -9.14
C TYR E 172 29.69 -19.07 -9.52
N GLY E 173 29.42 -18.94 -10.81
CA GLY E 173 28.05 -18.96 -11.34
C GLY E 173 27.25 -20.17 -10.91
N TRP E 174 27.81 -21.36 -11.17
CA TRP E 174 27.17 -22.62 -10.80
C TRP E 174 26.78 -22.62 -9.32
N ASN E 175 27.65 -22.06 -8.48
CA ASN E 175 27.39 -22.00 -7.05
C ASN E 175 26.42 -20.89 -6.69
N ASN E 176 26.60 -19.73 -7.31
CA ASN E 176 25.79 -18.55 -7.04
C ASN E 176 24.31 -18.78 -7.31
N ALA E 177 24.00 -19.22 -8.53
CA ALA E 177 22.63 -19.41 -8.96
C ALA E 177 21.88 -20.35 -8.04
N ILE E 178 22.51 -21.47 -7.70
CA ILE E 178 21.87 -22.47 -6.83
C ILE E 178 21.73 -21.99 -5.39
N ALA E 179 22.82 -21.47 -4.81
CA ALA E 179 22.82 -21.02 -3.42
C ALA E 179 21.78 -19.92 -3.20
N LEU E 180 21.74 -18.95 -4.12
CA LEU E 180 20.76 -17.86 -4.08
C LEU E 180 19.33 -18.37 -4.13
N THR E 181 19.05 -19.24 -5.09
CA THR E 181 17.75 -19.88 -5.23
C THR E 181 17.37 -20.60 -3.93
N CYS E 182 18.36 -21.13 -3.22
CA CYS E 182 18.12 -21.87 -1.99
C CYS E 182 18.09 -21.00 -0.73
N GLY E 183 18.05 -19.69 -0.90
CA GLY E 183 17.91 -18.77 0.22
C GLY E 183 19.16 -18.55 1.04
N ASN E 184 20.31 -18.78 0.40
CA ASN E 184 21.60 -18.49 1.02
C ASN E 184 22.17 -17.16 0.54
N VAL E 185 23.11 -16.64 1.32
CA VAL E 185 23.91 -15.50 0.90
C VAL E 185 25.33 -16.00 0.62
N CYS E 186 25.99 -15.37 -0.36
CA CYS E 186 27.28 -15.81 -0.83
C CYS E 186 28.40 -14.86 -0.46
N LEU E 187 29.59 -15.42 -0.20
CA LEU E 187 30.83 -14.65 -0.10
C LEU E 187 31.85 -15.30 -1.03
N TRP E 188 32.39 -14.49 -1.93
CA TRP E 188 33.26 -15.00 -3.01
C TRP E 188 34.72 -14.55 -2.92
N LYS E 189 35.62 -15.52 -2.81
CA LYS E 189 37.04 -15.28 -2.94
C LYS E 189 37.56 -16.00 -4.17
N GLY E 190 37.69 -15.26 -5.27
CA GLY E 190 38.22 -15.79 -6.52
C GLY E 190 39.73 -16.01 -6.48
N ALA E 191 40.23 -16.70 -7.50
CA ALA E 191 41.65 -16.95 -7.63
C ALA E 191 42.42 -15.63 -7.69
N PRO E 192 43.58 -15.55 -6.99
CA PRO E 192 44.37 -14.31 -6.89
C PRO E 192 44.73 -13.75 -8.26
N THR E 193 44.93 -14.63 -9.24
CA THR E 193 45.40 -14.25 -10.57
C THR E 193 44.29 -13.80 -11.53
N THR E 194 43.04 -13.89 -11.09
CA THR E 194 41.89 -13.42 -11.91
C THR E 194 40.96 -12.45 -11.15
N PRO E 195 41.51 -11.47 -10.41
CA PRO E 195 40.63 -10.60 -9.62
C PRO E 195 39.75 -9.65 -10.47
N LEU E 196 40.25 -9.26 -11.65
CA LEU E 196 39.49 -8.38 -12.53
C LEU E 196 38.19 -9.04 -13.00
N THR E 197 38.26 -10.31 -13.34
CA THR E 197 37.05 -11.10 -13.66
C THR E 197 36.12 -11.20 -12.44
N SER E 198 36.69 -11.43 -11.26
CA SER E 198 35.89 -11.48 -10.04
C SER E 198 35.11 -10.18 -9.88
N VAL E 199 35.83 -9.05 -9.97
CA VAL E 199 35.25 -7.72 -9.82
C VAL E 199 34.17 -7.45 -10.88
N ALA E 200 34.49 -7.77 -12.13
CA ALA E 200 33.58 -7.56 -13.24
C ALA E 200 32.24 -8.28 -13.01
N VAL E 201 32.32 -9.55 -12.63
CA VAL E 201 31.14 -10.36 -12.34
C VAL E 201 30.37 -9.74 -11.16
N THR E 202 31.08 -9.51 -10.04
CA THR E 202 30.49 -8.91 -8.85
C THR E 202 29.78 -7.60 -9.20
N LYS E 203 30.39 -6.79 -10.07
CA LYS E 203 29.75 -5.55 -10.54
C LYS E 203 28.40 -5.80 -11.19
N ILE E 204 28.35 -6.78 -12.11
CA ILE E 204 27.13 -7.13 -12.80
C ILE E 204 26.04 -7.58 -11.83
N VAL E 205 26.41 -8.46 -10.90
CA VAL E 205 25.48 -8.99 -9.89
C VAL E 205 25.02 -7.88 -8.93
N ALA E 206 25.97 -7.08 -8.46
CA ALA E 206 25.69 -5.99 -7.52
C ALA E 206 24.62 -5.04 -8.07
N GLU E 207 24.73 -4.68 -9.34
CA GLU E 207 23.79 -3.77 -9.97
C GLU E 207 22.37 -4.32 -9.93
N VAL E 208 22.22 -5.61 -10.22
CA VAL E 208 20.90 -6.29 -10.20
C VAL E 208 20.30 -6.27 -8.79
N LEU E 209 21.12 -6.59 -7.80
CA LEU E 209 20.68 -6.55 -6.42
C LEU E 209 20.19 -5.15 -6.04
N GLU E 210 20.96 -4.14 -6.45
CA GLU E 210 20.66 -2.74 -6.14
C GLU E 210 19.43 -2.22 -6.90
N GLN E 211 19.29 -2.58 -8.18
CA GLN E 211 18.05 -2.29 -8.94
C GLN E 211 16.82 -2.78 -8.15
N ASN E 212 16.96 -3.93 -7.48
CA ASN E 212 15.85 -4.56 -6.77
C ASN E 212 15.76 -4.21 -5.29
N ASN E 213 16.48 -3.16 -4.89
CA ASN E 213 16.49 -2.68 -3.50
C ASN E 213 16.82 -3.79 -2.47
N LEU E 214 17.79 -4.62 -2.81
CA LEU E 214 18.22 -5.69 -1.92
C LEU E 214 19.61 -5.37 -1.40
N PRO E 215 19.92 -5.76 -0.14
CA PRO E 215 21.27 -5.51 0.37
C PRO E 215 22.31 -6.20 -0.51
N GLY E 216 23.31 -5.44 -0.94
CA GLY E 216 24.35 -5.96 -1.83
C GLY E 216 25.14 -7.11 -1.24
N ALA E 217 25.13 -7.22 0.09
CA ALA E 217 25.89 -8.24 0.82
C ALA E 217 25.41 -9.68 0.57
N ILE E 218 24.26 -9.81 -0.08
CA ILE E 218 23.73 -11.11 -0.48
C ILE E 218 24.71 -11.83 -1.41
N CYS E 219 25.45 -11.06 -2.20
CA CYS E 219 26.53 -11.58 -3.04
C CYS E 219 27.82 -10.80 -2.82
N SER E 220 28.44 -11.03 -1.66
CA SER E 220 29.67 -10.38 -1.30
C SER E 220 30.88 -10.97 -2.01
N MET E 221 31.93 -10.15 -2.15
CA MET E 221 33.21 -10.58 -2.69
C MET E 221 34.35 -9.97 -1.89
N THR E 222 35.35 -10.80 -1.56
CA THR E 222 36.59 -10.33 -0.94
C THR E 222 37.75 -11.03 -1.65
N CYS E 223 38.46 -10.30 -2.50
CA CYS E 223 39.62 -10.87 -3.20
C CYS E 223 40.80 -11.05 -2.26
N GLY E 224 41.61 -12.09 -2.51
CA GLY E 224 42.77 -12.38 -1.67
C GLY E 224 43.34 -13.76 -1.90
N GLY E 225 44.43 -14.06 -1.20
CA GLY E 225 45.13 -15.34 -1.34
C GLY E 225 44.72 -16.38 -0.30
N ALA E 226 45.65 -17.28 0.00
CA ALA E 226 45.46 -18.30 1.05
C ALA E 226 45.02 -17.65 2.36
N ASP E 227 45.71 -16.56 2.68
CA ASP E 227 45.32 -15.58 3.68
C ASP E 227 43.81 -15.60 4.01
N ILE E 228 43.00 -15.03 3.11
CA ILE E 228 41.54 -14.95 3.29
C ILE E 228 40.88 -16.33 3.20
N GLY E 229 41.28 -17.11 2.19
CA GLY E 229 40.79 -18.49 2.00
C GLY E 229 40.82 -19.36 3.24
N THR E 230 41.91 -19.29 4.01
CA THR E 230 42.03 -20.02 5.27
C THR E 230 41.03 -19.50 6.31
N ALA E 231 40.90 -18.18 6.39
CA ALA E 231 39.96 -17.55 7.32
C ALA E 231 38.55 -18.08 7.11
N MET E 232 38.15 -18.16 5.84
CA MET E 232 36.86 -18.74 5.46
C MET E 232 36.74 -20.19 5.95
N ALA E 233 37.77 -20.99 5.63
CA ALA E 233 37.80 -22.41 5.99
C ALA E 233 37.64 -22.65 7.49
N LYS E 234 38.14 -21.71 8.30
CA LYS E 234 38.11 -21.79 9.76
C LYS E 234 36.90 -21.10 10.37
N ASP E 235 36.23 -20.28 9.57
CA ASP E 235 35.15 -19.42 10.08
C ASP E 235 33.87 -20.21 10.35
N GLU E 236 33.46 -20.24 11.62
CA GLU E 236 32.21 -20.90 12.01
C GLU E 236 30.98 -20.26 11.39
N ARG E 237 31.11 -18.99 10.99
CA ARG E 237 30.00 -18.24 10.40
C ARG E 237 29.77 -18.61 8.93
N VAL E 238 30.76 -19.27 8.32
CA VAL E 238 30.60 -19.82 6.99
C VAL E 238 29.91 -21.18 7.14
N ASP E 239 28.64 -21.24 6.75
CA ASP E 239 27.81 -22.42 6.96
C ASP E 239 28.13 -23.55 5.99
N LEU E 240 28.48 -23.17 4.77
CA LEU E 240 28.97 -24.11 3.76
C LEU E 240 30.14 -23.50 3.00
N LEU E 241 31.24 -24.23 2.93
CA LEU E 241 32.35 -23.80 2.08
C LEU E 241 32.43 -24.64 0.82
N SER E 242 32.25 -23.97 -0.31
CA SER E 242 32.40 -24.59 -1.60
C SER E 242 33.80 -24.29 -2.09
N PHE E 243 34.61 -25.32 -2.27
CA PHE E 243 35.97 -25.13 -2.72
C PHE E 243 36.20 -25.80 -4.08
N THR E 244 36.62 -25.00 -5.05
CA THR E 244 37.09 -25.50 -6.34
C THR E 244 38.58 -25.14 -6.47
N GLY E 245 39.42 -26.16 -6.63
CA GLY E 245 40.86 -25.94 -6.73
C GLY E 245 41.67 -27.22 -6.68
N SER E 246 42.96 -27.09 -6.47
CA SER E 246 43.86 -28.24 -6.39
C SER E 246 43.49 -29.19 -5.25
N THR E 247 43.75 -30.47 -5.46
CA THR E 247 43.45 -31.48 -4.46
C THR E 247 44.36 -31.35 -3.22
N HIS E 248 45.57 -30.81 -3.40
CA HIS E 248 46.44 -30.52 -2.25
C HIS E 248 45.91 -29.39 -1.36
N VAL E 249 45.45 -28.29 -1.97
CA VAL E 249 44.88 -27.20 -1.19
C VAL E 249 43.53 -27.60 -0.61
N GLY E 250 42.72 -28.27 -1.44
CA GLY E 250 41.41 -28.76 -1.03
C GLY E 250 41.47 -29.52 0.28
N LYS E 251 42.45 -30.43 0.41
CA LYS E 251 42.65 -31.20 1.63
C LYS E 251 42.84 -30.34 2.88
N MET E 252 43.75 -29.37 2.81
CA MET E 252 43.97 -28.44 3.92
C MET E 252 42.66 -27.80 4.35
N VAL E 253 41.91 -27.29 3.36
CA VAL E 253 40.64 -26.63 3.58
C VAL E 253 39.62 -27.59 4.20
N ALA E 254 39.48 -28.77 3.59
CA ALA E 254 38.58 -29.82 4.08
C ALA E 254 38.83 -30.11 5.55
N MET E 255 40.10 -30.35 5.90
CA MET E 255 40.48 -30.69 7.27
C MET E 255 40.09 -29.60 8.26
N MET E 256 40.25 -28.35 7.82
CA MET E 256 39.90 -27.18 8.63
C MET E 256 38.40 -27.06 8.84
N VAL E 257 37.64 -27.30 7.77
CA VAL E 257 36.17 -27.27 7.84
C VAL E 257 35.62 -28.44 8.69
N GLN E 258 36.21 -29.63 8.52
CA GLN E 258 35.82 -30.81 9.28
C GLN E 258 36.03 -30.58 10.78
N GLU E 259 37.19 -30.01 11.11
CA GLU E 259 37.57 -29.66 12.46
C GLU E 259 36.46 -28.93 13.21
N ARG E 260 35.80 -27.98 12.53
CA ARG E 260 34.74 -27.18 13.16
C ARG E 260 33.32 -27.63 12.80
N PHE E 261 33.18 -28.86 12.29
CA PHE E 261 31.88 -29.43 11.88
C PHE E 261 31.07 -28.58 10.90
N GLY E 262 31.74 -27.86 10.00
CA GLY E 262 31.05 -27.10 8.97
C GLY E 262 30.68 -28.02 7.81
N ARG E 263 29.84 -27.53 6.91
CA ARG E 263 29.56 -28.26 5.66
C ARG E 263 30.57 -27.86 4.57
N LYS E 264 31.00 -28.83 3.78
CA LYS E 264 31.90 -28.55 2.67
C LYS E 264 31.45 -29.16 1.35
N LEU E 265 31.79 -28.49 0.26
CA LEU E 265 31.56 -29.00 -1.08
C LEU E 265 32.91 -28.94 -1.79
N LEU E 266 33.47 -30.12 -2.12
CA LEU E 266 34.81 -30.20 -2.68
C LEU E 266 34.82 -30.56 -4.15
N GLU E 267 35.43 -29.70 -4.95
CA GLU E 267 35.58 -29.90 -6.39
C GLU E 267 37.05 -29.78 -6.77
N LEU E 268 37.76 -30.90 -6.66
CA LEU E 268 39.23 -30.89 -6.67
C LEU E 268 39.84 -31.44 -7.97
N GLY E 269 41.02 -32.05 -7.88
CA GLY E 269 41.80 -32.46 -9.06
C GLY E 269 41.22 -33.59 -9.87
N GLY E 270 41.67 -33.71 -11.11
CA GLY E 270 41.28 -34.83 -11.98
C GLY E 270 42.49 -35.44 -12.64
N ASN E 271 42.39 -36.72 -13.01
CA ASN E 271 43.40 -37.38 -13.83
C ASN E 271 42.67 -38.22 -14.87
N ASN E 272 42.01 -37.52 -15.77
CA ASN E 272 40.95 -38.08 -16.60
C ASN E 272 41.44 -38.94 -17.77
N ALA E 273 40.81 -40.09 -17.92
CA ALA E 273 41.25 -41.07 -18.90
C ALA E 273 40.24 -41.29 -20.02
N ILE E 274 40.73 -41.38 -21.25
CA ILE E 274 39.94 -41.85 -22.39
C ILE E 274 40.46 -43.24 -22.73
N ILE E 275 39.55 -44.20 -22.85
CA ILE E 275 39.92 -45.57 -23.17
C ILE E 275 39.34 -45.92 -24.53
N VAL E 276 40.22 -46.22 -25.47
CA VAL E 276 39.81 -46.52 -26.84
C VAL E 276 39.94 -48.02 -27.10
N PHE E 277 38.82 -48.65 -27.39
CA PHE E 277 38.79 -50.10 -27.64
C PHE E 277 38.95 -50.40 -29.12
N GLU E 278 39.14 -51.70 -29.43
CA GLU E 278 39.39 -52.14 -30.79
C GLU E 278 38.28 -51.74 -31.76
N ASP E 279 37.03 -51.84 -31.30
CA ASP E 279 35.86 -51.59 -32.16
C ASP E 279 35.41 -50.13 -32.21
N ALA E 280 36.21 -49.24 -31.62
CA ALA E 280 35.85 -47.81 -31.59
C ALA E 280 35.84 -47.19 -32.99
N ASP E 281 34.98 -46.19 -33.16
CA ASP E 281 34.98 -45.38 -34.37
C ASP E 281 36.17 -44.42 -34.27
N LEU E 282 37.22 -44.72 -35.03
CA LEU E 282 38.46 -43.96 -34.97
C LEU E 282 38.31 -42.53 -35.51
N ASN E 283 37.37 -42.35 -36.44
CA ASN E 283 37.07 -41.02 -36.98
C ASN E 283 36.44 -40.09 -35.93
N LEU E 284 35.83 -40.70 -34.92
CA LEU E 284 35.29 -39.99 -33.77
C LEU E 284 36.38 -39.81 -32.69
N VAL E 285 37.16 -40.86 -32.45
CA VAL E 285 38.18 -40.89 -31.42
C VAL E 285 39.19 -39.75 -31.61
N VAL E 286 39.80 -39.70 -32.79
CA VAL E 286 40.90 -38.77 -33.08
C VAL E 286 40.54 -37.31 -32.79
N PRO E 287 39.44 -36.78 -33.38
CA PRO E 287 39.14 -35.37 -33.08
C PRO E 287 38.71 -35.17 -31.62
N SER E 288 38.00 -36.14 -31.06
CA SER E 288 37.60 -36.09 -29.66
C SER E 288 38.82 -35.96 -28.77
N ALA E 289 39.76 -36.88 -28.92
CA ALA E 289 41.01 -36.89 -28.16
C ALA E 289 41.79 -35.58 -28.26
N VAL E 290 41.95 -35.07 -29.49
CA VAL E 290 42.70 -33.84 -29.73
C VAL E 290 42.12 -32.67 -28.96
N PHE E 291 40.85 -32.36 -29.20
CA PHE E 291 40.18 -31.23 -28.56
C PHE E 291 40.06 -31.37 -27.04
N ALA E 292 39.86 -32.59 -26.56
CA ALA E 292 39.78 -32.81 -25.12
C ALA E 292 41.12 -32.60 -24.39
N SER E 293 42.22 -32.82 -25.10
CA SER E 293 43.55 -32.71 -24.51
C SER E 293 44.12 -31.31 -24.67
N VAL E 294 43.90 -30.76 -25.85
CA VAL E 294 44.49 -29.49 -26.27
C VAL E 294 43.68 -28.26 -25.83
N GLY E 295 42.36 -28.42 -25.71
CA GLY E 295 41.47 -27.33 -25.33
C GLY E 295 41.89 -26.66 -24.04
N THR E 296 41.71 -25.33 -24.00
CA THR E 296 42.07 -24.51 -22.84
C THR E 296 43.54 -24.68 -22.44
N ALA E 297 44.36 -25.10 -23.41
CA ALA E 297 45.78 -25.40 -23.19
C ALA E 297 45.99 -26.45 -22.09
N GLY E 298 45.07 -27.42 -22.02
CA GLY E 298 45.19 -28.53 -21.07
C GLY E 298 44.89 -28.11 -19.64
N GLN E 299 44.12 -27.04 -19.49
CA GLN E 299 43.84 -26.46 -18.18
C GLN E 299 42.37 -26.49 -17.75
N ARG E 300 41.61 -27.48 -18.22
CA ARG E 300 40.30 -27.79 -17.62
C ARG E 300 40.52 -28.91 -16.61
N CYS E 301 39.75 -28.91 -15.53
CA CYS E 301 39.84 -29.99 -14.57
C CYS E 301 39.43 -31.30 -15.22
N THR E 302 38.64 -31.21 -16.29
CA THR E 302 38.15 -32.37 -17.02
C THR E 302 39.06 -32.81 -18.19
N THR E 303 40.13 -32.05 -18.44
CA THR E 303 41.03 -32.35 -19.56
C THR E 303 41.51 -33.80 -19.55
N THR E 304 41.57 -34.41 -20.73
CA THR E 304 42.14 -35.75 -20.86
C THR E 304 43.63 -35.72 -20.54
N ARG E 305 44.03 -36.52 -19.56
CA ARG E 305 45.43 -36.60 -19.14
C ARG E 305 46.01 -37.94 -19.55
N ARG E 306 45.14 -38.95 -19.60
CA ARG E 306 45.54 -40.32 -19.91
C ARG E 306 44.73 -40.86 -21.07
N LEU E 307 45.40 -41.28 -22.13
CA LEU E 307 44.75 -41.85 -23.29
C LEU E 307 45.19 -43.29 -23.45
N MET E 308 44.27 -44.21 -23.19
CA MET E 308 44.57 -45.63 -23.24
C MET E 308 44.09 -46.20 -24.56
N LEU E 309 45.02 -46.78 -25.30
CA LEU E 309 44.74 -47.30 -26.63
C LEU E 309 44.96 -48.80 -26.64
N HIS E 310 43.99 -49.54 -27.21
CA HIS E 310 44.13 -50.97 -27.37
C HIS E 310 45.28 -51.26 -28.32
N GLU E 311 46.07 -52.28 -28.00
CA GLU E 311 47.30 -52.58 -28.73
C GLU E 311 47.09 -52.65 -30.25
N SER E 312 45.93 -53.15 -30.66
CA SER E 312 45.61 -53.29 -32.08
C SER E 312 45.54 -51.96 -32.84
N VAL E 313 45.16 -50.89 -32.16
CA VAL E 313 44.99 -49.59 -32.81
C VAL E 313 45.99 -48.54 -32.35
N HIS E 314 46.77 -48.88 -31.33
CA HIS E 314 47.69 -47.94 -30.66
C HIS E 314 48.53 -47.08 -31.60
N ASP E 315 49.39 -47.71 -32.38
CA ASP E 315 50.31 -46.97 -33.26
C ASP E 315 49.62 -46.15 -34.34
N ALA E 316 48.54 -46.67 -34.90
CA ALA E 316 47.75 -45.95 -35.90
C ALA E 316 47.11 -44.67 -35.33
N VAL E 317 46.52 -44.79 -34.13
CA VAL E 317 45.82 -43.68 -33.48
C VAL E 317 46.77 -42.57 -33.02
N VAL E 318 47.85 -42.96 -32.33
CA VAL E 318 48.87 -42.01 -31.89
C VAL E 318 49.35 -41.14 -33.06
N GLU E 319 49.69 -41.78 -34.17
CA GLU E 319 50.20 -41.11 -35.36
C GLU E 319 49.18 -40.10 -35.91
N ARG E 320 47.91 -40.50 -35.95
CA ARG E 320 46.82 -39.65 -36.43
C ARG E 320 46.61 -38.45 -35.52
N ILE E 321 46.70 -38.67 -34.21
CA ILE E 321 46.59 -37.60 -33.24
C ILE E 321 47.76 -36.65 -33.41
N ALA E 322 48.94 -37.21 -33.66
CA ALA E 322 50.14 -36.42 -33.89
C ALA E 322 50.03 -35.52 -35.14
N LYS E 323 49.44 -36.06 -36.21
CA LYS E 323 49.20 -35.28 -37.43
C LYS E 323 48.24 -34.11 -37.20
N ALA E 324 47.28 -34.33 -36.31
CA ALA E 324 46.32 -33.29 -35.93
C ALA E 324 46.97 -32.21 -35.05
N TYR E 325 47.83 -32.64 -34.12
CA TYR E 325 48.58 -31.72 -33.24
C TYR E 325 49.36 -30.66 -34.01
N LYS E 326 49.93 -31.06 -35.15
CA LYS E 326 50.68 -30.14 -36.02
C LYS E 326 49.81 -28.99 -36.56
N GLN E 327 48.52 -29.25 -36.72
CA GLN E 327 47.60 -28.25 -37.28
C GLN E 327 46.90 -27.40 -36.24
N VAL E 328 47.20 -27.65 -34.97
CA VAL E 328 46.62 -26.87 -33.86
C VAL E 328 47.17 -25.43 -33.91
N ARG E 329 46.31 -24.47 -34.24
CA ARG E 329 46.73 -23.08 -34.41
C ARG E 329 46.98 -22.34 -33.10
N ILE E 330 48.26 -22.10 -32.82
CA ILE E 330 48.70 -21.45 -31.61
C ILE E 330 48.88 -19.94 -31.88
N GLY E 331 48.34 -19.11 -30.98
CA GLY E 331 48.39 -17.64 -31.16
C GLY E 331 47.72 -16.82 -30.06
N ASP E 332 47.44 -15.55 -30.38
CA ASP E 332 46.72 -14.64 -29.47
C ASP E 332 45.30 -15.16 -29.16
N PRO E 333 44.93 -15.19 -27.87
CA PRO E 333 43.61 -15.67 -27.41
C PRO E 333 42.45 -14.88 -28.01
N TRP E 334 42.70 -13.61 -28.32
CA TRP E 334 41.70 -12.69 -28.87
C TRP E 334 41.42 -12.99 -30.36
N ASP E 335 42.40 -13.59 -31.04
CA ASP E 335 42.32 -13.93 -32.47
C ASP E 335 41.40 -15.12 -32.73
N PRO E 336 40.33 -14.93 -33.54
CA PRO E 336 39.38 -16.01 -33.85
C PRO E 336 39.99 -17.26 -34.51
N SER E 337 41.18 -17.15 -35.09
CA SER E 337 41.86 -18.31 -35.68
C SER E 337 42.45 -19.23 -34.63
N THR E 338 42.84 -18.65 -33.50
CA THR E 338 43.56 -19.37 -32.44
C THR E 338 42.70 -20.47 -31.80
N LEU E 339 43.25 -21.68 -31.73
CA LEU E 339 42.60 -22.78 -31.01
C LEU E 339 43.29 -23.05 -29.67
N TYR E 340 44.49 -22.50 -29.50
CA TYR E 340 45.35 -22.87 -28.38
C TYR E 340 46.14 -21.65 -27.93
N GLY E 341 45.91 -21.24 -26.68
CA GLY E 341 46.56 -20.07 -26.10
C GLY E 341 47.69 -20.41 -25.15
N PRO E 342 48.05 -19.46 -24.26
CA PRO E 342 49.16 -19.67 -23.32
C PRO E 342 48.74 -20.42 -22.07
N LEU E 343 49.72 -20.98 -21.36
CA LEU E 343 49.48 -21.43 -19.99
C LEU E 343 49.20 -20.19 -19.11
N HIS E 344 48.55 -20.40 -17.97
CA HIS E 344 48.05 -19.28 -17.19
C HIS E 344 49.13 -18.43 -16.49
N THR E 345 50.20 -19.09 -16.03
CA THR E 345 51.29 -18.42 -15.31
C THR E 345 52.65 -18.97 -15.76
N LYS E 346 53.72 -18.34 -15.30
CA LYS E 346 55.07 -18.83 -15.57
C LYS E 346 55.35 -20.13 -14.79
N GLN E 347 54.87 -20.20 -13.55
CA GLN E 347 55.01 -21.39 -12.70
C GLN E 347 54.45 -22.61 -13.42
N ALA E 348 53.32 -22.40 -14.10
CA ALA E 348 52.70 -23.41 -14.95
C ALA E 348 53.69 -23.94 -15.99
N VAL E 349 54.44 -23.03 -16.60
CA VAL E 349 55.46 -23.40 -17.60
C VAL E 349 56.53 -24.31 -16.96
N ASP E 350 56.95 -23.98 -15.74
CA ASP E 350 57.93 -24.78 -14.98
C ASP E 350 57.44 -26.18 -14.67
N GLN E 351 56.17 -26.31 -14.27
CA GLN E 351 55.57 -27.62 -13.99
C GLN E 351 55.64 -28.46 -15.25
N TYR E 352 55.27 -27.81 -16.36
CA TYR E 352 55.27 -28.44 -17.68
C TYR E 352 56.64 -29.01 -18.00
N LEU E 353 57.68 -28.18 -17.85
CA LEU E 353 59.07 -28.59 -18.11
C LEU E 353 59.55 -29.69 -17.18
N ALA E 354 59.16 -29.59 -15.91
CA ALA E 354 59.51 -30.59 -14.90
C ALA E 354 58.84 -31.94 -15.17
N ALA E 355 57.58 -31.90 -15.59
CA ALA E 355 56.82 -33.10 -15.87
C ALA E 355 57.38 -33.80 -17.10
N ILE E 356 57.82 -33.00 -18.08
CA ILE E 356 58.51 -33.51 -19.28
C ILE E 356 59.74 -34.31 -18.85
N GLU E 357 60.54 -33.71 -17.96
CA GLU E 357 61.77 -34.32 -17.46
C GLU E 357 61.50 -35.66 -16.77
N GLN E 358 60.54 -35.66 -15.85
CA GLN E 358 60.18 -36.85 -15.09
C GLN E 358 59.64 -37.95 -16.00
N ALA E 359 58.90 -37.54 -17.02
CA ALA E 359 58.37 -38.48 -18.02
C ALA E 359 59.51 -39.23 -18.71
N LYS E 360 60.54 -38.49 -19.12
CA LYS E 360 61.72 -39.05 -19.77
C LYS E 360 62.43 -40.00 -18.82
N GLN E 361 62.67 -39.54 -17.59
CA GLN E 361 63.29 -40.32 -16.52
C GLN E 361 62.57 -41.63 -16.27
N GLN E 362 61.25 -41.63 -16.48
CA GLN E 362 60.42 -42.78 -16.18
C GLN E 362 60.16 -43.65 -17.41
N GLY E 363 60.90 -43.39 -18.48
CA GLY E 363 60.88 -44.25 -19.67
C GLY E 363 59.96 -43.76 -20.77
N GLY E 364 59.56 -42.49 -20.71
CA GLY E 364 58.67 -41.92 -21.72
C GLY E 364 59.39 -41.42 -22.98
N THR E 365 58.72 -41.55 -24.11
CA THR E 365 59.21 -41.04 -25.40
C THR E 365 58.28 -39.92 -25.86
N LEU E 366 58.86 -38.76 -26.18
CA LEU E 366 58.09 -37.65 -26.72
C LEU E 366 57.74 -37.85 -28.18
N VAL E 367 56.44 -37.95 -28.45
CA VAL E 367 55.93 -38.02 -29.82
C VAL E 367 55.95 -36.64 -30.46
N CYS E 368 55.64 -35.62 -29.66
CA CYS E 368 55.69 -34.23 -30.13
C CYS E 368 55.63 -33.26 -28.96
N GLY E 369 55.93 -31.99 -29.24
CA GLY E 369 55.92 -30.96 -28.21
C GLY E 369 57.09 -31.10 -27.27
N GLY E 370 56.96 -30.51 -26.09
CA GLY E 370 57.97 -30.64 -25.05
C GLY E 370 58.81 -29.40 -24.85
N LYS E 371 58.72 -28.45 -25.79
CA LYS E 371 59.54 -27.24 -25.70
C LYS E 371 58.74 -25.96 -25.46
N VAL E 372 59.31 -25.06 -24.64
CA VAL E 372 58.75 -23.72 -24.45
C VAL E 372 58.85 -23.02 -25.79
N MET E 373 57.78 -22.37 -26.22
CA MET E 373 57.77 -21.68 -27.50
C MET E 373 58.46 -20.34 -27.36
N ASP E 374 59.26 -20.01 -28.37
CA ASP E 374 60.08 -18.81 -28.35
C ASP E 374 59.26 -17.60 -28.81
N ARG E 375 58.52 -17.01 -27.87
CA ARG E 375 57.60 -15.89 -28.14
C ARG E 375 57.07 -15.26 -26.84
N PRO E 376 56.55 -14.02 -26.93
CA PRO E 376 55.87 -13.40 -25.78
C PRO E 376 54.76 -14.30 -25.21
N GLY E 377 54.53 -14.20 -23.90
CA GLY E 377 53.50 -15.01 -23.24
C GLY E 377 54.01 -16.35 -22.74
N ASN E 378 53.14 -17.06 -22.01
CA ASN E 378 53.47 -18.34 -21.40
C ASN E 378 53.14 -19.53 -22.34
N TYR E 379 53.64 -19.46 -23.57
CA TYR E 379 53.31 -20.46 -24.58
C TYR E 379 54.22 -21.69 -24.54
N VAL E 380 53.59 -22.86 -24.48
CA VAL E 380 54.30 -24.14 -24.53
C VAL E 380 53.65 -25.05 -25.56
N GLU E 381 54.43 -25.97 -26.09
CA GLU E 381 53.97 -26.88 -27.13
C GLU E 381 53.10 -27.98 -26.54
N PRO E 382 51.98 -28.30 -27.21
CA PRO E 382 51.13 -29.40 -26.76
C PRO E 382 51.87 -30.72 -26.95
N THR E 383 51.96 -31.51 -25.90
CA THR E 383 52.85 -32.66 -25.86
C THR E 383 52.12 -34.00 -25.75
N ILE E 384 52.62 -34.98 -26.49
CA ILE E 384 52.17 -36.36 -26.43
C ILE E 384 53.35 -37.26 -26.02
N ILE E 385 53.13 -38.12 -25.02
CA ILE E 385 54.17 -39.04 -24.54
C ILE E 385 53.71 -40.50 -24.52
N THR E 386 54.43 -41.33 -25.27
CA THR E 386 54.15 -42.77 -25.28
C THR E 386 55.19 -43.53 -24.46
N GLY E 387 54.88 -44.79 -24.12
CA GLY E 387 55.85 -45.71 -23.56
C GLY E 387 55.87 -45.86 -22.06
N LEU E 388 55.24 -44.93 -21.34
CA LEU E 388 55.22 -44.99 -19.87
C LEU E 388 54.36 -46.14 -19.36
N ALA E 389 54.73 -46.70 -18.21
CA ALA E 389 53.92 -47.70 -17.53
C ALA E 389 52.66 -47.05 -16.98
N HIS E 390 51.57 -47.82 -16.93
CA HIS E 390 50.30 -47.32 -16.40
C HIS E 390 50.42 -46.71 -15.01
N ASP E 391 51.34 -47.23 -14.20
CA ASP E 391 51.53 -46.70 -12.84
C ASP E 391 52.81 -45.88 -12.64
N ALA E 392 53.37 -45.34 -13.72
CA ALA E 392 54.49 -44.41 -13.60
C ALA E 392 54.04 -43.21 -12.78
N PRO E 393 54.76 -42.89 -11.68
CA PRO E 393 54.40 -41.80 -10.77
C PRO E 393 53.88 -40.52 -11.44
N ILE E 394 54.51 -40.10 -12.55
CA ILE E 394 54.08 -38.90 -13.27
C ILE E 394 52.68 -39.01 -13.87
N VAL E 395 52.35 -40.21 -14.38
CA VAL E 395 51.04 -40.49 -14.96
C VAL E 395 49.96 -40.39 -13.89
N HIS E 396 50.28 -40.83 -12.67
CA HIS E 396 49.34 -40.79 -11.54
C HIS E 396 49.19 -39.40 -10.93
N THR E 397 50.04 -38.46 -11.35
CA THR E 397 49.98 -37.11 -10.82
C THR E 397 49.20 -36.20 -11.78
N GLU E 398 48.36 -35.33 -11.25
CA GLU E 398 47.75 -34.30 -12.08
C GLU E 398 48.75 -33.16 -12.23
N THR E 399 49.25 -32.99 -13.45
CA THR E 399 50.03 -31.78 -13.79
C THR E 399 49.17 -30.93 -14.72
N PHE E 400 48.84 -29.72 -14.26
CA PHE E 400 47.85 -28.87 -14.90
C PHE E 400 48.38 -28.21 -16.18
N VAL E 401 48.81 -29.05 -17.12
CA VAL E 401 49.55 -28.63 -18.32
C VAL E 401 49.22 -29.53 -19.51
N PRO E 402 49.40 -29.02 -20.75
CA PRO E 402 48.99 -29.78 -21.94
C PRO E 402 49.97 -30.92 -22.30
N ILE E 403 50.07 -31.90 -21.41
CA ILE E 403 50.78 -33.16 -21.70
C ILE E 403 49.78 -34.31 -21.68
N LEU E 404 49.86 -35.17 -22.68
CA LEU E 404 48.98 -36.33 -22.79
C LEU E 404 49.82 -37.60 -22.71
N TYR E 405 49.54 -38.41 -21.69
CA TYR E 405 50.24 -39.68 -21.52
C TYR E 405 49.47 -40.81 -22.19
N VAL E 406 50.14 -41.50 -23.11
CA VAL E 406 49.51 -42.58 -23.88
C VAL E 406 49.88 -43.95 -23.33
N LEU E 407 48.84 -44.70 -22.98
CA LEU E 407 48.98 -46.05 -22.42
C LEU E 407 48.47 -47.10 -23.40
N LYS E 408 49.14 -48.24 -23.41
CA LYS E 408 48.77 -49.34 -24.30
C LYS E 408 48.19 -50.46 -23.45
N PHE E 409 46.99 -50.93 -23.81
CA PHE E 409 46.34 -52.02 -23.06
C PHE E 409 45.84 -53.15 -23.96
N LYS E 410 45.50 -54.26 -23.33
CA LYS E 410 44.98 -55.42 -24.05
C LYS E 410 43.55 -55.75 -23.59
N THR E 411 43.38 -56.13 -22.33
CA THR E 411 42.07 -56.57 -21.81
C THR E 411 41.22 -55.42 -21.29
N GLU E 412 39.90 -55.58 -21.36
CA GLU E 412 38.95 -54.63 -20.79
C GLU E 412 39.19 -54.47 -19.29
N GLU E 413 39.37 -55.60 -18.60
CA GLU E 413 39.63 -55.61 -17.16
C GLU E 413 40.79 -54.68 -16.78
N GLU E 414 41.87 -54.75 -17.57
CA GLU E 414 43.06 -53.88 -17.42
C GLU E 414 42.72 -52.41 -17.47
N ALA E 415 42.11 -52.00 -18.58
CA ALA E 415 41.82 -50.60 -18.83
C ALA E 415 40.96 -50.03 -17.71
N PHE E 416 39.88 -50.74 -17.37
CA PHE E 416 39.01 -50.33 -16.29
C PHE E 416 39.79 -50.15 -14.98
N ALA E 417 40.61 -51.13 -14.63
CA ALA E 417 41.42 -51.08 -13.42
C ALA E 417 42.40 -49.89 -13.38
N TRP E 418 43.05 -49.62 -14.52
CA TRP E 418 44.00 -48.52 -14.61
C TRP E 418 43.28 -47.18 -14.49
N ASN E 419 42.10 -47.09 -15.10
CA ASN E 419 41.26 -45.90 -14.93
C ASN E 419 41.01 -45.62 -13.44
N ASN E 420 40.74 -46.68 -12.68
CA ASN E 420 40.33 -46.58 -11.27
C ASN E 420 41.50 -46.50 -10.28
N GLU E 421 42.67 -46.97 -10.70
CA GLU E 421 43.82 -47.12 -9.79
C GLU E 421 44.35 -45.80 -9.20
N VAL E 422 44.11 -44.68 -9.89
CA VAL E 422 44.59 -43.37 -9.43
C VAL E 422 43.76 -42.83 -8.28
N GLN E 423 44.25 -41.80 -7.61
CA GLN E 423 43.57 -41.22 -6.46
C GLN E 423 42.49 -40.21 -6.85
N GLN E 424 42.62 -39.61 -8.03
CA GLN E 424 41.59 -38.73 -8.59
C GLN E 424 40.40 -39.55 -9.08
N GLY E 425 39.26 -38.90 -9.24
CA GLY E 425 38.07 -39.59 -9.72
C GLY E 425 37.02 -38.65 -10.30
N LEU E 426 37.46 -37.67 -11.08
CA LEU E 426 36.54 -36.75 -11.72
C LEU E 426 35.87 -37.36 -12.96
N SER E 427 36.57 -37.36 -14.09
CA SER E 427 35.97 -37.72 -15.37
C SER E 427 36.61 -38.94 -16.06
N SER E 428 35.83 -39.61 -16.93
CA SER E 428 36.28 -40.81 -17.61
C SER E 428 35.43 -41.10 -18.84
N SER E 429 36.06 -41.67 -19.87
CA SER E 429 35.39 -42.01 -21.12
C SER E 429 35.89 -43.31 -21.71
N ILE E 430 34.99 -44.06 -22.31
CA ILE E 430 35.39 -45.15 -23.17
C ILE E 430 34.81 -44.93 -24.56
N PHE E 431 35.56 -45.33 -25.59
CA PHE E 431 35.07 -45.29 -26.95
C PHE E 431 34.96 -46.71 -27.43
N THR E 432 33.73 -47.13 -27.76
CA THR E 432 33.43 -48.52 -28.13
C THR E 432 32.07 -48.60 -28.82
N LYS E 433 31.83 -49.70 -29.52
CA LYS E 433 30.51 -49.95 -30.14
C LYS E 433 29.81 -51.11 -29.48
N ASP E 434 30.45 -51.68 -28.46
CA ASP E 434 29.97 -52.88 -27.78
C ASP E 434 28.93 -52.58 -26.69
N LEU E 435 27.69 -52.98 -26.96
CA LEU E 435 26.56 -52.76 -26.07
C LEU E 435 26.82 -53.20 -24.62
N GLY E 436 27.34 -54.42 -24.47
CA GLY E 436 27.64 -54.98 -23.16
C GLY E 436 28.71 -54.20 -22.42
N ARG E 437 29.74 -53.76 -23.15
CA ARG E 437 30.83 -53.02 -22.54
C ARG E 437 30.36 -51.69 -21.97
N VAL E 438 29.48 -51.02 -22.72
CA VAL E 438 28.90 -49.74 -22.30
C VAL E 438 28.29 -49.83 -20.90
N PHE E 439 27.40 -50.81 -20.70
CA PHE E 439 26.69 -50.94 -19.44
C PHE E 439 27.56 -51.49 -18.32
N ARG E 440 28.58 -52.27 -18.67
CA ARG E 440 29.53 -52.75 -17.68
C ARG E 440 30.32 -51.56 -17.14
N TRP E 441 30.73 -50.69 -18.06
CA TRP E 441 31.43 -49.43 -17.76
C TRP E 441 30.60 -48.52 -16.84
N LEU E 442 29.27 -48.55 -17.02
CA LEU E 442 28.35 -47.75 -16.24
C LEU E 442 28.01 -48.39 -14.89
N GLY E 443 28.13 -49.72 -14.83
CA GLY E 443 27.79 -50.49 -13.65
C GLY E 443 28.85 -50.49 -12.56
N PRO E 444 28.67 -51.35 -11.54
CA PRO E 444 29.46 -51.44 -10.30
C PRO E 444 30.92 -51.88 -10.47
N LYS E 445 31.23 -52.57 -11.57
CA LYS E 445 32.61 -52.98 -11.86
C LYS E 445 33.19 -52.18 -13.03
N GLY E 446 32.61 -51.01 -13.28
CA GLY E 446 33.08 -50.09 -14.30
C GLY E 446 33.86 -48.96 -13.70
N SER E 447 33.67 -47.76 -14.26
CA SER E 447 34.36 -46.55 -13.84
C SER E 447 33.97 -46.14 -12.41
N ASP E 448 34.93 -45.59 -11.67
CA ASP E 448 34.67 -45.10 -10.31
C ASP E 448 34.60 -43.57 -10.22
N CYS E 449 34.44 -42.92 -11.37
CA CYS E 449 34.41 -41.47 -11.47
C CYS E 449 33.03 -40.86 -11.28
N GLY E 450 32.99 -39.55 -11.12
CA GLY E 450 31.74 -38.83 -11.03
C GLY E 450 31.10 -38.62 -12.39
N ILE E 451 31.93 -38.52 -13.42
CA ILE E 451 31.48 -38.40 -14.80
C ILE E 451 31.94 -39.65 -15.55
N VAL E 452 30.99 -40.35 -16.17
CA VAL E 452 31.28 -41.62 -16.81
C VAL E 452 30.68 -41.63 -18.22
N ASN E 453 31.51 -41.33 -19.20
CA ASN E 453 31.03 -41.07 -20.55
C ASN E 453 31.29 -42.19 -21.54
N VAL E 454 30.49 -42.26 -22.59
CA VAL E 454 30.67 -43.22 -23.67
C VAL E 454 30.66 -42.51 -25.03
N ASN E 455 31.74 -42.65 -25.79
CA ASN E 455 31.88 -42.04 -27.14
C ASN E 455 31.78 -40.53 -27.16
N ILE E 456 31.97 -39.93 -25.99
CA ILE E 456 32.17 -38.51 -25.85
C ILE E 456 33.34 -38.35 -24.87
N PRO E 457 34.23 -37.36 -25.09
CA PRO E 457 35.43 -37.19 -24.27
C PRO E 457 35.16 -36.89 -22.78
N THR E 458 36.22 -36.57 -22.06
CA THR E 458 36.16 -36.34 -20.62
C THR E 458 35.62 -34.97 -20.22
N SER E 459 35.51 -34.05 -21.17
CA SER E 459 34.99 -32.71 -20.87
C SER E 459 33.53 -32.53 -21.27
N GLY E 460 32.90 -33.62 -21.73
CA GLY E 460 31.48 -33.61 -22.05
C GLY E 460 30.59 -33.63 -20.82
N ALA E 461 30.05 -32.45 -20.47
CA ALA E 461 29.18 -32.29 -19.30
C ALA E 461 28.25 -31.11 -19.46
N GLU E 462 27.00 -31.27 -19.05
CA GLU E 462 25.99 -30.23 -19.19
C GLU E 462 25.29 -29.92 -17.88
N ILE E 463 24.63 -28.76 -17.86
CA ILE E 463 23.95 -28.21 -16.69
C ILE E 463 22.97 -29.17 -16.00
N GLY E 464 22.20 -29.91 -16.80
CA GLY E 464 21.14 -30.80 -16.29
C GLY E 464 21.57 -31.83 -15.25
N GLY E 465 22.83 -32.29 -15.35
CA GLY E 465 23.36 -33.32 -14.46
C GLY E 465 24.26 -32.78 -13.37
N ALA E 466 24.37 -33.53 -12.28
CA ALA E 466 25.28 -33.18 -11.19
C ALA E 466 26.71 -33.26 -11.71
N PHE E 467 27.52 -32.28 -11.34
CA PHE E 467 28.92 -32.24 -11.76
C PHE E 467 29.86 -32.38 -10.58
N GLY E 468 30.80 -33.31 -10.67
CA GLY E 468 31.78 -33.50 -9.61
C GLY E 468 32.37 -34.90 -9.62
N GLY E 469 33.33 -35.15 -8.75
CA GLY E 469 34.03 -36.42 -8.78
C GLY E 469 34.03 -37.18 -7.47
N GLU E 470 34.80 -38.28 -7.46
CA GLU E 470 34.90 -39.15 -6.31
C GLU E 470 36.34 -39.21 -5.82
N LYS E 471 36.58 -40.04 -4.80
CA LYS E 471 37.92 -40.22 -4.24
C LYS E 471 38.56 -38.84 -3.96
N HIS E 472 39.78 -38.61 -4.46
CA HIS E 472 40.52 -37.37 -4.19
C HIS E 472 39.94 -36.12 -4.88
N THR E 473 38.95 -36.30 -5.75
CA THR E 473 38.28 -35.15 -6.37
C THR E 473 37.32 -34.47 -5.38
N GLY E 474 36.96 -35.18 -4.31
CA GLY E 474 36.33 -34.54 -3.14
C GLY E 474 34.88 -34.79 -2.80
N GLY E 475 34.11 -35.40 -3.72
CA GLY E 475 32.73 -35.78 -3.44
C GLY E 475 31.64 -34.77 -3.76
N GLY E 476 32.00 -33.49 -3.81
CA GLY E 476 31.02 -32.43 -4.07
C GLY E 476 30.38 -32.49 -5.44
N ARG E 477 29.20 -31.90 -5.58
CA ARG E 477 28.50 -31.85 -6.85
C ARG E 477 27.97 -30.44 -7.10
N GLU E 478 27.95 -30.05 -8.37
CA GLU E 478 27.49 -28.71 -8.74
C GLU E 478 26.44 -28.78 -9.84
N SER E 479 25.56 -27.79 -9.85
CA SER E 479 24.56 -27.58 -10.91
C SER E 479 23.37 -28.55 -10.86
N GLY E 480 23.41 -29.60 -11.67
CA GLY E 480 22.21 -30.40 -11.96
C GLY E 480 21.75 -31.43 -10.94
N SER E 481 20.74 -32.22 -11.34
CA SER E 481 20.09 -33.21 -10.47
C SER E 481 19.70 -32.59 -9.12
N ASP E 482 19.96 -33.29 -8.03
CA ASP E 482 19.64 -32.74 -6.71
C ASP E 482 20.86 -32.18 -5.99
N SER E 483 21.76 -31.57 -6.76
CA SER E 483 22.94 -30.90 -6.18
C SER E 483 22.53 -29.86 -5.14
N TRP E 484 21.40 -29.21 -5.37
CA TRP E 484 20.92 -28.13 -4.49
C TRP E 484 20.89 -28.53 -3.01
N LYS E 485 20.66 -29.81 -2.74
CA LYS E 485 20.56 -30.28 -1.37
C LYS E 485 21.80 -29.97 -0.51
N GLN E 486 22.94 -29.81 -1.18
CA GLN E 486 24.20 -29.52 -0.48
C GLN E 486 24.19 -28.10 0.05
N TYR E 487 23.29 -27.29 -0.49
CA TYR E 487 23.17 -25.87 -0.15
C TYR E 487 22.05 -25.62 0.88
N MET E 488 21.46 -26.69 1.40
CA MET E 488 20.35 -26.60 2.34
C MET E 488 20.46 -27.67 3.41
N ARG E 489 19.73 -27.49 4.50
CA ARG E 489 19.66 -28.49 5.56
C ARG E 489 18.30 -29.18 5.58
N ARG E 490 18.35 -30.51 5.68
CA ARG E 490 17.17 -31.34 5.73
C ARG E 490 16.68 -31.39 7.16
N SER E 491 15.36 -31.31 7.33
CA SER E 491 14.72 -31.60 8.62
C SER E 491 13.53 -32.52 8.43
N THR E 492 13.50 -33.60 9.20
CA THR E 492 12.38 -34.54 9.21
C THR E 492 11.37 -34.12 10.28
N CYS E 493 10.20 -33.68 9.83
CA CYS E 493 9.24 -33.02 10.71
C CYS E 493 7.97 -33.82 10.93
N THR E 494 7.68 -34.10 12.19
CA THR E 494 6.45 -34.78 12.55
C THR E 494 5.55 -33.79 13.30
N ILE E 495 4.33 -33.64 12.77
CA ILE E 495 3.35 -32.77 13.38
C ILE E 495 2.17 -33.57 13.89
N ASN E 496 2.00 -33.57 15.20
CA ASN E 496 0.85 -34.15 15.84
C ASN E 496 -0.25 -33.11 15.91
N TYR E 497 -1.36 -33.38 15.23
CA TYR E 497 -2.47 -32.43 15.17
C TYR E 497 -3.75 -33.00 15.78
N SER E 498 -3.67 -34.21 16.30
CA SER E 498 -4.80 -34.87 16.94
C SER E 498 -4.95 -34.44 18.40
N LYS E 499 -6.09 -34.79 18.99
CA LYS E 499 -6.32 -34.57 20.42
C LYS E 499 -5.90 -35.78 21.27
N ASP E 500 -5.44 -36.85 20.60
CA ASP E 500 -4.92 -38.05 21.27
C ASP E 500 -3.86 -37.75 22.33
N LEU E 501 -3.97 -38.43 23.47
CA LEU E 501 -2.96 -38.34 24.52
C LEU E 501 -2.15 -39.65 24.56
N PRO E 502 -0.89 -39.59 25.02
CA PRO E 502 -0.12 -40.84 25.10
C PRO E 502 -0.60 -41.70 26.25
N LEU E 503 -0.40 -43.01 26.11
CA LEU E 503 -0.79 -43.97 27.14
C LEU E 503 -0.15 -43.59 28.47
N ALA E 504 -0.96 -43.60 29.54
CA ALA E 504 -0.49 -43.25 30.88
C ALA E 504 0.43 -44.33 31.46
N GLN E 505 0.25 -45.56 30.97
CA GLN E 505 0.97 -46.76 31.42
C GLN E 505 1.25 -46.84 32.93
N GLY E 506 0.16 -46.73 33.70
CA GLY E 506 0.24 -46.93 35.15
C GLY E 506 0.34 -45.66 35.99
N ILE E 507 0.76 -44.56 35.38
CA ILE E 507 0.89 -43.30 36.10
C ILE E 507 -0.40 -42.46 36.02
N LYS E 508 -0.85 -41.95 37.17
CA LYS E 508 -2.00 -41.04 37.21
C LYS E 508 -1.54 -39.61 36.99
N PHE E 509 -2.24 -38.91 36.11
CA PHE E 509 -2.00 -37.49 35.84
C PHE E 509 -3.26 -36.70 36.19
N SER F 1 28.82 -67.50 42.35
CA SER F 1 27.64 -67.36 41.46
C SER F 1 28.01 -67.45 39.99
N GLY F 2 29.31 -67.33 39.68
CA GLY F 2 29.78 -67.59 38.32
C GLY F 2 29.05 -66.76 37.27
N LEU F 3 29.07 -67.25 36.04
CA LEU F 3 28.44 -66.57 34.91
C LEU F 3 26.95 -66.84 34.92
N LEU F 4 26.17 -65.82 34.57
CA LEU F 4 24.72 -65.93 34.46
C LEU F 4 24.28 -67.03 33.50
N ILE F 5 24.95 -67.11 32.34
CA ILE F 5 24.59 -68.08 31.29
C ILE F 5 24.59 -69.55 31.74
N ASN F 6 25.45 -69.90 32.70
CA ASN F 6 25.49 -71.25 33.26
C ASN F 6 24.32 -71.61 34.17
N GLN F 7 23.61 -70.59 34.65
CA GLN F 7 22.44 -70.81 35.50
C GLN F 7 21.21 -71.14 34.64
N PRO F 8 20.38 -72.10 35.10
CA PRO F 8 19.16 -72.52 34.37
C PRO F 8 18.18 -71.39 34.09
N LYS F 9 18.02 -70.47 35.04
CA LYS F 9 17.16 -69.28 34.88
C LYS F 9 17.48 -68.47 33.62
N TYR F 10 18.65 -68.72 33.03
CA TYR F 10 19.17 -67.96 31.88
C TYR F 10 19.51 -68.83 30.68
N SER F 11 18.98 -70.06 30.62
CA SER F 11 19.31 -70.98 29.53
C SER F 11 18.69 -70.60 28.17
N TRP F 12 17.78 -69.63 28.18
CA TRP F 12 17.23 -69.09 26.94
C TRP F 12 18.29 -68.38 26.09
N LEU F 13 19.38 -67.96 26.72
CA LEU F 13 20.52 -67.38 26.03
C LEU F 13 21.16 -68.36 25.04
N LYS F 14 20.92 -69.66 25.23
CA LYS F 14 21.49 -70.68 24.36
C LYS F 14 20.75 -70.77 23.03
N GLU F 15 19.49 -70.31 23.02
CA GLU F 15 18.68 -70.21 21.81
C GLU F 15 19.22 -69.17 20.85
N LEU F 16 20.01 -68.24 21.36
CA LEU F 16 20.67 -67.23 20.53
C LEU F 16 22.03 -67.71 20.03
N GLY F 17 22.37 -68.94 20.36
CA GLY F 17 23.63 -69.55 19.95
C GLY F 17 24.81 -69.10 20.80
N LEU F 18 24.51 -68.63 22.02
CA LEU F 18 25.53 -68.11 22.91
C LEU F 18 25.98 -69.15 23.92
N SER F 19 27.23 -69.04 24.32
CA SER F 19 27.87 -70.00 25.21
C SER F 19 28.69 -69.23 26.27
N GLU F 20 29.39 -69.95 27.14
CA GLU F 20 30.28 -69.34 28.14
C GLU F 20 31.28 -68.39 27.52
N ASP F 21 32.09 -68.91 26.60
CA ASP F 21 32.95 -68.08 25.76
C ASP F 21 32.40 -68.02 24.36
N ASN F 22 32.54 -66.85 23.73
CA ASN F 22 31.99 -66.61 22.41
C ASN F 22 33.02 -65.98 21.50
N PRO F 23 33.11 -66.47 20.25
CA PRO F 23 33.98 -65.85 19.25
C PRO F 23 33.45 -64.47 18.86
N GLY F 24 34.34 -63.48 18.87
CA GLY F 24 33.98 -62.10 18.53
C GLY F 24 34.29 -61.70 17.10
N VAL F 25 34.81 -62.63 16.31
CA VAL F 25 35.05 -62.40 14.89
C VAL F 25 34.20 -63.34 14.06
N TYR F 26 33.54 -62.78 13.05
CA TYR F 26 32.92 -63.56 11.98
C TYR F 26 33.19 -62.93 10.63
N ASN F 27 33.63 -63.76 9.69
CA ASN F 27 33.94 -63.32 8.32
C ASN F 27 33.70 -64.44 7.31
N GLY F 28 32.70 -65.27 7.57
CA GLY F 28 32.49 -66.50 6.82
C GLY F 28 32.84 -67.67 7.72
N SER F 29 33.77 -67.45 8.64
CA SER F 29 34.10 -68.39 9.71
C SER F 29 34.28 -67.66 11.04
N TRP F 30 34.02 -68.35 12.15
CA TRP F 30 34.06 -67.73 13.48
C TRP F 30 35.41 -67.91 14.16
N GLY F 31 35.77 -66.92 14.97
CA GLY F 31 37.03 -66.95 15.71
C GLY F 31 37.25 -65.68 16.50
N GLY F 32 38.52 -65.42 16.81
CA GLY F 32 38.91 -64.26 17.61
C GLY F 32 39.87 -64.72 18.68
N SER F 33 40.99 -64.02 18.80
CA SER F 33 42.00 -64.40 19.77
C SER F 33 42.63 -63.17 20.43
N GLY F 34 41.92 -62.04 20.37
CA GLY F 34 42.32 -60.84 21.09
C GLY F 34 41.91 -60.89 22.56
N GLU F 35 41.74 -59.72 23.14
CA GLU F 35 41.34 -59.54 24.53
C GLU F 35 40.01 -60.23 24.80
N VAL F 36 39.92 -60.95 25.90
CA VAL F 36 38.67 -61.56 26.32
C VAL F 36 37.93 -60.57 27.21
N ILE F 37 36.76 -60.12 26.77
CA ILE F 37 35.96 -59.20 27.57
C ILE F 37 34.78 -59.92 28.22
N THR F 38 34.45 -59.51 29.43
CA THR F 38 33.34 -60.08 30.17
C THR F 38 32.20 -59.05 30.22
N SER F 39 31.04 -59.46 29.72
CA SER F 39 29.90 -58.58 29.61
C SER F 39 29.01 -58.69 30.86
N TYR F 40 28.83 -57.57 31.55
CA TYR F 40 28.10 -57.53 32.81
C TYR F 40 26.67 -57.02 32.64
N CYS F 41 25.76 -57.57 33.44
CA CYS F 41 24.37 -57.13 33.46
C CYS F 41 24.23 -55.92 34.39
N PRO F 42 23.93 -54.74 33.82
CA PRO F 42 23.93 -53.49 34.61
C PRO F 42 22.86 -53.43 35.70
N ALA F 43 21.97 -54.41 35.73
CA ALA F 43 20.88 -54.46 36.73
C ALA F 43 21.34 -55.07 38.06
N ASN F 44 22.41 -55.84 38.04
CA ASN F 44 22.92 -56.47 39.24
C ASN F 44 24.45 -56.62 39.27
N ASN F 45 25.12 -56.11 38.24
CA ASN F 45 26.58 -56.15 38.12
C ASN F 45 27.15 -57.56 38.11
N GLU F 46 26.32 -58.53 37.72
CA GLU F 46 26.72 -59.93 37.58
C GLU F 46 27.24 -60.20 36.15
N PRO F 47 28.29 -61.04 36.03
CA PRO F 47 28.82 -61.34 34.70
C PRO F 47 27.89 -62.29 33.95
N ILE F 48 27.66 -61.99 32.67
CA ILE F 48 26.75 -62.78 31.87
C ILE F 48 27.51 -63.88 31.14
N ALA F 49 28.48 -63.48 30.34
CA ALA F 49 29.32 -64.40 29.57
C ALA F 49 30.47 -63.62 28.91
N ARG F 50 31.39 -64.32 28.26
CA ARG F 50 32.58 -63.67 27.73
C ARG F 50 32.59 -63.68 26.21
N VAL F 51 33.30 -62.72 25.63
CA VAL F 51 33.48 -62.65 24.18
C VAL F 51 34.96 -62.39 23.90
N THR F 52 35.52 -63.16 22.97
CA THR F 52 36.92 -62.98 22.57
C THR F 52 36.97 -62.03 21.38
N GLN F 53 37.52 -60.86 21.61
CA GLN F 53 37.56 -59.80 20.62
C GLN F 53 38.63 -60.07 19.56
N ALA F 54 38.67 -59.21 18.55
CA ALA F 54 39.60 -59.38 17.44
C ALA F 54 40.98 -58.81 17.75
N THR F 55 42.01 -59.42 17.18
CA THR F 55 43.32 -58.79 17.12
C THR F 55 43.34 -57.93 15.85
N LEU F 56 44.28 -56.99 15.76
CA LEU F 56 44.45 -56.21 14.53
C LEU F 56 44.60 -57.11 13.32
N ALA F 57 45.37 -58.19 13.48
CA ALA F 57 45.62 -59.17 12.42
C ALA F 57 44.34 -59.86 11.95
N GLU F 58 43.45 -60.12 12.91
CA GLU F 58 42.15 -60.70 12.60
C GLU F 58 41.20 -59.68 11.94
N TYR F 59 41.29 -58.42 12.35
CA TYR F 59 40.58 -57.35 11.65
C TYR F 59 41.08 -57.28 10.21
N GLU F 60 42.41 -57.22 10.08
CA GLU F 60 43.09 -57.17 8.80
C GLU F 60 42.58 -58.26 7.86
N GLU F 61 42.52 -59.49 8.36
CA GLU F 61 42.08 -60.64 7.56
C GLU F 61 40.60 -60.57 7.20
N THR F 62 39.82 -59.98 8.10
CA THR F 62 38.39 -59.82 7.89
C THR F 62 38.10 -58.82 6.78
N VAL F 63 38.92 -57.77 6.67
CA VAL F 63 38.76 -56.78 5.62
C VAL F 63 39.01 -57.40 4.24
N GLN F 64 40.03 -58.25 4.13
CA GLN F 64 40.33 -58.93 2.87
C GLN F 64 39.22 -59.89 2.43
N LYS F 65 38.70 -60.67 3.38
CA LYS F 65 37.60 -61.59 3.12
C LYS F 65 36.31 -60.85 2.72
N THR F 66 36.11 -59.68 3.34
CA THR F 66 34.99 -58.79 3.04
C THR F 66 35.08 -58.22 1.61
N ARG F 67 36.24 -57.68 1.26
CA ARG F 67 36.50 -57.15 -0.08
C ARG F 67 36.27 -58.19 -1.17
N GLU F 68 36.66 -59.44 -0.88
CA GLU F 68 36.52 -60.56 -1.79
C GLU F 68 35.05 -60.93 -1.98
N ALA F 69 34.30 -60.92 -0.89
CA ALA F 69 32.88 -61.21 -0.90
C ALA F 69 32.10 -60.18 -1.70
N TRP F 70 32.56 -58.93 -1.65
CA TRP F 70 31.89 -57.84 -2.37
C TRP F 70 31.81 -58.11 -3.86
N LYS F 71 32.89 -58.65 -4.43
CA LYS F 71 32.96 -58.98 -5.85
C LYS F 71 31.73 -59.74 -6.36
N MET F 72 31.38 -60.83 -5.69
CA MET F 72 30.22 -61.62 -6.09
C MET F 72 28.90 -60.95 -5.71
N TRP F 73 28.89 -60.26 -4.56
CA TRP F 73 27.69 -59.61 -4.02
C TRP F 73 27.20 -58.42 -4.85
N ALA F 74 28.14 -57.57 -5.27
CA ALA F 74 27.84 -56.43 -6.15
C ALA F 74 27.27 -56.85 -7.51
N ASP F 75 27.51 -58.09 -7.91
CA ASP F 75 26.99 -58.64 -9.17
C ASP F 75 25.56 -59.14 -9.06
N ILE F 76 25.04 -59.23 -7.84
CA ILE F 76 23.66 -59.66 -7.62
C ILE F 76 22.72 -58.47 -7.72
N PRO F 77 21.73 -58.53 -8.62
CA PRO F 77 20.69 -57.49 -8.80
C PRO F 77 20.08 -57.02 -7.47
N ALA F 78 19.74 -55.75 -7.38
CA ALA F 78 19.25 -55.17 -6.12
C ALA F 78 17.98 -55.84 -5.57
N PRO F 79 16.98 -56.11 -6.44
CA PRO F 79 15.81 -56.82 -5.92
C PRO F 79 16.15 -58.20 -5.31
N LYS F 80 17.14 -58.89 -5.88
CA LYS F 80 17.59 -60.17 -5.34
C LYS F 80 18.37 -60.03 -4.04
N ARG F 81 19.06 -58.90 -3.87
CA ARG F 81 19.68 -58.56 -2.59
C ARG F 81 18.61 -58.27 -1.57
N GLY F 82 17.53 -57.63 -2.01
CA GLY F 82 16.37 -57.32 -1.15
C GLY F 82 15.74 -58.58 -0.59
N GLU F 83 15.74 -59.65 -1.39
CA GLU F 83 15.24 -60.95 -0.98
C GLU F 83 16.04 -61.49 0.23
N ILE F 84 17.35 -61.25 0.20
CA ILE F 84 18.21 -61.60 1.33
C ILE F 84 17.81 -60.77 2.54
N VAL F 85 17.67 -59.45 2.34
CA VAL F 85 17.28 -58.54 3.42
C VAL F 85 15.91 -58.92 4.03
N ARG F 86 14.96 -59.31 3.18
CA ARG F 86 13.64 -59.79 3.60
C ARG F 86 13.76 -60.97 4.57
N GLN F 87 14.65 -61.92 4.24
CA GLN F 87 14.86 -63.12 5.04
C GLN F 87 15.55 -62.83 6.37
N ILE F 88 16.48 -61.87 6.37
CA ILE F 88 17.06 -61.36 7.60
C ILE F 88 15.94 -60.84 8.50
N GLY F 89 15.04 -60.07 7.91
CA GLY F 89 13.89 -59.54 8.64
C GLY F 89 13.09 -60.63 9.31
N ASP F 90 12.88 -61.73 8.58
CA ASP F 90 12.09 -62.86 9.07
C ASP F 90 12.83 -63.66 10.12
N ALA F 91 14.13 -63.86 9.89
CA ALA F 91 14.96 -64.61 10.84
C ALA F 91 14.97 -63.88 12.19
N LEU F 92 15.02 -62.56 12.14
CA LEU F 92 14.95 -61.72 13.33
C LEU F 92 13.59 -61.84 14.01
N ARG F 93 12.53 -61.84 13.19
CA ARG F 93 11.16 -61.96 13.68
C ARG F 93 10.97 -63.21 14.55
N LYS F 94 11.51 -64.33 14.09
CA LYS F 94 11.45 -65.58 14.84
C LYS F 94 12.13 -65.50 16.21
N LYS F 95 13.20 -64.72 16.31
CA LYS F 95 13.98 -64.63 17.55
C LYS F 95 13.72 -63.35 18.34
N ILE F 96 12.64 -62.64 18.01
CA ILE F 96 12.38 -61.30 18.58
C ILE F 96 12.37 -61.25 20.12
N LYS F 97 11.74 -62.22 20.76
CA LYS F 97 11.58 -62.23 22.21
C LYS F 97 12.90 -62.43 22.93
N VAL F 98 13.64 -63.47 22.55
CA VAL F 98 14.93 -63.79 23.18
C VAL F 98 16.00 -62.74 22.89
N LEU F 99 16.00 -62.20 21.67
CA LEU F 99 16.95 -61.16 21.30
C LEU F 99 16.64 -59.87 22.06
N GLY F 100 15.36 -59.54 22.15
CA GLY F 100 14.87 -58.41 22.96
C GLY F 100 15.30 -58.57 24.40
N SER F 101 15.15 -59.79 24.92
CA SER F 101 15.57 -60.14 26.28
C SER F 101 17.08 -59.94 26.51
N LEU F 102 17.88 -60.34 25.52
CA LEU F 102 19.32 -60.12 25.58
C LEU F 102 19.67 -58.63 25.63
N VAL F 103 19.00 -57.84 24.79
CA VAL F 103 19.25 -56.39 24.79
C VAL F 103 18.99 -55.84 26.19
N SER F 104 17.84 -56.22 26.75
CA SER F 104 17.43 -55.82 28.08
C SER F 104 18.43 -56.22 29.15
N LEU F 105 18.92 -57.46 29.07
CA LEU F 105 19.88 -57.99 30.04
C LEU F 105 21.28 -57.35 29.92
N GLU F 106 21.77 -57.18 28.70
CA GLU F 106 23.13 -56.69 28.47
C GLU F 106 23.25 -55.17 28.45
N MET F 107 22.25 -54.48 27.90
CA MET F 107 22.29 -53.01 27.84
C MET F 107 21.63 -52.34 29.07
N GLY F 108 20.49 -52.88 29.48
CA GLY F 108 19.80 -52.41 30.68
C GLY F 108 18.43 -51.79 30.46
N LYS F 109 18.01 -51.66 29.20
CA LYS F 109 16.70 -51.08 28.89
C LYS F 109 15.60 -52.10 29.15
N ILE F 110 14.38 -51.62 29.39
CA ILE F 110 13.27 -52.51 29.73
C ILE F 110 12.92 -53.46 28.58
N TYR F 111 12.44 -54.65 28.94
CA TYR F 111 12.12 -55.70 27.98
C TYR F 111 11.34 -55.22 26.76
N VAL F 112 10.23 -54.52 26.98
CA VAL F 112 9.38 -54.08 25.88
C VAL F 112 10.16 -53.19 24.88
N GLU F 113 11.10 -52.40 25.39
CA GLU F 113 11.96 -51.58 24.54
C GLU F 113 13.06 -52.39 23.85
N GLY F 114 13.47 -53.48 24.48
CA GLY F 114 14.40 -54.42 23.86
C GLY F 114 13.76 -55.05 22.65
N VAL F 115 12.51 -55.45 22.81
CA VAL F 115 11.69 -55.99 21.73
C VAL F 115 11.47 -54.94 20.63
N GLY F 116 11.15 -53.72 21.05
CA GLY F 116 10.92 -52.61 20.12
C GLY F 116 12.12 -52.33 19.23
N GLU F 117 13.31 -52.44 19.80
CA GLU F 117 14.55 -52.23 19.07
C GLU F 117 14.70 -53.28 17.98
N VAL F 118 14.40 -54.54 18.29
CA VAL F 118 14.47 -55.61 17.32
C VAL F 118 13.47 -55.35 16.19
N GLN F 119 12.28 -54.90 16.56
CA GLN F 119 11.24 -54.52 15.59
C GLN F 119 11.71 -53.44 14.58
N GLU F 120 12.51 -52.48 15.05
CA GLU F 120 13.09 -51.45 14.20
C GLU F 120 13.91 -52.07 13.08
N TYR F 121 14.68 -53.10 13.40
CA TYR F 121 15.49 -53.81 12.42
C TYR F 121 14.57 -54.53 11.45
N VAL F 122 13.62 -55.30 11.98
CA VAL F 122 12.63 -56.01 11.17
C VAL F 122 11.93 -55.05 10.20
N ASP F 123 11.44 -53.93 10.71
CA ASP F 123 10.67 -52.98 9.91
C ASP F 123 11.51 -52.28 8.82
N VAL F 124 12.77 -52.01 9.13
CA VAL F 124 13.65 -51.36 8.17
C VAL F 124 14.06 -52.35 7.07
N CYS F 125 14.01 -53.64 7.39
CA CYS F 125 14.28 -54.67 6.40
C CYS F 125 13.19 -54.68 5.33
N ASP F 126 11.94 -54.68 5.77
CA ASP F 126 10.79 -54.63 4.88
C ASP F 126 10.79 -53.37 4.02
N TYR F 127 11.17 -52.25 4.62
CA TYR F 127 11.33 -50.98 3.92
C TYR F 127 12.40 -51.09 2.82
N ALA F 128 13.52 -51.73 3.17
CA ALA F 128 14.62 -51.95 2.24
C ALA F 128 14.22 -52.85 1.07
N VAL F 129 13.29 -53.77 1.31
CA VAL F 129 12.79 -54.65 0.26
C VAL F 129 12.09 -53.80 -0.80
N GLY F 130 11.35 -52.79 -0.35
CA GLY F 130 10.74 -51.83 -1.26
C GLY F 130 11.79 -51.10 -2.06
N LEU F 131 12.82 -50.63 -1.36
CA LEU F 131 13.88 -49.82 -1.95
C LEU F 131 14.68 -50.57 -2.98
N SER F 132 14.82 -51.88 -2.78
CA SER F 132 15.59 -52.73 -3.68
C SER F 132 15.08 -52.73 -5.12
N ARG F 133 13.85 -52.27 -5.32
CA ARG F 133 13.29 -52.17 -6.66
C ARG F 133 13.14 -50.72 -7.08
N MET F 134 13.72 -49.80 -6.30
CA MET F 134 13.49 -48.37 -6.49
C MET F 134 14.76 -47.54 -6.62
N ILE F 135 15.81 -47.89 -5.87
CA ILE F 135 17.04 -47.11 -5.84
C ILE F 135 17.62 -46.78 -7.23
N GLY F 136 18.06 -45.53 -7.40
CA GLY F 136 18.61 -45.07 -8.66
C GLY F 136 18.38 -43.59 -8.88
N GLY F 137 18.88 -43.09 -10.00
CA GLY F 137 18.74 -41.67 -10.33
C GLY F 137 17.89 -41.44 -11.57
N PRO F 138 17.65 -40.17 -11.92
CA PRO F 138 16.82 -39.86 -13.08
C PRO F 138 17.49 -40.15 -14.43
N VAL F 139 16.68 -40.50 -15.41
CA VAL F 139 17.07 -40.36 -16.81
C VAL F 139 16.82 -38.89 -17.14
N LEU F 140 17.82 -38.22 -17.70
CA LEU F 140 17.74 -36.79 -17.94
C LEU F 140 17.80 -36.48 -19.43
N PRO F 141 17.12 -35.39 -19.86
CA PRO F 141 17.18 -35.06 -21.28
C PRO F 141 18.44 -34.28 -21.60
N SER F 142 19.30 -34.87 -22.42
CA SER F 142 20.53 -34.21 -22.82
C SER F 142 20.25 -33.06 -23.78
N GLU F 143 21.09 -32.03 -23.74
CA GLU F 143 21.01 -30.90 -24.68
C GLU F 143 21.64 -31.23 -26.03
N ARG F 144 22.29 -32.40 -26.11
CA ARG F 144 23.01 -32.81 -27.32
C ARG F 144 22.16 -33.84 -28.09
N PRO F 145 21.94 -33.60 -29.40
CA PRO F 145 21.16 -34.53 -30.22
C PRO F 145 21.85 -35.88 -30.27
N GLY F 146 21.06 -36.95 -30.18
CA GLY F 146 21.59 -38.31 -30.21
C GLY F 146 22.54 -38.63 -29.04
N HIS F 147 22.24 -38.07 -27.87
CA HIS F 147 22.97 -38.34 -26.64
C HIS F 147 22.00 -38.70 -25.53
N ALA F 148 22.28 -39.79 -24.83
CA ALA F 148 21.51 -40.15 -23.64
C ALA F 148 22.24 -39.67 -22.40
N LEU F 149 21.49 -39.17 -21.43
CA LEU F 149 22.06 -38.71 -20.18
C LEU F 149 21.34 -39.37 -19.00
N ILE F 150 22.09 -40.14 -18.20
CA ILE F 150 21.50 -40.83 -17.05
C ILE F 150 22.33 -40.67 -15.77
N GLU F 151 21.65 -40.63 -14.63
CA GLU F 151 22.33 -40.66 -13.35
C GLU F 151 22.34 -42.09 -12.82
N GLN F 152 23.55 -42.61 -12.59
CA GLN F 152 23.73 -43.98 -12.09
C GLN F 152 24.17 -43.98 -10.64
N TRP F 153 23.65 -44.93 -9.87
CA TRP F 153 24.10 -45.15 -8.50
C TRP F 153 24.68 -46.54 -8.35
N ASN F 154 25.81 -46.62 -7.66
CA ASN F 154 26.55 -47.86 -7.49
C ASN F 154 27.07 -48.01 -6.08
N PRO F 155 27.26 -49.27 -5.64
CA PRO F 155 27.75 -49.50 -4.28
C PRO F 155 29.06 -48.76 -4.05
N VAL F 156 29.27 -48.24 -2.84
CA VAL F 156 30.56 -47.65 -2.48
C VAL F 156 31.62 -48.73 -2.26
N GLY F 157 31.18 -49.93 -1.86
CA GLY F 157 32.06 -51.07 -1.61
C GLY F 157 31.81 -51.65 -0.24
N LEU F 158 32.74 -51.42 0.68
CA LEU F 158 32.64 -51.92 2.04
C LEU F 158 32.20 -50.81 2.99
N VAL F 159 31.15 -51.08 3.76
CA VAL F 159 30.65 -50.14 4.77
C VAL F 159 31.08 -50.59 6.16
N GLY F 160 31.98 -49.83 6.78
CA GLY F 160 32.33 -50.05 8.17
C GLY F 160 31.28 -49.43 9.07
N ILE F 161 30.83 -50.17 10.07
CA ILE F 161 29.81 -49.69 10.99
C ILE F 161 30.27 -49.80 12.43
N ILE F 162 30.42 -48.64 13.07
CA ILE F 162 30.75 -48.55 14.48
C ILE F 162 29.53 -47.99 15.24
N THR F 163 29.06 -48.75 16.23
CA THR F 163 27.80 -48.43 16.90
C THR F 163 28.01 -48.13 18.38
N ALA F 164 27.00 -47.49 18.96
CA ALA F 164 26.99 -47.14 20.37
C ALA F 164 26.39 -48.27 21.23
N PHE F 165 26.46 -48.13 22.54
CA PHE F 165 25.96 -49.15 23.45
C PHE F 165 24.45 -49.11 23.60
N ASN F 166 23.85 -47.93 23.48
CA ASN F 166 22.45 -47.74 23.90
C ASN F 166 21.42 -48.38 22.98
N PHE F 167 21.74 -48.48 21.69
CA PHE F 167 20.92 -49.23 20.73
C PHE F 167 21.78 -50.27 20.00
N PRO F 168 22.11 -51.39 20.68
CA PRO F 168 23.04 -52.38 20.14
C PRO F 168 22.53 -53.22 18.96
N VAL F 169 21.22 -53.26 18.74
CA VAL F 169 20.64 -53.96 17.59
C VAL F 169 20.23 -53.01 16.46
N ALA F 170 19.42 -52.00 16.79
CA ALA F 170 18.76 -51.15 15.77
C ALA F 170 19.70 -50.31 14.89
N VAL F 171 20.71 -49.70 15.51
CA VAL F 171 21.62 -48.85 14.78
C VAL F 171 22.31 -49.66 13.69
N TYR F 172 22.89 -50.80 14.06
CA TYR F 172 23.45 -51.73 13.08
C TYR F 172 22.41 -52.07 12.01
N GLY F 173 21.22 -52.44 12.45
CA GLY F 173 20.12 -52.81 11.56
C GLY F 173 19.79 -51.76 10.51
N TRP F 174 19.59 -50.53 10.96
CA TRP F 174 19.30 -49.42 10.08
C TRP F 174 20.36 -49.30 8.98
N ASN F 175 21.62 -49.56 9.34
CA ASN F 175 22.74 -49.47 8.41
C ASN F 175 22.86 -50.71 7.54
N ASN F 176 22.73 -51.87 8.17
CA ASN F 176 22.80 -53.15 7.49
C ASN F 176 21.79 -53.30 6.35
N ALA F 177 20.52 -53.11 6.65
CA ALA F 177 19.45 -53.29 5.67
C ALA F 177 19.66 -52.40 4.44
N ILE F 178 19.99 -51.13 4.67
CA ILE F 178 20.20 -50.20 3.58
C ILE F 178 21.47 -50.51 2.77
N ALA F 179 22.59 -50.67 3.47
CA ALA F 179 23.87 -50.94 2.82
C ALA F 179 23.83 -52.21 1.96
N LEU F 180 23.28 -53.29 2.52
CA LEU F 180 23.09 -54.55 1.78
C LEU F 180 22.23 -54.40 0.54
N THR F 181 21.09 -53.71 0.68
CA THR F 181 20.19 -53.40 -0.43
C THR F 181 20.92 -52.61 -1.52
N CYS F 182 21.89 -51.80 -1.10
CA CYS F 182 22.64 -50.98 -2.03
C CYS F 182 23.90 -51.65 -2.60
N GLY F 183 24.04 -52.95 -2.36
CA GLY F 183 25.15 -53.72 -2.93
C GLY F 183 26.49 -53.55 -2.25
N ASN F 184 26.46 -53.14 -0.99
CA ASN F 184 27.65 -53.04 -0.18
C ASN F 184 27.82 -54.23 0.72
N VAL F 185 29.03 -54.42 1.21
CA VAL F 185 29.31 -55.42 2.23
C VAL F 185 29.64 -54.69 3.52
N CYS F 186 29.31 -55.29 4.65
CA CYS F 186 29.40 -54.62 5.94
C CYS F 186 30.49 -55.21 6.82
N LEU F 187 31.13 -54.35 7.61
CA LEU F 187 31.97 -54.81 8.71
C LEU F 187 31.51 -54.10 9.99
N TRP F 188 31.20 -54.88 11.02
CA TRP F 188 30.58 -54.31 12.23
C TRP F 188 31.43 -54.41 13.48
N LYS F 189 31.72 -53.26 14.07
CA LYS F 189 32.34 -53.22 15.39
C LYS F 189 31.37 -52.57 16.37
N GLY F 190 30.70 -53.41 17.16
CA GLY F 190 29.76 -52.94 18.16
C GLY F 190 30.47 -52.38 19.39
N ALA F 191 29.69 -51.73 20.26
CA ALA F 191 30.19 -51.19 21.51
C ALA F 191 30.80 -52.29 22.37
N PRO F 192 31.95 -52.01 23.01
CA PRO F 192 32.70 -52.99 23.78
C PRO F 192 31.85 -53.65 24.87
N THR F 193 30.89 -52.89 25.39
CA THR F 193 30.07 -53.33 26.52
C THR F 193 28.82 -54.12 26.12
N THR F 194 28.58 -54.26 24.81
CA THR F 194 27.47 -55.09 24.31
C THR F 194 27.87 -56.15 23.27
N PRO F 195 28.99 -56.88 23.49
CA PRO F 195 29.45 -57.81 22.46
C PRO F 195 28.54 -59.03 22.28
N LEU F 196 27.86 -59.44 23.35
CA LEU F 196 26.94 -60.57 23.26
C LEU F 196 25.80 -60.29 22.28
N THR F 197 25.26 -59.07 22.35
CA THR F 197 24.22 -58.65 21.39
C THR F 197 24.77 -58.62 19.97
N SER F 198 26.00 -58.14 19.82
CA SER F 198 26.64 -58.09 18.52
C SER F 198 26.74 -59.49 17.94
N VAL F 199 27.26 -60.41 18.74
CA VAL F 199 27.40 -61.83 18.36
C VAL F 199 26.05 -62.48 18.02
N ALA F 200 25.05 -62.27 18.87
CA ALA F 200 23.73 -62.84 18.68
C ALA F 200 23.12 -62.41 17.35
N VAL F 201 23.20 -61.11 17.07
CA VAL F 201 22.73 -60.54 15.80
C VAL F 201 23.49 -61.15 14.61
N THR F 202 24.81 -61.05 14.66
CA THR F 202 25.67 -61.62 13.63
C THR F 202 25.36 -63.11 13.38
N LYS F 203 25.10 -63.87 14.44
CA LYS F 203 24.69 -65.27 14.29
C LYS F 203 23.43 -65.41 13.46
N ILE F 204 22.42 -64.60 13.75
CA ILE F 204 21.14 -64.64 13.02
C ILE F 204 21.35 -64.34 11.55
N VAL F 205 22.10 -63.26 11.27
CA VAL F 205 22.40 -62.82 9.90
C VAL F 205 23.26 -63.85 9.17
N ALA F 206 24.30 -64.35 9.84
CA ALA F 206 25.19 -65.35 9.27
C ALA F 206 24.42 -66.55 8.75
N GLU F 207 23.50 -67.06 9.56
CA GLU F 207 22.74 -68.24 9.19
C GLU F 207 21.97 -68.02 7.89
N VAL F 208 21.35 -66.85 7.75
CA VAL F 208 20.59 -66.48 6.54
C VAL F 208 21.49 -66.46 5.30
N LEU F 209 22.66 -65.84 5.44
CA LEU F 209 23.63 -65.79 4.35
C LEU F 209 24.05 -67.19 3.94
N GLU F 210 24.31 -68.04 4.93
CA GLU F 210 24.73 -69.41 4.70
C GLU F 210 23.63 -70.30 4.10
N GLN F 211 22.39 -70.15 4.56
CA GLN F 211 21.22 -70.83 3.95
C GLN F 211 21.18 -70.55 2.45
N ASN F 212 21.56 -69.33 2.06
CA ASN F 212 21.50 -68.86 0.68
C ASN F 212 22.80 -69.01 -0.09
N ASN F 213 23.71 -69.83 0.42
CA ASN F 213 25.06 -70.03 -0.14
C ASN F 213 25.76 -68.74 -0.58
N LEU F 214 25.76 -67.76 0.31
CA LEU F 214 26.48 -66.53 0.07
C LEU F 214 27.65 -66.47 1.04
N PRO F 215 28.76 -65.84 0.62
CA PRO F 215 29.89 -65.71 1.53
C PRO F 215 29.48 -64.93 2.78
N GLY F 216 29.76 -65.50 3.95
CA GLY F 216 29.42 -64.87 5.21
C GLY F 216 30.04 -63.51 5.44
N ALA F 217 31.16 -63.24 4.78
CA ALA F 217 31.87 -61.98 4.93
C ALA F 217 31.10 -60.75 4.44
N ILE F 218 29.97 -60.97 3.79
CA ILE F 218 29.09 -59.90 3.34
C ILE F 218 28.59 -59.10 4.55
N CYS F 219 28.43 -59.79 5.68
CA CYS F 219 28.11 -59.15 6.96
C CYS F 219 29.09 -59.57 8.04
N SER F 220 30.30 -59.04 7.96
CA SER F 220 31.35 -59.36 8.91
C SER F 220 31.19 -58.62 10.24
N MET F 221 31.77 -59.20 11.28
CA MET F 221 31.82 -58.58 12.60
C MET F 221 33.19 -58.78 13.22
N THR F 222 33.75 -57.71 13.79
CA THR F 222 34.96 -57.79 14.61
C THR F 222 34.75 -56.96 15.86
N CYS F 223 34.57 -57.62 17.00
CA CYS F 223 34.37 -56.90 18.26
C CYS F 223 35.68 -56.32 18.79
N GLY F 224 35.59 -55.16 19.44
CA GLY F 224 36.77 -54.53 20.02
C GLY F 224 36.54 -53.10 20.46
N GLY F 225 37.60 -52.47 20.96
CA GLY F 225 37.53 -51.11 21.46
C GLY F 225 37.99 -50.08 20.46
N ALA F 226 38.51 -48.95 20.97
CA ALA F 226 39.06 -47.87 20.14
C ALA F 226 40.11 -48.41 19.16
N ASP F 227 41.01 -49.22 19.72
CA ASP F 227 41.79 -50.23 19.02
C ASP F 227 41.38 -50.45 17.56
N ILE F 228 40.37 -51.30 17.37
CA ILE F 228 39.84 -51.68 16.07
C ILE F 228 39.13 -50.50 15.40
N GLY F 229 38.34 -49.78 16.18
CA GLY F 229 37.62 -48.59 15.69
C GLY F 229 38.47 -47.59 14.94
N THR F 230 39.66 -47.31 15.48
CA THR F 230 40.62 -46.40 14.86
C THR F 230 41.13 -46.97 13.56
N ALA F 231 41.43 -48.27 13.56
CA ALA F 231 41.93 -48.97 12.39
C ALA F 231 40.96 -48.80 11.22
N MET F 232 39.67 -48.94 11.51
CA MET F 232 38.62 -48.75 10.52
C MET F 232 38.62 -47.32 9.98
N ALA F 233 38.68 -46.36 10.90
CA ALA F 233 38.67 -44.94 10.56
C ALA F 233 39.82 -44.57 9.62
N LYS F 234 40.95 -45.24 9.81
CA LYS F 234 42.16 -44.99 9.01
C LYS F 234 42.25 -45.84 7.75
N ASP F 235 41.44 -46.90 7.67
CA ASP F 235 41.55 -47.89 6.60
C ASP F 235 40.99 -47.40 5.27
N GLU F 236 41.86 -47.29 4.27
CA GLU F 236 41.47 -46.86 2.92
C GLU F 236 40.52 -47.85 2.25
N ARG F 237 40.51 -49.09 2.75
CA ARG F 237 39.65 -50.14 2.21
C ARG F 237 38.21 -50.04 2.73
N VAL F 238 38.02 -49.29 3.81
CA VAL F 238 36.67 -48.95 4.28
C VAL F 238 36.15 -47.76 3.46
N ASP F 239 35.22 -48.03 2.56
CA ASP F 239 34.74 -47.04 1.58
C ASP F 239 33.81 -46.01 2.21
N LEU F 240 33.03 -46.47 3.19
CA LEU F 240 32.19 -45.59 4.00
C LEU F 240 32.22 -46.03 5.46
N LEU F 241 32.51 -45.07 6.33
CA LEU F 241 32.44 -45.35 7.76
C LEU F 241 31.21 -44.70 8.39
N SER F 242 30.33 -45.54 8.89
CA SER F 242 29.15 -45.10 9.59
C SER F 242 29.48 -45.14 11.06
N PHE F 243 29.45 -43.99 11.71
CA PHE F 243 29.75 -43.91 13.13
C PHE F 243 28.58 -43.38 13.93
N THR F 244 28.14 -44.19 14.89
CA THR F 244 27.14 -43.78 15.87
C THR F 244 27.84 -43.80 17.21
N GLY F 245 27.86 -42.65 17.88
CA GLY F 245 28.49 -42.54 19.20
C GLY F 245 28.61 -41.12 19.68
N SER F 246 29.46 -40.92 20.69
CA SER F 246 29.67 -39.60 21.29
C SER F 246 30.25 -38.64 20.27
N THR F 247 29.92 -37.36 20.44
CA THR F 247 30.39 -36.32 19.55
C THR F 247 31.91 -36.07 19.70
N HIS F 248 32.45 -36.36 20.88
CA HIS F 248 33.90 -36.31 21.12
C HIS F 248 34.68 -37.38 20.31
N VAL F 249 34.20 -38.62 20.37
CA VAL F 249 34.85 -39.72 19.63
C VAL F 249 34.60 -39.54 18.14
N GLY F 250 33.37 -39.17 17.79
CA GLY F 250 33.01 -38.96 16.39
C GLY F 250 33.95 -38.01 15.66
N LYS F 251 34.34 -36.94 16.34
CA LYS F 251 35.27 -35.95 15.80
C LYS F 251 36.62 -36.55 15.43
N MET F 252 37.23 -37.29 16.37
CA MET F 252 38.47 -38.01 16.11
C MET F 252 38.34 -38.87 14.84
N VAL F 253 37.28 -39.69 14.80
CA VAL F 253 36.99 -40.57 13.68
C VAL F 253 36.79 -39.78 12.38
N ALA F 254 35.95 -38.75 12.43
CA ALA F 254 35.71 -37.87 11.28
C ALA F 254 37.00 -37.31 10.69
N MET F 255 37.84 -36.76 11.55
CA MET F 255 39.13 -36.18 11.16
C MET F 255 40.04 -37.19 10.47
N MET F 256 40.03 -38.42 10.99
CA MET F 256 40.81 -39.53 10.42
C MET F 256 40.29 -39.94 9.04
N VAL F 257 38.97 -40.00 8.90
CA VAL F 257 38.33 -40.35 7.64
C VAL F 257 38.52 -39.25 6.58
N GLN F 258 38.36 -38.00 7.01
CA GLN F 258 38.58 -36.85 6.13
C GLN F 258 40.02 -36.83 5.58
N GLU F 259 40.97 -37.13 6.47
CA GLU F 259 42.39 -37.15 6.14
C GLU F 259 42.66 -38.02 4.92
N ARG F 260 41.97 -39.14 4.80
CA ARG F 260 42.19 -40.08 3.71
C ARG F 260 41.12 -40.02 2.61
N PHE F 261 40.35 -38.92 2.59
CA PHE F 261 39.25 -38.71 1.64
C PHE F 261 38.24 -39.88 1.56
N GLY F 262 37.93 -40.49 2.70
CA GLY F 262 36.92 -41.54 2.72
C GLY F 262 35.55 -40.93 2.91
N ARG F 263 34.49 -41.71 2.71
CA ARG F 263 33.14 -41.25 2.99
C ARG F 263 32.78 -41.51 4.46
N LYS F 264 32.07 -40.59 5.09
CA LYS F 264 31.62 -40.80 6.46
C LYS F 264 30.14 -40.50 6.66
N LEU F 265 29.52 -41.20 7.60
CA LEU F 265 28.15 -40.93 8.02
C LEU F 265 28.19 -40.79 9.53
N LEU F 266 27.94 -39.59 10.02
CA LEU F 266 28.10 -39.29 11.45
C LEU F 266 26.78 -39.11 12.19
N GLU F 267 26.60 -39.92 13.23
CA GLU F 267 25.38 -39.90 14.04
C GLU F 267 25.77 -39.71 15.50
N LEU F 268 25.91 -38.46 15.91
CA LEU F 268 26.62 -38.13 17.15
C LEU F 268 25.68 -37.66 18.27
N GLY F 269 26.18 -36.78 19.14
CA GLY F 269 25.43 -36.37 20.34
C GLY F 269 24.21 -35.50 20.11
N GLY F 270 23.34 -35.47 21.12
CA GLY F 270 22.17 -34.60 21.11
C GLY F 270 22.06 -33.82 22.40
N ASN F 271 21.39 -32.68 22.35
CA ASN F 271 21.04 -31.91 23.55
C ASN F 271 19.64 -31.41 23.29
N ASN F 272 18.70 -32.35 23.31
CA ASN F 272 17.37 -32.17 22.77
C ASN F 272 16.41 -31.39 23.64
N ALA F 273 15.72 -30.42 23.04
CA ALA F 273 14.86 -29.50 23.78
C ALA F 273 13.38 -29.68 23.47
N ILE F 274 12.56 -29.67 24.52
CA ILE F 274 11.11 -29.53 24.38
C ILE F 274 10.74 -28.12 24.82
N ILE F 275 10.02 -27.41 23.97
CA ILE F 275 9.59 -26.03 24.28
C ILE F 275 8.07 -25.99 24.44
N VAL F 276 7.61 -25.66 25.65
CA VAL F 276 6.19 -25.64 25.95
C VAL F 276 5.69 -24.20 26.00
N PHE F 277 4.79 -23.86 25.08
CA PHE F 277 4.22 -22.52 25.02
C PHE F 277 2.96 -22.39 25.87
N GLU F 278 2.48 -21.15 26.01
CA GLU F 278 1.34 -20.85 26.86
C GLU F 278 0.08 -21.59 26.47
N ASP F 279 -0.16 -21.71 25.15
CA ASP F 279 -1.37 -22.34 24.62
C ASP F 279 -1.29 -23.87 24.44
N ALA F 280 -0.24 -24.48 24.98
CA ALA F 280 -0.03 -25.93 24.83
C ALA F 280 -1.06 -26.72 25.60
N ASP F 281 -1.43 -27.89 25.08
CA ASP F 281 -2.23 -28.85 25.82
C ASP F 281 -1.37 -29.50 26.90
N LEU F 282 -1.57 -29.05 28.14
CA LEU F 282 -0.75 -29.50 29.26
C LEU F 282 -0.98 -30.97 29.61
N ASN F 283 -2.17 -31.50 29.31
CA ASN F 283 -2.47 -32.92 29.50
C ASN F 283 -1.65 -33.81 28.55
N LEU F 284 -1.25 -33.22 27.41
CA LEU F 284 -0.36 -33.88 26.47
C LEU F 284 1.10 -33.68 26.86
N VAL F 285 1.45 -32.43 27.22
CA VAL F 285 2.82 -32.06 27.61
C VAL F 285 3.38 -32.93 28.73
N VAL F 286 2.67 -33.00 29.85
CA VAL F 286 3.15 -33.70 31.03
C VAL F 286 3.57 -35.16 30.77
N PRO F 287 2.67 -36.01 30.21
CA PRO F 287 3.12 -37.38 29.96
C PRO F 287 4.22 -37.48 28.89
N SER F 288 4.13 -36.64 27.87
CA SER F 288 5.15 -36.60 26.83
C SER F 288 6.51 -36.31 27.43
N ALA F 289 6.59 -35.25 28.22
CA ALA F 289 7.84 -34.84 28.88
C ALA F 289 8.43 -35.96 29.75
N VAL F 290 7.58 -36.56 30.60
CA VAL F 290 8.01 -37.61 31.50
C VAL F 290 8.66 -38.77 30.74
N PHE F 291 7.92 -39.36 29.80
CA PHE F 291 8.41 -40.53 29.08
C PHE F 291 9.62 -40.25 28.19
N ALA F 292 9.68 -39.06 27.62
CA ALA F 292 10.81 -38.67 26.77
C ALA F 292 12.11 -38.46 27.58
N SER F 293 11.97 -38.08 28.85
CA SER F 293 13.11 -37.82 29.70
C SER F 293 13.57 -39.07 30.43
N VAL F 294 12.59 -39.83 30.90
CA VAL F 294 12.80 -40.95 31.80
C VAL F 294 13.06 -42.28 31.06
N GLY F 295 12.51 -42.38 29.85
CA GLY F 295 12.67 -43.58 29.02
C GLY F 295 14.12 -43.99 28.83
N THR F 296 14.36 -45.30 28.82
CA THR F 296 15.71 -45.86 28.64
C THR F 296 16.71 -45.30 29.69
N ALA F 297 16.17 -44.82 30.80
CA ALA F 297 16.95 -44.18 31.87
C ALA F 297 17.77 -42.99 31.36
N GLY F 298 17.19 -42.24 30.41
CA GLY F 298 17.79 -41.03 29.89
C GLY F 298 18.92 -41.30 28.91
N GLN F 299 18.93 -42.50 28.33
CA GLN F 299 20.07 -42.93 27.52
C GLN F 299 19.75 -43.16 26.04
N ARG F 300 18.76 -42.44 25.51
CA ARG F 300 18.59 -42.37 24.05
C ARG F 300 19.29 -41.11 23.57
N CYS F 301 19.84 -41.15 22.38
CA CYS F 301 20.44 -39.94 21.83
C CYS F 301 19.37 -38.85 21.64
N THR F 302 18.11 -39.28 21.52
CA THR F 302 16.99 -38.35 21.34
C THR F 302 16.33 -37.91 22.65
N THR F 303 16.80 -38.42 23.79
CA THR F 303 16.21 -38.07 25.09
C THR F 303 16.12 -36.55 25.30
N THR F 304 15.01 -36.08 25.86
CA THR F 304 14.86 -34.67 26.22
C THR F 304 15.84 -34.35 27.33
N ARG F 305 16.67 -33.34 27.09
CA ARG F 305 17.66 -32.90 28.06
C ARG F 305 17.28 -31.52 28.60
N ARG F 306 16.60 -30.75 27.76
CA ARG F 306 16.24 -29.38 28.10
C ARG F 306 14.75 -29.20 27.92
N LEU F 307 14.06 -28.82 29.00
CA LEU F 307 12.63 -28.54 28.96
C LEU F 307 12.36 -27.07 29.22
N MET F 308 11.92 -26.37 28.18
CA MET F 308 11.72 -24.94 28.26
C MET F 308 10.24 -24.67 28.44
N LEU F 309 9.92 -24.02 29.55
CA LEU F 309 8.52 -23.76 29.92
C LEU F 309 8.27 -22.26 29.90
N HIS F 310 7.16 -21.85 29.28
CA HIS F 310 6.76 -20.45 29.31
C HIS F 310 6.44 -20.04 30.75
N GLU F 311 6.87 -18.83 31.12
CA GLU F 311 6.76 -18.36 32.51
C GLU F 311 5.34 -18.57 33.08
N SER F 312 4.32 -18.38 32.25
CA SER F 312 2.94 -18.50 32.69
C SER F 312 2.57 -19.89 33.18
N VAL F 313 3.20 -20.93 32.64
CA VAL F 313 2.86 -22.30 33.01
C VAL F 313 3.99 -23.06 33.73
N HIS F 314 5.15 -22.41 33.81
CA HIS F 314 6.37 -23.00 34.38
C HIS F 314 6.18 -23.77 35.69
N ASP F 315 5.75 -23.08 36.76
CA ASP F 315 5.63 -23.69 38.08
C ASP F 315 4.58 -24.80 38.16
N ALA F 316 3.47 -24.63 37.43
CA ALA F 316 2.40 -25.62 37.38
C ALA F 316 2.88 -26.93 36.72
N VAL F 317 3.56 -26.80 35.58
CA VAL F 317 4.05 -27.94 34.80
C VAL F 317 5.15 -28.73 35.52
N VAL F 318 6.16 -28.02 36.04
CA VAL F 318 7.24 -28.64 36.82
C VAL F 318 6.69 -29.52 37.93
N GLU F 319 5.74 -28.98 38.71
CA GLU F 319 5.14 -29.68 39.81
C GLU F 319 4.39 -30.94 39.37
N ARG F 320 3.67 -30.84 38.24
CA ARG F 320 2.96 -31.98 37.67
C ARG F 320 3.91 -33.06 37.18
N ILE F 321 5.00 -32.65 36.53
CA ILE F 321 6.03 -33.59 36.09
C ILE F 321 6.66 -34.26 37.30
N ALA F 322 6.89 -33.49 38.36
CA ALA F 322 7.43 -34.00 39.61
C ALA F 322 6.53 -35.05 40.25
N LYS F 323 5.21 -34.80 40.24
CA LYS F 323 4.24 -35.78 40.75
C LYS F 323 4.28 -37.10 39.98
N ALA F 324 4.50 -37.00 38.68
CA ALA F 324 4.61 -38.18 37.81
C ALA F 324 5.90 -38.94 38.07
N TYR F 325 7.01 -38.22 38.26
CA TYR F 325 8.31 -38.83 38.55
C TYR F 325 8.27 -39.76 39.75
N LYS F 326 7.47 -39.41 40.76
CA LYS F 326 7.31 -40.23 41.96
C LYS F 326 6.71 -41.60 41.66
N GLN F 327 5.90 -41.70 40.61
CA GLN F 327 5.22 -42.94 40.25
C GLN F 327 5.98 -43.78 39.22
N VAL F 328 7.14 -43.30 38.79
CA VAL F 328 7.99 -44.03 37.84
C VAL F 328 8.56 -45.29 38.52
N ARG F 329 8.11 -46.47 38.09
CA ARG F 329 8.52 -47.73 38.75
C ARG F 329 9.94 -48.18 38.36
N ILE F 330 10.84 -48.10 39.33
CA ILE F 330 12.25 -48.46 39.14
C ILE F 330 12.48 -49.88 39.64
N GLY F 331 13.17 -50.70 38.84
CA GLY F 331 13.39 -52.12 39.19
C GLY F 331 14.14 -52.93 38.14
N ASP F 332 14.01 -54.26 38.25
CA ASP F 332 14.62 -55.22 37.32
C ASP F 332 14.10 -55.01 35.90
N PRO F 333 15.01 -54.89 34.90
CA PRO F 333 14.60 -54.70 33.50
C PRO F 333 13.76 -55.85 32.93
N TRP F 334 13.91 -57.05 33.49
CA TRP F 334 13.17 -58.25 33.10
C TRP F 334 11.72 -58.19 33.58
N ASP F 335 11.49 -57.46 34.67
CA ASP F 335 10.16 -57.37 35.30
C ASP F 335 9.23 -56.47 34.50
N PRO F 336 8.07 -57.00 34.09
CA PRO F 336 7.09 -56.25 33.30
C PRO F 336 6.54 -54.98 33.97
N SER F 337 6.63 -54.89 35.29
CA SER F 337 6.23 -53.67 36.02
C SER F 337 7.17 -52.50 35.83
N THR F 338 8.45 -52.80 35.65
CA THR F 338 9.50 -51.79 35.58
C THR F 338 9.37 -50.89 34.35
N LEU F 339 9.42 -49.57 34.58
CA LEU F 339 9.43 -48.58 33.51
C LEU F 339 10.83 -47.99 33.35
N TYR F 340 11.68 -48.20 34.35
CA TYR F 340 12.96 -47.48 34.43
C TYR F 340 14.02 -48.38 35.05
N GLY F 341 15.06 -48.66 34.27
CA GLY F 341 16.11 -49.56 34.68
C GLY F 341 17.38 -48.83 35.11
N PRO F 342 18.52 -49.55 35.08
CA PRO F 342 19.79 -48.97 35.53
C PRO F 342 20.49 -48.17 34.43
N LEU F 343 21.43 -47.34 34.83
CA LEU F 343 22.37 -46.76 33.87
C LEU F 343 23.27 -47.89 33.36
N HIS F 344 23.86 -47.69 32.19
CA HIS F 344 24.56 -48.78 31.51
C HIS F 344 25.85 -49.25 32.19
N THR F 345 26.60 -48.30 32.77
CA THR F 345 27.89 -48.60 33.42
C THR F 345 28.04 -47.83 34.74
N LYS F 346 29.09 -48.14 35.49
CA LYS F 346 29.39 -47.39 36.71
C LYS F 346 29.89 -45.98 36.41
N GLN F 347 30.68 -45.85 35.33
CA GLN F 347 31.20 -44.55 34.88
C GLN F 347 30.02 -43.62 34.63
N ALA F 348 28.96 -44.17 34.03
CA ALA F 348 27.73 -43.44 33.80
C ALA F 348 27.19 -42.85 35.10
N VAL F 349 27.22 -43.63 36.17
CA VAL F 349 26.77 -43.17 37.49
C VAL F 349 27.62 -41.97 37.95
N ASP F 350 28.93 -42.03 37.70
CA ASP F 350 29.85 -40.95 38.07
C ASP F 350 29.57 -39.65 37.31
N GLN F 351 29.28 -39.76 36.01
CA GLN F 351 28.93 -38.59 35.19
C GLN F 351 27.70 -37.92 35.78
N TYR F 352 26.73 -38.75 36.14
CA TYR F 352 25.46 -38.35 36.75
C TYR F 352 25.72 -37.54 38.00
N LEU F 353 26.54 -38.08 38.91
CA LEU F 353 26.85 -37.41 40.17
C LEU F 353 27.61 -36.12 39.95
N ALA F 354 28.52 -36.13 38.98
CA ALA F 354 29.34 -34.97 38.63
C ALA F 354 28.49 -33.86 38.03
N ALA F 355 27.55 -34.25 37.17
CA ALA F 355 26.66 -33.31 36.52
C ALA F 355 25.72 -32.66 37.54
N ILE F 356 25.25 -33.46 38.50
CA ILE F 356 24.49 -32.95 39.65
C ILE F 356 25.26 -31.85 40.38
N GLU F 357 26.53 -32.13 40.70
CA GLU F 357 27.35 -31.18 41.43
C GLU F 357 27.54 -29.87 40.66
N GLN F 358 27.88 -29.97 39.38
CA GLN F 358 28.09 -28.80 38.54
C GLN F 358 26.81 -27.97 38.40
N ALA F 359 25.67 -28.67 38.33
CA ALA F 359 24.37 -28.02 38.28
C ALA F 359 24.14 -27.14 39.51
N LYS F 360 24.43 -27.70 40.68
CA LYS F 360 24.32 -26.95 41.94
C LYS F 360 25.24 -25.73 41.92
N GLN F 361 26.51 -25.95 41.59
CA GLN F 361 27.49 -24.87 41.52
C GLN F 361 27.10 -23.77 40.53
N GLN F 362 26.31 -24.14 39.52
CA GLN F 362 25.90 -23.16 38.52
C GLN F 362 24.51 -22.56 38.82
N GLY F 363 24.03 -22.78 40.05
CA GLY F 363 22.80 -22.13 40.54
C GLY F 363 21.53 -22.94 40.35
N GLY F 364 21.68 -24.24 40.17
CA GLY F 364 20.53 -25.12 39.97
C GLY F 364 19.94 -25.61 41.27
N THR F 365 18.63 -25.80 41.28
CA THR F 365 17.89 -26.35 42.41
C THR F 365 17.32 -27.71 41.99
N LEU F 366 17.56 -28.73 42.82
CA LEU F 366 17.01 -30.05 42.57
C LEU F 366 15.54 -30.13 42.99
N VAL F 367 14.67 -30.36 42.01
CA VAL F 367 13.26 -30.59 42.27
C VAL F 367 13.04 -32.02 42.79
N CYS F 368 13.80 -32.97 42.26
CA CYS F 368 13.74 -34.36 42.69
C CYS F 368 14.93 -35.15 42.17
N GLY F 369 15.14 -36.34 42.74
CA GLY F 369 16.24 -37.21 42.36
C GLY F 369 17.57 -36.67 42.84
N GLY F 370 18.65 -37.08 42.17
CA GLY F 370 19.99 -36.61 42.51
C GLY F 370 20.85 -37.60 43.28
N LYS F 371 20.24 -38.68 43.78
CA LYS F 371 20.96 -39.65 44.58
C LYS F 371 21.08 -41.01 43.91
N VAL F 372 22.23 -41.66 44.10
CA VAL F 372 22.43 -43.05 43.72
C VAL F 372 21.52 -43.89 44.60
N MET F 373 20.80 -44.82 43.97
CA MET F 373 19.88 -45.66 44.71
C MET F 373 20.63 -46.77 45.41
N ASP F 374 20.25 -47.03 46.67
CA ASP F 374 20.91 -48.03 47.49
C ASP F 374 20.40 -49.43 47.17
N ARG F 375 20.96 -50.03 46.12
CA ARG F 375 20.56 -51.35 45.64
C ARG F 375 21.55 -51.91 44.61
N PRO F 376 21.54 -53.24 44.39
CA PRO F 376 22.33 -53.82 43.31
C PRO F 376 22.08 -53.12 41.97
N GLY F 377 23.11 -53.07 41.13
CA GLY F 377 23.01 -52.46 39.81
C GLY F 377 23.38 -51.00 39.80
N ASN F 378 23.39 -50.41 38.60
CA ASN F 378 23.76 -49.02 38.40
C ASN F 378 22.55 -48.08 38.42
N TYR F 379 21.75 -48.20 39.48
CA TYR F 379 20.51 -47.44 39.61
C TYR F 379 20.69 -46.03 40.20
N VAL F 380 20.17 -45.04 39.49
CA VAL F 380 20.16 -43.66 39.95
C VAL F 380 18.76 -43.08 39.82
N GLU F 381 18.45 -42.09 40.65
CA GLU F 381 17.15 -41.44 40.66
C GLU F 381 16.99 -40.49 39.48
N PRO F 382 15.83 -40.54 38.81
CA PRO F 382 15.57 -39.61 37.71
C PRO F 382 15.46 -38.19 38.26
N THR F 383 16.23 -37.27 37.71
CA THR F 383 16.42 -35.95 38.29
C THR F 383 15.85 -34.80 37.46
N ILE F 384 15.22 -33.84 38.15
CA ILE F 384 14.74 -32.59 37.55
C ILE F 384 15.42 -31.38 38.21
N ILE F 385 15.98 -30.49 37.41
CA ILE F 385 16.68 -29.31 37.91
C ILE F 385 16.15 -28.00 37.31
N THR F 386 15.69 -27.11 38.20
CA THR F 386 15.18 -25.80 37.79
C THR F 386 16.19 -24.73 38.17
N GLY F 387 16.04 -23.55 37.56
CA GLY F 387 16.77 -22.37 37.99
C GLY F 387 18.02 -22.02 37.21
N LEU F 388 18.55 -22.96 36.44
CA LEU F 388 19.78 -22.71 35.67
C LEU F 388 19.54 -21.72 34.53
N ALA F 389 20.56 -20.93 34.22
CA ALA F 389 20.53 -20.05 33.05
C ALA F 389 20.54 -20.89 31.77
N HIS F 390 19.90 -20.39 30.72
CA HIS F 390 19.85 -21.09 29.43
C HIS F 390 21.23 -21.49 28.90
N ASP F 391 22.24 -20.69 29.21
CA ASP F 391 23.61 -20.95 28.75
C ASP F 391 24.57 -21.42 29.84
N ALA F 392 24.04 -21.95 30.94
CA ALA F 392 24.88 -22.58 31.96
C ALA F 392 25.66 -23.74 31.31
N PRO F 393 27.00 -23.71 31.42
CA PRO F 393 27.86 -24.74 30.79
C PRO F 393 27.30 -26.17 30.84
N ILE F 394 26.79 -26.60 31.99
CA ILE F 394 26.25 -27.95 32.15
C ILE F 394 25.03 -28.24 31.25
N VAL F 395 24.18 -27.23 31.07
CA VAL F 395 23.01 -27.32 30.20
C VAL F 395 23.41 -27.50 28.74
N HIS F 396 24.51 -26.85 28.35
CA HIS F 396 25.01 -26.96 26.98
C HIS F 396 25.78 -28.26 26.70
N THR F 397 26.08 -29.00 27.76
CA THR F 397 26.79 -30.28 27.63
C THR F 397 25.81 -31.45 27.59
N GLU F 398 26.05 -32.40 26.67
CA GLU F 398 25.32 -33.66 26.73
C GLU F 398 25.92 -34.54 27.80
N THR F 399 25.16 -34.76 28.86
CA THR F 399 25.51 -35.79 29.84
C THR F 399 24.50 -36.92 29.68
N PHE F 400 24.99 -38.10 29.31
CA PHE F 400 24.16 -39.25 28.94
C PHE F 400 23.52 -39.92 30.14
N VAL F 401 22.74 -39.13 30.88
CA VAL F 401 22.18 -39.55 32.17
C VAL F 401 20.77 -38.93 32.39
N PRO F 402 19.94 -39.55 33.24
CA PRO F 402 18.58 -39.05 33.41
C PRO F 402 18.47 -37.78 34.27
N ILE F 403 19.02 -36.69 33.74
CA ILE F 403 18.84 -35.36 34.33
C ILE F 403 18.11 -34.46 33.33
N LEU F 404 17.07 -33.78 33.81
CA LEU F 404 16.30 -32.87 32.97
C LEU F 404 16.45 -31.43 33.47
N TYR F 405 16.98 -30.57 32.60
CA TYR F 405 17.22 -29.18 32.96
C TYR F 405 16.02 -28.35 32.51
N VAL F 406 15.39 -27.67 33.46
CA VAL F 406 14.20 -26.86 33.18
C VAL F 406 14.53 -25.37 33.04
N LEU F 407 14.16 -24.83 31.89
CA LEU F 407 14.40 -23.43 31.55
C LEU F 407 13.08 -22.68 31.48
N LYS F 408 13.11 -21.42 31.93
CA LYS F 408 11.94 -20.54 31.91
C LYS F 408 12.13 -19.48 30.84
N PHE F 409 11.14 -19.34 29.96
CA PHE F 409 11.22 -18.35 28.87
C PHE F 409 9.96 -17.50 28.77
N LYS F 410 10.06 -16.39 28.02
CA LYS F 410 8.93 -15.51 27.77
C LYS F 410 8.58 -15.44 26.27
N THR F 411 9.51 -14.95 25.45
CA THR F 411 9.22 -14.76 24.01
C THR F 411 9.53 -16.00 23.18
N GLU F 412 8.80 -16.15 22.07
CA GLU F 412 9.06 -17.19 21.08
C GLU F 412 10.49 -17.08 20.55
N GLU F 413 10.91 -15.86 20.23
CA GLU F 413 12.25 -15.60 19.71
C GLU F 413 13.32 -16.20 20.63
N GLU F 414 13.18 -15.99 21.94
CA GLU F 414 14.06 -16.53 22.97
C GLU F 414 14.20 -18.05 22.92
N ALA F 415 13.07 -18.74 22.99
CA ALA F 415 13.05 -20.19 23.04
C ALA F 415 13.71 -20.76 21.81
N PHE F 416 13.31 -20.27 20.64
CA PHE F 416 13.89 -20.71 19.37
C PHE F 416 15.42 -20.54 19.39
N ALA F 417 15.88 -19.35 19.76
CA ALA F 417 17.32 -19.07 19.86
C ALA F 417 18.07 -19.97 20.84
N TRP F 418 17.46 -20.26 22.00
CA TRP F 418 18.07 -21.13 23.01
C TRP F 418 18.15 -22.57 22.52
N ASN F 419 17.10 -23.00 21.82
CA ASN F 419 17.13 -24.31 21.16
C ASN F 419 18.32 -24.44 20.22
N ASN F 420 18.58 -23.38 19.45
CA ASN F 420 19.64 -23.36 18.43
C ASN F 420 21.05 -23.03 18.94
N GLU F 421 21.15 -22.43 20.12
CA GLU F 421 22.42 -21.87 20.60
C GLU F 421 23.48 -22.94 20.92
N VAL F 422 23.05 -24.16 21.20
CA VAL F 422 23.97 -25.25 21.55
C VAL F 422 24.68 -25.81 20.31
N GLN F 423 25.72 -26.60 20.54
CA GLN F 423 26.51 -27.16 19.44
C GLN F 423 25.88 -28.42 18.83
N GLN F 424 25.09 -29.14 19.62
CA GLN F 424 24.35 -30.30 19.13
C GLN F 424 23.18 -29.84 18.24
N GLY F 425 22.61 -30.76 17.46
CA GLY F 425 21.48 -30.42 16.62
C GLY F 425 20.70 -31.62 16.14
N LEU F 426 20.46 -32.57 17.04
CA LEU F 426 19.72 -33.77 16.70
C LEU F 426 18.21 -33.53 16.66
N SER F 427 17.58 -33.52 17.83
CA SER F 427 16.12 -33.45 17.94
C SER F 427 15.56 -32.20 18.65
N SER F 428 14.32 -31.86 18.33
CA SER F 428 13.66 -30.69 18.93
C SER F 428 12.14 -30.78 18.81
N SER F 429 11.45 -30.24 19.81
CA SER F 429 9.99 -30.22 19.84
C SER F 429 9.43 -28.91 20.39
N ILE F 430 8.33 -28.46 19.82
CA ILE F 430 7.52 -27.44 20.47
C ILE F 430 6.10 -27.97 20.73
N PHE F 431 5.52 -27.57 21.84
CA PHE F 431 4.14 -27.89 22.15
C PHE F 431 3.33 -26.60 22.11
N THR F 432 2.37 -26.52 21.17
CA THR F 432 1.61 -25.31 20.93
C THR F 432 0.36 -25.63 20.13
N LYS F 433 -0.60 -24.72 20.13
CA LYS F 433 -1.80 -24.85 19.31
C LYS F 433 -1.81 -23.83 18.18
N ASP F 434 -0.79 -22.98 18.16
CA ASP F 434 -0.74 -21.86 17.24
C ASP F 434 -0.25 -22.21 15.84
N LEU F 435 -1.17 -22.16 14.88
CA LEU F 435 -0.89 -22.50 13.48
C LEU F 435 0.38 -21.82 12.92
N GLY F 436 0.48 -20.50 13.10
CA GLY F 436 1.61 -19.72 12.60
C GLY F 436 2.92 -20.11 13.23
N ARG F 437 2.89 -20.38 14.54
CA ARG F 437 4.08 -20.79 15.28
C ARG F 437 4.65 -22.11 14.75
N VAL F 438 3.76 -23.06 14.46
CA VAL F 438 4.12 -24.37 13.92
C VAL F 438 4.98 -24.23 12.67
N PHE F 439 4.50 -23.46 11.70
CA PHE F 439 5.22 -23.33 10.44
C PHE F 439 6.45 -22.45 10.52
N ARG F 440 6.48 -21.51 11.48
CA ARG F 440 7.67 -20.71 11.73
C ARG F 440 8.79 -21.61 12.28
N TRP F 441 8.41 -22.48 13.22
CA TRP F 441 9.27 -23.51 13.80
C TRP F 441 9.86 -24.45 12.74
N LEU F 442 9.07 -24.77 11.72
CA LEU F 442 9.49 -25.62 10.62
C LEU F 442 10.32 -24.89 9.56
N GLY F 443 10.11 -23.59 9.44
CA GLY F 443 10.79 -22.77 8.45
C GLY F 443 12.22 -22.37 8.80
N PRO F 444 12.79 -21.43 8.02
CA PRO F 444 14.19 -21.00 8.07
C PRO F 444 14.64 -20.25 9.33
N LYS F 445 13.69 -19.69 10.08
CA LYS F 445 14.00 -19.02 11.35
C LYS F 445 13.48 -19.84 12.54
N GLY F 446 13.26 -21.13 12.31
CA GLY F 446 12.83 -22.02 13.36
C GLY F 446 13.98 -22.87 13.86
N SER F 447 13.68 -24.14 14.14
CA SER F 447 14.66 -25.08 14.68
C SER F 447 15.76 -25.37 13.67
N ASP F 448 16.97 -25.57 14.17
CA ASP F 448 18.11 -25.92 13.30
C ASP F 448 18.49 -27.41 13.39
N CYS F 449 17.58 -28.23 13.90
CA CYS F 449 17.83 -29.64 14.13
C CYS F 449 17.45 -30.51 12.94
N GLY F 450 17.88 -31.77 12.98
CA GLY F 450 17.52 -32.73 11.95
C GLY F 450 16.12 -33.28 12.15
N ILE F 451 15.68 -33.35 13.41
CA ILE F 451 14.32 -33.75 13.75
C ILE F 451 13.62 -32.54 14.37
N VAL F 452 12.50 -32.13 13.77
CA VAL F 452 11.78 -30.92 14.20
C VAL F 452 10.29 -31.24 14.41
N ASN F 453 9.93 -31.49 15.65
CA ASN F 453 8.62 -32.04 15.96
C ASN F 453 7.66 -31.02 16.56
N VAL F 454 6.35 -31.28 16.42
CA VAL F 454 5.30 -30.44 16.99
C VAL F 454 4.29 -31.31 17.74
N ASN F 455 4.12 -31.04 19.03
CA ASN F 455 3.19 -31.78 19.91
C ASN F 455 3.49 -33.28 20.07
N ILE F 456 4.70 -33.65 19.70
CA ILE F 456 5.25 -34.97 19.97
C ILE F 456 6.68 -34.72 20.48
N PRO F 457 7.14 -35.49 21.49
CA PRO F 457 8.45 -35.28 22.10
C PRO F 457 9.64 -35.45 21.15
N THR F 458 10.83 -35.39 21.72
CA THR F 458 12.07 -35.44 20.96
C THR F 458 12.47 -36.84 20.48
N SER F 459 11.83 -37.88 21.00
CA SER F 459 12.15 -39.24 20.58
C SER F 459 11.15 -39.80 19.56
N GLY F 460 10.21 -38.96 19.13
CA GLY F 460 9.25 -39.33 18.07
C GLY F 460 9.88 -39.36 16.69
N ALA F 461 10.20 -40.56 16.22
CA ALA F 461 10.82 -40.77 14.90
C ALA F 461 10.50 -42.15 14.33
N GLU F 462 10.20 -42.21 13.04
CA GLU F 462 9.86 -43.47 12.37
C GLU F 462 10.72 -43.77 11.15
N ILE F 463 10.70 -45.03 10.73
CA ILE F 463 11.49 -45.54 9.61
C ILE F 463 11.39 -44.73 8.31
N GLY F 464 10.18 -44.30 7.96
CA GLY F 464 9.91 -43.62 6.68
C GLY F 464 10.74 -42.38 6.40
N GLY F 465 11.14 -41.68 7.45
CA GLY F 465 11.91 -40.44 7.32
C GLY F 465 13.40 -40.60 7.56
N ALA F 466 14.20 -39.68 7.02
CA ALA F 466 15.63 -39.64 7.29
C ALA F 466 15.87 -39.33 8.76
N PHE F 467 16.77 -40.07 9.40
CA PHE F 467 17.10 -39.84 10.82
C PHE F 467 18.52 -39.34 11.00
N GLY F 468 18.66 -38.25 11.74
CA GLY F 468 19.97 -37.68 12.02
C GLY F 468 19.93 -36.20 12.34
N GLY F 469 21.08 -35.65 12.69
CA GLY F 469 21.14 -34.28 13.15
C GLY F 469 22.06 -33.36 12.36
N GLU F 470 22.17 -32.13 12.85
CA GLU F 470 23.00 -31.11 12.22
C GLU F 470 24.08 -30.66 13.19
N LYS F 471 24.85 -29.64 12.79
CA LYS F 471 25.95 -29.09 13.61
C LYS F 471 26.80 -30.23 14.18
N HIS F 472 27.00 -30.26 15.50
CA HIS F 472 27.87 -31.25 16.15
C HIS F 472 27.29 -32.68 16.18
N THR F 473 26.05 -32.85 15.73
CA THR F 473 25.47 -34.20 15.63
C THR F 473 25.98 -34.94 14.39
N GLY F 474 26.51 -34.20 13.42
CA GLY F 474 27.40 -34.81 12.43
C GLY F 474 26.97 -34.86 10.97
N GLY F 475 25.69 -34.58 10.72
CA GLY F 475 25.19 -34.47 9.34
C GLY F 475 24.62 -35.75 8.72
N GLY F 476 25.05 -36.90 9.22
CA GLY F 476 24.62 -38.19 8.68
C GLY F 476 23.13 -38.43 8.82
N ARG F 477 22.58 -39.28 7.96
CA ARG F 477 21.17 -39.66 8.02
C ARG F 477 21.03 -41.16 7.88
N GLU F 478 20.05 -41.73 8.57
CA GLU F 478 19.80 -43.18 8.52
C GLU F 478 18.35 -43.47 8.19
N SER F 479 18.15 -44.64 7.60
CA SER F 479 16.83 -45.22 7.29
C SER F 479 16.09 -44.55 6.12
N GLY F 480 15.18 -43.63 6.41
CA GLY F 480 14.19 -43.16 5.43
C GLY F 480 14.59 -42.14 4.39
N SER F 481 13.58 -41.64 3.66
CA SER F 481 13.78 -40.73 2.53
C SER F 481 14.88 -41.24 1.59
N ASP F 482 15.77 -40.36 1.13
CA ASP F 482 16.86 -40.79 0.27
C ASP F 482 18.21 -40.97 1.02
N SER F 483 18.11 -41.43 2.27
CA SER F 483 19.31 -41.73 3.06
C SER F 483 20.25 -42.68 2.32
N TRP F 484 19.67 -43.62 1.57
CA TRP F 484 20.43 -44.63 0.85
C TRP F 484 21.57 -44.06 0.01
N LYS F 485 21.40 -42.84 -0.49
CA LYS F 485 22.42 -42.22 -1.35
C LYS F 485 23.80 -42.14 -0.68
N GLN F 486 23.81 -42.13 0.65
CA GLN F 486 25.08 -42.03 1.37
C GLN F 486 25.87 -43.32 1.26
N TYR F 487 25.16 -44.38 0.90
CA TYR F 487 25.72 -45.72 0.81
C TYR F 487 26.10 -46.10 -0.62
N MET F 488 26.01 -45.13 -1.52
CA MET F 488 26.30 -45.34 -2.96
C MET F 488 27.05 -44.14 -3.54
N ARG F 489 27.65 -44.33 -4.70
CA ARG F 489 28.30 -43.23 -5.41
C ARG F 489 27.49 -42.86 -6.65
N ARG F 490 27.28 -41.56 -6.83
CA ARG F 490 26.58 -41.03 -7.97
C ARG F 490 27.55 -40.91 -9.14
N SER F 491 27.08 -41.28 -10.33
CA SER F 491 27.81 -40.95 -11.56
C SER F 491 26.86 -40.33 -12.59
N THR F 492 27.28 -39.21 -13.17
CA THR F 492 26.55 -38.55 -14.25
C THR F 492 27.07 -39.04 -15.61
N CYS F 493 26.24 -39.79 -16.33
CA CYS F 493 26.70 -40.53 -17.50
C CYS F 493 26.10 -40.03 -18.78
N THR F 494 26.97 -39.63 -19.70
CA THR F 494 26.54 -39.21 -21.04
C THR F 494 26.94 -40.26 -22.06
N ILE F 495 25.94 -40.77 -22.78
CA ILE F 495 26.17 -41.75 -23.82
C ILE F 495 25.87 -41.17 -25.19
N ASN F 496 26.91 -41.04 -25.99
CA ASN F 496 26.77 -40.63 -27.38
C ASN F 496 26.56 -41.89 -28.22
N TYR F 497 25.40 -41.97 -28.85
CA TYR F 497 25.05 -43.16 -29.64
C TYR F 497 24.86 -42.82 -31.11
N SER F 498 25.05 -41.55 -31.46
CA SER F 498 24.90 -41.08 -32.85
C SER F 498 26.16 -41.35 -33.66
N LYS F 499 26.05 -41.20 -34.98
CA LYS F 499 27.24 -41.25 -35.84
C LYS F 499 27.85 -39.87 -36.12
N ASP F 500 27.26 -38.82 -35.54
CA ASP F 500 27.77 -37.45 -35.60
C ASP F 500 29.24 -37.35 -35.18
N LEU F 501 30.01 -36.57 -35.94
CA LEU F 501 31.41 -36.28 -35.60
C LEU F 501 31.51 -34.85 -35.08
N PRO F 502 32.53 -34.54 -34.24
CA PRO F 502 32.67 -33.16 -33.79
C PRO F 502 33.22 -32.28 -34.89
N LEU F 503 32.88 -30.99 -34.85
CA LEU F 503 33.36 -30.02 -35.82
C LEU F 503 34.89 -30.07 -35.92
N ALA F 504 35.41 -30.10 -37.14
CA ALA F 504 36.85 -30.15 -37.36
C ALA F 504 37.53 -28.83 -37.01
N GLN F 505 36.75 -27.74 -37.06
CA GLN F 505 37.21 -26.36 -36.83
C GLN F 505 38.61 -26.04 -37.38
N GLY F 506 38.77 -26.24 -38.68
CA GLY F 506 39.97 -25.84 -39.40
C GLY F 506 41.01 -26.92 -39.58
N ILE F 507 40.97 -27.97 -38.75
CA ILE F 507 41.94 -29.07 -38.84
C ILE F 507 41.43 -30.17 -39.78
N LYS F 508 42.32 -30.63 -40.66
CA LYS F 508 42.00 -31.74 -41.54
C LYS F 508 42.40 -33.09 -40.89
N PHE F 509 41.47 -34.03 -40.92
CA PHE F 509 41.71 -35.40 -40.43
C PHE F 509 41.63 -36.36 -41.61
N SER G 1 -19.68 -89.98 -13.52
CA SER G 1 -18.43 -89.34 -14.03
C SER G 1 -17.92 -88.24 -13.10
N GLY G 2 -18.85 -87.39 -12.67
CA GLY G 2 -18.75 -86.49 -11.52
C GLY G 2 -17.83 -85.30 -11.58
N LEU G 3 -17.80 -84.55 -10.47
CA LEU G 3 -16.90 -83.43 -10.30
C LEU G 3 -15.52 -83.91 -9.88
N LEU G 4 -14.50 -83.26 -10.42
CA LEU G 4 -13.11 -83.57 -10.10
C LEU G 4 -12.84 -83.48 -8.60
N ILE G 5 -13.39 -82.46 -7.96
CA ILE G 5 -13.13 -82.20 -6.54
C ILE G 5 -13.50 -83.38 -5.61
N ASN G 6 -14.51 -84.15 -6.00
CA ASN G 6 -14.94 -85.32 -5.24
C ASN G 6 -14.00 -86.53 -5.32
N GLN G 7 -13.14 -86.54 -6.32
CA GLN G 7 -12.15 -87.60 -6.47
C GLN G 7 -10.94 -87.36 -5.57
N PRO G 8 -10.41 -88.45 -4.95
CA PRO G 8 -9.26 -88.36 -4.03
C PRO G 8 -8.01 -87.75 -4.69
N LYS G 9 -7.79 -88.05 -5.96
CA LYS G 9 -6.71 -87.48 -6.76
C LYS G 9 -6.64 -85.94 -6.66
N TYR G 10 -7.77 -85.34 -6.27
CA TYR G 10 -7.93 -83.89 -6.27
C TYR G 10 -8.34 -83.31 -4.91
N SER G 11 -8.10 -84.04 -3.83
CA SER G 11 -8.50 -83.57 -2.51
C SER G 11 -7.62 -82.42 -1.96
N TRP G 12 -6.52 -82.12 -2.65
CA TRP G 12 -5.70 -80.96 -2.30
C TRP G 12 -6.48 -79.65 -2.49
N LEU G 13 -7.49 -79.68 -3.34
CA LEU G 13 -8.36 -78.54 -3.55
C LEU G 13 -9.09 -78.12 -2.27
N LYS G 14 -9.19 -79.03 -1.31
CA LYS G 14 -9.88 -78.74 -0.05
C LYS G 14 -9.00 -77.89 0.87
N GLU G 15 -7.67 -77.94 0.65
CA GLU G 15 -6.73 -77.10 1.38
C GLU G 15 -6.92 -75.63 1.05
N LEU G 16 -7.51 -75.36 -0.11
CA LEU G 16 -7.79 -73.98 -0.54
C LEU G 16 -9.15 -73.50 -0.02
N GLY G 17 -9.81 -74.35 0.75
CA GLY G 17 -11.12 -74.04 1.30
C GLY G 17 -12.25 -74.21 0.30
N LEU G 18 -12.01 -75.03 -0.72
CA LEU G 18 -12.99 -75.24 -1.78
C LEU G 18 -13.79 -76.51 -1.56
N SER G 19 -15.01 -76.49 -2.06
CA SER G 19 -15.97 -77.56 -1.87
C SER G 19 -16.69 -77.82 -3.20
N GLU G 20 -17.65 -78.75 -3.21
CA GLU G 20 -18.49 -79.03 -4.40
C GLU G 20 -19.18 -77.78 -4.93
N ASP G 21 -19.95 -77.14 -4.08
CA ASP G 21 -20.49 -75.80 -4.37
C ASP G 21 -19.78 -74.75 -3.55
N ASN G 22 -19.55 -73.60 -4.15
CA ASN G 22 -18.81 -72.52 -3.51
C ASN G 22 -19.55 -71.19 -3.61
N PRO G 23 -19.64 -70.45 -2.50
CA PRO G 23 -20.20 -69.11 -2.52
C PRO G 23 -19.32 -68.17 -3.34
N GLY G 24 -19.95 -67.40 -4.24
CA GLY G 24 -19.24 -66.50 -5.12
C GLY G 24 -19.25 -65.05 -4.67
N VAL G 25 -19.88 -64.80 -3.53
CA VAL G 25 -19.86 -63.47 -2.92
C VAL G 25 -19.14 -63.49 -1.58
N TYR G 26 -18.26 -62.52 -1.38
CA TYR G 26 -17.70 -62.24 -0.06
C TYR G 26 -17.64 -60.74 0.21
N ASN G 27 -18.16 -60.33 1.37
CA ASN G 27 -18.19 -58.92 1.74
C ASN G 27 -18.09 -58.75 3.26
N GLY G 28 -17.34 -59.63 3.90
CA GLY G 28 -17.34 -59.76 5.34
C GLY G 28 -18.07 -61.03 5.76
N SER G 29 -19.03 -61.45 4.93
CA SER G 29 -19.67 -62.75 5.05
C SER G 29 -19.85 -63.38 3.66
N TRP G 30 -19.91 -64.71 3.62
CA TRP G 30 -19.97 -65.45 2.36
C TRP G 30 -21.39 -65.77 1.92
N GLY G 31 -21.60 -65.79 0.61
CA GLY G 31 -22.90 -66.12 0.05
C GLY G 31 -22.93 -66.00 -1.46
N GLY G 32 -24.13 -65.79 -1.99
CA GLY G 32 -24.36 -65.74 -3.42
C GLY G 32 -25.52 -66.64 -3.77
N SER G 33 -26.47 -66.11 -4.54
CA SER G 33 -27.62 -66.88 -4.95
C SER G 33 -28.02 -66.59 -6.40
N GLY G 34 -27.07 -66.11 -7.19
CA GLY G 34 -27.29 -65.93 -8.62
C GLY G 34 -27.10 -67.23 -9.35
N GLU G 35 -26.75 -67.12 -10.62
CA GLU G 35 -26.57 -68.28 -11.47
C GLU G 35 -25.38 -69.12 -11.02
N VAL G 36 -25.58 -70.44 -11.04
CA VAL G 36 -24.55 -71.37 -10.64
C VAL G 36 -23.73 -71.68 -11.88
N ILE G 37 -22.42 -71.41 -11.82
CA ILE G 37 -21.53 -71.73 -12.93
C ILE G 37 -20.65 -72.94 -12.58
N THR G 38 -20.37 -73.76 -13.58
CA THR G 38 -19.52 -74.94 -13.41
C THR G 38 -18.20 -74.68 -14.11
N SER G 39 -17.12 -74.76 -13.35
CA SER G 39 -15.79 -74.49 -13.87
C SER G 39 -15.12 -75.76 -14.39
N TYR G 40 -14.73 -75.73 -15.67
CA TYR G 40 -14.20 -76.91 -16.33
C TYR G 40 -12.70 -76.82 -16.48
N CYS G 41 -12.04 -77.96 -16.34
CA CYS G 41 -10.60 -78.07 -16.58
C CYS G 41 -10.33 -78.19 -18.08
N PRO G 42 -9.66 -77.18 -18.68
CA PRO G 42 -9.48 -77.16 -20.14
C PRO G 42 -8.55 -78.25 -20.68
N ALA G 43 -7.94 -79.03 -19.79
CA ALA G 43 -7.02 -80.11 -20.17
C ALA G 43 -7.74 -81.41 -20.52
N ASN G 44 -8.96 -81.55 -20.03
CA ASN G 44 -9.75 -82.76 -20.26
C ASN G 44 -11.26 -82.51 -20.35
N ASN G 45 -11.66 -81.24 -20.29
CA ASN G 45 -13.07 -80.83 -20.33
C ASN G 45 -13.95 -81.43 -19.24
N GLU G 46 -13.33 -81.81 -18.12
CA GLU G 46 -14.03 -82.38 -16.99
C GLU G 46 -14.41 -81.27 -16.02
N PRO G 47 -15.60 -81.37 -15.40
CA PRO G 47 -16.02 -80.35 -14.44
C PRO G 47 -15.25 -80.45 -13.13
N ILE G 48 -14.81 -79.31 -12.62
CA ILE G 48 -14.02 -79.30 -11.40
C ILE G 48 -14.92 -79.15 -10.18
N ALA G 49 -15.67 -78.05 -10.17
CA ALA G 49 -16.62 -77.74 -9.09
C ALA G 49 -17.44 -76.52 -9.49
N ARG G 50 -18.43 -76.19 -8.68
CA ARG G 50 -19.35 -75.10 -9.01
C ARG G 50 -19.16 -73.88 -8.13
N VAL G 51 -19.53 -72.73 -8.66
CA VAL G 51 -19.54 -71.47 -7.90
C VAL G 51 -20.89 -70.76 -8.11
N THR G 52 -21.50 -70.30 -7.02
CA THR G 52 -22.75 -69.55 -7.08
C THR G 52 -22.46 -68.07 -7.19
N GLN G 53 -22.74 -67.50 -8.36
CA GLN G 53 -22.42 -66.11 -8.66
C GLN G 53 -23.37 -65.16 -7.96
N ALA G 54 -23.08 -63.86 -8.05
CA ALA G 54 -23.86 -62.84 -7.37
C ALA G 54 -25.10 -62.46 -8.18
N THR G 55 -26.15 -62.05 -7.48
CA THR G 55 -27.28 -61.38 -8.10
C THR G 55 -26.96 -59.88 -8.06
N LEU G 56 -27.64 -59.08 -8.87
CA LEU G 56 -27.45 -57.64 -8.84
C LEU G 56 -27.66 -57.12 -7.43
N ALA G 57 -28.70 -57.61 -6.78
CA ALA G 57 -29.02 -57.23 -5.39
C ALA G 57 -27.88 -57.54 -4.42
N GLU G 58 -27.18 -58.65 -4.65
CA GLU G 58 -26.03 -59.03 -3.83
C GLU G 58 -24.79 -58.17 -4.15
N TYR G 59 -24.62 -57.80 -5.42
CA TYR G 59 -23.60 -56.82 -5.78
C TYR G 59 -23.90 -55.50 -5.08
N GLU G 60 -25.15 -55.05 -5.22
CA GLU G 60 -25.65 -53.83 -4.59
C GLU G 60 -25.31 -53.78 -3.11
N GLU G 61 -25.62 -54.87 -2.40
CA GLU G 61 -25.36 -54.96 -0.98
C GLU G 61 -23.88 -54.96 -0.68
N THR G 62 -23.09 -55.54 -1.58
CA THR G 62 -21.65 -55.63 -1.39
C THR G 62 -20.99 -54.26 -1.49
N VAL G 63 -21.52 -53.42 -2.39
CA VAL G 63 -20.99 -52.07 -2.56
C VAL G 63 -21.23 -51.21 -1.31
N GLN G 64 -22.40 -51.36 -0.69
CA GLN G 64 -22.70 -50.65 0.56
C GLN G 64 -21.79 -51.07 1.71
N LYS G 65 -21.57 -52.39 1.88
CA LYS G 65 -20.68 -52.91 2.91
C LYS G 65 -19.23 -52.50 2.69
N THR G 66 -18.85 -52.39 1.42
CA THR G 66 -17.52 -51.94 1.01
C THR G 66 -17.30 -50.48 1.39
N ARG G 67 -18.24 -49.61 0.99
CA ARG G 67 -18.22 -48.19 1.28
C ARG G 67 -18.10 -47.93 2.77
N GLU G 68 -18.80 -48.74 3.57
CA GLU G 68 -18.81 -48.63 5.02
C GLU G 68 -17.46 -49.03 5.63
N ALA G 69 -16.87 -50.10 5.09
CA ALA G 69 -15.56 -50.58 5.50
C ALA G 69 -14.47 -49.55 5.23
N TRP G 70 -14.61 -48.82 4.12
CA TRP G 70 -13.63 -47.79 3.73
C TRP G 70 -13.44 -46.74 4.82
N LYS G 71 -14.53 -46.33 5.45
CA LYS G 71 -14.52 -45.33 6.51
C LYS G 71 -13.44 -45.63 7.55
N MET G 72 -13.45 -46.83 8.10
CA MET G 72 -12.46 -47.21 9.11
C MET G 72 -11.06 -47.46 8.51
N TRP G 73 -11.04 -48.03 7.30
CA TRP G 73 -9.80 -48.39 6.59
C TRP G 73 -8.96 -47.19 6.17
N ALA G 74 -9.60 -46.17 5.61
CA ALA G 74 -8.93 -44.91 5.24
C ALA G 74 -8.29 -44.19 6.42
N ASP G 75 -8.77 -44.48 7.63
CA ASP G 75 -8.26 -43.87 8.86
C ASP G 75 -7.00 -44.54 9.38
N ILE G 76 -6.68 -45.71 8.82
CA ILE G 76 -5.48 -46.43 9.21
C ILE G 76 -4.28 -45.94 8.41
N PRO G 77 -3.23 -45.46 9.11
CA PRO G 77 -1.98 -44.99 8.49
C PRO G 77 -1.44 -45.95 7.42
N ALA G 78 -0.83 -45.40 6.37
CA ALA G 78 -0.38 -46.21 5.26
C ALA G 78 0.63 -47.32 5.64
N PRO G 79 1.64 -47.01 6.48
CA PRO G 79 2.53 -48.09 6.91
C PRO G 79 1.82 -49.24 7.63
N LYS G 80 0.78 -48.92 8.37
CA LYS G 80 -0.02 -49.96 9.04
C LYS G 80 -0.89 -50.76 8.08
N ARG G 81 -1.30 -50.11 6.98
CA ARG G 81 -2.00 -50.81 5.90
C ARG G 81 -1.02 -51.74 5.20
N GLY G 82 0.23 -51.30 5.07
CA GLY G 82 1.31 -52.10 4.48
C GLY G 82 1.58 -53.37 5.26
N GLU G 83 1.44 -53.29 6.58
CA GLU G 83 1.54 -54.44 7.45
C GLU G 83 0.50 -55.52 7.11
N ILE G 84 -0.71 -55.07 6.78
CA ILE G 84 -1.75 -55.97 6.28
C ILE G 84 -1.30 -56.59 4.95
N VAL G 85 -0.88 -55.75 4.02
CA VAL G 85 -0.42 -56.23 2.71
C VAL G 85 0.73 -57.24 2.85
N ARG G 86 1.67 -56.97 3.77
CA ARG G 86 2.77 -57.89 4.07
C ARG G 86 2.25 -59.28 4.44
N GLN G 87 1.21 -59.32 5.27
CA GLN G 87 0.64 -60.56 5.76
C GLN G 87 -0.12 -61.33 4.69
N ILE G 88 -0.79 -60.61 3.80
CA ILE G 88 -1.39 -61.20 2.61
C ILE G 88 -0.30 -61.89 1.78
N GLY G 89 0.83 -61.20 1.58
CA GLY G 89 1.99 -61.76 0.91
C GLY G 89 2.45 -63.07 1.54
N ASP G 90 2.49 -63.11 2.87
CA ASP G 90 2.89 -64.31 3.59
C ASP G 90 1.88 -65.44 3.57
N ALA G 91 0.61 -65.09 3.69
CA ALA G 91 -0.47 -66.06 3.63
C ALA G 91 -0.48 -66.74 2.28
N LEU G 92 -0.22 -65.97 1.23
CA LEU G 92 -0.11 -66.50 -0.13
C LEU G 92 1.09 -67.44 -0.24
N ARG G 93 2.21 -67.03 0.35
CA ARG G 93 3.45 -67.78 0.32
C ARG G 93 3.26 -69.20 0.86
N LYS G 94 2.51 -69.33 1.95
CA LYS G 94 2.21 -70.63 2.53
C LYS G 94 1.41 -71.53 1.60
N LYS G 95 0.54 -70.94 0.79
CA LYS G 95 -0.34 -71.72 -0.08
C LYS G 95 0.11 -71.71 -1.54
N ILE G 96 1.35 -71.30 -1.80
CA ILE G 96 1.84 -71.10 -3.18
C ILE G 96 1.66 -72.32 -4.10
N LYS G 97 1.98 -73.51 -3.60
CA LYS G 97 1.95 -74.72 -4.43
C LYS G 97 0.54 -75.10 -4.85
N VAL G 98 -0.37 -75.20 -3.87
CA VAL G 98 -1.77 -75.58 -4.14
C VAL G 98 -2.54 -74.52 -4.93
N LEU G 99 -2.26 -73.25 -4.67
CA LEU G 99 -2.89 -72.18 -5.42
C LEU G 99 -2.37 -72.19 -6.84
N GLY G 100 -1.07 -72.39 -7.00
CA GLY G 100 -0.46 -72.51 -8.32
C GLY G 100 -1.07 -73.65 -9.09
N SER G 101 -1.28 -74.77 -8.39
CA SER G 101 -1.92 -75.96 -8.95
C SER G 101 -3.36 -75.70 -9.42
N LEU G 102 -4.12 -74.96 -8.62
CA LEU G 102 -5.47 -74.54 -9.02
C LEU G 102 -5.45 -73.68 -10.30
N VAL G 103 -4.53 -72.71 -10.37
CA VAL G 103 -4.43 -71.88 -11.56
C VAL G 103 -4.21 -72.77 -12.77
N SER G 104 -3.24 -73.68 -12.64
CA SER G 104 -2.92 -74.64 -13.68
C SER G 104 -4.12 -75.49 -14.10
N LEU G 105 -4.90 -75.96 -13.11
CA LEU G 105 -6.05 -76.81 -13.35
C LEU G 105 -7.24 -76.08 -13.96
N GLU G 106 -7.51 -74.87 -13.48
CA GLU G 106 -8.68 -74.10 -13.91
C GLU G 106 -8.45 -73.22 -15.16
N MET G 107 -7.26 -72.65 -15.29
CA MET G 107 -6.94 -71.80 -16.43
C MET G 107 -6.30 -72.59 -17.58
N GLY G 108 -5.37 -73.48 -17.24
CA GLY G 108 -4.74 -74.38 -18.22
C GLY G 108 -3.25 -74.18 -18.44
N LYS G 109 -2.67 -73.18 -17.77
CA LYS G 109 -1.23 -72.92 -17.91
C LYS G 109 -0.42 -73.95 -17.11
N ILE G 110 0.84 -74.17 -17.49
CA ILE G 110 1.65 -75.19 -16.82
C ILE G 110 1.92 -74.84 -15.35
N TYR G 111 2.05 -75.88 -14.54
CA TYR G 111 2.22 -75.75 -13.10
C TYR G 111 3.24 -74.68 -12.68
N VAL G 112 4.44 -74.73 -13.25
CA VAL G 112 5.49 -73.80 -12.86
C VAL G 112 5.08 -72.33 -13.08
N GLU G 113 4.30 -72.09 -14.15
CA GLU G 113 3.75 -70.76 -14.44
C GLU G 113 2.59 -70.38 -13.52
N GLY G 114 1.86 -71.37 -13.04
CA GLY G 114 0.81 -71.17 -12.04
C GLY G 114 1.45 -70.69 -10.75
N VAL G 115 2.55 -71.34 -10.38
CA VAL G 115 3.33 -70.95 -9.20
C VAL G 115 3.93 -69.55 -9.40
N GLY G 116 4.46 -69.30 -10.59
CA GLY G 116 5.07 -68.01 -10.92
C GLY G 116 4.08 -66.86 -10.77
N GLU G 117 2.83 -67.11 -11.14
CA GLU G 117 1.79 -66.10 -11.05
C GLU G 117 1.52 -65.74 -9.59
N VAL G 118 1.49 -66.75 -8.73
CA VAL G 118 1.28 -66.53 -7.31
C VAL G 118 2.45 -65.70 -6.75
N GLN G 119 3.65 -66.03 -7.19
CA GLN G 119 4.85 -65.28 -6.80
C GLN G 119 4.76 -63.78 -7.15
N GLU G 120 4.18 -63.45 -8.31
CA GLU G 120 3.96 -62.06 -8.73
C GLU G 120 3.16 -61.30 -7.68
N TYR G 121 2.13 -61.94 -7.14
CA TYR G 121 1.30 -61.35 -6.08
C TYR G 121 2.15 -61.17 -4.82
N VAL G 122 2.82 -62.24 -4.42
CA VAL G 122 3.72 -62.21 -3.25
C VAL G 122 4.74 -61.07 -3.36
N ASP G 123 5.43 -60.99 -4.49
CA ASP G 123 6.48 -59.99 -4.72
C ASP G 123 5.95 -58.55 -4.75
N VAL G 124 4.77 -58.36 -5.33
CA VAL G 124 4.16 -57.03 -5.38
C VAL G 124 3.65 -56.59 -4.01
N CYS G 125 3.34 -57.55 -3.15
CA CYS G 125 3.00 -57.25 -1.76
C CYS G 125 4.19 -56.64 -1.03
N ASP G 126 5.34 -57.28 -1.15
CA ASP G 126 6.58 -56.81 -0.51
C ASP G 126 6.98 -55.43 -1.04
N TYR G 127 6.78 -55.23 -2.34
CA TYR G 127 7.00 -53.94 -2.97
C TYR G 127 6.09 -52.88 -2.36
N ALA G 128 4.82 -53.22 -2.20
CA ALA G 128 3.82 -52.32 -1.63
C ALA G 128 4.15 -51.92 -0.17
N VAL G 129 4.79 -52.84 0.56
CA VAL G 129 5.20 -52.57 1.94
C VAL G 129 6.18 -51.41 1.93
N GLY G 130 7.11 -51.42 0.99
CA GLY G 130 8.01 -50.30 0.80
C GLY G 130 7.28 -49.01 0.48
N LEU G 131 6.33 -49.08 -0.44
CA LEU G 131 5.53 -47.93 -0.86
C LEU G 131 4.69 -47.31 0.26
N SER G 132 4.25 -48.17 1.20
CA SER G 132 3.41 -47.73 2.31
C SER G 132 4.09 -46.72 3.20
N ARG G 133 5.41 -46.58 3.08
CA ARG G 133 6.14 -45.57 3.84
C ARG G 133 6.66 -44.45 2.92
N MET G 134 6.23 -44.46 1.66
CA MET G 134 6.79 -43.57 0.65
C MET G 134 5.77 -42.72 -0.12
N ILE G 135 4.62 -43.30 -0.42
CA ILE G 135 3.59 -42.60 -1.20
C ILE G 135 3.31 -41.17 -0.71
N GLY G 136 3.22 -40.24 -1.65
CA GLY G 136 2.95 -38.84 -1.35
C GLY G 136 3.51 -37.93 -2.42
N GLY G 137 3.28 -36.64 -2.26
CA GLY G 137 3.75 -35.64 -3.20
C GLY G 137 4.76 -34.70 -2.57
N PRO G 138 5.35 -33.79 -3.36
CA PRO G 138 6.36 -32.88 -2.85
C PRO G 138 5.81 -31.79 -1.94
N VAL G 139 6.62 -31.37 -0.96
CA VAL G 139 6.45 -30.07 -0.32
C VAL G 139 7.08 -29.07 -1.28
N LEU G 140 6.32 -28.04 -1.63
CA LEU G 140 6.78 -27.09 -2.63
C LEU G 140 6.98 -25.70 -2.01
N PRO G 141 7.91 -24.91 -2.57
CA PRO G 141 8.11 -23.57 -2.02
C PRO G 141 7.10 -22.63 -2.64
N SER G 142 6.25 -22.06 -1.79
CA SER G 142 5.26 -21.08 -2.25
C SER G 142 5.93 -19.75 -2.61
N GLU G 143 5.33 -19.03 -3.56
CA GLU G 143 5.78 -17.69 -3.92
C GLU G 143 5.26 -16.62 -2.96
N ARG G 144 4.38 -17.03 -2.04
CA ARG G 144 3.75 -16.12 -1.09
C ARG G 144 4.41 -16.24 0.27
N PRO G 145 4.83 -15.10 0.85
CA PRO G 145 5.46 -15.13 2.18
C PRO G 145 4.49 -15.69 3.22
N GLY G 146 5.00 -16.50 4.15
CA GLY G 146 4.18 -17.09 5.20
C GLY G 146 3.06 -17.98 4.68
N HIS G 147 3.34 -18.68 3.58
CA HIS G 147 2.42 -19.66 2.99
C HIS G 147 3.13 -20.99 2.77
N ALA G 148 2.54 -22.07 3.23
CA ALA G 148 3.05 -23.40 2.94
C ALA G 148 2.30 -23.98 1.74
N LEU G 149 3.02 -24.67 0.86
CA LEU G 149 2.42 -25.31 -0.31
C LEU G 149 2.83 -26.78 -0.37
N ILE G 150 1.83 -27.67 -0.32
CA ILE G 150 2.09 -29.10 -0.34
C ILE G 150 1.17 -29.86 -1.30
N GLU G 151 1.69 -30.94 -1.88
CA GLU G 151 0.88 -31.84 -2.70
C GLU G 151 0.47 -33.03 -1.86
N GLN G 152 -0.83 -33.22 -1.73
CA GLN G 152 -1.38 -34.31 -0.93
C GLN G 152 -1.98 -35.39 -1.81
N TRP G 153 -1.78 -36.64 -1.42
CA TRP G 153 -2.43 -37.76 -2.07
C TRP G 153 -3.33 -38.50 -1.09
N ASN G 154 -4.53 -38.83 -1.56
CA ASN G 154 -5.55 -39.48 -0.75
C ASN G 154 -6.25 -40.58 -1.51
N PRO G 155 -6.78 -41.59 -0.79
CA PRO G 155 -7.47 -42.70 -1.43
C PRO G 155 -8.60 -42.19 -2.31
N VAL G 156 -8.83 -42.84 -3.45
CA VAL G 156 -9.99 -42.50 -4.30
C VAL G 156 -11.28 -43.01 -3.66
N GLY G 157 -11.18 -44.07 -2.86
CA GLY G 157 -12.32 -44.70 -2.21
C GLY G 157 -12.39 -46.19 -2.51
N LEU G 158 -13.36 -46.58 -3.34
CA LEU G 158 -13.54 -47.97 -3.73
C LEU G 158 -12.98 -48.24 -5.11
N VAL G 159 -12.09 -49.23 -5.19
CA VAL G 159 -11.52 -49.68 -6.46
C VAL G 159 -12.22 -50.95 -6.95
N GLY G 160 -12.98 -50.83 -8.03
CA GLY G 160 -13.56 -52.01 -8.66
C GLY G 160 -12.52 -52.63 -9.57
N ILE G 161 -12.39 -53.96 -9.51
CA ILE G 161 -11.39 -54.65 -10.31
C ILE G 161 -12.03 -55.77 -11.12
N ILE G 162 -11.95 -55.64 -12.43
CA ILE G 162 -12.44 -56.65 -13.35
C ILE G 162 -11.23 -57.23 -14.07
N THR G 163 -11.06 -58.55 -13.96
CA THR G 163 -9.86 -59.23 -14.46
C THR G 163 -10.16 -60.21 -15.59
N ALA G 164 -9.11 -60.56 -16.32
CA ALA G 164 -9.19 -61.51 -17.43
C ALA G 164 -8.99 -62.95 -16.93
N PHE G 165 -9.22 -63.92 -17.82
CA PHE G 165 -9.06 -65.32 -17.46
C PHE G 165 -7.60 -65.78 -17.38
N ASN G 166 -6.73 -65.18 -18.20
CA ASN G 166 -5.39 -65.74 -18.42
C ASN G 166 -4.41 -65.57 -17.27
N PHE G 167 -4.60 -64.53 -16.47
CA PHE G 167 -3.86 -64.36 -15.22
C PHE G 167 -4.81 -64.13 -14.06
N PRO G 168 -5.49 -65.20 -13.59
CA PRO G 168 -6.57 -65.07 -12.62
C PRO G 168 -6.13 -64.68 -11.19
N VAL G 169 -4.85 -64.81 -10.87
CA VAL G 169 -4.32 -64.43 -9.57
C VAL G 169 -3.58 -63.09 -9.61
N ALA G 170 -2.63 -62.98 -10.53
CA ALA G 170 -1.66 -61.87 -10.54
C ALA G 170 -2.24 -60.48 -10.84
N VAL G 171 -3.16 -60.41 -11.79
CA VAL G 171 -3.75 -59.13 -12.18
C VAL G 171 -4.49 -58.52 -10.98
N TYR G 172 -5.33 -59.33 -10.34
CA TYR G 172 -5.97 -58.91 -9.09
C TYR G 172 -4.93 -58.44 -8.09
N GLY G 173 -3.90 -59.27 -7.90
CA GLY G 173 -2.81 -59.02 -6.95
C GLY G 173 -2.12 -57.69 -7.15
N TRP G 174 -1.72 -57.43 -8.39
CA TRP G 174 -1.06 -56.18 -8.75
C TRP G 174 -1.93 -54.98 -8.35
N ASN G 175 -3.24 -55.12 -8.52
CA ASN G 175 -4.19 -54.07 -8.16
C ASN G 175 -4.48 -54.02 -6.66
N ASN G 176 -4.70 -55.19 -6.06
CA ASN G 176 -4.99 -55.31 -4.64
C ASN G 176 -3.91 -54.70 -3.75
N ALA G 177 -2.68 -55.17 -3.90
CA ALA G 177 -1.56 -54.72 -3.08
C ALA G 177 -1.42 -53.21 -3.10
N ILE G 178 -1.48 -52.61 -4.29
CA ILE G 178 -1.31 -51.16 -4.45
C ILE G 178 -2.52 -50.40 -3.91
N ALA G 179 -3.73 -50.80 -4.31
CA ALA G 179 -4.95 -50.12 -3.88
C ALA G 179 -5.09 -50.12 -2.36
N LEU G 180 -4.85 -51.27 -1.75
CA LEU G 180 -4.88 -51.41 -0.29
C LEU G 180 -3.87 -50.50 0.41
N THR G 181 -2.63 -50.52 -0.08
CA THR G 181 -1.57 -49.65 0.43
C THR G 181 -1.97 -48.18 0.34
N CYS G 182 -2.78 -47.85 -0.67
CA CYS G 182 -3.18 -46.48 -0.92
C CYS G 182 -4.46 -46.09 -0.17
N GLY G 183 -4.93 -46.95 0.74
CA GLY G 183 -6.12 -46.64 1.54
C GLY G 183 -7.46 -46.82 0.85
N ASN G 184 -7.48 -47.64 -0.19
CA ASN G 184 -8.71 -47.94 -0.91
C ASN G 184 -9.26 -49.27 -0.45
N VAL G 185 -10.54 -49.49 -0.73
CA VAL G 185 -11.17 -50.80 -0.57
C VAL G 185 -11.46 -51.36 -1.96
N CYS G 186 -11.39 -52.68 -2.10
CA CYS G 186 -11.50 -53.35 -3.39
C CYS G 186 -12.79 -54.14 -3.54
N LEU G 187 -13.32 -54.16 -4.76
CA LEU G 187 -14.36 -55.09 -5.12
C LEU G 187 -13.90 -55.82 -6.38
N TRP G 188 -13.90 -57.15 -6.32
CA TRP G 188 -13.33 -57.98 -7.38
C TRP G 188 -14.34 -58.85 -8.13
N LYS G 189 -14.41 -58.64 -9.44
CA LYS G 189 -15.16 -59.53 -10.30
C LYS G 189 -14.20 -60.18 -11.26
N GLY G 190 -13.82 -61.43 -10.94
CA GLY G 190 -12.96 -62.23 -11.81
C GLY G 190 -13.65 -62.77 -13.05
N ALA G 191 -12.85 -63.29 -13.98
CA ALA G 191 -13.38 -63.87 -15.20
C ALA G 191 -14.34 -65.02 -14.86
N PRO G 192 -15.46 -65.13 -15.59
CA PRO G 192 -16.49 -66.12 -15.33
C PRO G 192 -15.95 -67.55 -15.35
N THR G 193 -14.92 -67.78 -16.14
CA THR G 193 -14.37 -69.12 -16.35
C THR G 193 -13.29 -69.52 -15.32
N THR G 194 -12.93 -68.59 -14.43
CA THR G 194 -11.99 -68.89 -13.35
C THR G 194 -12.50 -68.52 -11.95
N PRO G 195 -13.78 -68.83 -11.63
CA PRO G 195 -14.31 -68.39 -10.33
C PRO G 195 -13.70 -69.13 -9.12
N LEU G 196 -13.26 -70.37 -9.31
CA LEU G 196 -12.61 -71.13 -8.23
C LEU G 196 -11.32 -70.48 -7.75
N THR G 197 -10.52 -69.98 -8.70
CA THR G 197 -9.32 -69.22 -8.37
C THR G 197 -9.67 -67.92 -7.66
N SER G 198 -10.73 -67.26 -8.11
CA SER G 198 -11.18 -66.03 -7.47
C SER G 198 -11.51 -66.30 -6.02
N VAL G 199 -12.34 -67.33 -5.79
CA VAL G 199 -12.77 -67.73 -4.46
C VAL G 199 -11.59 -68.13 -3.57
N ALA G 200 -10.68 -68.92 -4.12
CA ALA G 200 -9.50 -69.39 -3.39
C ALA G 200 -8.65 -68.23 -2.88
N VAL G 201 -8.35 -67.27 -3.76
CA VAL G 201 -7.61 -66.05 -3.43
C VAL G 201 -8.35 -65.24 -2.36
N THR G 202 -9.62 -64.94 -2.63
CA THR G 202 -10.47 -64.21 -1.69
C THR G 202 -10.46 -64.88 -0.32
N LYS G 203 -10.50 -66.21 -0.28
CA LYS G 203 -10.42 -66.95 0.98
C LYS G 203 -9.14 -66.68 1.76
N ILE G 204 -8.01 -66.70 1.05
CA ILE G 204 -6.71 -66.39 1.65
C ILE G 204 -6.68 -64.97 2.22
N VAL G 205 -7.12 -64.01 1.41
CA VAL G 205 -7.14 -62.59 1.81
C VAL G 205 -8.11 -62.37 2.97
N ALA G 206 -9.31 -62.93 2.85
CA ALA G 206 -10.34 -62.81 3.88
C ALA G 206 -9.83 -63.22 5.25
N GLU G 207 -9.12 -64.35 5.32
CA GLU G 207 -8.61 -64.86 6.59
C GLU G 207 -7.66 -63.87 7.25
N VAL G 208 -6.78 -63.26 6.47
CA VAL G 208 -5.81 -62.28 6.97
C VAL G 208 -6.53 -61.06 7.55
N LEU G 209 -7.51 -60.54 6.81
CA LEU G 209 -8.31 -59.42 7.28
C LEU G 209 -9.01 -59.74 8.60
N GLU G 210 -9.58 -60.94 8.68
CA GLU G 210 -10.27 -61.40 9.87
C GLU G 210 -9.33 -61.64 11.06
N GLN G 211 -8.16 -62.25 10.81
CA GLN G 211 -7.13 -62.39 11.87
C GLN G 211 -6.84 -61.03 12.51
N ASN G 212 -6.87 -59.97 11.70
CA ASN G 212 -6.53 -58.62 12.13
C ASN G 212 -7.74 -57.78 12.55
N ASN G 213 -8.87 -58.43 12.78
CA ASN G 213 -10.15 -57.76 13.13
C ASN G 213 -10.46 -56.56 12.25
N LEU G 214 -10.36 -56.76 10.94
CA LEU G 214 -10.72 -55.74 9.99
C LEU G 214 -11.96 -56.20 9.24
N PRO G 215 -12.84 -55.27 8.84
CA PRO G 215 -14.03 -55.66 8.08
C PRO G 215 -13.61 -56.34 6.79
N GLY G 216 -14.15 -57.52 6.53
CA GLY G 216 -13.81 -58.30 5.34
C GLY G 216 -14.10 -57.57 4.04
N ALA G 217 -15.02 -56.62 4.08
CA ALA G 217 -15.47 -55.92 2.88
C ALA G 217 -14.38 -55.03 2.27
N ILE G 218 -13.25 -54.89 2.95
CA ILE G 218 -12.09 -54.16 2.44
C ILE G 218 -11.57 -54.83 1.15
N CYS G 219 -11.73 -56.15 1.07
CA CYS G 219 -11.44 -56.91 -0.14
C CYS G 219 -12.62 -57.80 -0.52
N SER G 220 -13.66 -57.16 -1.05
CA SER G 220 -14.86 -57.86 -1.49
C SER G 220 -14.70 -58.55 -2.83
N MET G 221 -15.50 -59.59 -3.03
CA MET G 221 -15.56 -60.30 -4.30
C MET G 221 -17.01 -60.61 -4.65
N THR G 222 -17.39 -60.33 -5.90
CA THR G 222 -18.67 -60.76 -6.45
C THR G 222 -18.42 -61.37 -7.83
N CYS G 223 -18.53 -62.69 -7.94
CA CYS G 223 -18.34 -63.36 -9.23
C CYS G 223 -19.53 -63.16 -10.14
N GLY G 224 -19.26 -63.07 -11.44
CA GLY G 224 -20.31 -62.91 -12.44
C GLY G 224 -19.81 -62.58 -13.83
N GLY G 225 -20.74 -62.41 -14.76
CA GLY G 225 -20.40 -62.08 -16.14
C GLY G 225 -20.48 -60.60 -16.46
N ALA G 226 -20.81 -60.31 -17.71
CA ALA G 226 -20.99 -58.94 -18.18
C ALA G 226 -22.03 -58.24 -17.30
N ASP G 227 -23.07 -58.98 -16.96
CA ASP G 227 -24.09 -58.56 -15.98
C ASP G 227 -23.55 -57.67 -14.86
N ILE G 228 -22.71 -58.23 -13.99
CA ILE G 228 -22.13 -57.51 -12.86
C ILE G 228 -21.09 -56.50 -13.34
N GLY G 229 -20.24 -56.92 -14.28
CA GLY G 229 -19.22 -56.06 -14.86
C GLY G 229 -19.73 -54.71 -15.37
N THR G 230 -20.90 -54.72 -16.01
CA THR G 230 -21.55 -53.52 -16.50
C THR G 230 -22.02 -52.64 -15.34
N ALA G 231 -22.61 -53.27 -14.33
CA ALA G 231 -23.09 -52.56 -13.15
C ALA G 231 -21.97 -51.76 -12.50
N MET G 232 -20.80 -52.38 -12.39
CA MET G 232 -19.62 -51.73 -11.86
C MET G 232 -19.22 -50.53 -12.71
N ALA G 233 -19.17 -50.73 -14.03
CA ALA G 233 -18.79 -49.69 -14.98
C ALA G 233 -19.68 -48.45 -14.89
N LYS G 234 -20.96 -48.69 -14.59
CA LYS G 234 -21.98 -47.65 -14.48
C LYS G 234 -22.13 -47.08 -13.07
N ASP G 235 -21.60 -47.79 -12.07
CA ASP G 235 -21.76 -47.42 -10.67
C ASP G 235 -20.94 -46.19 -10.23
N GLU G 236 -21.63 -45.10 -9.90
CA GLU G 236 -20.97 -43.89 -9.39
C GLU G 236 -20.20 -44.12 -8.08
N ARG G 237 -20.56 -45.19 -7.37
CA ARG G 237 -19.93 -45.52 -6.10
C ARG G 237 -18.57 -46.21 -6.29
N VAL G 238 -18.33 -46.72 -7.49
CA VAL G 238 -17.01 -47.21 -7.88
C VAL G 238 -16.15 -46.02 -8.28
N ASP G 239 -15.19 -45.68 -7.43
CA ASP G 239 -14.38 -44.48 -7.62
C ASP G 239 -13.32 -44.66 -8.68
N LEU G 240 -12.76 -45.87 -8.76
CA LEU G 240 -11.86 -46.23 -9.85
C LEU G 240 -12.19 -47.63 -10.35
N LEU G 241 -12.35 -47.77 -11.66
CA LEU G 241 -12.53 -49.09 -12.26
C LEU G 241 -11.27 -49.52 -12.97
N SER G 242 -10.67 -50.60 -12.47
CA SER G 242 -9.52 -51.20 -13.13
C SER G 242 -10.03 -52.34 -14.00
N PHE G 243 -9.82 -52.23 -15.29
CA PHE G 243 -10.26 -53.27 -16.21
C PHE G 243 -9.10 -53.91 -16.97
N THR G 244 -8.96 -55.22 -16.80
CA THR G 244 -8.04 -56.04 -17.56
C THR G 244 -8.87 -56.99 -18.43
N GLY G 245 -8.71 -56.89 -19.74
CA GLY G 245 -9.45 -57.72 -20.67
C GLY G 245 -9.31 -57.31 -22.12
N SER G 246 -10.20 -57.82 -22.97
CA SER G 246 -10.16 -57.54 -24.40
C SER G 246 -10.39 -56.07 -24.66
N THR G 247 -9.79 -55.59 -25.74
CA THR G 247 -9.90 -54.19 -26.11
C THR G 247 -11.32 -53.82 -26.59
N HIS G 248 -12.07 -54.79 -27.13
CA HIS G 248 -13.46 -54.52 -27.47
C HIS G 248 -14.40 -54.40 -26.26
N VAL G 249 -14.22 -55.23 -25.23
CA VAL G 249 -14.98 -55.08 -23.99
C VAL G 249 -14.52 -53.82 -23.23
N GLY G 250 -13.21 -53.64 -23.15
CA GLY G 250 -12.63 -52.47 -22.49
C GLY G 250 -13.27 -51.16 -22.94
N LYS G 251 -13.44 -51.03 -24.25
CA LYS G 251 -14.06 -49.85 -24.86
C LYS G 251 -15.47 -49.58 -24.30
N MET G 252 -16.31 -50.60 -24.30
CA MET G 252 -17.65 -50.47 -23.75
C MET G 252 -17.61 -49.95 -22.32
N VAL G 253 -16.75 -50.57 -21.51
CA VAL G 253 -16.56 -50.22 -20.10
C VAL G 253 -16.01 -48.79 -19.96
N ALA G 254 -14.98 -48.47 -20.74
CA ALA G 254 -14.40 -47.13 -20.75
C ALA G 254 -15.45 -46.06 -21.00
N MET G 255 -16.24 -46.26 -22.07
CA MET G 255 -17.29 -45.31 -22.46
C MET G 255 -18.32 -45.10 -21.37
N MET G 256 -18.67 -46.18 -20.67
CA MET G 256 -19.60 -46.15 -19.54
C MET G 256 -19.02 -45.38 -18.35
N VAL G 257 -17.74 -45.60 -18.07
CA VAL G 257 -17.06 -44.92 -16.96
C VAL G 257 -16.88 -43.43 -17.28
N GLN G 258 -16.51 -43.15 -18.52
CA GLN G 258 -16.32 -41.76 -18.98
C GLN G 258 -17.62 -40.96 -18.84
N GLU G 259 -18.71 -41.62 -19.22
CA GLU G 259 -20.05 -41.05 -19.17
C GLU G 259 -20.39 -40.45 -17.81
N ARG G 260 -19.96 -41.11 -16.73
CA ARG G 260 -20.24 -40.69 -15.36
C ARG G 260 -19.04 -40.04 -14.66
N PHE G 261 -18.08 -39.58 -15.45
CA PHE G 261 -16.84 -38.96 -14.95
C PHE G 261 -16.09 -39.75 -13.87
N GLY G 262 -16.10 -41.07 -13.97
CA GLY G 262 -15.35 -41.91 -13.03
C GLY G 262 -13.91 -42.04 -13.47
N ARG G 263 -13.04 -42.54 -12.59
CA ARG G 263 -11.66 -42.82 -12.95
C ARG G 263 -11.57 -44.25 -13.52
N LYS G 264 -10.74 -44.43 -14.54
CA LYS G 264 -10.53 -45.77 -15.11
C LYS G 264 -9.05 -46.11 -15.27
N LEU G 265 -8.75 -47.40 -15.18
CA LEU G 265 -7.43 -47.92 -15.48
C LEU G 265 -7.63 -49.05 -16.48
N LEU G 266 -7.14 -48.85 -17.70
CA LEU G 266 -7.40 -49.79 -18.79
C LEU G 266 -6.15 -50.59 -19.18
N GLU G 267 -6.29 -51.90 -19.13
CA GLU G 267 -5.21 -52.83 -19.46
C GLU G 267 -5.75 -53.82 -20.49
N LEU G 268 -5.65 -53.42 -21.75
CA LEU G 268 -6.39 -54.12 -22.82
C LEU G 268 -5.51 -54.99 -23.74
N GLY G 269 -5.88 -55.09 -25.01
CA GLY G 269 -5.23 -56.02 -25.94
C GLY G 269 -3.83 -55.66 -26.37
N GLY G 270 -3.11 -56.65 -26.88
CA GLY G 270 -1.78 -56.44 -27.44
C GLY G 270 -1.63 -57.10 -28.80
N ASN G 271 -0.72 -56.58 -29.61
CA ASN G 271 -0.34 -57.21 -30.87
C ASN G 271 1.17 -57.11 -31.00
N ASN G 272 1.86 -57.85 -30.14
CA ASN G 272 3.24 -57.57 -29.78
C ASN G 272 4.23 -58.09 -30.79
N ALA G 273 5.19 -57.23 -31.14
CA ALA G 273 6.13 -57.52 -32.20
C ALA G 273 7.58 -57.70 -31.72
N ILE G 274 8.25 -58.74 -32.22
CA ILE G 274 9.70 -58.88 -32.07
C ILE G 274 10.34 -58.57 -33.41
N ILE G 275 11.30 -57.65 -33.41
CA ILE G 275 11.99 -57.27 -34.64
C ILE G 275 13.44 -57.74 -34.58
N VAL G 276 13.81 -58.61 -35.51
CA VAL G 276 15.15 -59.18 -35.54
C VAL G 276 15.96 -58.56 -36.67
N PHE G 277 17.02 -57.85 -36.30
CA PHE G 277 17.89 -57.21 -37.28
C PHE G 277 19.02 -58.12 -37.73
N GLU G 278 19.74 -57.69 -38.76
CA GLU G 278 20.83 -58.49 -39.35
C GLU G 278 21.90 -58.86 -38.33
N ASP G 279 22.27 -57.92 -37.46
CA ASP G 279 23.36 -58.12 -36.51
C ASP G 279 22.94 -58.75 -35.19
N ALA G 280 21.73 -59.29 -35.14
CA ALA G 280 21.23 -59.89 -33.91
C ALA G 280 21.95 -61.19 -33.59
N ASP G 281 22.08 -61.49 -32.30
CA ASP G 281 22.58 -62.78 -31.84
C ASP G 281 21.47 -63.81 -32.05
N LEU G 282 21.61 -64.63 -33.08
CA LEU G 282 20.58 -65.59 -33.45
C LEU G 282 20.42 -66.72 -32.44
N ASN G 283 21.47 -67.00 -31.69
CA ASN G 283 21.40 -68.00 -30.61
C ASN G 283 20.55 -67.52 -29.43
N LEU G 284 20.39 -66.20 -29.33
CA LEU G 284 19.50 -65.58 -28.36
C LEU G 284 18.09 -65.44 -28.95
N VAL G 285 18.00 -65.04 -30.21
CA VAL G 285 16.73 -64.80 -30.88
C VAL G 285 15.84 -66.03 -30.86
N VAL G 286 16.37 -67.15 -31.37
CA VAL G 286 15.59 -68.36 -31.55
C VAL G 286 14.88 -68.85 -30.27
N PRO G 287 15.63 -69.05 -29.16
CA PRO G 287 14.92 -69.51 -27.97
C PRO G 287 13.95 -68.45 -27.41
N SER G 288 14.35 -67.18 -27.50
CA SER G 288 13.52 -66.07 -27.07
C SER G 288 12.18 -66.10 -27.80
N ALA G 289 12.24 -66.12 -29.13
CA ALA G 289 11.05 -66.16 -29.98
C ALA G 289 10.14 -67.33 -29.68
N VAL G 290 10.73 -68.53 -29.54
CA VAL G 290 9.96 -69.74 -29.26
C VAL G 290 9.15 -69.59 -27.97
N PHE G 291 9.84 -69.34 -26.85
CA PHE G 291 9.19 -69.28 -25.54
C PHE G 291 8.20 -68.11 -25.40
N ALA G 292 8.50 -66.99 -26.05
CA ALA G 292 7.60 -65.85 -26.04
C ALA G 292 6.31 -66.07 -26.82
N SER G 293 6.37 -66.92 -27.84
CA SER G 293 5.21 -67.22 -28.69
C SER G 293 4.39 -68.36 -28.12
N VAL G 294 5.10 -69.40 -27.66
CA VAL G 294 4.53 -70.70 -27.30
C VAL G 294 4.07 -70.74 -25.84
N GLY G 295 4.73 -69.95 -24.99
CA GLY G 295 4.37 -69.89 -23.57
C GLY G 295 2.90 -69.61 -23.32
N THR G 296 2.35 -70.28 -22.29
CA THR G 296 0.95 -70.12 -21.88
C THR G 296 0.00 -70.40 -23.03
N ALA G 297 0.49 -71.17 -24.01
CA ALA G 297 -0.24 -71.50 -25.24
C ALA G 297 -0.67 -70.26 -26.02
N GLY G 298 0.20 -69.25 -26.03
CA GLY G 298 -0.06 -68.01 -26.75
C GLY G 298 -1.12 -67.13 -26.12
N GLN G 299 -1.34 -67.30 -24.81
CA GLN G 299 -2.42 -66.62 -24.11
C GLN G 299 -1.97 -65.63 -23.02
N ARG G 300 -0.80 -65.01 -23.21
CA ARG G 300 -0.43 -63.84 -22.39
C ARG G 300 -0.75 -62.63 -23.24
N CYS G 301 -1.14 -61.54 -22.59
CA CYS G 301 -1.38 -60.30 -23.31
C CYS G 301 -0.09 -59.80 -23.96
N THR G 302 1.04 -60.23 -23.40
CA THR G 302 2.35 -59.83 -23.91
C THR G 302 2.94 -60.80 -24.94
N THR G 303 2.22 -61.89 -25.24
CA THR G 303 2.71 -62.91 -26.18
C THR G 303 3.12 -62.29 -27.52
N THR G 304 4.23 -62.75 -28.08
CA THR G 304 4.65 -62.31 -29.40
C THR G 304 3.63 -62.80 -30.43
N ARG G 305 3.11 -61.86 -31.21
CA ARG G 305 2.13 -62.17 -32.26
C ARG G 305 2.73 -61.94 -33.63
N ARG G 306 3.69 -61.02 -33.68
CA ARG G 306 4.32 -60.63 -34.93
C ARG G 306 5.84 -60.75 -34.80
N LEU G 307 6.44 -61.55 -35.68
CA LEU G 307 7.90 -61.70 -35.68
C LEU G 307 8.45 -61.18 -36.99
N MET G 308 9.14 -60.06 -36.91
CA MET G 308 9.70 -59.40 -38.08
C MET G 308 11.17 -59.76 -38.21
N LEU G 309 11.51 -60.36 -39.35
CA LEU G 309 12.86 -60.83 -39.61
C LEU G 309 13.46 -60.09 -40.79
N HIS G 310 14.68 -59.62 -40.63
CA HIS G 310 15.39 -58.98 -41.74
C HIS G 310 15.62 -59.99 -42.85
N GLU G 311 15.46 -59.53 -44.09
CA GLU G 311 15.50 -60.41 -45.26
C GLU G 311 16.74 -61.31 -45.27
N SER G 312 17.86 -60.77 -44.80
CA SER G 312 19.12 -61.52 -44.79
C SER G 312 19.10 -62.76 -43.90
N VAL G 313 18.29 -62.74 -42.84
CA VAL G 313 18.26 -63.86 -41.89
C VAL G 313 16.94 -64.59 -41.85
N HIS G 314 15.94 -64.06 -42.56
CA HIS G 314 14.56 -64.55 -42.54
C HIS G 314 14.41 -66.08 -42.65
N ASP G 315 14.85 -66.65 -43.76
CA ASP G 315 14.67 -68.07 -44.03
C ASP G 315 15.41 -68.97 -43.02
N ALA G 316 16.61 -68.55 -42.61
CA ALA G 316 17.42 -69.28 -41.64
C ALA G 316 16.75 -69.33 -40.26
N VAL G 317 16.24 -68.19 -39.80
CA VAL G 317 15.60 -68.07 -38.50
C VAL G 317 14.28 -68.84 -38.42
N VAL G 318 13.42 -68.64 -39.42
CA VAL G 318 12.13 -69.35 -39.50
C VAL G 318 12.34 -70.86 -39.35
N GLU G 319 13.31 -71.39 -40.09
CA GLU G 319 13.60 -72.82 -40.10
C GLU G 319 14.09 -73.32 -38.74
N ARG G 320 14.92 -72.53 -38.09
CA ARG G 320 15.41 -72.87 -36.75
C ARG G 320 14.28 -72.82 -35.70
N ILE G 321 13.40 -71.82 -35.81
CA ILE G 321 12.25 -71.73 -34.93
C ILE G 321 11.33 -72.93 -35.15
N ALA G 322 11.17 -73.33 -36.42
CA ALA G 322 10.37 -74.49 -36.79
C ALA G 322 10.92 -75.80 -36.20
N LYS G 323 12.24 -75.95 -36.20
CA LYS G 323 12.90 -77.11 -35.61
C LYS G 323 12.67 -77.19 -34.11
N ALA G 324 12.62 -76.02 -33.46
CA ALA G 324 12.34 -75.92 -32.04
C ALA G 324 10.88 -76.26 -31.71
N TYR G 325 9.96 -75.75 -32.52
CA TYR G 325 8.52 -76.02 -32.38
C TYR G 325 8.20 -77.51 -32.31
N LYS G 326 8.93 -78.32 -33.09
CA LYS G 326 8.77 -79.77 -33.09
C LYS G 326 9.07 -80.41 -31.73
N GLN G 327 9.96 -79.78 -30.96
CA GLN G 327 10.36 -80.33 -29.66
C GLN G 327 9.57 -79.77 -28.48
N VAL G 328 8.60 -78.90 -28.78
CA VAL G 328 7.74 -78.33 -27.75
C VAL G 328 6.83 -79.43 -27.21
N ARG G 329 7.06 -79.80 -25.96
CA ARG G 329 6.34 -80.92 -25.36
C ARG G 329 4.95 -80.54 -24.90
N ILE G 330 3.95 -81.08 -25.61
CA ILE G 330 2.54 -80.84 -25.35
C ILE G 330 1.97 -81.96 -24.48
N GLY G 331 1.28 -81.60 -23.39
CA GLY G 331 0.74 -82.57 -22.44
C GLY G 331 -0.03 -82.00 -21.26
N ASP G 332 -0.21 -82.82 -20.23
CA ASP G 332 -0.91 -82.40 -19.01
C ASP G 332 -0.14 -81.29 -18.30
N PRO G 333 -0.83 -80.19 -17.95
CA PRO G 333 -0.22 -79.06 -17.25
C PRO G 333 0.45 -79.38 -15.91
N TRP G 334 0.00 -80.42 -15.20
CA TRP G 334 0.66 -80.82 -13.93
C TRP G 334 1.96 -81.61 -14.15
N ASP G 335 2.15 -82.16 -15.35
CA ASP G 335 3.35 -82.91 -15.73
C ASP G 335 4.56 -81.98 -15.91
N PRO G 336 5.63 -82.18 -15.12
CA PRO G 336 6.83 -81.33 -15.21
C PRO G 336 7.51 -81.30 -16.58
N SER G 337 7.25 -82.30 -17.44
CA SER G 337 7.81 -82.35 -18.79
C SER G 337 7.16 -81.36 -19.73
N THR G 338 5.88 -81.10 -19.50
CA THR G 338 5.04 -80.29 -20.39
C THR G 338 5.50 -78.84 -20.44
N LEU G 339 5.67 -78.33 -21.65
CA LEU G 339 5.98 -76.92 -21.85
C LEU G 339 4.76 -76.17 -22.37
N TYR G 340 3.75 -76.91 -22.83
CA TYR G 340 2.63 -76.33 -23.56
C TYR G 340 1.33 -77.06 -23.27
N GLY G 341 0.30 -76.35 -22.81
CA GLY G 341 -1.00 -76.94 -22.45
C GLY G 341 -2.11 -76.59 -23.41
N PRO G 342 -3.38 -76.67 -22.95
CA PRO G 342 -4.52 -76.42 -23.81
C PRO G 342 -4.87 -74.94 -23.92
N LEU G 343 -5.66 -74.59 -24.93
CA LEU G 343 -6.30 -73.28 -24.96
C LEU G 343 -7.36 -73.26 -23.87
N HIS G 344 -7.76 -72.08 -23.44
CA HIS G 344 -8.61 -71.96 -22.25
C HIS G 344 -10.04 -72.47 -22.42
N THR G 345 -10.63 -72.24 -23.59
CA THR G 345 -12.00 -72.65 -23.88
C THR G 345 -12.11 -73.28 -25.25
N LYS G 346 -13.29 -73.81 -25.58
CA LYS G 346 -13.57 -74.30 -26.93
C LYS G 346 -13.71 -73.18 -27.94
N GLN G 347 -14.27 -72.05 -27.52
CA GLN G 347 -14.43 -70.87 -28.37
C GLN G 347 -13.08 -70.41 -28.86
N ALA G 348 -12.10 -70.47 -27.95
CA ALA G 348 -10.70 -70.18 -28.26
C ALA G 348 -10.17 -71.05 -29.42
N VAL G 349 -10.52 -72.33 -29.40
CA VAL G 349 -10.17 -73.25 -30.48
C VAL G 349 -10.76 -72.78 -31.82
N ASP G 350 -12.01 -72.31 -31.79
CA ASP G 350 -12.69 -71.81 -32.98
C ASP G 350 -12.03 -70.56 -33.55
N GLN G 351 -11.62 -69.64 -32.68
CA GLN G 351 -10.90 -68.43 -33.11
C GLN G 351 -9.65 -68.82 -33.84
N TYR G 352 -8.94 -69.77 -33.25
CA TYR G 352 -7.70 -70.33 -33.77
C TYR G 352 -7.90 -70.86 -35.20
N LEU G 353 -8.92 -71.70 -35.38
CA LEU G 353 -9.24 -72.28 -36.68
C LEU G 353 -9.66 -71.23 -37.69
N ALA G 354 -10.42 -70.23 -37.23
CA ALA G 354 -10.89 -69.13 -38.07
C ALA G 354 -9.75 -68.23 -38.54
N ALA G 355 -8.81 -67.99 -37.64
CA ALA G 355 -7.63 -67.16 -37.92
C ALA G 355 -6.71 -67.85 -38.92
N ILE G 356 -6.57 -69.17 -38.77
CA ILE G 356 -5.85 -69.99 -39.73
C ILE G 356 -6.44 -69.82 -41.13
N GLU G 357 -7.77 -69.96 -41.23
CA GLU G 357 -8.48 -69.80 -42.50
C GLU G 357 -8.23 -68.45 -43.15
N GLN G 358 -8.41 -67.38 -42.37
CA GLN G 358 -8.22 -66.01 -42.85
C GLN G 358 -6.79 -65.75 -43.28
N ALA G 359 -5.85 -66.34 -42.54
CA ALA G 359 -4.42 -66.25 -42.89
C ALA G 359 -4.16 -66.83 -44.27
N LYS G 360 -4.70 -68.01 -44.54
CA LYS G 360 -4.59 -68.65 -45.86
C LYS G 360 -5.20 -67.76 -46.95
N GLN G 361 -6.43 -67.31 -46.72
CA GLN G 361 -7.14 -66.42 -47.64
C GLN G 361 -6.36 -65.18 -47.97
N GLN G 362 -5.57 -64.71 -47.00
CA GLN G 362 -4.83 -63.47 -47.17
C GLN G 362 -3.39 -63.70 -47.65
N GLY G 363 -3.12 -64.93 -48.12
CA GLY G 363 -1.86 -65.26 -48.77
C GLY G 363 -0.78 -65.83 -47.86
N GLY G 364 -1.20 -66.37 -46.71
CA GLY G 364 -0.27 -66.94 -45.75
C GLY G 364 0.04 -68.40 -46.03
N THR G 365 1.27 -68.80 -45.71
CA THR G 365 1.70 -70.18 -45.82
C THR G 365 1.99 -70.71 -44.42
N LEU G 366 1.41 -71.87 -44.09
CA LEU G 366 1.66 -72.51 -42.82
C LEU G 366 3.01 -73.24 -42.82
N VAL G 367 3.91 -72.76 -41.97
CA VAL G 367 5.20 -73.43 -41.76
C VAL G 367 5.00 -74.67 -40.87
N CYS G 368 4.11 -74.58 -39.90
CA CYS G 368 3.81 -75.70 -39.03
C CYS G 368 2.53 -75.43 -38.23
N GLY G 369 2.00 -76.48 -37.62
CA GLY G 369 0.78 -76.39 -36.83
C GLY G 369 -0.44 -76.19 -37.69
N GLY G 370 -1.50 -75.64 -37.10
CA GLY G 370 -2.72 -75.34 -37.83
C GLY G 370 -3.86 -76.28 -37.57
N LYS G 371 -3.58 -77.42 -36.93
CA LYS G 371 -4.61 -78.43 -36.70
C LYS G 371 -4.96 -78.61 -35.23
N VAL G 372 -6.24 -78.82 -34.96
CA VAL G 372 -6.72 -79.21 -33.64
C VAL G 372 -6.13 -80.60 -33.36
N MET G 373 -5.57 -80.77 -32.16
CA MET G 373 -4.95 -82.04 -31.80
C MET G 373 -6.01 -83.04 -31.39
N ASP G 374 -5.86 -84.27 -31.85
CA ASP G 374 -6.85 -85.31 -31.61
C ASP G 374 -6.67 -85.95 -30.23
N ARG G 375 -7.22 -85.29 -29.22
CA ARG G 375 -7.06 -85.70 -27.82
C ARG G 375 -8.01 -84.93 -26.88
N PRO G 376 -8.27 -85.48 -25.68
CA PRO G 376 -9.05 -84.74 -24.68
C PRO G 376 -8.49 -83.34 -24.46
N GLY G 377 -9.37 -82.40 -24.13
CA GLY G 377 -8.95 -81.03 -23.85
C GLY G 377 -8.95 -80.15 -25.08
N ASN G 378 -8.71 -78.86 -24.86
CA ASN G 378 -8.72 -77.86 -25.92
C ASN G 378 -7.33 -77.66 -26.54
N TYR G 379 -6.72 -78.75 -26.98
CA TYR G 379 -5.36 -78.70 -27.48
C TYR G 379 -5.29 -78.38 -28.96
N VAL G 380 -4.48 -77.38 -29.31
CA VAL G 380 -4.21 -77.03 -30.70
C VAL G 380 -2.70 -76.94 -30.94
N GLU G 381 -2.29 -77.15 -32.18
CA GLU G 381 -0.88 -77.10 -32.56
C GLU G 381 -0.36 -75.67 -32.63
N PRO G 382 0.85 -75.43 -32.07
CA PRO G 382 1.45 -74.09 -32.15
C PRO G 382 1.83 -73.80 -33.58
N THR G 383 1.36 -72.67 -34.11
CA THR G 383 1.40 -72.39 -35.54
C THR G 383 2.31 -71.22 -35.93
N ILE G 384 3.04 -71.39 -37.03
CA ILE G 384 3.89 -70.35 -37.62
C ILE G 384 3.41 -70.09 -39.05
N ILE G 385 3.19 -68.82 -39.38
CA ILE G 385 2.72 -68.44 -40.72
C ILE G 385 3.61 -67.37 -41.36
N THR G 386 4.15 -67.71 -42.53
CA THR G 386 4.99 -66.79 -43.30
C THR G 386 4.22 -66.28 -44.52
N GLY G 387 4.69 -65.16 -45.08
CA GLY G 387 4.23 -64.69 -46.38
C GLY G 387 3.18 -63.60 -46.38
N LEU G 388 2.55 -63.38 -45.24
CA LEU G 388 1.52 -62.34 -45.13
C LEU G 388 2.12 -60.94 -45.25
N ALA G 389 1.35 -60.01 -45.82
CA ALA G 389 1.74 -58.61 -45.86
C ALA G 389 1.70 -58.02 -44.46
N HIS G 390 2.56 -57.05 -44.19
CA HIS G 390 2.60 -56.39 -42.88
C HIS G 390 1.24 -55.85 -42.40
N ASP G 391 0.41 -55.42 -43.35
CA ASP G 391 -0.92 -54.89 -43.05
C ASP G 391 -2.09 -55.79 -43.42
N ALA G 392 -1.84 -57.10 -43.55
CA ALA G 392 -2.93 -58.07 -43.73
C ALA G 392 -3.84 -57.99 -42.51
N PRO G 393 -5.16 -57.79 -42.73
CA PRO G 393 -6.15 -57.63 -41.65
C PRO G 393 -5.98 -58.57 -40.45
N ILE G 394 -5.69 -59.84 -40.72
CA ILE G 394 -5.49 -60.83 -39.65
C ILE G 394 -4.29 -60.54 -38.76
N VAL G 395 -3.21 -60.03 -39.37
CA VAL G 395 -2.00 -59.66 -38.64
C VAL G 395 -2.27 -58.49 -37.69
N HIS G 396 -3.10 -57.54 -38.13
CA HIS G 396 -3.46 -56.37 -37.33
C HIS G 396 -4.46 -56.67 -36.21
N THR G 397 -5.06 -57.86 -36.25
CA THR G 397 -6.02 -58.27 -35.23
C THR G 397 -5.33 -59.09 -34.14
N GLU G 398 -5.67 -58.84 -32.87
CA GLU G 398 -5.25 -59.74 -31.80
C GLU G 398 -6.17 -60.94 -31.79
N THR G 399 -5.61 -62.11 -32.11
CA THR G 399 -6.32 -63.36 -31.88
C THR G 399 -5.59 -64.07 -30.75
N PHE G 400 -6.32 -64.34 -29.67
CA PHE G 400 -5.71 -64.82 -28.41
C PHE G 400 -5.37 -66.31 -28.44
N VAL G 401 -4.51 -66.68 -29.41
CA VAL G 401 -4.24 -68.06 -29.78
C VAL G 401 -2.78 -68.21 -30.21
N PRO G 402 -2.21 -69.43 -30.11
CA PRO G 402 -0.79 -69.63 -30.46
C PRO G 402 -0.50 -69.66 -31.98
N ILE G 403 -0.72 -68.53 -32.64
CA ILE G 403 -0.30 -68.34 -34.03
C ILE G 403 0.71 -67.22 -34.09
N LEU G 404 1.81 -67.46 -34.78
CA LEU G 404 2.87 -66.47 -34.94
C LEU G 404 2.99 -66.05 -36.41
N TYR G 405 2.76 -64.77 -36.67
CA TYR G 405 2.83 -64.22 -38.02
C TYR G 405 4.23 -63.68 -38.30
N VAL G 406 4.87 -64.22 -39.34
CA VAL G 406 6.25 -63.86 -39.67
C VAL G 406 6.30 -62.86 -40.82
N LEU G 407 6.91 -61.71 -40.54
CA LEU G 407 7.05 -60.63 -41.49
C LEU G 407 8.51 -60.47 -41.92
N LYS G 408 8.72 -60.13 -43.19
CA LYS G 408 10.05 -59.93 -43.76
C LYS G 408 10.26 -58.45 -44.04
N PHE G 409 11.33 -57.88 -43.51
CA PHE G 409 11.61 -56.45 -43.69
C PHE G 409 13.03 -56.20 -44.21
N LYS G 410 13.28 -54.98 -44.67
CA LYS G 410 14.62 -54.58 -45.08
C LYS G 410 15.16 -53.42 -44.24
N THR G 411 14.48 -52.26 -44.26
CA THR G 411 14.97 -51.06 -43.57
C THR G 411 14.50 -50.97 -42.12
N GLU G 412 15.32 -50.32 -41.29
CA GLU G 412 14.95 -50.02 -39.91
C GLU G 412 13.65 -49.20 -39.86
N GLU G 413 13.56 -48.18 -40.71
CA GLU G 413 12.37 -47.32 -40.77
C GLU G 413 11.08 -48.15 -40.95
N GLU G 414 11.14 -49.11 -41.87
CA GLU G 414 10.02 -50.03 -42.13
C GLU G 414 9.56 -50.75 -40.87
N ALA G 415 10.48 -51.48 -40.24
CA ALA G 415 10.16 -52.31 -39.10
C ALA G 415 9.53 -51.48 -38.01
N PHE G 416 10.17 -50.36 -37.68
CA PHE G 416 9.64 -49.45 -36.65
C PHE G 416 8.22 -49.01 -36.97
N ALA G 417 7.98 -48.59 -38.22
CA ALA G 417 6.66 -48.17 -38.69
C ALA G 417 5.61 -49.30 -38.59
N TRP G 418 5.99 -50.50 -38.99
CA TRP G 418 5.07 -51.63 -38.91
C TRP G 418 4.73 -51.99 -37.47
N ASN G 419 5.72 -51.89 -36.59
CA ASN G 419 5.48 -52.07 -35.17
C ASN G 419 4.40 -51.10 -34.68
N ASN G 420 4.48 -49.86 -35.15
CA ASN G 420 3.61 -48.79 -34.68
C ASN G 420 2.27 -48.70 -35.39
N GLU G 421 2.18 -49.28 -36.58
CA GLU G 421 1.01 -49.10 -37.44
C GLU G 421 -0.30 -49.71 -36.93
N VAL G 422 -0.19 -50.67 -36.03
CA VAL G 422 -1.40 -51.32 -35.44
C VAL G 422 -2.06 -50.47 -34.36
N GLN G 423 -3.28 -50.83 -33.99
CA GLN G 423 -4.03 -50.07 -33.00
C GLN G 423 -3.64 -50.41 -31.56
N GLN G 424 -3.09 -51.61 -31.35
CA GLN G 424 -2.61 -52.02 -30.04
C GLN G 424 -1.27 -51.34 -29.76
N GLY G 425 -0.86 -51.31 -28.51
CA GLY G 425 0.40 -50.69 -28.13
C GLY G 425 0.94 -51.15 -26.79
N LEU G 426 0.83 -52.44 -26.51
CA LEU G 426 1.33 -52.99 -25.25
C LEU G 426 2.86 -53.16 -25.26
N SER G 427 3.34 -54.23 -25.88
CA SER G 427 4.75 -54.62 -25.78
C SER G 427 5.49 -54.68 -27.13
N SER G 428 6.81 -54.53 -27.08
CA SER G 428 7.63 -54.54 -28.27
C SER G 428 9.10 -54.85 -27.96
N SER G 429 9.76 -55.53 -28.90
CA SER G 429 11.17 -55.88 -28.76
C SER G 429 11.92 -55.75 -30.07
N ILE G 430 13.16 -55.28 -29.97
CA ILE G 430 14.12 -55.45 -31.07
C ILE G 430 15.32 -56.26 -30.61
N PHE G 431 15.86 -57.08 -31.51
CA PHE G 431 17.08 -57.81 -31.25
C PHE G 431 18.16 -57.27 -32.16
N THR G 432 19.18 -56.67 -31.57
CA THR G 432 20.25 -56.02 -32.32
C THR G 432 21.49 -55.85 -31.45
N LYS G 433 22.63 -55.59 -32.07
CA LYS G 433 23.86 -55.27 -31.35
C LYS G 433 24.25 -53.79 -31.53
N ASP G 434 23.43 -53.07 -32.29
CA ASP G 434 23.76 -51.72 -32.72
C ASP G 434 23.38 -50.66 -31.67
N LEU G 435 24.39 -50.07 -31.06
CA LEU G 435 24.23 -49.05 -30.03
C LEU G 435 23.24 -47.94 -30.39
N GLY G 436 23.40 -47.38 -31.58
CA GLY G 436 22.54 -46.28 -32.04
C GLY G 436 21.10 -46.69 -32.26
N ARG G 437 20.92 -47.88 -32.82
CA ARG G 437 19.59 -48.42 -33.04
C ARG G 437 18.83 -48.59 -31.74
N VAL G 438 19.51 -49.09 -30.70
CA VAL G 438 18.92 -49.27 -29.36
C VAL G 438 18.26 -47.98 -28.86
N PHE G 439 19.00 -46.89 -28.88
CA PHE G 439 18.51 -45.64 -28.34
C PHE G 439 17.52 -44.93 -29.27
N ARG G 440 17.62 -45.20 -30.57
CA ARG G 440 16.61 -44.71 -31.50
C ARG G 440 15.26 -45.37 -31.22
N TRP G 441 15.31 -46.69 -31.00
CA TRP G 441 14.16 -47.52 -30.63
C TRP G 441 13.51 -47.04 -29.35
N LEU G 442 14.33 -46.56 -28.41
CA LEU G 442 13.86 -46.05 -27.12
C LEU G 442 13.35 -44.62 -27.22
N GLY G 443 13.85 -43.86 -28.19
CA GLY G 443 13.51 -42.46 -28.34
C GLY G 443 12.18 -42.18 -29.04
N PRO G 444 11.94 -40.91 -29.41
CA PRO G 444 10.68 -40.39 -29.96
C PRO G 444 10.26 -40.94 -31.32
N LYS G 445 11.22 -41.43 -32.10
CA LYS G 445 10.91 -42.03 -33.43
C LYS G 445 11.11 -43.54 -33.40
N GLY G 446 11.06 -44.11 -32.21
CA GLY G 446 11.11 -45.56 -32.02
C GLY G 446 9.74 -46.14 -31.76
N SER G 447 9.70 -47.14 -30.88
CA SER G 447 8.48 -47.84 -30.51
C SER G 447 7.47 -46.93 -29.83
N ASP G 448 6.19 -47.15 -30.11
CA ASP G 448 5.12 -46.38 -29.46
C ASP G 448 4.38 -47.15 -28.35
N CYS G 449 5.02 -48.21 -27.85
CA CYS G 449 4.42 -49.12 -26.89
C CYS G 449 4.72 -48.72 -25.46
N GLY G 450 4.01 -49.34 -24.51
CA GLY G 450 4.27 -49.12 -23.09
C GLY G 450 5.47 -49.90 -22.60
N ILE G 451 5.71 -51.05 -23.23
CA ILE G 451 6.89 -51.87 -22.95
C ILE G 451 7.79 -51.88 -24.19
N VAL G 452 9.03 -51.44 -24.03
CA VAL G 452 9.96 -51.27 -25.15
C VAL G 452 11.30 -51.95 -24.83
N ASN G 453 11.43 -53.19 -25.31
CA ASN G 453 12.55 -54.04 -24.90
C ASN G 453 13.64 -54.20 -25.95
N VAL G 454 14.84 -54.54 -25.49
CA VAL G 454 15.98 -54.78 -26.37
C VAL G 454 16.67 -56.08 -25.98
N ASN G 455 16.71 -57.02 -26.93
CA ASN G 455 17.36 -58.33 -26.72
C ASN G 455 16.71 -59.19 -25.64
N ILE G 456 15.50 -58.81 -25.26
CA ILE G 456 14.63 -59.62 -24.42
C ILE G 456 13.24 -59.58 -25.10
N PRO G 457 12.50 -60.71 -25.08
CA PRO G 457 11.22 -60.78 -25.79
C PRO G 457 10.15 -59.83 -25.25
N THR G 458 8.93 -59.99 -25.75
CA THR G 458 7.81 -59.12 -25.43
C THR G 458 7.16 -59.37 -24.07
N SER G 459 7.48 -60.52 -23.45
CA SER G 459 6.93 -60.84 -22.15
C SER G 459 7.89 -60.55 -20.99
N GLY G 460 9.05 -59.97 -21.31
CA GLY G 460 9.99 -59.51 -20.29
C GLY G 460 9.53 -58.26 -19.55
N ALA G 461 9.05 -58.46 -18.32
CA ALA G 461 8.53 -57.36 -17.48
C ALA G 461 8.57 -57.72 -15.99
N GLU G 462 9.00 -56.77 -15.17
CA GLU G 462 9.13 -57.00 -13.74
C GLU G 462 8.36 -55.98 -12.89
N ILE G 463 8.16 -56.33 -11.63
CA ILE G 463 7.43 -55.52 -10.66
C ILE G 463 7.89 -54.06 -10.55
N GLY G 464 9.19 -53.82 -10.55
CA GLY G 464 9.73 -52.47 -10.32
C GLY G 464 9.27 -51.37 -11.28
N GLY G 465 8.90 -51.77 -12.49
CA GLY G 465 8.48 -50.83 -13.53
C GLY G 465 6.98 -50.80 -13.73
N ALA G 466 6.48 -49.66 -14.21
CA ALA G 466 5.07 -49.54 -14.56
C ALA G 466 4.74 -50.50 -15.71
N PHE G 467 3.60 -51.17 -15.60
CA PHE G 467 3.18 -52.11 -16.65
C PHE G 467 1.89 -51.68 -17.34
N GLY G 468 1.92 -51.66 -18.66
CA GLY G 468 0.75 -51.29 -19.44
C GLY G 468 1.12 -50.77 -20.80
N GLY G 469 0.10 -50.44 -21.60
CA GLY G 469 0.31 -50.04 -22.99
C GLY G 469 -0.29 -48.71 -23.38
N GLU G 470 -0.20 -48.41 -24.66
CA GLU G 470 -0.69 -47.15 -25.21
C GLU G 470 -1.75 -47.44 -26.26
N LYS G 471 -2.21 -46.40 -26.96
CA LYS G 471 -3.22 -46.53 -28.00
C LYS G 471 -4.37 -47.42 -27.52
N HIS G 472 -4.73 -48.46 -28.27
CA HIS G 472 -5.89 -49.33 -27.94
C HIS G 472 -5.67 -50.24 -26.75
N THR G 473 -4.46 -50.26 -26.20
CA THR G 473 -4.20 -51.05 -24.99
C THR G 473 -4.75 -50.34 -23.74
N GLY G 474 -5.00 -49.04 -23.86
CA GLY G 474 -5.82 -48.33 -22.87
C GLY G 474 -5.21 -47.28 -21.95
N GLY G 475 -3.88 -47.19 -21.91
CA GLY G 475 -3.20 -46.16 -21.13
C GLY G 475 -2.86 -46.48 -19.68
N GLY G 476 -3.60 -47.41 -19.09
CA GLY G 476 -3.41 -47.76 -17.67
C GLY G 476 -2.04 -48.34 -17.37
N ARG G 477 -1.62 -48.22 -16.10
CA ARG G 477 -0.37 -48.79 -15.65
C ARG G 477 -0.57 -49.54 -14.34
N GLU G 478 0.17 -50.63 -14.16
CA GLU G 478 0.08 -51.43 -12.94
C GLU G 478 1.45 -51.65 -12.32
N SER G 479 1.45 -51.83 -11.01
CA SER G 479 2.62 -52.21 -10.22
C SER G 479 3.65 -51.08 -9.99
N GLY G 480 4.69 -51.03 -10.81
CA GLY G 480 5.89 -50.25 -10.49
C GLY G 480 5.85 -48.77 -10.78
N SER G 481 7.02 -48.13 -10.62
CA SER G 481 7.18 -46.67 -10.75
C SER G 481 6.14 -45.92 -9.90
N ASP G 482 5.54 -44.86 -10.45
CA ASP G 482 4.47 -44.15 -9.73
C ASP G 482 3.06 -44.56 -10.18
N SER G 483 2.88 -45.84 -10.53
CA SER G 483 1.57 -46.37 -10.90
C SER G 483 0.52 -46.08 -9.83
N TRP G 484 0.96 -46.07 -8.57
CA TRP G 484 0.07 -45.87 -7.42
C TRP G 484 -0.80 -44.64 -7.55
N LYS G 485 -0.30 -43.61 -8.25
CA LYS G 485 -1.02 -42.36 -8.36
C LYS G 485 -2.41 -42.50 -8.98
N GLN G 486 -2.59 -43.54 -9.79
CA GLN G 486 -3.88 -43.82 -10.42
C GLN G 486 -4.93 -44.25 -9.39
N TYR G 487 -4.44 -44.70 -8.22
CA TYR G 487 -5.29 -45.24 -7.16
C TYR G 487 -5.56 -44.18 -6.09
N MET G 488 -5.12 -42.96 -6.34
CA MET G 488 -5.28 -41.85 -5.39
C MET G 488 -5.65 -40.55 -6.11
N ARG G 489 -6.14 -39.56 -5.35
CA ARG G 489 -6.44 -38.24 -5.90
C ARG G 489 -5.46 -37.21 -5.38
N ARG G 490 -4.93 -36.42 -6.31
CA ARG G 490 -3.98 -35.36 -6.02
C ARG G 490 -4.74 -34.11 -5.58
N SER G 491 -4.23 -33.47 -4.53
CA SER G 491 -4.70 -32.15 -4.16
C SER G 491 -3.51 -31.20 -3.95
N THR G 492 -3.58 -30.04 -4.61
CA THR G 492 -2.60 -28.98 -4.43
C THR G 492 -3.04 -28.02 -3.30
N CYS G 493 -2.30 -28.05 -2.19
CA CYS G 493 -2.78 -27.39 -0.98
C CYS G 493 -1.92 -26.20 -0.57
N THR G 494 -2.57 -25.04 -0.44
CA THR G 494 -1.89 -23.84 0.04
C THR G 494 -2.40 -23.50 1.43
N ILE G 495 -1.48 -23.42 2.37
CA ILE G 495 -1.80 -23.05 3.74
C ILE G 495 -1.20 -21.69 4.09
N ASN G 496 -2.07 -20.71 4.29
CA ASN G 496 -1.68 -19.41 4.80
C ASN G 496 -1.67 -19.46 6.33
N TYR G 497 -0.48 -19.28 6.91
CA TYR G 497 -0.31 -19.36 8.36
C TYR G 497 0.15 -18.03 8.97
N SER G 498 0.28 -17.02 8.13
CA SER G 498 0.69 -15.68 8.55
C SER G 498 -0.48 -14.87 9.11
N LYS G 499 -0.17 -13.74 9.75
CA LYS G 499 -1.20 -12.78 10.15
C LYS G 499 -1.47 -11.71 9.09
N ASP G 500 -0.73 -11.77 7.98
CA ASP G 500 -0.91 -10.83 6.86
C ASP G 500 -2.35 -10.78 6.36
N LEU G 501 -2.83 -9.57 6.07
CA LEU G 501 -4.15 -9.37 5.47
C LEU G 501 -3.98 -8.96 4.01
N PRO G 502 -4.99 -9.25 3.15
CA PRO G 502 -4.86 -8.85 1.75
C PRO G 502 -5.06 -7.34 1.59
N LEU G 503 -4.47 -6.77 0.54
CA LEU G 503 -4.56 -5.34 0.30
C LEU G 503 -6.02 -4.94 0.21
N ALA G 504 -6.38 -3.85 0.86
CA ALA G 504 -7.77 -3.37 0.86
C ALA G 504 -8.16 -2.76 -0.49
N GLN G 505 -7.14 -2.34 -1.25
CA GLN G 505 -7.28 -1.66 -2.56
C GLN G 505 -8.49 -0.70 -2.67
N GLY G 506 -8.55 0.26 -1.75
CA GLY G 506 -9.56 1.32 -1.81
C GLY G 506 -10.79 1.12 -0.95
N ILE G 507 -11.07 -0.11 -0.57
CA ILE G 507 -12.25 -0.40 0.23
C ILE G 507 -11.92 -0.35 1.71
N LYS G 508 -12.78 0.31 2.48
CA LYS G 508 -12.64 0.38 3.95
C LYS G 508 -13.37 -0.79 4.60
N PHE G 509 -12.70 -1.46 5.52
CA PHE G 509 -13.28 -2.55 6.30
C PHE G 509 -13.26 -2.19 7.79
N SER H 1 -19.56 5.74 -36.37
CA SER H 1 -19.67 4.51 -35.54
C SER H 1 -18.56 3.52 -35.85
N GLY H 2 -18.86 2.51 -36.66
CA GLY H 2 -17.85 1.59 -37.19
C GLY H 2 -17.11 0.73 -36.17
N LEU H 3 -16.00 0.15 -36.62
CA LEU H 3 -15.17 -0.72 -35.78
C LEU H 3 -14.27 0.13 -34.90
N LEU H 4 -14.08 -0.33 -33.67
CA LEU H 4 -13.22 0.34 -32.70
C LEU H 4 -11.79 0.52 -33.21
N ILE H 5 -11.25 -0.51 -33.86
CA ILE H 5 -9.87 -0.52 -34.34
C ILE H 5 -9.54 0.65 -35.30
N ASN H 6 -10.53 1.09 -36.08
CA ASN H 6 -10.35 2.21 -37.01
C ASN H 6 -10.26 3.58 -36.33
N GLN H 7 -10.72 3.66 -35.08
CA GLN H 7 -10.62 4.90 -34.29
C GLN H 7 -9.21 5.07 -33.70
N PRO H 8 -8.69 6.31 -33.70
CA PRO H 8 -7.34 6.62 -33.19
C PRO H 8 -7.13 6.25 -31.72
N LYS H 9 -8.15 6.42 -30.88
CA LYS H 9 -8.05 6.06 -29.47
C LYS H 9 -7.76 4.56 -29.23
N TYR H 10 -7.82 3.77 -30.32
CA TYR H 10 -7.58 2.32 -30.28
C TYR H 10 -6.48 1.85 -31.22
N SER H 11 -5.60 2.75 -31.65
CA SER H 11 -4.58 2.39 -32.64
C SER H 11 -3.45 1.52 -32.05
N TRP H 12 -3.43 1.40 -30.72
CA TRP H 12 -2.46 0.52 -30.05
C TRP H 12 -2.66 -0.96 -30.44
N LEU H 13 -3.89 -1.28 -30.86
CA LEU H 13 -4.24 -2.61 -31.34
C LEU H 13 -3.40 -3.01 -32.56
N LYS H 14 -2.85 -2.01 -33.26
CA LYS H 14 -2.04 -2.28 -34.45
C LYS H 14 -0.63 -2.78 -34.08
N GLU H 15 -0.21 -2.45 -32.85
CA GLU H 15 1.04 -2.96 -32.29
C GLU H 15 1.00 -4.47 -32.06
N LEU H 16 -0.20 -5.03 -31.96
CA LEU H 16 -0.38 -6.47 -31.80
C LEU H 16 -0.48 -7.16 -33.15
N GLY H 17 -0.36 -6.38 -34.23
CA GLY H 17 -0.41 -6.91 -35.59
C GLY H 17 -1.84 -7.12 -36.05
N LEU H 18 -2.78 -6.42 -35.42
CA LEU H 18 -4.20 -6.58 -35.72
C LEU H 18 -4.69 -5.52 -36.70
N SER H 19 -5.68 -5.90 -37.50
CA SER H 19 -6.22 -5.06 -38.56
C SER H 19 -7.75 -5.14 -38.53
N GLU H 20 -8.43 -4.49 -39.47
CA GLU H 20 -9.90 -4.54 -39.59
C GLU H 20 -10.38 -5.99 -39.71
N ASP H 21 -9.89 -6.68 -40.74
CA ASP H 21 -10.09 -8.12 -40.87
C ASP H 21 -8.79 -8.86 -40.54
N ASN H 22 -8.96 -10.00 -39.89
CA ASN H 22 -7.82 -10.80 -39.45
C ASN H 22 -7.97 -12.26 -39.87
N PRO H 23 -6.87 -12.86 -40.39
CA PRO H 23 -6.86 -14.29 -40.66
C PRO H 23 -6.92 -15.09 -39.37
N GLY H 24 -7.81 -16.07 -39.32
CA GLY H 24 -8.02 -16.90 -38.13
C GLY H 24 -7.33 -18.25 -38.19
N VAL H 25 -6.62 -18.51 -39.30
CA VAL H 25 -5.79 -19.70 -39.43
C VAL H 25 -4.31 -19.32 -39.51
N TYR H 26 -3.49 -20.01 -38.71
CA TYR H 26 -2.05 -20.01 -38.90
C TYR H 26 -1.48 -21.41 -38.80
N ASN H 27 -0.63 -21.76 -39.77
CA ASN H 27 0.00 -23.08 -39.81
C ASN H 27 1.37 -23.02 -40.47
N GLY H 28 2.05 -21.89 -40.26
CA GLY H 28 3.28 -21.60 -41.00
C GLY H 28 2.99 -20.49 -42.00
N SER H 29 1.73 -20.43 -42.45
CA SER H 29 1.23 -19.31 -43.24
C SER H 29 -0.18 -18.93 -42.75
N TRP H 30 -0.53 -17.67 -42.95
CA TRP H 30 -1.81 -17.14 -42.47
C TRP H 30 -2.91 -17.23 -43.51
N GLY H 31 -4.14 -17.40 -43.02
CA GLY H 31 -5.31 -17.48 -43.87
C GLY H 31 -6.60 -17.77 -43.11
N GLY H 32 -7.56 -18.34 -43.82
CA GLY H 32 -8.88 -18.64 -43.29
C GLY H 32 -9.95 -18.08 -44.20
N SER H 33 -10.95 -18.89 -44.53
CA SER H 33 -12.00 -18.47 -45.42
C SER H 33 -13.36 -19.01 -44.97
N GLY H 34 -13.46 -19.35 -43.70
CA GLY H 34 -14.73 -19.75 -43.13
C GLY H 34 -15.55 -18.54 -42.72
N GLU H 35 -16.43 -18.75 -41.75
CA GLU H 35 -17.33 -17.73 -41.24
C GLU H 35 -16.52 -16.54 -40.69
N VAL H 36 -16.96 -15.34 -41.04
CA VAL H 36 -16.37 -14.11 -40.50
C VAL H 36 -17.10 -13.76 -39.20
N ILE H 37 -16.36 -13.74 -38.09
CA ILE H 37 -16.96 -13.38 -36.82
C ILE H 37 -16.52 -11.99 -36.42
N THR H 38 -17.42 -11.26 -35.78
CA THR H 38 -17.13 -9.91 -35.30
C THR H 38 -17.04 -9.91 -33.78
N SER H 39 -15.88 -9.51 -33.28
CA SER H 39 -15.63 -9.54 -31.84
C SER H 39 -16.07 -8.23 -31.17
N TYR H 40 -16.98 -8.34 -30.21
CA TYR H 40 -17.54 -7.16 -29.54
C TYR H 40 -16.91 -6.91 -28.18
N CYS H 41 -16.75 -5.63 -27.84
CA CYS H 41 -16.29 -5.22 -26.52
C CYS H 41 -17.45 -5.24 -25.54
N PRO H 42 -17.43 -6.16 -24.56
CA PRO H 42 -18.56 -6.33 -23.63
C PRO H 42 -18.82 -5.13 -22.71
N ALA H 43 -17.93 -4.13 -22.72
CA ALA H 43 -18.07 -2.92 -21.90
C ALA H 43 -19.02 -1.87 -22.50
N ASN H 44 -19.24 -1.96 -23.81
CA ASN H 44 -20.08 -1.00 -24.54
C ASN H 44 -20.81 -1.62 -25.75
N ASN H 45 -20.64 -2.92 -25.96
CA ASN H 45 -21.26 -3.65 -27.07
C ASN H 45 -20.92 -3.10 -28.45
N GLU H 46 -19.78 -2.42 -28.53
CA GLU H 46 -19.24 -1.91 -29.79
C GLU H 46 -18.34 -2.94 -30.47
N PRO H 47 -18.43 -3.07 -31.81
CA PRO H 47 -17.58 -4.03 -32.51
C PRO H 47 -16.12 -3.57 -32.53
N ILE H 48 -15.20 -4.49 -32.26
CA ILE H 48 -13.78 -4.15 -32.23
C ILE H 48 -13.14 -4.36 -33.61
N ALA H 49 -13.23 -5.59 -34.11
CA ALA H 49 -12.70 -5.96 -35.44
C ALA H 49 -13.18 -7.37 -35.78
N ARG H 50 -12.84 -7.83 -36.98
CA ARG H 50 -13.32 -9.13 -37.44
C ARG H 50 -12.21 -10.16 -37.59
N VAL H 51 -12.57 -11.43 -37.47
CA VAL H 51 -11.64 -12.54 -37.69
C VAL H 51 -12.31 -13.56 -38.61
N THR H 52 -11.58 -13.99 -39.62
CA THR H 52 -12.07 -15.03 -40.54
C THR H 52 -11.67 -16.41 -40.03
N GLN H 53 -12.67 -17.17 -39.59
CA GLN H 53 -12.46 -18.48 -39.00
C GLN H 53 -12.10 -19.53 -40.06
N ALA H 54 -11.77 -20.72 -39.59
CA ALA H 54 -11.33 -21.80 -40.47
C ALA H 54 -12.52 -22.56 -41.01
N THR H 55 -12.36 -23.09 -42.22
CA THR H 55 -13.26 -24.10 -42.75
C THR H 55 -12.74 -25.44 -42.26
N LEU H 56 -13.57 -26.48 -42.33
CA LEU H 56 -13.10 -27.83 -42.02
C LEU H 56 -11.88 -28.19 -42.86
N ALA H 57 -11.92 -27.81 -44.14
CA ALA H 57 -10.83 -28.10 -45.08
C ALA H 57 -9.53 -27.43 -44.67
N GLU H 58 -9.65 -26.23 -44.11
CA GLU H 58 -8.50 -25.51 -43.59
C GLU H 58 -8.00 -26.10 -42.28
N TYR H 59 -8.91 -26.57 -41.43
CA TYR H 59 -8.51 -27.35 -40.25
C TYR H 59 -7.74 -28.61 -40.69
N GLU H 60 -8.35 -29.35 -41.60
CA GLU H 60 -7.77 -30.55 -42.17
C GLU H 60 -6.33 -30.34 -42.63
N GLU H 61 -6.12 -29.26 -43.39
CA GLU H 61 -4.81 -28.94 -43.93
C GLU H 61 -3.84 -28.53 -42.84
N THR H 62 -4.36 -27.88 -41.79
CA THR H 62 -3.54 -27.46 -40.67
C THR H 62 -3.01 -28.67 -39.88
N VAL H 63 -3.82 -29.71 -39.78
CA VAL H 63 -3.41 -30.92 -39.06
C VAL H 63 -2.26 -31.63 -39.76
N GLN H 64 -2.33 -31.70 -41.09
CA GLN H 64 -1.24 -32.28 -41.90
C GLN H 64 0.08 -31.50 -41.79
N LYS H 65 0.00 -30.18 -41.87
CA LYS H 65 1.18 -29.32 -41.72
C LYS H 65 1.78 -29.42 -40.31
N THR H 66 0.91 -29.56 -39.30
CA THR H 66 1.31 -29.76 -37.92
C THR H 66 2.06 -31.09 -37.71
N ARG H 67 1.45 -32.18 -38.19
CA ARG H 67 2.06 -33.51 -38.14
C ARG H 67 3.45 -33.53 -38.78
N GLU H 68 3.60 -32.79 -39.88
CA GLU H 68 4.86 -32.73 -40.61
C GLU H 68 5.92 -31.95 -39.85
N ALA H 69 5.48 -30.87 -39.20
CA ALA H 69 6.36 -30.06 -38.38
C ALA H 69 6.88 -30.85 -37.18
N TRP H 70 6.04 -31.72 -36.63
CA TRP H 70 6.42 -32.52 -35.46
C TRP H 70 7.68 -33.34 -35.70
N LYS H 71 7.79 -33.90 -36.90
CA LYS H 71 8.93 -34.73 -37.29
C LYS H 71 10.26 -34.07 -36.94
N MET H 72 10.45 -32.83 -37.38
CA MET H 72 11.70 -32.12 -37.11
C MET H 72 11.78 -31.63 -35.66
N TRP H 73 10.63 -31.25 -35.10
CA TRP H 73 10.54 -30.68 -33.76
C TRP H 73 10.87 -31.70 -32.67
N ALA H 74 10.34 -32.91 -32.81
CA ALA H 74 10.61 -34.01 -31.87
C ALA H 74 12.09 -34.42 -31.83
N ASP H 75 12.81 -34.11 -32.90
CA ASP H 75 14.26 -34.41 -33.01
C ASP H 75 15.15 -33.38 -32.29
N ILE H 76 14.54 -32.27 -31.88
CA ILE H 76 15.29 -31.23 -31.18
C ILE H 76 15.29 -31.54 -29.68
N PRO H 77 16.49 -31.66 -29.09
CA PRO H 77 16.67 -31.90 -27.66
C PRO H 77 15.78 -31.00 -26.78
N ALA H 78 15.32 -31.53 -25.64
CA ALA H 78 14.41 -30.79 -24.77
C ALA H 78 14.96 -29.44 -24.26
N PRO H 79 16.23 -29.39 -23.81
CA PRO H 79 16.75 -28.08 -23.39
C PRO H 79 16.75 -27.05 -24.51
N LYS H 80 16.98 -27.50 -25.74
CA LYS H 80 16.94 -26.61 -26.91
C LYS H 80 15.51 -26.17 -27.25
N ARG H 81 14.53 -27.03 -26.97
CA ARG H 81 13.12 -26.64 -27.08
C ARG H 81 12.79 -25.59 -26.02
N GLY H 82 13.40 -25.75 -24.83
CA GLY H 82 13.21 -24.83 -23.72
C GLY H 82 13.71 -23.43 -24.06
N GLU H 83 14.78 -23.38 -24.85
CA GLU H 83 15.32 -22.13 -25.38
C GLU H 83 14.29 -21.39 -26.23
N ILE H 84 13.53 -22.14 -27.03
CA ILE H 84 12.40 -21.56 -27.78
C ILE H 84 11.35 -21.04 -26.79
N VAL H 85 10.98 -21.87 -25.81
CA VAL H 85 9.97 -21.48 -24.83
C VAL H 85 10.38 -20.23 -24.05
N ARG H 86 11.67 -20.14 -23.71
CA ARG H 86 12.24 -18.95 -23.07
C ARG H 86 11.98 -17.68 -23.89
N GLN H 87 12.22 -17.78 -25.20
CA GLN H 87 12.07 -16.64 -26.10
C GLN H 87 10.62 -16.23 -26.27
N ILE H 88 9.70 -17.20 -26.29
CA ILE H 88 8.28 -16.92 -26.28
C ILE H 88 7.94 -16.10 -25.02
N GLY H 89 8.51 -16.50 -23.89
CA GLY H 89 8.31 -15.78 -22.64
C GLY H 89 8.75 -14.34 -22.75
N ASP H 90 9.90 -14.12 -23.40
CA ASP H 90 10.44 -12.78 -23.57
C ASP H 90 9.66 -11.94 -24.56
N ALA H 91 9.25 -12.56 -25.67
CA ALA H 91 8.46 -11.87 -26.69
C ALA H 91 7.15 -11.38 -26.07
N LEU H 92 6.55 -12.21 -25.20
CA LEU H 92 5.34 -11.86 -24.47
C LEU H 92 5.57 -10.70 -23.51
N ARG H 93 6.70 -10.75 -22.82
CA ARG H 93 7.11 -9.73 -21.86
C ARG H 93 7.16 -8.33 -22.51
N LYS H 94 7.69 -8.27 -23.73
CA LYS H 94 7.75 -7.03 -24.50
C LYS H 94 6.38 -6.45 -24.81
N LYS H 95 5.40 -7.32 -25.05
CA LYS H 95 4.04 -6.89 -25.44
C LYS H 95 3.02 -6.97 -24.30
N ILE H 96 3.49 -7.10 -23.06
CA ILE H 96 2.61 -7.37 -21.92
C ILE H 96 1.46 -6.36 -21.73
N LYS H 97 1.76 -5.07 -21.87
CA LYS H 97 0.77 -3.99 -21.67
C LYS H 97 -0.34 -4.01 -22.71
N VAL H 98 0.04 -3.99 -23.99
CA VAL H 98 -0.94 -4.00 -25.09
C VAL H 98 -1.74 -5.30 -25.19
N LEU H 99 -1.09 -6.43 -24.93
CA LEU H 99 -1.79 -7.72 -24.91
C LEU H 99 -2.75 -7.79 -23.72
N GLY H 100 -2.30 -7.32 -22.56
CA GLY H 100 -3.16 -7.22 -21.38
C GLY H 100 -4.38 -6.36 -21.69
N SER H 101 -4.14 -5.24 -22.36
CA SER H 101 -5.19 -4.31 -22.77
C SER H 101 -6.20 -4.96 -23.71
N LEU H 102 -5.72 -5.74 -24.67
CA LEU H 102 -6.61 -6.49 -25.56
C LEU H 102 -7.49 -7.49 -24.80
N VAL H 103 -6.90 -8.22 -23.85
CA VAL H 103 -7.68 -9.16 -23.03
C VAL H 103 -8.81 -8.40 -22.34
N SER H 104 -8.44 -7.28 -21.70
CA SER H 104 -9.39 -6.41 -21.01
C SER H 104 -10.51 -5.91 -21.94
N LEU H 105 -10.14 -5.51 -23.15
CA LEU H 105 -11.08 -4.98 -24.14
C LEU H 105 -12.02 -6.05 -24.72
N GLU H 106 -11.46 -7.22 -25.04
CA GLU H 106 -12.21 -8.28 -25.72
C GLU H 106 -12.94 -9.24 -24.76
N MET H 107 -12.35 -9.52 -23.60
CA MET H 107 -12.98 -10.43 -22.65
C MET H 107 -13.83 -9.67 -21.62
N GLY H 108 -13.30 -8.55 -21.13
CA GLY H 108 -14.04 -7.69 -20.22
C GLY H 108 -13.49 -7.56 -18.82
N LYS H 109 -12.40 -8.29 -18.53
CA LYS H 109 -11.78 -8.23 -17.20
C LYS H 109 -10.93 -6.96 -17.07
N ILE H 110 -10.71 -6.50 -15.83
CA ILE H 110 -9.98 -5.25 -15.62
C ILE H 110 -8.54 -5.33 -16.11
N TYR H 111 -8.02 -4.18 -16.54
CA TYR H 111 -6.67 -4.08 -17.11
C TYR H 111 -5.60 -4.83 -16.32
N VAL H 112 -5.53 -4.57 -15.01
CA VAL H 112 -4.46 -5.17 -14.19
C VAL H 112 -4.53 -6.71 -14.24
N GLU H 113 -5.73 -7.26 -14.34
CA GLU H 113 -5.92 -8.71 -14.46
C GLU H 113 -5.60 -9.22 -15.86
N GLY H 114 -5.79 -8.37 -16.86
CA GLY H 114 -5.39 -8.69 -18.23
C GLY H 114 -3.89 -8.86 -18.30
N VAL H 115 -3.18 -7.92 -17.67
CA VAL H 115 -1.72 -7.97 -17.54
C VAL H 115 -1.28 -9.20 -16.74
N GLY H 116 -1.97 -9.46 -15.61
CA GLY H 116 -1.69 -10.64 -14.78
C GLY H 116 -1.79 -11.95 -15.53
N GLU H 117 -2.76 -12.04 -16.42
CA GLU H 117 -2.94 -13.22 -17.25
C GLU H 117 -1.74 -13.44 -18.18
N VAL H 118 -1.25 -12.36 -18.77
CA VAL H 118 -0.09 -12.43 -19.65
C VAL H 118 1.13 -12.88 -18.85
N GLN H 119 1.24 -12.36 -17.63
CA GLN H 119 2.31 -12.74 -16.70
C GLN H 119 2.32 -14.25 -16.41
N GLU H 120 1.13 -14.85 -16.26
CA GLU H 120 0.99 -16.30 -16.06
C GLU H 120 1.68 -17.08 -17.16
N TYR H 121 1.50 -16.65 -18.40
CA TYR H 121 2.12 -17.28 -19.56
C TYR H 121 3.63 -17.10 -19.48
N VAL H 122 4.06 -15.87 -19.22
CA VAL H 122 5.48 -15.53 -19.06
C VAL H 122 6.14 -16.41 -17.98
N ASP H 123 5.53 -16.46 -16.81
CA ASP H 123 6.07 -17.21 -15.68
C ASP H 123 6.11 -18.73 -15.92
N VAL H 124 5.08 -19.26 -16.58
CA VAL H 124 5.07 -20.69 -16.91
C VAL H 124 6.11 -21.03 -17.99
N CYS H 125 6.45 -20.06 -18.85
CA CYS H 125 7.54 -20.27 -19.80
C CYS H 125 8.85 -20.50 -19.07
N ASP H 126 9.17 -19.62 -18.12
CA ASP H 126 10.41 -19.72 -17.36
C ASP H 126 10.48 -21.01 -16.57
N TYR H 127 9.32 -21.41 -16.02
CA TYR H 127 9.19 -22.70 -15.33
C TYR H 127 9.51 -23.85 -16.28
N ALA H 128 8.98 -23.78 -17.50
CA ALA H 128 9.17 -24.80 -18.51
C ALA H 128 10.64 -24.91 -18.93
N VAL H 129 11.36 -23.79 -18.88
CA VAL H 129 12.79 -23.78 -19.19
C VAL H 129 13.54 -24.69 -18.22
N GLY H 130 13.15 -24.61 -16.94
CA GLY H 130 13.68 -25.48 -15.88
C GLY H 130 13.36 -26.94 -16.17
N LEU H 131 12.11 -27.20 -16.54
CA LEU H 131 11.66 -28.55 -16.84
C LEU H 131 12.36 -29.18 -18.04
N SER H 132 12.75 -28.35 -19.01
CA SER H 132 13.37 -28.83 -20.25
C SER H 132 14.69 -29.56 -20.00
N ARG H 133 15.25 -29.40 -18.80
CA ARG H 133 16.47 -30.10 -18.45
C ARG H 133 16.21 -31.17 -17.39
N MET H 134 14.93 -31.40 -17.11
CA MET H 134 14.53 -32.27 -15.98
C MET H 134 13.59 -33.42 -16.34
N ILE H 135 12.66 -33.19 -17.27
CA ILE H 135 11.65 -34.18 -17.61
C ILE H 135 12.23 -35.58 -17.93
N GLY H 136 11.58 -36.60 -17.41
CA GLY H 136 12.02 -37.98 -17.59
C GLY H 136 11.60 -38.88 -16.44
N GLY H 137 11.95 -40.15 -16.55
CA GLY H 137 11.63 -41.12 -15.51
C GLY H 137 12.87 -41.66 -14.82
N PRO H 138 12.67 -42.52 -13.82
CA PRO H 138 13.81 -43.11 -13.11
C PRO H 138 14.56 -44.19 -13.89
N VAL H 139 15.87 -44.29 -13.64
CA VAL H 139 16.62 -45.50 -13.95
C VAL H 139 16.36 -46.46 -12.79
N LEU H 140 15.92 -47.66 -13.12
CA LEU H 140 15.49 -48.61 -12.11
C LEU H 140 16.40 -49.81 -12.07
N PRO H 141 16.61 -50.41 -10.88
CA PRO H 141 17.46 -51.61 -10.81
C PRO H 141 16.67 -52.84 -11.22
N SER H 142 17.11 -53.48 -12.31
CA SER H 142 16.47 -54.69 -12.77
C SER H 142 16.81 -55.87 -11.86
N GLU H 143 15.89 -56.82 -11.78
CA GLU H 143 16.10 -58.06 -11.03
C GLU H 143 16.92 -59.08 -11.83
N ARG H 144 17.15 -58.78 -13.10
CA ARG H 144 17.88 -59.68 -14.01
C ARG H 144 19.33 -59.22 -14.16
N PRO H 145 20.28 -60.14 -13.94
CA PRO H 145 21.70 -59.79 -14.08
C PRO H 145 21.98 -59.37 -15.50
N GLY H 146 22.83 -58.36 -15.67
CA GLY H 146 23.18 -57.82 -16.98
C GLY H 146 22.01 -57.29 -17.79
N HIS H 147 21.04 -56.68 -17.09
CA HIS H 147 19.89 -56.03 -17.70
C HIS H 147 19.74 -54.60 -17.16
N ALA H 148 19.59 -53.63 -18.05
CA ALA H 148 19.26 -52.27 -17.64
C ALA H 148 17.76 -52.06 -17.73
N LEU H 149 17.22 -51.32 -16.78
CA LEU H 149 15.78 -51.01 -16.76
C LEU H 149 15.60 -49.51 -16.57
N ILE H 150 14.98 -48.87 -17.56
CA ILE H 150 14.76 -47.42 -17.52
C ILE H 150 13.31 -47.04 -17.90
N GLU H 151 12.82 -45.95 -17.30
CA GLU H 151 11.55 -45.38 -17.69
C GLU H 151 11.80 -44.21 -18.64
N GLN H 152 11.25 -44.32 -19.85
CA GLN H 152 11.40 -43.31 -20.88
C GLN H 152 10.13 -42.51 -21.10
N TRP H 153 10.27 -41.20 -21.27
CA TRP H 153 9.15 -40.36 -21.63
C TRP H 153 9.36 -39.72 -23.01
N ASN H 154 8.31 -39.74 -23.83
CA ASN H 154 8.38 -39.25 -25.19
C ASN H 154 7.15 -38.45 -25.55
N PRO H 155 7.27 -37.50 -26.49
CA PRO H 155 6.13 -36.69 -26.91
C PRO H 155 4.95 -37.57 -27.35
N VAL H 156 3.74 -37.12 -27.05
CA VAL H 156 2.56 -37.83 -27.54
C VAL H 156 2.35 -37.54 -29.02
N GLY H 157 2.84 -36.39 -29.46
CA GLY H 157 2.70 -35.97 -30.86
C GLY H 157 2.09 -34.58 -30.99
N LEU H 158 0.84 -34.54 -31.45
CA LEU H 158 0.12 -33.27 -31.59
C LEU H 158 -0.86 -33.09 -30.43
N VAL H 159 -0.77 -31.92 -29.80
CA VAL H 159 -1.68 -31.55 -28.70
C VAL H 159 -2.72 -30.53 -29.20
N GLY H 160 -3.97 -30.97 -29.27
CA GLY H 160 -5.07 -30.08 -29.59
C GLY H 160 -5.45 -29.33 -28.32
N ILE H 161 -5.62 -28.02 -28.43
CA ILE H 161 -5.99 -27.20 -27.26
C ILE H 161 -7.24 -26.37 -27.52
N ILE H 162 -8.29 -26.66 -26.77
CA ILE H 162 -9.54 -25.94 -26.86
C ILE H 162 -9.71 -25.18 -25.57
N THR H 163 -9.84 -23.86 -25.66
CA THR H 163 -9.84 -23.00 -24.48
C THR H 163 -11.17 -22.25 -24.27
N ALA H 164 -11.38 -21.80 -23.02
CA ALA H 164 -12.56 -21.01 -22.65
C ALA H 164 -12.37 -19.52 -22.94
N PHE H 165 -13.44 -18.74 -22.79
CA PHE H 165 -13.38 -17.31 -23.05
C PHE H 165 -12.71 -16.53 -21.91
N ASN H 166 -12.87 -17.01 -20.68
CA ASN H 166 -12.55 -16.19 -19.51
C ASN H 166 -11.06 -15.97 -19.27
N PHE H 167 -10.24 -16.92 -19.70
CA PHE H 167 -8.78 -16.76 -19.68
C PHE H 167 -8.21 -17.06 -21.06
N PRO H 168 -8.36 -16.12 -22.00
CA PRO H 168 -8.02 -16.36 -23.42
C PRO H 168 -6.52 -16.46 -23.72
N VAL H 169 -5.67 -15.98 -22.81
CA VAL H 169 -4.21 -16.07 -22.98
C VAL H 169 -3.61 -17.19 -22.11
N ALA H 170 -3.88 -17.16 -20.81
CA ALA H 170 -3.17 -18.02 -19.84
C ALA H 170 -3.38 -19.51 -20.03
N VAL H 171 -4.62 -19.92 -20.28
CA VAL H 171 -4.94 -21.34 -20.42
C VAL H 171 -4.14 -21.94 -21.59
N TYR H 172 -4.19 -21.28 -22.75
CA TYR H 172 -3.33 -21.69 -23.86
C TYR H 172 -1.87 -21.75 -23.45
N GLY H 173 -1.41 -20.68 -22.78
CA GLY H 173 -0.04 -20.57 -22.32
C GLY H 173 0.43 -21.72 -21.46
N TRP H 174 -0.35 -22.03 -20.42
CA TRP H 174 -0.08 -23.14 -19.51
C TRP H 174 0.11 -24.45 -20.29
N ASN H 175 -0.70 -24.64 -21.32
CA ASN H 175 -0.60 -25.81 -22.17
C ASN H 175 0.57 -25.73 -23.16
N ASN H 176 0.71 -24.57 -23.81
CA ASN H 176 1.72 -24.34 -24.82
C ASN H 176 3.13 -24.58 -24.32
N ALA H 177 3.47 -23.90 -23.23
CA ALA H 177 4.81 -23.96 -22.64
C ALA H 177 5.21 -25.38 -22.28
N ILE H 178 4.30 -26.10 -21.64
CA ILE H 178 4.57 -27.48 -21.24
C ILE H 178 4.63 -28.44 -22.44
N ALA H 179 3.63 -28.39 -23.32
CA ALA H 179 3.59 -29.27 -24.49
C ALA H 179 4.81 -29.10 -25.40
N LEU H 180 5.17 -27.85 -25.67
CA LEU H 180 6.35 -27.53 -26.45
C LEU H 180 7.63 -28.09 -25.82
N THR H 181 7.81 -27.83 -24.53
CA THR H 181 8.94 -28.36 -23.77
C THR H 181 9.02 -29.87 -23.88
N CYS H 182 7.86 -30.51 -23.99
CA CYS H 182 7.78 -31.97 -24.04
C CYS H 182 7.85 -32.53 -25.45
N GLY H 183 8.19 -31.70 -26.43
CA GLY H 183 8.40 -32.15 -27.81
C GLY H 183 7.15 -32.41 -28.62
N ASN H 184 6.05 -31.78 -28.21
CA ASN H 184 4.80 -31.87 -28.93
C ASN H 184 4.60 -30.64 -29.81
N VAL H 185 3.71 -30.78 -30.78
CA VAL H 185 3.25 -29.63 -31.55
C VAL H 185 1.81 -29.33 -31.17
N CYS H 186 1.44 -28.06 -31.19
CA CYS H 186 0.13 -27.60 -30.73
C CYS H 186 -0.80 -27.18 -31.86
N LEU H 187 -2.09 -27.42 -31.68
CA LEU H 187 -3.13 -26.80 -32.50
C LEU H 187 -4.15 -26.14 -31.59
N TRP H 188 -4.37 -24.84 -31.81
CA TRP H 188 -5.19 -24.04 -30.90
C TRP H 188 -6.51 -23.56 -31.48
N LYS H 189 -7.61 -23.94 -30.84
CA LYS H 189 -8.91 -23.36 -31.14
C LYS H 189 -9.41 -22.64 -29.89
N GLY H 190 -9.24 -21.32 -29.89
CA GLY H 190 -9.73 -20.48 -28.80
C GLY H 190 -11.23 -20.28 -28.84
N ALA H 191 -11.76 -19.68 -27.77
CA ALA H 191 -13.18 -19.39 -27.65
C ALA H 191 -13.62 -18.47 -28.79
N PRO H 192 -14.81 -18.75 -29.38
CA PRO H 192 -15.31 -17.99 -30.55
C PRO H 192 -15.40 -16.48 -30.29
N THR H 193 -15.64 -16.12 -29.03
CA THR H 193 -15.84 -14.73 -28.62
C THR H 193 -14.54 -13.96 -28.33
N THR H 194 -13.39 -14.66 -28.33
CA THR H 194 -12.10 -14.00 -28.13
C THR H 194 -11.05 -14.28 -29.24
N PRO H 195 -11.48 -14.26 -30.52
CA PRO H 195 -10.53 -14.63 -31.57
C PRO H 195 -9.38 -13.64 -31.75
N LEU H 196 -9.62 -12.36 -31.46
CA LEU H 196 -8.59 -11.35 -31.59
C LEU H 196 -7.39 -11.63 -30.66
N THR H 197 -7.68 -12.02 -29.42
CA THR H 197 -6.66 -12.43 -28.45
C THR H 197 -5.94 -13.67 -28.95
N SER H 198 -6.69 -14.60 -29.53
CA SER H 198 -6.10 -15.82 -30.06
C SER H 198 -5.06 -15.45 -31.11
N VAL H 199 -5.49 -14.64 -32.09
CA VAL H 199 -4.64 -14.18 -33.18
C VAL H 199 -3.42 -13.41 -32.68
N ALA H 200 -3.66 -12.48 -31.75
CA ALA H 200 -2.57 -11.67 -31.19
C ALA H 200 -1.46 -12.54 -30.58
N VAL H 201 -1.88 -13.53 -29.78
CA VAL H 201 -0.95 -14.47 -29.14
C VAL H 201 -0.23 -15.27 -30.20
N THR H 202 -0.99 -15.88 -31.11
CA THR H 202 -0.43 -16.66 -32.20
C THR H 202 0.60 -15.84 -32.98
N LYS H 203 0.30 -14.57 -33.23
CA LYS H 203 1.25 -13.67 -33.90
C LYS H 203 2.58 -13.59 -33.15
N ILE H 204 2.50 -13.36 -31.84
CA ILE H 204 3.69 -13.28 -31.00
C ILE H 204 4.52 -14.56 -31.05
N VAL H 205 3.85 -15.71 -30.90
CA VAL H 205 4.51 -17.01 -30.94
C VAL H 205 5.09 -17.31 -32.32
N ALA H 206 4.28 -17.06 -33.36
CA ALA H 206 4.70 -17.29 -34.76
C ALA H 206 6.00 -16.57 -35.11
N GLU H 207 6.12 -15.31 -34.69
CA GLU H 207 7.32 -14.52 -34.94
C GLU H 207 8.58 -15.19 -34.34
N VAL H 208 8.48 -15.65 -33.09
CA VAL H 208 9.59 -16.31 -32.41
C VAL H 208 10.01 -17.59 -33.15
N LEU H 209 9.03 -18.39 -33.55
CA LEU H 209 9.31 -19.61 -34.31
C LEU H 209 10.03 -19.29 -35.61
N GLU H 210 9.54 -18.26 -36.31
CA GLU H 210 10.12 -17.81 -37.57
C GLU H 210 11.53 -17.19 -37.43
N GLN H 211 11.74 -16.38 -36.39
CA GLN H 211 13.09 -15.90 -36.05
C GLN H 211 14.10 -17.07 -35.96
N ASN H 212 13.64 -18.19 -35.42
CA ASN H 212 14.47 -19.36 -35.17
C ASN H 212 14.45 -20.39 -36.30
N ASN H 213 13.94 -19.98 -37.47
CA ASN H 213 13.81 -20.86 -38.65
C ASN H 213 13.18 -22.23 -38.34
N LEU H 214 12.07 -22.18 -37.59
CA LEU H 214 11.31 -23.38 -37.27
C LEU H 214 9.98 -23.32 -38.01
N PRO H 215 9.43 -24.48 -38.43
CA PRO H 215 8.14 -24.47 -39.09
C PRO H 215 7.07 -23.91 -38.16
N GLY H 216 6.32 -22.93 -38.66
CA GLY H 216 5.32 -22.23 -37.85
C GLY H 216 4.23 -23.13 -37.33
N ALA H 217 4.02 -24.26 -38.00
CA ALA H 217 2.97 -25.23 -37.66
C ALA H 217 3.17 -25.91 -36.31
N ILE H 218 4.33 -25.70 -35.70
CA ILE H 218 4.60 -26.19 -34.35
C ILE H 218 3.58 -25.60 -33.36
N CYS H 219 3.14 -24.38 -33.61
CA CYS H 219 2.10 -23.74 -32.82
C CYS H 219 0.99 -23.21 -33.73
N SER H 220 0.20 -24.13 -34.27
CA SER H 220 -0.90 -23.80 -35.17
C SER H 220 -2.11 -23.28 -34.44
N MET H 221 -2.91 -22.49 -35.17
CA MET H 221 -4.18 -21.96 -34.67
C MET H 221 -5.26 -22.05 -35.76
N THR H 222 -6.44 -22.54 -35.38
CA THR H 222 -7.62 -22.51 -36.24
C THR H 222 -8.82 -22.04 -35.42
N CYS H 223 -9.24 -20.79 -35.61
CA CYS H 223 -10.40 -20.25 -34.88
C CYS H 223 -11.70 -20.82 -35.41
N GLY H 224 -12.68 -20.98 -34.50
CA GLY H 224 -13.98 -21.52 -34.88
C GLY H 224 -14.84 -21.95 -33.69
N GLY H 225 -16.03 -22.44 -33.99
CA GLY H 225 -16.98 -22.88 -32.97
C GLY H 225 -16.93 -24.36 -32.67
N ALA H 226 -18.07 -24.90 -32.22
CA ALA H 226 -18.22 -26.32 -31.92
C ALA H 226 -17.81 -27.13 -33.16
N ASP H 227 -18.23 -26.63 -34.30
CA ASP H 227 -17.77 -27.04 -35.61
C ASP H 227 -16.37 -27.67 -35.58
N ILE H 228 -15.34 -26.82 -35.46
CA ILE H 228 -13.94 -27.26 -35.46
C ILE H 228 -13.63 -28.07 -34.21
N GLY H 229 -14.10 -27.58 -33.06
CA GLY H 229 -13.90 -28.26 -31.78
C GLY H 229 -14.27 -29.75 -31.76
N THR H 230 -15.39 -30.08 -32.38
CA THR H 230 -15.83 -31.46 -32.51
C THR H 230 -14.86 -32.26 -33.39
N ALA H 231 -14.42 -31.65 -34.50
CA ALA H 231 -13.51 -32.30 -35.43
C ALA H 231 -12.24 -32.73 -34.72
N MET H 232 -11.72 -31.83 -33.87
CA MET H 232 -10.55 -32.13 -33.04
C MET H 232 -10.81 -33.32 -32.10
N ALA H 233 -11.95 -33.29 -31.41
CA ALA H 233 -12.36 -34.32 -30.46
C ALA H 233 -12.44 -35.70 -31.11
N LYS H 234 -12.84 -35.73 -32.38
CA LYS H 234 -13.00 -36.96 -33.14
C LYS H 234 -11.74 -37.37 -33.92
N ASP H 235 -10.80 -36.43 -34.10
CA ASP H 235 -9.62 -36.63 -34.94
C ASP H 235 -8.57 -37.54 -34.29
N GLU H 236 -8.33 -38.69 -34.93
CA GLU H 236 -7.33 -39.67 -34.46
C GLU H 236 -5.89 -39.13 -34.51
N ARG H 237 -5.70 -38.08 -35.31
CA ARG H 237 -4.38 -37.44 -35.45
C ARG H 237 -4.08 -36.49 -34.29
N VAL H 238 -5.12 -36.11 -33.55
CA VAL H 238 -4.93 -35.39 -32.29
C VAL H 238 -4.58 -36.39 -31.19
N ASP H 239 -3.33 -36.39 -30.77
CA ASP H 239 -2.81 -37.36 -29.81
C ASP H 239 -3.26 -37.09 -28.38
N LEU H 240 -3.38 -35.81 -28.05
CA LEU H 240 -3.92 -35.37 -26.77
C LEU H 240 -4.82 -34.16 -26.98
N LEU H 241 -6.05 -34.25 -26.47
CA LEU H 241 -6.92 -33.09 -26.48
C LEU H 241 -7.03 -32.50 -25.09
N SER H 242 -6.54 -31.27 -24.97
CA SER H 242 -6.69 -30.50 -23.74
C SER H 242 -7.92 -29.64 -23.91
N PHE H 243 -8.90 -29.83 -23.03
CA PHE H 243 -10.13 -29.05 -23.09
C PHE H 243 -10.34 -28.27 -21.79
N THR H 244 -10.46 -26.95 -21.96
CA THR H 244 -10.85 -26.06 -20.89
C THR H 244 -12.20 -25.44 -21.28
N GLY H 245 -13.21 -25.66 -20.45
CA GLY H 245 -14.54 -25.13 -20.73
C GLY H 245 -15.61 -25.66 -19.80
N SER H 246 -16.87 -25.48 -20.18
CA SER H 246 -18.00 -25.94 -19.40
C SER H 246 -17.99 -27.46 -19.25
N THR H 247 -18.50 -27.92 -18.11
CA THR H 247 -18.57 -29.34 -17.83
C THR H 247 -19.57 -30.09 -18.75
N HIS H 248 -20.58 -29.37 -19.24
CA HIS H 248 -21.52 -29.87 -20.24
C HIS H 248 -20.86 -30.16 -21.59
N VAL H 249 -20.09 -29.20 -22.09
CA VAL H 249 -19.41 -29.39 -23.36
C VAL H 249 -18.27 -30.39 -23.19
N GLY H 250 -17.56 -30.28 -22.07
CA GLY H 250 -16.44 -31.17 -21.76
C GLY H 250 -16.79 -32.63 -21.88
N LYS H 251 -17.96 -32.99 -21.35
CA LYS H 251 -18.50 -34.35 -21.42
C LYS H 251 -18.65 -34.86 -22.86
N MET H 252 -19.27 -34.07 -23.73
CA MET H 252 -19.42 -34.42 -25.14
C MET H 252 -18.08 -34.71 -25.77
N VAL H 253 -17.12 -33.82 -25.53
CA VAL H 253 -15.76 -33.94 -26.03
C VAL H 253 -15.04 -35.18 -25.47
N ALA H 254 -15.10 -35.34 -24.15
CA ALA H 254 -14.54 -36.50 -23.45
C ALA H 254 -15.02 -37.82 -24.06
N MET H 255 -16.35 -37.95 -24.21
CA MET H 255 -16.98 -39.15 -24.75
C MET H 255 -16.50 -39.46 -26.15
N MET H 256 -16.32 -38.40 -26.96
CA MET H 256 -15.79 -38.52 -28.33
C MET H 256 -14.34 -38.98 -28.35
N VAL H 257 -13.52 -38.41 -27.46
CA VAL H 257 -12.10 -38.76 -27.36
C VAL H 257 -11.95 -40.18 -26.82
N GLN H 258 -12.78 -40.54 -25.85
CA GLN H 258 -12.76 -41.88 -25.26
C GLN H 258 -13.09 -42.93 -26.33
N GLU H 259 -14.07 -42.61 -27.15
CA GLU H 259 -14.55 -43.46 -28.23
C GLU H 259 -13.41 -43.94 -29.13
N ARG H 260 -12.45 -43.06 -29.40
CA ARG H 260 -11.32 -43.36 -30.29
C ARG H 260 -10.01 -43.64 -29.55
N PHE H 261 -10.10 -43.92 -28.25
CA PHE H 261 -8.93 -44.19 -27.40
C PHE H 261 -7.84 -43.10 -27.44
N GLY H 262 -8.24 -41.84 -27.57
CA GLY H 262 -7.29 -40.73 -27.53
C GLY H 262 -7.00 -40.35 -26.10
N ARG H 263 -5.96 -39.54 -25.88
CA ARG H 263 -5.66 -39.00 -24.55
C ARG H 263 -6.41 -37.69 -24.37
N LYS H 264 -6.92 -37.46 -23.17
CA LYS H 264 -7.62 -36.20 -22.87
C LYS H 264 -7.16 -35.55 -21.57
N LEU H 265 -7.22 -34.22 -21.55
CA LEU H 265 -6.95 -33.45 -20.35
C LEU H 265 -8.15 -32.53 -20.15
N LEU H 266 -8.91 -32.77 -19.09
CA LEU H 266 -10.18 -32.07 -18.87
C LEU H 266 -10.10 -31.06 -17.72
N GLU H 267 -10.42 -29.82 -18.06
CA GLU H 267 -10.40 -28.71 -17.10
C GLU H 267 -11.76 -28.04 -17.17
N LEU H 268 -12.69 -28.57 -16.40
CA LEU H 268 -14.10 -28.21 -16.55
C LEU H 268 -14.65 -27.29 -15.44
N GLY H 269 -15.94 -27.42 -15.13
CA GLY H 269 -16.61 -26.50 -14.22
C GLY H 269 -16.23 -26.58 -12.75
N GLY H 270 -16.56 -25.52 -12.01
CA GLY H 270 -16.34 -25.50 -10.57
C GLY H 270 -17.58 -25.00 -9.85
N ASN H 271 -17.71 -25.38 -8.58
CA ASN H 271 -18.74 -24.85 -7.70
C ASN H 271 -18.08 -24.62 -6.34
N ASN H 272 -17.17 -23.66 -6.31
CA ASN H 272 -16.17 -23.54 -5.27
C ASN H 272 -16.67 -22.94 -3.96
N ALA H 273 -16.33 -23.59 -2.85
CA ALA H 273 -16.84 -23.21 -1.55
C ALA H 273 -15.78 -22.65 -0.62
N ILE H 274 -16.12 -21.57 0.07
CA ILE H 274 -15.34 -21.06 1.20
C ILE H 274 -16.10 -21.39 2.48
N ILE H 275 -15.44 -22.06 3.42
CA ILE H 275 -16.06 -22.43 4.68
C ILE H 275 -15.42 -21.65 5.82
N VAL H 276 -16.24 -20.84 6.49
CA VAL H 276 -15.75 -19.98 7.56
C VAL H 276 -16.19 -20.54 8.92
N PHE H 277 -15.20 -20.92 9.72
CA PHE H 277 -15.46 -21.46 11.04
C PHE H 277 -15.48 -20.36 12.11
N GLU H 278 -15.92 -20.76 13.32
CA GLU H 278 -16.11 -19.83 14.42
C GLU H 278 -14.82 -19.09 14.78
N ASP H 279 -13.69 -19.79 14.74
CA ASP H 279 -12.40 -19.24 15.17
C ASP H 279 -11.63 -18.55 14.05
N ALA H 280 -12.28 -18.33 12.91
CA ALA H 280 -11.63 -17.67 11.78
C ALA H 280 -11.29 -16.21 12.07
N ASP H 281 -10.21 -15.72 11.47
CA ASP H 281 -9.90 -14.30 11.49
C ASP H 281 -10.84 -13.61 10.51
N LEU H 282 -11.82 -12.91 11.06
CA LEU H 282 -12.86 -12.27 10.25
C LEU H 282 -12.33 -11.11 9.41
N ASN H 283 -11.26 -10.46 9.89
CA ASN H 283 -10.61 -9.38 9.15
C ASN H 283 -9.91 -9.89 7.89
N LEU H 284 -9.60 -11.19 7.89
CA LEU H 284 -9.05 -11.88 6.72
C LEU H 284 -10.17 -12.42 5.84
N VAL H 285 -11.19 -13.00 6.47
CA VAL H 285 -12.32 -13.60 5.77
C VAL H 285 -13.02 -12.61 4.84
N VAL H 286 -13.45 -11.47 5.40
CA VAL H 286 -14.26 -10.50 4.67
C VAL H 286 -13.62 -10.04 3.34
N PRO H 287 -12.37 -9.52 3.37
CA PRO H 287 -11.79 -9.08 2.09
C PRO H 287 -11.51 -10.24 1.13
N SER H 288 -11.13 -11.39 1.69
CA SER H 288 -10.91 -12.60 0.91
C SER H 288 -12.18 -12.99 0.14
N ALA H 289 -13.27 -13.15 0.88
CA ALA H 289 -14.57 -13.48 0.31
C ALA H 289 -15.01 -12.50 -0.80
N VAL H 290 -14.89 -11.20 -0.53
CA VAL H 290 -15.31 -10.17 -1.48
C VAL H 290 -14.57 -10.35 -2.80
N PHE H 291 -13.24 -10.29 -2.74
CA PHE H 291 -12.43 -10.32 -3.96
C PHE H 291 -12.53 -11.63 -4.72
N ALA H 292 -12.67 -12.73 -3.98
CA ALA H 292 -12.82 -14.06 -4.61
C ALA H 292 -14.14 -14.23 -5.35
N SER H 293 -15.17 -13.52 -4.87
CA SER H 293 -16.52 -13.62 -5.44
C SER H 293 -16.69 -12.63 -6.58
N VAL H 294 -16.19 -11.43 -6.35
CA VAL H 294 -16.45 -10.28 -7.20
C VAL H 294 -15.45 -10.17 -8.35
N GLY H 295 -14.23 -10.65 -8.13
CA GLY H 295 -13.17 -10.61 -9.13
C GLY H 295 -13.61 -11.17 -10.46
N THR H 296 -13.14 -10.54 -11.55
CA THR H 296 -13.43 -10.95 -12.93
C THR H 296 -14.96 -11.04 -13.18
N ALA H 297 -15.72 -10.31 -12.36
CA ALA H 297 -17.18 -10.31 -12.41
C ALA H 297 -17.75 -11.71 -12.23
N GLY H 298 -17.10 -12.49 -11.36
CA GLY H 298 -17.58 -13.84 -11.03
C GLY H 298 -17.35 -14.85 -12.13
N GLN H 299 -16.39 -14.56 -13.01
CA GLN H 299 -16.16 -15.39 -14.19
C GLN H 299 -14.80 -16.11 -14.22
N ARG H 300 -14.24 -16.45 -13.05
CA ARG H 300 -13.11 -17.38 -13.01
C ARG H 300 -13.69 -18.74 -12.70
N CYS H 301 -13.10 -19.80 -13.23
CA CYS H 301 -13.53 -21.15 -12.86
C CYS H 301 -13.33 -21.42 -11.38
N THR H 302 -12.44 -20.65 -10.75
CA THR H 302 -12.14 -20.80 -9.34
C THR H 302 -12.95 -19.86 -8.44
N THR H 303 -13.81 -19.03 -9.04
CA THR H 303 -14.62 -18.04 -8.28
C THR H 303 -15.42 -18.71 -7.16
N THR H 304 -15.46 -18.07 -5.98
CA THR H 304 -16.28 -18.57 -4.88
C THR H 304 -17.75 -18.48 -5.30
N ARG H 305 -18.45 -19.62 -5.22
CA ARG H 305 -19.87 -19.67 -5.55
C ARG H 305 -20.68 -19.93 -4.29
N ARG H 306 -20.07 -20.63 -3.34
CA ARG H 306 -20.72 -21.02 -2.10
C ARG H 306 -19.90 -20.53 -0.91
N LEU H 307 -20.52 -19.72 -0.06
CA LEU H 307 -19.87 -19.24 1.16
C LEU H 307 -20.61 -19.78 2.36
N MET H 308 -19.96 -20.69 3.08
CA MET H 308 -20.56 -21.34 4.22
C MET H 308 -20.07 -20.66 5.50
N LEU H 309 -21.02 -20.15 6.28
CA LEU H 309 -20.70 -19.42 7.50
C LEU H 309 -21.25 -20.14 8.71
N HIS H 310 -20.41 -20.27 9.74
CA HIS H 310 -20.85 -20.90 10.97
C HIS H 310 -21.92 -20.02 11.60
N GLU H 311 -22.95 -20.66 12.15
CA GLU H 311 -24.11 -19.95 12.68
C GLU H 311 -23.73 -18.80 13.61
N SER H 312 -22.70 -19.00 14.43
CA SER H 312 -22.25 -17.99 15.39
C SER H 312 -21.78 -16.67 14.74
N VAL H 313 -21.25 -16.74 13.51
CA VAL H 313 -20.71 -15.55 12.84
C VAL H 313 -21.48 -15.13 11.59
N HIS H 314 -22.43 -15.98 11.19
CA HIS H 314 -23.19 -15.83 9.95
C HIS H 314 -23.68 -14.40 9.69
N ASP H 315 -24.55 -13.89 10.57
CA ASP H 315 -25.20 -12.59 10.35
C ASP H 315 -24.22 -11.42 10.35
N ALA H 316 -23.21 -11.51 11.20
CA ALA H 316 -22.18 -10.48 11.27
C ALA H 316 -21.34 -10.40 9.99
N VAL H 317 -20.95 -11.57 9.47
CA VAL H 317 -20.08 -11.66 8.29
C VAL H 317 -20.82 -11.22 7.00
N VAL H 318 -22.04 -11.73 6.82
CA VAL H 318 -22.87 -11.36 5.66
C VAL H 318 -22.98 -9.85 5.57
N GLU H 319 -23.29 -9.21 6.70
CA GLU H 319 -23.49 -7.78 6.76
C GLU H 319 -22.22 -7.02 6.38
N ARG H 320 -21.08 -7.49 6.88
CA ARG H 320 -19.77 -6.90 6.57
C ARG H 320 -19.41 -7.05 5.10
N ILE H 321 -19.71 -8.22 4.53
CA ILE H 321 -19.48 -8.46 3.11
C ILE H 321 -20.38 -7.53 2.28
N ALA H 322 -21.62 -7.36 2.75
CA ALA H 322 -22.59 -6.48 2.07
C ALA H 322 -22.13 -5.03 2.08
N LYS H 323 -21.55 -4.57 3.20
CA LYS H 323 -20.99 -3.22 3.30
C LYS H 323 -19.86 -3.01 2.29
N ALA H 324 -19.06 -4.05 2.10
CA ALA H 324 -17.95 -4.02 1.15
C ALA H 324 -18.45 -3.99 -0.29
N TYR H 325 -19.48 -4.79 -0.58
CA TYR H 325 -20.08 -4.85 -1.91
C TYR H 325 -20.51 -3.49 -2.44
N LYS H 326 -21.00 -2.64 -1.53
CA LYS H 326 -21.43 -1.29 -1.87
C LYS H 326 -20.28 -0.44 -2.42
N GLN H 327 -19.06 -0.72 -1.95
CA GLN H 327 -17.86 0.07 -2.34
C GLN H 327 -17.13 -0.48 -3.57
N VAL H 328 -17.64 -1.57 -4.14
CA VAL H 328 -17.03 -2.19 -5.31
C VAL H 328 -17.24 -1.30 -6.53
N ARG H 329 -16.15 -0.74 -7.06
CA ARG H 329 -16.24 0.24 -8.18
C ARG H 329 -16.48 -0.39 -9.56
N ILE H 330 -17.69 -0.21 -10.05
CA ILE H 330 -18.14 -0.77 -11.32
C ILE H 330 -17.95 0.27 -12.43
N GLY H 331 -17.32 -0.14 -13.54
CA GLY H 331 -17.06 0.78 -14.65
C GLY H 331 -16.37 0.18 -15.86
N ASP H 332 -15.79 1.04 -16.69
CA ASP H 332 -14.99 0.62 -17.85
C ASP H 332 -13.79 -0.24 -17.44
N PRO H 333 -13.59 -1.40 -18.11
CA PRO H 333 -12.46 -2.30 -17.80
C PRO H 333 -11.10 -1.65 -18.02
N TRP H 334 -11.03 -0.68 -18.93
CA TRP H 334 -9.81 0.08 -19.26
C TRP H 334 -9.42 1.07 -18.15
N ASP H 335 -10.42 1.53 -17.39
CA ASP H 335 -10.24 2.48 -16.31
C ASP H 335 -9.56 1.85 -15.08
N PRO H 336 -8.42 2.41 -14.66
CA PRO H 336 -7.67 1.89 -13.49
C PRO H 336 -8.46 1.91 -12.16
N SER H 337 -9.51 2.73 -12.08
CA SER H 337 -10.36 2.76 -10.88
C SER H 337 -11.26 1.52 -10.74
N THR H 338 -11.65 0.97 -11.89
CA THR H 338 -12.63 -0.10 -11.97
C THR H 338 -12.11 -1.40 -11.33
N LEU H 339 -12.90 -1.96 -10.42
CA LEU H 339 -12.59 -3.26 -9.84
C LEU H 339 -13.46 -4.37 -10.44
N TYR H 340 -14.52 -3.97 -11.14
CA TYR H 340 -15.57 -4.89 -11.56
C TYR H 340 -16.13 -4.43 -12.90
N GLY H 341 -15.91 -5.23 -13.92
CA GLY H 341 -16.39 -4.90 -15.26
C GLY H 341 -17.68 -5.60 -15.63
N PRO H 342 -17.93 -5.74 -16.94
CA PRO H 342 -19.16 -6.37 -17.45
C PRO H 342 -19.07 -7.90 -17.51
N LEU H 343 -20.23 -8.56 -17.57
CA LEU H 343 -20.26 -9.97 -17.94
C LEU H 343 -19.82 -10.08 -19.39
N HIS H 344 -19.38 -11.27 -19.80
CA HIS H 344 -18.74 -11.41 -21.11
C HIS H 344 -19.69 -11.26 -22.30
N THR H 345 -20.91 -11.76 -22.17
CA THR H 345 -21.91 -11.74 -23.24
C THR H 345 -23.29 -11.36 -22.70
N LYS H 346 -24.25 -11.15 -23.60
CA LYS H 346 -25.63 -10.90 -23.21
C LYS H 346 -26.30 -12.17 -22.66
N GLN H 347 -25.95 -13.32 -23.21
CA GLN H 347 -26.49 -14.61 -22.74
C GLN H 347 -26.14 -14.80 -21.28
N ALA H 348 -24.92 -14.42 -20.92
CA ALA H 348 -24.44 -14.42 -19.56
C ALA H 348 -25.38 -13.62 -18.67
N VAL H 349 -25.83 -12.46 -19.15
CA VAL H 349 -26.77 -11.61 -18.40
C VAL H 349 -28.09 -12.37 -18.14
N ASP H 350 -28.56 -13.09 -19.15
CA ASP H 350 -29.78 -13.90 -19.04
C ASP H 350 -29.68 -15.04 -18.02
N GLN H 351 -28.52 -15.72 -17.98
CA GLN H 351 -28.26 -16.78 -16.99
C GLN H 351 -28.35 -16.20 -15.59
N TYR H 352 -27.73 -15.03 -15.44
CA TYR H 352 -27.71 -14.27 -14.20
C TYR H 352 -29.14 -14.00 -13.72
N LEU H 353 -29.97 -13.44 -14.60
CA LEU H 353 -31.36 -13.12 -14.28
C LEU H 353 -32.18 -14.36 -13.97
N ALA H 354 -31.94 -15.43 -14.73
CA ALA H 354 -32.61 -16.72 -14.54
C ALA H 354 -32.25 -17.39 -13.22
N ALA H 355 -30.97 -17.30 -12.85
CA ALA H 355 -30.47 -17.87 -11.60
C ALA H 355 -31.02 -17.12 -10.39
N ILE H 356 -31.12 -15.79 -10.53
CA ILE H 356 -31.80 -14.94 -9.55
C ILE H 356 -33.24 -15.44 -9.31
N GLU H 357 -33.98 -15.63 -10.40
CA GLU H 357 -35.37 -16.12 -10.32
C GLU H 357 -35.47 -17.44 -9.57
N GLN H 358 -34.67 -18.40 -10.00
CA GLN H 358 -34.68 -19.74 -9.41
C GLN H 358 -34.28 -19.71 -7.94
N ALA H 359 -33.35 -18.83 -7.60
CA ALA H 359 -32.94 -18.65 -6.22
C ALA H 359 -34.11 -18.21 -5.34
N LYS H 360 -34.89 -17.24 -5.84
CA LYS H 360 -36.09 -16.76 -5.15
C LYS H 360 -37.10 -17.89 -4.97
N GLN H 361 -37.41 -18.56 -6.08
CA GLN H 361 -38.33 -19.71 -6.09
C GLN H 361 -37.93 -20.79 -5.09
N GLN H 362 -36.63 -20.93 -4.86
CA GLN H 362 -36.11 -21.96 -3.96
C GLN H 362 -35.89 -21.47 -2.53
N GLY H 363 -36.47 -20.31 -2.20
CA GLY H 363 -36.47 -19.78 -0.84
C GLY H 363 -35.32 -18.84 -0.48
N GLY H 364 -34.69 -18.27 -1.50
CA GLY H 364 -33.56 -17.37 -1.30
C GLY H 364 -33.97 -15.92 -1.11
N THR H 365 -33.20 -15.22 -0.27
CA THR H 365 -33.40 -13.80 -0.02
C THR H 365 -32.20 -13.03 -0.56
N LEU H 366 -32.47 -12.04 -1.41
CA LEU H 366 -31.41 -11.17 -1.92
C LEU H 366 -30.93 -10.17 -0.87
N VAL H 367 -29.66 -10.30 -0.49
CA VAL H 367 -29.03 -9.35 0.41
C VAL H 367 -28.67 -8.07 -0.35
N CYS H 368 -28.25 -8.24 -1.60
CA CYS H 368 -27.91 -7.11 -2.47
C CYS H 368 -27.80 -7.56 -3.93
N GLY H 369 -27.77 -6.59 -4.83
CA GLY H 369 -27.65 -6.85 -6.26
C GLY H 369 -28.92 -7.46 -6.82
N GLY H 370 -28.81 -8.15 -7.95
CA GLY H 370 -29.95 -8.81 -8.55
C GLY H 370 -30.48 -8.14 -9.79
N LYS H 371 -30.08 -6.89 -10.03
CA LYS H 371 -30.60 -6.12 -11.16
C LYS H 371 -29.54 -5.82 -12.23
N VAL H 372 -29.97 -5.89 -13.50
CA VAL H 372 -29.16 -5.46 -14.64
C VAL H 372 -28.95 -3.96 -14.47
N MET H 373 -27.71 -3.51 -14.64
CA MET H 373 -27.39 -2.11 -14.47
C MET H 373 -27.77 -1.33 -15.71
N ASP H 374 -28.37 -0.16 -15.50
CA ASP H 374 -28.88 0.67 -16.60
C ASP H 374 -27.76 1.50 -17.23
N ARG H 375 -27.02 0.87 -18.15
CA ARG H 375 -25.86 1.50 -18.79
C ARG H 375 -25.37 0.65 -19.96
N PRO H 376 -24.58 1.27 -20.87
CA PRO H 376 -23.93 0.49 -21.95
C PRO H 376 -23.13 -0.71 -21.40
N GLY H 377 -23.05 -1.77 -22.19
CA GLY H 377 -22.33 -2.97 -21.80
C GLY H 377 -23.19 -3.99 -21.08
N ASN H 378 -22.58 -5.15 -20.78
CA ASN H 378 -23.27 -6.25 -20.11
C ASN H 378 -23.10 -6.19 -18.59
N TYR H 379 -23.40 -5.04 -18.00
CA TYR H 379 -23.17 -4.83 -16.57
C TYR H 379 -24.31 -5.32 -15.70
N VAL H 380 -23.97 -6.13 -14.70
CA VAL H 380 -24.94 -6.61 -13.72
C VAL H 380 -24.41 -6.38 -12.32
N GLU H 381 -25.32 -6.23 -11.36
CA GLU H 381 -24.95 -6.02 -9.96
C GLU H 381 -24.42 -7.30 -9.32
N PRO H 382 -23.33 -7.19 -8.53
CA PRO H 382 -22.82 -8.33 -7.79
C PRO H 382 -23.81 -8.70 -6.69
N THR H 383 -24.20 -9.97 -6.68
CA THR H 383 -25.34 -10.41 -5.86
C THR H 383 -24.96 -11.38 -4.74
N ILE H 384 -25.57 -11.17 -3.58
CA ILE H 384 -25.45 -12.07 -2.43
C ILE H 384 -26.84 -12.61 -2.08
N ILE H 385 -26.92 -13.93 -1.90
CA ILE H 385 -28.19 -14.59 -1.55
C ILE H 385 -28.06 -15.50 -0.30
N THR H 386 -28.87 -15.20 0.71
CA THR H 386 -28.92 -15.99 1.92
C THR H 386 -30.19 -16.84 1.97
N GLY H 387 -30.22 -17.84 2.85
CA GLY H 387 -31.45 -18.57 3.15
C GLY H 387 -31.68 -19.87 2.40
N LEU H 388 -30.95 -20.10 1.32
CA LEU H 388 -31.12 -21.32 0.54
C LEU H 388 -30.61 -22.54 1.29
N ALA H 389 -31.27 -23.68 1.10
CA ALA H 389 -30.78 -24.96 1.61
C ALA H 389 -29.47 -25.34 0.92
N HIS H 390 -28.60 -26.05 1.63
CA HIS H 390 -27.32 -26.52 1.06
C HIS H 390 -27.44 -27.28 -0.27
N ASP H 391 -28.53 -28.03 -0.42
CA ASP H 391 -28.80 -28.81 -1.63
C ASP H 391 -29.90 -28.23 -2.55
N ALA H 392 -30.17 -26.93 -2.45
CA ALA H 392 -31.06 -26.28 -3.41
C ALA H 392 -30.45 -26.41 -4.80
N PRO H 393 -31.22 -26.98 -5.76
CA PRO H 393 -30.73 -27.21 -7.14
C PRO H 393 -29.86 -26.09 -7.72
N ILE H 394 -30.26 -24.83 -7.52
CA ILE H 394 -29.48 -23.70 -8.05
C ILE H 394 -28.07 -23.60 -7.43
N VAL H 395 -27.97 -23.93 -6.14
CA VAL H 395 -26.69 -23.89 -5.43
C VAL H 395 -25.74 -24.95 -5.97
N HIS H 396 -26.30 -26.10 -6.35
CA HIS H 396 -25.51 -27.22 -6.90
C HIS H 396 -25.12 -26.99 -8.36
N THR H 397 -25.70 -25.98 -9.00
CA THR H 397 -25.39 -25.68 -10.39
C THR H 397 -24.29 -24.60 -10.48
N GLU H 398 -23.34 -24.76 -11.40
CA GLU H 398 -22.44 -23.67 -11.71
C GLU H 398 -23.13 -22.71 -12.67
N THR H 399 -23.44 -21.51 -12.20
CA THR H 399 -23.87 -20.43 -13.07
C THR H 399 -22.72 -19.43 -13.12
N PHE H 400 -22.19 -19.22 -14.32
CA PHE H 400 -20.96 -18.44 -14.53
C PHE H 400 -21.20 -16.93 -14.42
N VAL H 401 -21.67 -16.51 -13.25
CA VAL H 401 -22.14 -15.14 -13.03
C VAL H 401 -21.89 -14.72 -11.58
N PRO H 402 -21.82 -13.39 -11.31
CA PRO H 402 -21.46 -12.93 -9.97
C PRO H 402 -22.60 -13.03 -8.95
N ILE H 403 -23.01 -14.25 -8.64
CA ILE H 403 -23.94 -14.51 -7.55
C ILE H 403 -23.22 -15.36 -6.50
N LEU H 404 -23.38 -14.99 -5.24
CA LEU H 404 -22.78 -15.73 -4.14
C LEU H 404 -23.88 -16.30 -3.25
N TYR H 405 -23.89 -17.62 -3.12
CA TYR H 405 -24.90 -18.29 -2.29
C TYR H 405 -24.34 -18.51 -0.89
N VAL H 406 -25.05 -17.99 0.13
CA VAL H 406 -24.57 -18.07 1.51
C VAL H 406 -25.30 -19.16 2.28
N LEU H 407 -24.51 -20.08 2.82
CA LEU H 407 -25.01 -21.22 3.57
C LEU H 407 -24.64 -21.08 5.05
N LYS H 408 -25.53 -21.55 5.92
CA LYS H 408 -25.33 -21.49 7.36
C LYS H 408 -25.13 -22.92 7.87
N PHE H 409 -24.04 -23.13 8.61
CA PHE H 409 -23.73 -24.47 9.14
C PHE H 409 -23.42 -24.46 10.62
N LYS H 410 -23.40 -25.65 11.23
CA LYS H 410 -23.05 -25.80 12.64
C LYS H 410 -21.79 -26.67 12.82
N THR H 411 -21.87 -27.95 12.45
CA THR H 411 -20.78 -28.90 12.67
C THR H 411 -19.77 -28.92 11.52
N GLU H 412 -18.53 -29.27 11.86
CA GLU H 412 -17.47 -29.43 10.87
C GLU H 412 -17.86 -30.51 9.85
N GLU H 413 -18.38 -31.63 10.36
CA GLU H 413 -18.81 -32.73 9.51
C GLU H 413 -19.74 -32.25 8.39
N GLU H 414 -20.72 -31.43 8.77
CA GLU H 414 -21.69 -30.83 7.84
C GLU H 414 -21.03 -30.08 6.70
N ALA H 415 -20.20 -29.09 7.06
CA ALA H 415 -19.58 -28.21 6.08
C ALA H 415 -18.77 -29.02 5.08
N PHE H 416 -17.95 -29.93 5.61
CA PHE H 416 -17.10 -30.79 4.80
C PHE H 416 -17.97 -31.57 3.82
N ALA H 417 -19.03 -32.21 4.32
CA ALA H 417 -19.95 -32.97 3.47
C ALA H 417 -20.62 -32.13 2.38
N TRP H 418 -21.05 -30.92 2.73
CA TRP H 418 -21.71 -30.03 1.76
C TRP H 418 -20.74 -29.57 0.69
N ASN H 419 -19.51 -29.29 1.10
CA ASN H 419 -18.44 -29.00 0.14
C ASN H 419 -18.32 -30.13 -0.88
N ASN H 420 -18.38 -31.37 -0.41
CA ASN H 420 -18.16 -32.56 -1.25
C ASN H 420 -19.38 -33.06 -2.02
N GLU H 421 -20.57 -32.68 -1.57
CA GLU H 421 -21.82 -33.24 -2.08
C GLU H 421 -22.14 -32.89 -3.54
N VAL H 422 -21.54 -31.80 -4.05
CA VAL H 422 -21.76 -31.37 -5.43
C VAL H 422 -20.96 -32.22 -6.45
N GLN H 423 -21.31 -32.11 -7.72
CA GLN H 423 -20.65 -32.88 -8.78
C GLN H 423 -19.34 -32.26 -9.25
N GLN H 424 -19.18 -30.95 -9.07
CA GLN H 424 -17.92 -30.27 -9.37
C GLN H 424 -16.88 -30.60 -8.28
N GLY H 425 -15.61 -30.36 -8.58
CA GLY H 425 -14.56 -30.61 -7.60
C GLY H 425 -13.27 -29.86 -7.87
N LEU H 426 -13.38 -28.61 -8.30
CA LEU H 426 -12.21 -27.81 -8.58
C LEU H 426 -11.53 -27.28 -7.32
N SER H 427 -12.08 -26.23 -6.73
CA SER H 427 -11.42 -25.51 -5.65
C SER H 427 -12.22 -25.47 -4.33
N SER H 428 -11.50 -25.29 -3.23
CA SER H 428 -12.12 -25.27 -1.91
C SER H 428 -11.23 -24.60 -0.86
N SER H 429 -11.85 -23.91 0.09
CA SER H 429 -11.14 -23.22 1.17
C SER H 429 -11.85 -23.33 2.49
N ILE H 430 -11.08 -23.49 3.56
CA ILE H 430 -11.61 -23.25 4.91
C ILE H 430 -10.82 -22.13 5.58
N PHE H 431 -11.52 -21.32 6.38
CA PHE H 431 -10.87 -20.31 7.19
C PHE H 431 -11.03 -20.69 8.65
N THR H 432 -9.90 -20.95 9.31
CA THR H 432 -9.88 -21.43 10.69
C THR H 432 -8.49 -21.22 11.30
N LYS H 433 -8.43 -21.29 12.63
CA LYS H 433 -7.15 -21.21 13.34
C LYS H 433 -6.79 -22.54 13.97
N ASP H 434 -7.66 -23.53 13.77
CA ASP H 434 -7.54 -24.83 14.45
C ASP H 434 -6.61 -25.80 13.71
N LEU H 435 -5.47 -26.08 14.35
CA LEU H 435 -4.43 -26.95 13.81
C LEU H 435 -4.97 -28.32 13.32
N GLY H 436 -5.74 -28.99 14.16
CA GLY H 436 -6.32 -30.28 13.82
C GLY H 436 -7.27 -30.22 12.64
N ARG H 437 -8.06 -29.15 12.57
CA ARG H 437 -9.04 -28.98 11.50
C ARG H 437 -8.35 -28.85 10.17
N VAL H 438 -7.27 -28.07 10.15
CA VAL H 438 -6.45 -27.86 8.94
C VAL H 438 -6.05 -29.19 8.30
N PHE H 439 -5.44 -30.08 9.08
CA PHE H 439 -4.95 -31.33 8.53
C PHE H 439 -6.05 -32.34 8.24
N ARG H 440 -7.18 -32.25 8.96
CA ARG H 440 -8.34 -33.09 8.64
C ARG H 440 -8.89 -32.70 7.28
N TRP H 441 -8.98 -31.39 7.05
CA TRP H 441 -9.39 -30.81 5.78
C TRP H 441 -8.50 -31.25 4.62
N LEU H 442 -7.21 -31.40 4.90
CA LEU H 442 -6.22 -31.86 3.90
C LEU H 442 -6.22 -33.37 3.69
N GLY H 443 -6.60 -34.11 4.73
CA GLY H 443 -6.59 -35.57 4.71
C GLY H 443 -7.75 -36.22 3.98
N PRO H 444 -7.89 -37.55 4.16
CA PRO H 444 -8.85 -38.42 3.44
C PRO H 444 -10.33 -38.17 3.72
N LYS H 445 -10.65 -37.56 4.87
CA LYS H 445 -12.05 -37.22 5.20
C LYS H 445 -12.30 -35.72 5.15
N GLY H 446 -11.45 -35.02 4.41
CA GLY H 446 -11.62 -33.59 4.19
C GLY H 446 -12.16 -33.31 2.80
N SER H 447 -11.66 -32.25 2.17
CA SER H 447 -12.09 -31.82 0.85
C SER H 447 -11.76 -32.83 -0.22
N ASP H 448 -12.64 -32.94 -1.21
CA ASP H 448 -12.44 -33.86 -2.34
C ASP H 448 -12.03 -33.13 -3.62
N CYS H 449 -11.58 -31.88 -3.47
CA CYS H 449 -11.24 -31.03 -4.61
C CYS H 449 -9.79 -31.16 -5.06
N GLY H 450 -9.49 -30.62 -6.23
CA GLY H 450 -8.11 -30.56 -6.73
C GLY H 450 -7.29 -29.49 -6.04
N ILE H 451 -7.95 -28.40 -5.63
CA ILE H 451 -7.33 -27.31 -4.89
C ILE H 451 -7.94 -27.25 -3.50
N VAL H 452 -7.12 -27.39 -2.47
CA VAL H 452 -7.61 -27.48 -1.09
C VAL H 452 -6.87 -26.46 -0.20
N ASN H 453 -7.48 -25.30 0.00
CA ASN H 453 -6.79 -24.16 0.60
C ASN H 453 -7.20 -23.89 2.02
N VAL H 454 -6.30 -23.24 2.78
CA VAL H 454 -6.56 -22.86 4.16
C VAL H 454 -6.20 -21.39 4.37
N ASN H 455 -7.19 -20.60 4.79
CA ASN H 455 -7.02 -19.16 5.03
C ASN H 455 -6.61 -18.34 3.81
N ILE H 456 -6.78 -18.93 2.64
CA ILE H 456 -6.65 -18.23 1.37
C ILE H 456 -7.87 -18.68 0.55
N PRO H 457 -8.48 -17.75 -0.24
CA PRO H 457 -9.71 -18.07 -0.99
C PRO H 457 -9.55 -19.17 -2.04
N THR H 458 -10.60 -19.37 -2.83
CA THR H 458 -10.66 -20.43 -3.82
C THR H 458 -9.88 -20.14 -5.11
N SER H 459 -9.46 -18.90 -5.30
CA SER H 459 -8.69 -18.53 -6.50
C SER H 459 -7.18 -18.43 -6.23
N GLY H 460 -6.77 -18.79 -5.02
CA GLY H 460 -5.34 -18.86 -4.65
C GLY H 460 -4.64 -20.08 -5.25
N ALA H 461 -3.90 -19.85 -6.34
CA ALA H 461 -3.18 -20.91 -7.05
C ALA H 461 -1.99 -20.35 -7.83
N GLU H 462 -0.86 -21.06 -7.75
CA GLU H 462 0.36 -20.63 -8.42
C GLU H 462 0.96 -21.69 -9.34
N ILE H 463 1.85 -21.24 -10.21
CA ILE H 463 2.51 -22.05 -11.23
C ILE H 463 3.16 -23.35 -10.72
N GLY H 464 3.82 -23.29 -9.58
CA GLY H 464 4.58 -24.42 -9.04
C GLY H 464 3.81 -25.71 -8.81
N GLY H 465 2.51 -25.59 -8.51
CA GLY H 465 1.65 -26.73 -8.25
C GLY H 465 0.76 -27.15 -9.41
N ALA H 466 0.33 -28.41 -9.39
CA ALA H 466 -0.60 -28.90 -10.41
C ALA H 466 -1.94 -28.20 -10.24
N PHE H 467 -2.54 -27.77 -11.36
CA PHE H 467 -3.83 -27.09 -11.32
C PHE H 467 -4.92 -27.91 -12.00
N GLY H 468 -6.01 -28.13 -11.28
CA GLY H 468 -7.14 -28.87 -11.84
C GLY H 468 -8.02 -29.45 -10.76
N GLY H 469 -9.08 -30.11 -11.19
CA GLY H 469 -10.07 -30.60 -10.26
C GLY H 469 -10.40 -32.07 -10.36
N GLU H 470 -11.38 -32.49 -9.57
CA GLU H 470 -11.83 -33.88 -9.52
C GLU H 470 -13.30 -33.97 -9.90
N LYS H 471 -13.85 -35.18 -9.81
CA LYS H 471 -15.25 -35.42 -10.16
C LYS H 471 -15.58 -34.77 -11.50
N HIS H 472 -16.65 -33.97 -11.55
CA HIS H 472 -17.11 -33.36 -12.80
C HIS H 472 -16.19 -32.29 -13.38
N THR H 473 -15.16 -31.91 -12.63
CA THR H 473 -14.17 -30.94 -13.13
C THR H 473 -13.21 -31.60 -14.13
N GLY H 474 -13.16 -32.93 -14.13
CA GLY H 474 -12.56 -33.66 -15.24
C GLY H 474 -11.24 -34.39 -15.07
N GLY H 475 -10.55 -34.13 -13.97
CA GLY H 475 -9.32 -34.88 -13.63
C GLY H 475 -8.00 -34.33 -14.13
N GLY H 476 -8.05 -33.54 -15.21
CA GLY H 476 -6.84 -32.97 -15.81
C GLY H 476 -6.06 -32.05 -14.88
N ARG H 477 -4.77 -31.90 -15.15
CA ARG H 477 -3.92 -30.99 -14.39
C ARG H 477 -3.07 -30.15 -15.34
N GLU H 478 -2.83 -28.90 -14.95
CA GLU H 478 -2.03 -27.97 -15.74
C GLU H 478 -0.88 -27.39 -14.93
N SER H 479 0.19 -27.03 -15.64
CA SER H 479 1.33 -26.30 -15.09
C SER H 479 2.26 -27.14 -14.20
N GLY H 480 2.08 -27.05 -12.89
CA GLY H 480 3.09 -27.49 -11.93
C GLY H 480 3.18 -28.97 -11.60
N SER H 481 4.03 -29.29 -10.62
CA SER H 481 4.32 -30.67 -10.22
C SER H 481 4.70 -31.52 -11.44
N ASP H 482 4.18 -32.74 -11.53
CA ASP H 482 4.45 -33.59 -12.70
C ASP H 482 3.32 -33.59 -13.73
N SER H 483 2.65 -32.45 -13.90
CA SER H 483 1.58 -32.30 -14.88
C SER H 483 2.06 -32.68 -16.27
N TRP H 484 3.34 -32.41 -16.54
CA TRP H 484 3.94 -32.64 -17.87
C TRP H 484 3.72 -34.06 -18.38
N LYS H 485 3.63 -35.02 -17.47
CA LYS H 485 3.44 -36.43 -17.85
C LYS H 485 2.20 -36.67 -18.73
N GLN H 486 1.20 -35.80 -18.61
CA GLN H 486 -0.01 -35.94 -19.40
C GLN H 486 0.26 -35.61 -20.87
N TYR H 487 1.37 -34.89 -21.10
CA TYR H 487 1.74 -34.46 -22.44
C TYR H 487 2.77 -35.41 -23.09
N MET H 488 3.03 -36.54 -22.43
CA MET H 488 4.04 -37.50 -22.91
C MET H 488 3.54 -38.92 -22.68
N ARG H 489 4.17 -39.89 -23.35
CA ARG H 489 3.86 -41.31 -23.14
C ARG H 489 5.02 -42.00 -22.40
N ARG H 490 4.66 -42.76 -21.38
CA ARG H 490 5.61 -43.52 -20.59
C ARG H 490 5.90 -44.83 -21.29
N SER H 491 7.17 -45.21 -21.30
CA SER H 491 7.57 -46.54 -21.73
C SER H 491 8.53 -47.17 -20.73
N THR H 492 8.20 -48.38 -20.28
CA THR H 492 9.08 -49.16 -19.40
C THR H 492 10.03 -50.02 -20.26
N CYS H 493 11.31 -49.68 -20.22
CA CYS H 493 12.29 -50.26 -21.12
C CYS H 493 13.30 -51.18 -20.44
N THR H 494 13.37 -52.43 -20.89
CA THR H 494 14.36 -53.37 -20.40
C THR H 494 15.38 -53.62 -21.49
N ILE H 495 16.65 -53.35 -21.17
CA ILE H 495 17.74 -53.63 -22.10
C ILE H 495 18.63 -54.76 -21.59
N ASN H 496 18.62 -55.87 -22.32
CA ASN H 496 19.52 -56.97 -22.09
C ASN H 496 20.81 -56.71 -22.85
N TYR H 497 21.91 -56.54 -22.12
CA TYR H 497 23.19 -56.25 -22.74
C TYR H 497 24.23 -57.35 -22.49
N SER H 498 23.83 -58.42 -21.81
CA SER H 498 24.69 -59.55 -21.49
C SER H 498 24.77 -60.54 -22.63
N LYS H 499 25.72 -61.46 -22.54
CA LYS H 499 25.81 -62.55 -23.50
C LYS H 499 25.04 -63.80 -23.06
N ASP H 500 24.42 -63.73 -21.89
CA ASP H 500 23.62 -64.83 -21.34
C ASP H 500 22.49 -65.26 -22.26
N LEU H 501 22.30 -66.58 -22.37
CA LEU H 501 21.21 -67.16 -23.16
C LEU H 501 20.14 -67.70 -22.21
N PRO H 502 18.88 -67.75 -22.67
CA PRO H 502 17.84 -68.30 -21.79
C PRO H 502 17.97 -69.82 -21.68
N LEU H 503 17.53 -70.37 -20.55
CA LEU H 503 17.57 -71.81 -20.32
C LEU H 503 16.87 -72.54 -21.47
N ALA H 504 17.51 -73.58 -21.99
CA ALA H 504 16.95 -74.37 -23.08
C ALA H 504 15.76 -75.24 -22.64
N GLN H 505 15.70 -75.51 -21.33
CA GLN H 505 14.67 -76.35 -20.70
C GLN H 505 14.20 -77.55 -21.53
N GLY H 506 15.17 -78.38 -21.93
CA GLY H 506 14.88 -79.66 -22.57
C GLY H 506 14.98 -79.64 -24.09
N ILE H 507 14.88 -78.46 -24.69
CA ILE H 507 14.94 -78.34 -26.15
C ILE H 507 16.37 -78.12 -26.63
N LYS H 508 16.78 -78.87 -27.64
CA LYS H 508 18.10 -78.70 -28.26
C LYS H 508 18.04 -77.66 -29.40
N PHE H 509 18.97 -76.72 -29.37
CA PHE H 509 19.11 -75.70 -30.42
C PHE H 509 20.47 -75.87 -31.13
#